data_2JYZ
#
_entry.id   2JYZ
#
_entity_poly.entity_id   1
_entity_poly.type   'polypeptide(L)'
_entity_poly.pdbx_seq_one_letter_code
;MDDIVPDVLDAVPAGTIKVIYGDDLEVKQGNELTPTQVKDQPIVSWSGLEGKSNLLTLLMVDPDAPTRQDPKYREILHWS
VVNIPGSNENPSGGHSLADYVGSGPPKDTGLHRYIFLLYRQENKIEETPTISNTTRTGRLNFNARDFAAKHGLGEPIAAN
YYQAQYDDYVPIRNKTIVG
;
_entity_poly.pdbx_strand_id   A
#
# COMPACT_ATOMS: atom_id res chain seq x y z
N MET A 1 -3.55 -11.74 12.58
CA MET A 1 -4.04 -13.11 12.27
C MET A 1 -4.52 -13.20 10.83
N ASP A 2 -3.66 -13.71 9.95
CA ASP A 2 -4.00 -13.85 8.54
C ASP A 2 -5.19 -14.80 8.41
N ASP A 3 -6.34 -14.28 7.97
CA ASP A 3 -7.55 -15.11 7.86
C ASP A 3 -7.94 -15.40 6.40
N ILE A 4 -8.43 -14.38 5.70
CA ILE A 4 -8.87 -14.53 4.30
C ILE A 4 -7.69 -14.43 3.33
N VAL A 5 -6.63 -15.17 3.63
CA VAL A 5 -5.43 -15.17 2.79
C VAL A 5 -5.15 -16.58 2.25
N PRO A 6 -4.65 -16.71 0.99
CA PRO A 6 -4.37 -15.59 0.10
C PRO A 6 -5.51 -15.34 -0.88
N ASP A 7 -6.72 -15.73 -0.48
CA ASP A 7 -7.90 -15.55 -1.32
C ASP A 7 -8.14 -14.08 -1.60
N VAL A 8 -7.99 -13.24 -0.59
CA VAL A 8 -8.22 -11.80 -0.76
C VAL A 8 -7.41 -10.93 0.20
N LEU A 9 -7.48 -11.21 1.50
CA LEU A 9 -6.74 -10.40 2.48
C LEU A 9 -6.48 -11.15 3.77
N ASP A 10 -5.31 -10.93 4.34
CA ASP A 10 -4.93 -11.56 5.61
C ASP A 10 -5.64 -10.88 6.78
N ALA A 11 -6.90 -10.47 6.56
CA ALA A 11 -7.69 -9.82 7.60
C ALA A 11 -9.07 -9.43 7.07
N VAL A 12 -10.07 -9.49 7.94
CA VAL A 12 -11.44 -9.15 7.57
C VAL A 12 -11.73 -7.68 7.88
N PRO A 13 -11.73 -6.83 6.85
CA PRO A 13 -12.00 -5.39 7.00
C PRO A 13 -13.47 -5.08 7.28
N ALA A 14 -13.71 -4.17 8.21
CA ALA A 14 -15.07 -3.77 8.56
C ALA A 14 -15.70 -3.00 7.40
N GLY A 15 -14.84 -2.33 6.63
CA GLY A 15 -15.28 -1.56 5.48
C GLY A 15 -14.36 -1.77 4.29
N THR A 16 -13.96 -0.68 3.64
CA THR A 16 -13.08 -0.77 2.48
C THR A 16 -12.46 0.58 2.14
N ILE A 17 -11.60 0.55 1.13
CA ILE A 17 -10.92 1.74 0.64
C ILE A 17 -11.21 1.86 -0.83
N LYS A 18 -11.35 3.08 -1.31
CA LYS A 18 -11.65 3.28 -2.71
C LYS A 18 -10.46 3.83 -3.45
N VAL A 19 -9.79 2.95 -4.20
CA VAL A 19 -8.64 3.33 -4.99
C VAL A 19 -9.04 3.44 -6.46
N ILE A 20 -9.05 4.67 -6.94
CA ILE A 20 -9.42 4.96 -8.31
C ILE A 20 -8.17 5.04 -9.19
N TYR A 21 -8.06 4.11 -10.14
CA TYR A 21 -6.91 4.06 -11.03
C TYR A 21 -7.05 5.01 -12.23
N GLY A 22 -7.74 4.55 -13.28
CA GLY A 22 -7.94 5.36 -14.48
C GLY A 22 -8.85 6.55 -14.26
N ASP A 23 -9.29 6.75 -13.02
CA ASP A 23 -10.20 7.84 -12.67
C ASP A 23 -11.61 7.45 -13.07
N ASP A 24 -11.72 6.85 -14.24
CA ASP A 24 -13.00 6.38 -14.74
C ASP A 24 -13.42 5.12 -14.00
N LEU A 25 -12.42 4.36 -13.50
CA LEU A 25 -12.69 3.13 -12.76
C LEU A 25 -12.03 3.13 -11.38
N GLU A 26 -12.13 1.99 -10.69
CA GLU A 26 -11.53 1.82 -9.37
C GLU A 26 -11.30 0.35 -9.06
N VAL A 27 -10.38 0.07 -8.14
CA VAL A 27 -10.06 -1.30 -7.77
C VAL A 27 -11.01 -1.84 -6.70
N LYS A 28 -11.34 -3.12 -6.81
CA LYS A 28 -12.25 -3.75 -5.86
C LYS A 28 -11.85 -5.21 -5.58
N GLN A 29 -11.70 -5.51 -4.29
CA GLN A 29 -11.38 -6.84 -3.81
C GLN A 29 -10.42 -7.62 -4.72
N GLY A 30 -9.22 -7.09 -4.90
CA GLY A 30 -8.20 -7.76 -5.69
C GLY A 30 -8.57 -7.98 -7.14
N ASN A 31 -9.57 -7.25 -7.61
CA ASN A 31 -10.00 -7.37 -9.00
C ASN A 31 -8.86 -7.07 -9.95
N GLU A 32 -8.98 -7.60 -11.16
CA GLU A 32 -7.98 -7.39 -12.19
C GLU A 32 -8.40 -6.25 -13.11
N LEU A 33 -7.46 -5.39 -13.45
CA LEU A 33 -7.72 -4.26 -14.34
C LEU A 33 -7.13 -4.53 -15.72
N THR A 34 -7.95 -4.32 -16.74
CA THR A 34 -7.54 -4.55 -18.13
C THR A 34 -8.24 -3.56 -19.06
N PRO A 35 -7.69 -3.32 -20.27
CA PRO A 35 -6.46 -3.95 -20.75
C PRO A 35 -5.20 -3.13 -20.45
N THR A 36 -4.27 -3.74 -19.73
CA THR A 36 -2.99 -3.12 -19.37
C THR A 36 -3.17 -1.67 -18.89
N GLN A 37 -4.34 -1.37 -18.35
CA GLN A 37 -4.63 -0.03 -17.84
C GLN A 37 -4.05 0.17 -16.44
N VAL A 38 -3.40 -0.87 -15.93
CA VAL A 38 -2.79 -0.83 -14.60
C VAL A 38 -1.54 0.04 -14.57
N LYS A 39 -1.48 1.00 -15.46
CA LYS A 39 -0.35 1.91 -15.55
C LYS A 39 -0.70 3.30 -15.02
N ASP A 40 -1.98 3.52 -14.77
CA ASP A 40 -2.44 4.82 -14.26
C ASP A 40 -2.30 4.93 -12.74
N GLN A 41 -2.06 6.15 -12.27
CA GLN A 41 -1.89 6.41 -10.83
C GLN A 41 -3.16 6.10 -10.04
N PRO A 42 -3.02 5.38 -8.91
CA PRO A 42 -4.15 5.01 -8.05
C PRO A 42 -4.52 6.10 -7.04
N ILE A 43 -5.80 6.47 -7.00
CA ILE A 43 -6.28 7.49 -6.08
C ILE A 43 -7.02 6.83 -4.90
N VAL A 44 -6.37 6.80 -3.74
CA VAL A 44 -6.96 6.19 -2.54
C VAL A 44 -7.87 7.15 -1.77
N SER A 45 -9.03 6.63 -1.31
CA SER A 45 -9.97 7.44 -0.54
C SER A 45 -11.02 6.57 0.17
N TRP A 46 -11.31 6.90 1.43
CA TRP A 46 -12.31 6.17 2.23
C TRP A 46 -13.56 7.02 2.41
N SER A 47 -13.62 8.09 1.62
CA SER A 47 -14.74 9.05 1.66
C SER A 47 -16.06 8.38 2.01
N GLY A 48 -16.62 8.77 3.15
CA GLY A 48 -17.88 8.21 3.60
C GLY A 48 -17.72 7.29 4.80
N LEU A 49 -16.57 6.61 4.88
CA LEU A 49 -16.31 5.70 5.99
C LEU A 49 -15.76 6.46 7.19
N GLU A 50 -14.96 7.48 6.91
CA GLU A 50 -14.35 8.29 7.96
C GLU A 50 -15.43 8.88 8.86
N GLY A 51 -15.05 9.79 9.75
CA GLY A 51 -16.02 10.40 10.63
C GLY A 51 -15.38 11.14 11.78
N LYS A 52 -14.93 10.39 12.78
CA LYS A 52 -14.28 10.98 13.94
C LYS A 52 -13.22 10.05 14.50
N SER A 53 -11.98 10.46 14.37
CA SER A 53 -10.84 9.68 14.85
C SER A 53 -9.67 10.63 15.06
N ASN A 54 -8.82 10.35 16.04
CA ASN A 54 -7.67 11.21 16.31
C ASN A 54 -6.73 11.17 15.13
N LEU A 55 -6.54 9.98 14.62
CA LEU A 55 -5.66 9.73 13.51
C LEU A 55 -6.09 8.47 12.77
N LEU A 56 -5.38 8.15 11.71
CA LEU A 56 -5.67 6.96 10.91
C LEU A 56 -4.35 6.32 10.47
N THR A 57 -4.42 5.09 10.03
CA THR A 57 -3.23 4.36 9.61
C THR A 57 -3.48 3.63 8.30
N LEU A 58 -2.70 3.98 7.29
CA LEU A 58 -2.79 3.35 5.97
C LEU A 58 -1.58 2.45 5.76
N LEU A 59 -1.82 1.15 5.74
CA LEU A 59 -0.75 0.18 5.55
C LEU A 59 -0.92 -0.59 4.25
N MET A 60 0.18 -0.77 3.54
CA MET A 60 0.18 -1.49 2.27
C MET A 60 0.54 -2.96 2.48
N VAL A 61 -0.03 -3.84 1.68
CA VAL A 61 0.25 -5.26 1.80
C VAL A 61 0.33 -5.92 0.44
N ASP A 62 1.50 -6.47 0.15
CA ASP A 62 1.80 -7.15 -1.12
C ASP A 62 3.29 -7.48 -1.15
N PRO A 63 3.80 -8.09 -0.05
CA PRO A 63 5.22 -8.41 0.05
C PRO A 63 5.67 -9.54 -0.88
N ASP A 64 5.97 -9.16 -2.11
CA ASP A 64 6.45 -10.09 -3.12
C ASP A 64 7.44 -9.36 -4.03
N ALA A 65 8.73 -9.58 -3.80
CA ALA A 65 9.76 -8.93 -4.60
C ALA A 65 11.13 -9.59 -4.38
N PRO A 66 11.88 -9.81 -5.47
CA PRO A 66 11.46 -9.47 -6.83
C PRO A 66 10.36 -10.40 -7.32
N THR A 67 10.06 -11.39 -6.50
CA THR A 67 9.03 -12.37 -6.80
C THR A 67 8.65 -13.15 -5.54
N ARG A 68 7.39 -13.54 -5.43
CA ARG A 68 6.92 -14.28 -4.25
C ARG A 68 7.62 -15.64 -4.18
N GLN A 69 8.23 -16.04 -5.29
CA GLN A 69 8.94 -17.31 -5.38
C GLN A 69 10.42 -17.17 -5.04
N ASP A 70 10.96 -15.96 -5.18
CA ASP A 70 12.37 -15.70 -4.88
C ASP A 70 12.54 -14.32 -4.28
N PRO A 71 12.13 -14.14 -3.01
CA PRO A 71 12.22 -12.86 -2.29
C PRO A 71 13.67 -12.42 -2.06
N LYS A 72 14.39 -12.19 -3.15
CA LYS A 72 15.80 -11.79 -3.09
C LYS A 72 16.00 -10.63 -2.11
N TYR A 73 15.04 -9.72 -2.06
CA TYR A 73 15.12 -8.58 -1.16
C TYR A 73 13.76 -7.89 -0.99
N ARG A 74 12.73 -8.68 -0.73
CA ARG A 74 11.39 -8.14 -0.51
C ARG A 74 11.28 -7.64 0.93
N GLU A 75 10.55 -6.54 1.15
CA GLU A 75 9.85 -5.79 0.12
C GLU A 75 10.74 -4.69 -0.47
N ILE A 76 10.33 -4.18 -1.63
CA ILE A 76 11.04 -3.09 -2.28
C ILE A 76 10.52 -1.79 -1.67
N LEU A 77 10.13 -0.83 -2.51
CA LEU A 77 9.54 0.40 -2.03
C LEU A 77 8.05 0.18 -1.85
N HIS A 78 7.44 0.91 -0.93
CA HIS A 78 6.01 0.75 -0.68
C HIS A 78 5.39 2.04 -0.21
N TRP A 79 4.07 2.15 -0.32
CA TRP A 79 3.35 3.36 0.07
C TRP A 79 2.72 3.21 1.46
N SER A 80 3.56 3.38 2.47
CA SER A 80 3.15 3.26 3.87
C SER A 80 2.80 4.64 4.45
N VAL A 81 1.67 4.74 5.13
CA VAL A 81 1.25 6.01 5.72
C VAL A 81 0.54 5.81 7.05
N VAL A 82 0.86 6.66 8.02
CA VAL A 82 0.26 6.59 9.35
C VAL A 82 0.00 7.98 9.90
N ASN A 83 -0.76 8.05 10.98
CA ASN A 83 -1.07 9.34 11.62
C ASN A 83 -1.89 10.23 10.70
N ILE A 84 -2.73 9.63 9.87
CA ILE A 84 -3.57 10.41 8.97
C ILE A 84 -4.78 10.95 9.73
N PRO A 85 -5.01 12.27 9.71
CA PRO A 85 -6.16 12.85 10.42
C PRO A 85 -7.45 12.16 10.02
N GLY A 86 -8.23 11.75 11.02
CA GLY A 86 -9.47 11.04 10.77
C GLY A 86 -10.56 11.87 10.12
N SER A 87 -10.23 12.56 9.03
CA SER A 87 -11.22 13.38 8.33
C SER A 87 -10.63 14.01 7.05
N ASN A 88 -9.71 13.31 6.40
CA ASN A 88 -9.09 13.81 5.15
C ASN A 88 -9.49 12.95 3.97
N GLU A 89 -10.29 11.92 4.23
CA GLU A 89 -10.76 11.01 3.19
C GLU A 89 -9.63 10.15 2.63
N ASN A 90 -8.44 10.72 2.55
CA ASN A 90 -7.28 10.02 2.01
C ASN A 90 -6.05 10.20 2.89
N PRO A 91 -5.10 9.25 2.81
CA PRO A 91 -3.87 9.27 3.61
C PRO A 91 -2.87 10.35 3.16
N SER A 92 -3.28 11.61 3.20
CA SER A 92 -2.39 12.69 2.77
C SER A 92 -1.82 13.48 3.96
N GLY A 93 -2.71 13.99 4.80
CA GLY A 93 -2.30 14.81 5.95
C GLY A 93 -1.53 14.08 7.05
N GLY A 94 -1.32 12.78 6.89
CA GLY A 94 -0.60 12.01 7.90
C GLY A 94 0.86 11.77 7.56
N HIS A 95 1.59 11.15 8.49
CA HIS A 95 3.00 10.87 8.30
C HIS A 95 3.21 9.79 7.24
N SER A 96 3.95 10.12 6.20
CA SER A 96 4.24 9.17 5.14
C SER A 96 5.39 8.28 5.59
N LEU A 97 5.08 7.09 6.11
CA LEU A 97 6.12 6.18 6.57
C LEU A 97 7.19 6.05 5.50
N ALA A 98 6.73 5.79 4.28
CA ALA A 98 7.59 5.66 3.11
C ALA A 98 6.88 6.29 1.92
N ASP A 99 7.36 7.45 1.49
CA ASP A 99 6.74 8.20 0.40
C ASP A 99 6.30 7.30 -0.77
N TYR A 100 5.18 7.70 -1.37
CA TYR A 100 4.60 6.98 -2.49
C TYR A 100 5.55 6.92 -3.70
N VAL A 101 5.58 5.77 -4.35
CA VAL A 101 6.41 5.56 -5.52
C VAL A 101 5.76 4.59 -6.50
N GLY A 102 5.38 5.08 -7.67
CA GLY A 102 4.73 4.26 -8.68
C GLY A 102 5.69 3.34 -9.41
N SER A 103 6.86 3.12 -8.81
CA SER A 103 7.87 2.25 -9.41
C SER A 103 7.42 0.79 -9.39
N GLY A 104 7.27 0.25 -8.18
CA GLY A 104 6.85 -1.13 -8.04
C GLY A 104 7.96 -2.12 -8.31
N PRO A 105 7.81 -3.39 -7.89
CA PRO A 105 8.83 -4.43 -8.09
C PRO A 105 9.11 -4.71 -9.57
N PRO A 106 10.28 -5.33 -9.87
CA PRO A 106 10.71 -5.65 -11.24
C PRO A 106 9.81 -6.64 -11.97
N LYS A 107 9.92 -6.65 -13.28
CA LYS A 107 9.13 -7.54 -14.14
C LYS A 107 9.09 -8.97 -13.58
N ASP A 108 10.20 -9.42 -13.02
CA ASP A 108 10.30 -10.77 -12.46
C ASP A 108 9.15 -11.10 -11.50
N THR A 109 8.51 -10.07 -10.94
CA THR A 109 7.41 -10.29 -9.98
C THR A 109 6.07 -10.60 -10.63
N GLY A 110 5.88 -10.15 -11.88
CA GLY A 110 4.61 -10.39 -12.56
C GLY A 110 3.42 -9.83 -11.79
N LEU A 111 2.22 -10.28 -12.16
CA LEU A 111 0.99 -9.82 -11.49
C LEU A 111 1.13 -9.84 -9.97
N HIS A 112 1.20 -8.66 -9.38
CA HIS A 112 1.32 -8.53 -7.93
C HIS A 112 0.04 -7.90 -7.37
N ARG A 113 -0.36 -8.38 -6.20
CA ARG A 113 -1.59 -7.92 -5.55
C ARG A 113 -1.35 -6.83 -4.54
N TYR A 114 -1.35 -5.58 -4.98
CA TYR A 114 -1.17 -4.47 -4.05
C TYR A 114 -2.43 -4.28 -3.21
N ILE A 115 -2.27 -4.42 -1.90
CA ILE A 115 -3.40 -4.30 -0.98
C ILE A 115 -3.28 -3.06 -0.08
N PHE A 116 -4.35 -2.29 -0.01
CA PHE A 116 -4.41 -1.10 0.82
C PHE A 116 -5.22 -1.40 2.09
N LEU A 117 -4.61 -1.16 3.25
CA LEU A 117 -5.28 -1.40 4.53
C LEU A 117 -5.40 -0.11 5.32
N LEU A 118 -6.58 0.11 5.89
CA LEU A 118 -6.86 1.30 6.68
C LEU A 118 -7.24 0.93 8.10
N TYR A 119 -6.69 1.66 9.06
CA TYR A 119 -6.93 1.40 10.48
C TYR A 119 -6.99 2.71 11.27
N ARG A 120 -7.98 2.84 12.16
CA ARG A 120 -8.08 4.04 12.99
C ARG A 120 -6.89 4.17 13.91
N GLN A 121 -6.26 5.33 13.93
CA GLN A 121 -5.10 5.56 14.80
C GLN A 121 -5.51 6.48 15.95
N GLU A 122 -5.24 6.04 17.17
CA GLU A 122 -5.61 6.82 18.35
C GLU A 122 -4.44 7.61 18.92
N ASN A 123 -3.25 7.02 18.93
CA ASN A 123 -2.08 7.68 19.50
C ASN A 123 -1.14 8.26 18.44
N LYS A 124 -0.66 9.48 18.70
CA LYS A 124 0.26 10.16 17.81
C LYS A 124 1.64 9.49 17.89
N ILE A 125 2.07 8.89 16.79
CA ILE A 125 3.35 8.18 16.73
C ILE A 125 4.32 8.83 15.73
N GLU A 126 5.56 9.04 16.16
CA GLU A 126 6.57 9.64 15.29
C GLU A 126 6.77 8.79 14.04
N GLU A 127 7.02 7.51 14.27
CA GLU A 127 7.21 6.55 13.20
C GLU A 127 8.41 6.93 12.32
N THR A 128 9.46 7.43 12.95
CA THR A 128 10.70 7.83 12.27
C THR A 128 10.44 8.84 11.14
N PRO A 129 11.41 9.72 10.87
CA PRO A 129 11.30 10.74 9.83
C PRO A 129 10.70 10.19 8.53
N THR A 130 9.96 11.05 7.82
CA THR A 130 9.31 10.65 6.57
C THR A 130 10.34 10.16 5.58
N ILE A 131 10.23 8.91 5.17
CA ILE A 131 11.15 8.34 4.21
C ILE A 131 10.79 8.75 2.79
N SER A 132 11.79 9.19 2.04
CA SER A 132 11.58 9.61 0.66
C SER A 132 11.35 8.41 -0.26
N ASN A 133 10.55 8.63 -1.29
CA ASN A 133 10.26 7.59 -2.26
C ASN A 133 11.53 7.17 -2.98
N THR A 134 12.36 8.16 -3.31
CA THR A 134 13.63 7.92 -4.00
C THR A 134 14.68 7.37 -3.03
N THR A 135 14.22 6.75 -1.95
CA THR A 135 15.14 6.20 -0.94
C THR A 135 16.04 5.11 -1.50
N ARG A 136 17.35 5.36 -1.45
CA ARG A 136 18.36 4.42 -1.92
C ARG A 136 18.36 3.16 -1.06
N THR A 137 19.05 2.12 -1.53
CA THR A 137 19.15 0.86 -0.83
C THR A 137 19.42 1.06 0.67
N GLY A 138 18.96 0.10 1.48
CA GLY A 138 19.17 0.19 2.92
C GLY A 138 17.87 0.33 3.72
N ARG A 139 16.75 0.54 3.03
CA ARG A 139 15.46 0.68 3.71
C ARG A 139 14.31 0.26 2.81
N LEU A 140 14.42 -0.93 2.23
CA LEU A 140 13.37 -1.47 1.37
C LEU A 140 12.76 -2.70 2.02
N ASN A 141 13.61 -3.69 2.32
CA ASN A 141 13.18 -4.94 2.95
C ASN A 141 12.59 -4.68 4.34
N PHE A 142 11.32 -5.05 4.51
CA PHE A 142 10.61 -4.88 5.78
C PHE A 142 9.15 -5.30 5.62
N ASN A 143 8.63 -6.09 6.57
CA ASN A 143 7.25 -6.55 6.49
C ASN A 143 6.27 -5.49 6.99
N ALA A 144 5.31 -5.12 6.15
CA ALA A 144 4.32 -4.11 6.50
C ALA A 144 3.50 -4.52 7.73
N ARG A 145 3.07 -5.78 7.76
CA ARG A 145 2.26 -6.31 8.86
C ARG A 145 2.84 -5.91 10.22
N ASP A 146 4.15 -5.71 10.28
CA ASP A 146 4.81 -5.33 11.53
C ASP A 146 4.21 -4.05 12.12
N PHE A 147 3.94 -3.06 11.28
CA PHE A 147 3.34 -1.81 11.74
C PHE A 147 2.05 -2.13 12.48
N ALA A 148 1.32 -3.10 11.97
CA ALA A 148 0.07 -3.52 12.56
C ALA A 148 0.32 -4.24 13.89
N ALA A 149 1.35 -5.08 13.91
CA ALA A 149 1.69 -5.83 15.11
C ALA A 149 2.12 -4.90 16.24
N LYS A 150 3.02 -3.97 15.94
CA LYS A 150 3.54 -3.06 16.95
C LYS A 150 2.45 -2.20 17.61
N HIS A 151 1.63 -1.49 16.83
CA HIS A 151 0.59 -0.65 17.43
C HIS A 151 -0.76 -1.38 17.52
N GLY A 152 -0.73 -2.69 17.28
CA GLY A 152 -1.95 -3.48 17.37
C GLY A 152 -3.00 -3.10 16.34
N LEU A 153 -2.57 -2.77 15.15
CA LEU A 153 -3.49 -2.40 14.07
C LEU A 153 -4.10 -3.65 13.43
N GLY A 154 -3.98 -4.77 14.14
CA GLY A 154 -4.48 -6.04 13.64
C GLY A 154 -5.79 -5.96 12.86
N GLU A 155 -6.89 -5.71 13.56
CA GLU A 155 -8.20 -5.64 12.91
C GLU A 155 -8.34 -4.36 12.06
N PRO A 156 -8.42 -4.50 10.72
CA PRO A 156 -8.53 -3.36 9.81
C PRO A 156 -9.94 -2.80 9.72
N ILE A 157 -10.05 -1.47 9.76
CA ILE A 157 -11.36 -0.83 9.66
C ILE A 157 -11.84 -0.84 8.22
N ALA A 158 -10.92 -0.66 7.28
CA ALA A 158 -11.27 -0.65 5.87
C ALA A 158 -10.09 -1.10 5.01
N ALA A 159 -10.36 -1.98 4.05
CA ALA A 159 -9.30 -2.50 3.18
C ALA A 159 -9.78 -2.60 1.74
N ASN A 160 -8.83 -2.49 0.82
CA ASN A 160 -9.11 -2.57 -0.61
C ASN A 160 -7.84 -3.03 -1.29
N TYR A 161 -7.97 -3.87 -2.31
CA TYR A 161 -6.81 -4.42 -2.97
C TYR A 161 -7.04 -4.65 -4.46
N TYR A 162 -5.94 -4.82 -5.19
CA TYR A 162 -5.98 -5.02 -6.64
C TYR A 162 -4.74 -5.77 -7.12
N GLN A 163 -4.88 -6.48 -8.24
CA GLN A 163 -3.75 -7.23 -8.81
C GLN A 163 -3.30 -6.57 -10.11
N ALA A 164 -1.99 -6.41 -10.30
CA ALA A 164 -1.49 -5.79 -11.52
C ALA A 164 -0.06 -6.17 -11.88
N GLN A 165 0.20 -6.18 -13.20
CA GLN A 165 1.52 -6.47 -13.75
C GLN A 165 1.78 -5.47 -14.88
N TYR A 166 3.04 -5.24 -15.22
CA TYR A 166 3.38 -4.27 -16.25
C TYR A 166 4.80 -4.44 -16.75
N ASP A 167 5.11 -3.78 -17.86
CA ASP A 167 6.43 -3.83 -18.47
C ASP A 167 7.51 -3.38 -17.49
N ASP A 168 8.71 -3.94 -17.65
CA ASP A 168 9.83 -3.60 -16.78
C ASP A 168 10.06 -2.10 -16.77
N TYR A 169 9.36 -1.39 -17.65
CA TYR A 169 9.45 0.06 -17.74
C TYR A 169 9.04 0.73 -16.43
N VAL A 170 7.98 0.22 -15.79
CA VAL A 170 7.53 0.80 -14.53
C VAL A 170 8.63 0.62 -13.48
N PRO A 171 9.12 -0.62 -13.25
CA PRO A 171 10.19 -0.87 -12.29
C PRO A 171 11.39 0.04 -12.53
N ILE A 172 11.63 0.40 -13.80
CA ILE A 172 12.75 1.27 -14.16
C ILE A 172 12.76 2.50 -13.27
N ARG A 173 11.57 2.99 -12.92
CA ARG A 173 11.47 4.17 -12.06
C ARG A 173 12.40 4.01 -10.85
N ASN A 174 12.49 2.78 -10.34
CA ASN A 174 13.35 2.47 -9.20
C ASN A 174 14.80 2.87 -9.48
N LYS A 175 15.24 2.71 -10.71
CA LYS A 175 16.62 3.06 -11.08
C LYS A 175 16.93 4.52 -10.77
N THR A 176 15.92 5.39 -10.90
CA THR A 176 16.13 6.81 -10.62
C THR A 176 16.35 7.05 -9.13
N ILE A 177 16.12 6.03 -8.31
CA ILE A 177 16.30 6.13 -6.87
C ILE A 177 17.77 6.40 -6.52
N VAL A 178 18.02 7.45 -5.74
CA VAL A 178 19.40 7.78 -5.37
C VAL A 178 19.52 8.19 -3.91
N GLY A 179 18.41 8.11 -3.17
CA GLY A 179 18.41 8.48 -1.77
C GLY A 179 18.54 9.99 -1.57
N MET A 1 -4.13 -10.38 11.72
CA MET A 1 -3.49 -11.67 11.37
C MET A 1 -3.98 -12.17 10.01
N ASP A 2 -3.11 -12.81 9.25
CA ASP A 2 -3.47 -13.33 7.94
C ASP A 2 -4.54 -14.42 8.07
N ASP A 3 -5.80 -14.08 7.77
CA ASP A 3 -6.89 -15.04 7.89
C ASP A 3 -7.45 -15.49 6.53
N ILE A 4 -8.19 -14.62 5.84
CA ILE A 4 -8.77 -14.96 4.55
C ILE A 4 -7.81 -14.65 3.40
N VAL A 5 -6.59 -15.17 3.52
CA VAL A 5 -5.55 -14.97 2.52
C VAL A 5 -4.83 -16.29 2.23
N PRO A 6 -4.52 -16.58 0.95
CA PRO A 6 -4.81 -15.69 -0.19
C PRO A 6 -6.23 -15.85 -0.73
N ASP A 7 -7.17 -16.11 0.17
CA ASP A 7 -8.58 -16.28 -0.22
C ASP A 7 -9.09 -14.99 -0.87
N VAL A 8 -8.92 -13.88 -0.17
CA VAL A 8 -9.37 -12.58 -0.66
C VAL A 8 -8.62 -11.43 0.03
N LEU A 9 -8.38 -11.55 1.33
CA LEU A 9 -7.70 -10.50 2.07
C LEU A 9 -7.04 -11.03 3.34
N ASP A 10 -5.85 -10.55 3.63
CA ASP A 10 -5.11 -10.98 4.82
C ASP A 10 -5.90 -10.71 6.11
N ALA A 11 -6.77 -9.71 6.09
CA ALA A 11 -7.57 -9.39 7.27
C ALA A 11 -8.90 -8.78 6.89
N VAL A 12 -9.98 -9.30 7.48
CA VAL A 12 -11.32 -8.80 7.20
C VAL A 12 -11.47 -7.38 7.71
N PRO A 13 -11.68 -6.42 6.79
CA PRO A 13 -11.83 -5.02 7.13
C PRO A 13 -13.29 -4.63 7.29
N ALA A 14 -13.55 -3.73 8.23
CA ALA A 14 -14.91 -3.25 8.48
C ALA A 14 -15.52 -2.73 7.18
N GLY A 15 -14.66 -2.21 6.32
CA GLY A 15 -15.04 -1.68 5.04
C GLY A 15 -13.88 -1.73 4.06
N THR A 16 -14.00 -1.05 2.93
CA THR A 16 -12.93 -1.04 1.94
C THR A 16 -12.46 0.38 1.65
N ILE A 17 -11.39 0.49 0.87
CA ILE A 17 -10.84 1.78 0.51
C ILE A 17 -11.18 2.12 -0.94
N LYS A 18 -11.73 3.30 -1.14
CA LYS A 18 -12.08 3.74 -2.47
C LYS A 18 -10.81 4.10 -3.22
N VAL A 19 -10.42 3.26 -4.17
CA VAL A 19 -9.21 3.53 -4.93
C VAL A 19 -9.52 3.59 -6.42
N ILE A 20 -9.44 4.80 -6.97
CA ILE A 20 -9.70 5.02 -8.37
C ILE A 20 -8.38 5.15 -9.12
N TYR A 21 -8.21 4.31 -10.11
CA TYR A 21 -6.98 4.29 -10.90
C TYR A 21 -6.90 5.47 -11.85
N GLY A 22 -8.04 5.89 -12.41
CA GLY A 22 -8.04 7.00 -13.34
C GLY A 22 -9.03 8.07 -12.96
N ASP A 23 -10.31 7.70 -12.97
CA ASP A 23 -11.40 8.63 -12.64
C ASP A 23 -12.69 7.84 -12.43
N ASP A 24 -13.11 7.13 -13.47
CA ASP A 24 -14.33 6.32 -13.42
C ASP A 24 -14.02 4.92 -12.88
N LEU A 25 -12.99 4.30 -13.43
CA LEU A 25 -12.58 2.97 -13.01
C LEU A 25 -11.99 2.97 -11.60
N GLU A 26 -12.21 1.87 -10.88
CA GLU A 26 -11.74 1.72 -9.51
C GLU A 26 -11.30 0.29 -9.24
N VAL A 27 -10.27 0.12 -8.41
CA VAL A 27 -9.79 -1.21 -8.09
C VAL A 27 -10.68 -1.83 -7.01
N LYS A 28 -11.51 -2.78 -7.42
CA LYS A 28 -12.46 -3.41 -6.52
C LYS A 28 -12.05 -4.81 -6.04
N GLN A 29 -12.00 -4.95 -4.72
CA GLN A 29 -11.70 -6.21 -4.04
C GLN A 29 -10.82 -7.19 -4.83
N GLY A 30 -9.57 -6.80 -5.05
CA GLY A 30 -8.62 -7.67 -5.73
C GLY A 30 -8.81 -7.79 -7.23
N ASN A 31 -9.74 -7.03 -7.78
CA ASN A 31 -9.97 -7.07 -9.22
C ASN A 31 -8.68 -6.77 -9.96
N GLU A 32 -8.64 -7.14 -11.24
CA GLU A 32 -7.48 -6.90 -12.07
C GLU A 32 -7.80 -5.83 -13.11
N LEU A 33 -6.81 -5.00 -13.41
CA LEU A 33 -6.97 -3.96 -14.42
C LEU A 33 -6.02 -4.22 -15.58
N THR A 34 -6.60 -4.39 -16.77
CA THR A 34 -5.84 -4.66 -17.98
C THR A 34 -6.58 -4.10 -19.20
N PRO A 35 -5.90 -3.95 -20.35
CA PRO A 35 -4.49 -4.29 -20.51
C PRO A 35 -3.55 -3.16 -20.12
N THR A 36 -3.63 -2.05 -20.85
CA THR A 36 -2.78 -0.90 -20.57
C THR A 36 -3.54 0.21 -19.86
N GLN A 37 -4.64 -0.13 -19.20
CA GLN A 37 -5.42 0.88 -18.48
C GLN A 37 -4.78 1.16 -17.12
N VAL A 38 -3.78 0.36 -16.77
CA VAL A 38 -3.08 0.51 -15.51
C VAL A 38 -1.86 1.44 -15.65
N LYS A 39 -1.90 2.33 -16.63
CA LYS A 39 -0.81 3.26 -16.87
C LYS A 39 -0.95 4.49 -15.98
N ASP A 40 -2.14 4.66 -15.40
CA ASP A 40 -2.44 5.81 -14.54
C ASP A 40 -2.21 5.51 -13.06
N GLN A 41 -1.68 6.50 -12.35
CA GLN A 41 -1.42 6.38 -10.92
C GLN A 41 -2.72 6.18 -10.13
N PRO A 42 -2.74 5.23 -9.18
CA PRO A 42 -3.93 4.94 -8.36
C PRO A 42 -4.23 6.02 -7.31
N ILE A 43 -5.51 6.39 -7.19
CA ILE A 43 -5.93 7.39 -6.21
C ILE A 43 -6.68 6.72 -5.06
N VAL A 44 -6.24 6.97 -3.83
CA VAL A 44 -6.84 6.39 -2.63
C VAL A 44 -7.80 7.36 -1.94
N SER A 45 -8.88 6.83 -1.34
CA SER A 45 -9.86 7.65 -0.63
C SER A 45 -10.77 6.82 0.26
N TRP A 46 -11.18 7.39 1.39
CA TRP A 46 -12.07 6.71 2.32
C TRP A 46 -13.34 7.56 2.50
N SER A 47 -13.70 8.30 1.46
CA SER A 47 -14.88 9.17 1.48
C SER A 47 -16.05 8.44 2.13
N GLY A 48 -16.71 9.11 3.07
CA GLY A 48 -17.84 8.51 3.76
C GLY A 48 -17.42 7.70 4.97
N LEU A 49 -16.27 7.02 4.89
CA LEU A 49 -15.78 6.22 6.00
C LEU A 49 -15.28 7.14 7.10
N GLU A 50 -14.73 8.27 6.68
CA GLU A 50 -14.21 9.26 7.61
C GLU A 50 -15.34 9.70 8.55
N GLY A 51 -15.04 9.94 9.82
CA GLY A 51 -16.08 10.35 10.76
C GLY A 51 -15.52 10.91 12.05
N LYS A 52 -14.85 10.06 12.81
CA LYS A 52 -14.26 10.48 14.08
C LYS A 52 -13.01 9.67 14.37
N SER A 53 -11.87 10.32 14.27
CA SER A 53 -10.59 9.65 14.52
C SER A 53 -9.51 10.68 14.86
N ASN A 54 -8.64 10.36 15.81
CA ASN A 54 -7.56 11.26 16.17
C ASN A 54 -6.58 11.30 15.03
N LEU A 55 -6.35 10.13 14.47
CA LEU A 55 -5.42 9.95 13.39
C LEU A 55 -5.83 8.71 12.60
N LEU A 56 -5.34 8.58 11.36
CA LEU A 56 -5.67 7.41 10.56
C LEU A 56 -4.41 6.72 10.07
N THR A 57 -4.49 5.40 9.96
CA THR A 57 -3.35 4.61 9.51
C THR A 57 -3.60 4.11 8.09
N LEU A 58 -2.65 4.36 7.20
CA LEU A 58 -2.75 3.95 5.80
C LEU A 58 -1.47 3.24 5.39
N LEU A 59 -1.56 1.98 5.01
CA LEU A 59 -0.37 1.24 4.63
C LEU A 59 -0.66 0.18 3.59
N MET A 60 0.17 0.16 2.54
CA MET A 60 0.02 -0.84 1.49
C MET A 60 0.95 -2.00 1.80
N VAL A 61 0.55 -3.20 1.40
CA VAL A 61 1.34 -4.39 1.67
C VAL A 61 1.37 -5.36 0.49
N ASP A 62 2.52 -6.00 0.36
CA ASP A 62 2.79 -6.99 -0.67
C ASP A 62 4.18 -7.60 -0.46
N PRO A 63 4.29 -8.60 0.44
CA PRO A 63 5.56 -9.25 0.75
C PRO A 63 6.12 -9.99 -0.47
N ASP A 64 6.83 -9.27 -1.33
CA ASP A 64 7.40 -9.86 -2.54
C ASP A 64 8.36 -8.93 -3.26
N ALA A 65 9.60 -9.38 -3.45
CA ALA A 65 10.57 -8.60 -4.21
C ALA A 65 11.85 -9.40 -4.44
N PRO A 66 12.35 -9.45 -5.69
CA PRO A 66 11.67 -8.88 -6.85
C PRO A 66 10.50 -9.77 -7.23
N THR A 67 10.50 -10.96 -6.64
CA THR A 67 9.49 -11.98 -6.85
C THR A 67 9.36 -12.86 -5.61
N ARG A 68 8.14 -13.27 -5.28
CA ARG A 68 7.89 -14.09 -4.10
C ARG A 68 8.67 -15.40 -4.17
N GLN A 69 8.88 -15.86 -5.39
CA GLN A 69 9.60 -17.10 -5.64
C GLN A 69 11.03 -17.04 -5.11
N ASP A 70 11.69 -15.89 -5.31
CA ASP A 70 13.07 -15.70 -4.87
C ASP A 70 13.23 -14.29 -4.28
N PRO A 71 12.66 -14.05 -3.08
CA PRO A 71 12.76 -12.75 -2.42
C PRO A 71 14.21 -12.40 -2.11
N LYS A 72 14.73 -11.38 -2.78
CA LYS A 72 16.12 -10.96 -2.58
C LYS A 72 16.22 -9.73 -1.68
N TYR A 73 15.46 -8.69 -2.02
CA TYR A 73 15.45 -7.46 -1.23
C TYR A 73 14.06 -7.24 -0.63
N ARG A 74 13.35 -8.33 -0.45
CA ARG A 74 12.01 -8.33 0.13
C ARG A 74 12.12 -8.08 1.63
N GLU A 75 11.24 -7.24 2.22
CA GLU A 75 10.17 -6.53 1.51
C GLU A 75 10.73 -5.36 0.70
N ILE A 76 9.88 -4.77 -0.13
CA ILE A 76 10.29 -3.63 -0.96
C ILE A 76 9.46 -2.40 -0.64
N LEU A 77 9.90 -1.25 -1.14
CA LEU A 77 9.21 0.01 -0.91
C LEU A 77 7.74 -0.06 -1.34
N HIS A 78 6.88 0.45 -0.46
CA HIS A 78 5.45 0.48 -0.70
C HIS A 78 4.92 1.85 -0.29
N TRP A 79 3.60 1.99 -0.24
CA TRP A 79 3.00 3.27 0.15
C TRP A 79 2.63 3.18 1.62
N SER A 80 3.42 3.84 2.45
CA SER A 80 3.20 3.80 3.89
C SER A 80 2.94 5.21 4.43
N VAL A 81 1.75 5.41 4.99
CA VAL A 81 1.36 6.70 5.55
C VAL A 81 0.56 6.47 6.81
N VAL A 82 0.91 7.14 7.88
CA VAL A 82 0.22 6.98 9.13
C VAL A 82 0.08 8.29 9.87
N ASN A 83 -0.78 8.27 10.88
CA ASN A 83 -1.08 9.44 11.69
C ASN A 83 -1.74 10.50 10.83
N ILE A 84 -2.61 10.01 9.95
CA ILE A 84 -3.36 10.89 9.06
C ILE A 84 -4.51 11.53 9.84
N PRO A 85 -4.50 12.85 10.03
CA PRO A 85 -5.57 13.53 10.77
C PRO A 85 -6.95 13.18 10.22
N GLY A 86 -7.85 12.75 11.10
CA GLY A 86 -9.22 12.41 10.69
C GLY A 86 -9.95 13.58 10.04
N SER A 87 -9.52 13.96 8.84
CA SER A 87 -10.12 15.07 8.10
C SER A 87 -9.37 15.30 6.78
N ASN A 88 -9.15 14.22 6.04
CA ASN A 88 -8.42 14.31 4.77
C ASN A 88 -9.07 13.51 3.64
N GLU A 89 -9.89 12.52 3.99
CA GLU A 89 -10.55 11.68 2.99
C GLU A 89 -9.53 10.75 2.29
N ASN A 90 -8.26 11.15 2.35
CA ASN A 90 -7.17 10.39 1.75
C ASN A 90 -5.87 10.66 2.52
N PRO A 91 -4.88 9.76 2.43
CA PRO A 91 -3.60 9.89 3.13
C PRO A 91 -2.69 10.99 2.58
N SER A 92 -3.21 12.18 2.36
CA SER A 92 -2.38 13.26 1.85
C SER A 92 -1.87 14.18 2.96
N GLY A 93 -2.38 13.98 4.18
CA GLY A 93 -1.97 14.84 5.30
C GLY A 93 -1.09 14.14 6.33
N GLY A 94 -1.42 12.89 6.65
CA GLY A 94 -0.65 12.14 7.63
C GLY A 94 0.80 11.96 7.24
N HIS A 95 1.60 11.43 8.17
CA HIS A 95 3.02 11.23 7.92
C HIS A 95 3.26 10.09 6.93
N SER A 96 3.87 10.42 5.80
CA SER A 96 4.18 9.40 4.81
C SER A 96 5.45 8.68 5.23
N LEU A 97 5.30 7.59 5.97
CA LEU A 97 6.44 6.82 6.44
C LEU A 97 7.39 6.54 5.28
N ALA A 98 6.82 5.98 4.22
CA ALA A 98 7.57 5.66 3.01
C ALA A 98 6.76 6.07 1.81
N ASP A 99 7.29 7.01 1.03
CA ASP A 99 6.60 7.53 -0.14
C ASP A 99 6.23 6.41 -1.11
N TYR A 100 5.16 6.63 -1.86
CA TYR A 100 4.68 5.66 -2.83
C TYR A 100 5.76 5.41 -3.89
N VAL A 101 5.75 4.21 -4.45
CA VAL A 101 6.72 3.85 -5.47
C VAL A 101 6.06 3.06 -6.58
N GLY A 102 6.61 3.14 -7.79
CA GLY A 102 6.05 2.42 -8.92
C GLY A 102 5.71 0.99 -8.58
N SER A 103 6.73 0.16 -8.43
CA SER A 103 6.54 -1.24 -8.11
C SER A 103 7.87 -1.90 -7.79
N GLY A 104 7.95 -2.50 -6.61
CA GLY A 104 9.16 -3.18 -6.21
C GLY A 104 9.40 -4.43 -7.05
N PRO A 105 8.38 -5.29 -7.19
CA PRO A 105 8.47 -6.51 -8.00
C PRO A 105 8.38 -6.22 -9.50
N PRO A 106 9.46 -6.47 -10.25
CA PRO A 106 9.50 -6.25 -11.70
C PRO A 106 8.50 -7.13 -12.44
N LYS A 107 8.17 -6.74 -13.67
CA LYS A 107 7.21 -7.48 -14.48
C LYS A 107 7.52 -8.98 -14.48
N ASP A 108 8.80 -9.31 -14.30
CA ASP A 108 9.24 -10.71 -14.28
C ASP A 108 8.42 -11.56 -13.31
N THR A 109 8.09 -11.00 -12.14
CA THR A 109 7.30 -11.75 -11.15
C THR A 109 5.87 -11.93 -11.61
N GLY A 110 5.54 -11.35 -12.76
CA GLY A 110 4.19 -11.45 -13.31
C GLY A 110 3.15 -10.68 -12.51
N LEU A 111 2.08 -11.38 -12.13
CA LEU A 111 0.98 -10.79 -11.38
C LEU A 111 1.39 -10.35 -9.98
N HIS A 112 0.78 -9.24 -9.55
CA HIS A 112 1.02 -8.66 -8.24
C HIS A 112 -0.29 -8.63 -7.44
N ARG A 113 -0.17 -8.37 -6.14
CA ARG A 113 -1.34 -8.30 -5.26
C ARG A 113 -1.12 -7.17 -4.26
N TYR A 114 -1.28 -5.94 -4.74
CA TYR A 114 -1.09 -4.78 -3.89
C TYR A 114 -2.29 -4.59 -2.99
N ILE A 115 -2.07 -4.61 -1.68
CA ILE A 115 -3.16 -4.49 -0.73
C ILE A 115 -3.04 -3.22 0.10
N PHE A 116 -4.08 -2.40 0.03
CA PHE A 116 -4.13 -1.16 0.81
C PHE A 116 -4.81 -1.44 2.14
N LEU A 117 -4.19 -0.99 3.22
CA LEU A 117 -4.71 -1.20 4.56
C LEU A 117 -4.98 0.15 5.23
N LEU A 118 -6.14 0.25 5.89
CA LEU A 118 -6.52 1.48 6.58
C LEU A 118 -7.11 1.14 7.94
N TYR A 119 -6.62 1.81 8.98
CA TYR A 119 -7.09 1.58 10.34
C TYR A 119 -7.10 2.88 11.13
N ARG A 120 -8.10 3.04 12.00
CA ARG A 120 -8.18 4.23 12.83
C ARG A 120 -6.97 4.31 13.76
N GLN A 121 -6.20 5.37 13.64
CA GLN A 121 -5.02 5.56 14.47
C GLN A 121 -5.40 6.35 15.72
N GLU A 122 -5.33 5.68 16.85
CA GLU A 122 -5.69 6.30 18.13
C GLU A 122 -4.47 6.86 18.83
N ASN A 123 -3.32 6.23 18.60
CA ASN A 123 -2.07 6.64 19.22
C ASN A 123 -1.25 7.50 18.26
N LYS A 124 -0.80 8.65 18.75
CA LYS A 124 0.03 9.54 17.95
C LYS A 124 1.44 8.96 17.83
N ILE A 125 1.94 8.89 16.59
CA ILE A 125 3.26 8.34 16.32
C ILE A 125 3.99 9.11 15.22
N GLU A 126 5.28 9.35 15.44
CA GLU A 126 6.11 10.04 14.47
C GLU A 126 6.55 9.11 13.33
N GLU A 127 6.87 7.88 13.70
CA GLU A 127 7.28 6.86 12.73
C GLU A 127 8.49 7.29 11.89
N THR A 128 9.44 7.96 12.54
CA THR A 128 10.67 8.44 11.90
C THR A 128 10.37 9.34 10.69
N PRO A 129 11.36 10.15 10.25
CA PRO A 129 11.19 11.07 9.12
C PRO A 129 10.66 10.40 7.86
N THR A 130 10.05 11.21 7.00
CA THR A 130 9.47 10.73 5.74
C THR A 130 10.52 10.08 4.85
N ILE A 131 10.32 8.80 4.51
CA ILE A 131 11.23 8.10 3.63
C ILE A 131 10.92 8.38 2.17
N SER A 132 11.94 8.81 1.45
CA SER A 132 11.84 9.16 0.03
C SER A 132 11.46 7.95 -0.83
N ASN A 133 10.61 8.19 -1.83
CA ASN A 133 10.19 7.12 -2.74
C ASN A 133 11.41 6.50 -3.43
N THR A 134 12.27 7.36 -3.95
CA THR A 134 13.49 6.96 -4.64
C THR A 134 14.60 6.59 -3.66
N THR A 135 14.24 6.20 -2.43
CA THR A 135 15.24 5.85 -1.43
C THR A 135 16.11 4.67 -1.90
N ARG A 136 17.42 4.89 -1.89
CA ARG A 136 18.39 3.89 -2.31
C ARG A 136 18.50 2.77 -1.27
N THR A 137 19.26 1.71 -1.59
CA THR A 137 19.44 0.58 -0.69
C THR A 137 19.57 1.04 0.77
N GLY A 138 19.06 0.21 1.68
CA GLY A 138 19.12 0.54 3.10
C GLY A 138 17.75 0.84 3.68
N ARG A 139 16.76 0.98 2.80
CA ARG A 139 15.40 1.28 3.24
C ARG A 139 14.38 0.52 2.39
N LEU A 140 14.75 -0.67 1.94
CA LEU A 140 13.85 -1.49 1.13
C LEU A 140 13.22 -2.59 1.98
N ASN A 141 14.08 -3.38 2.61
CA ASN A 141 13.63 -4.47 3.47
C ASN A 141 12.88 -3.93 4.68
N PHE A 142 11.58 -4.21 4.73
CA PHE A 142 10.74 -3.75 5.84
C PHE A 142 9.42 -4.52 5.87
N ASN A 143 9.28 -5.38 6.88
CA ASN A 143 8.08 -6.18 7.06
C ASN A 143 6.85 -5.31 7.31
N ALA A 144 6.16 -4.96 6.24
CA ALA A 144 4.95 -4.14 6.35
C ALA A 144 4.02 -4.71 7.41
N ARG A 145 3.94 -6.04 7.42
CA ARG A 145 3.11 -6.76 8.37
C ARG A 145 3.34 -6.25 9.79
N ASP A 146 4.58 -5.88 10.09
CA ASP A 146 4.93 -5.36 11.41
C ASP A 146 3.97 -4.24 11.80
N PHE A 147 3.66 -3.37 10.85
CA PHE A 147 2.75 -2.26 11.09
C PHE A 147 1.49 -2.75 11.77
N ALA A 148 1.01 -3.91 11.34
CA ALA A 148 -0.18 -4.50 11.91
C ALA A 148 0.02 -4.72 13.40
N ALA A 149 1.24 -5.06 13.78
CA ALA A 149 1.56 -5.29 15.18
C ALA A 149 1.75 -3.97 15.95
N LYS A 150 2.69 -3.15 15.51
CA LYS A 150 2.98 -1.88 16.19
C LYS A 150 1.78 -0.92 16.14
N HIS A 151 1.16 -0.78 14.97
CA HIS A 151 0.02 0.11 14.83
C HIS A 151 -1.29 -0.63 15.08
N GLY A 152 -1.17 -1.89 15.54
CA GLY A 152 -2.33 -2.70 15.88
C GLY A 152 -3.40 -2.72 14.80
N LEU A 153 -2.97 -2.80 13.55
CA LEU A 153 -3.91 -2.81 12.42
C LEU A 153 -4.58 -4.18 12.24
N GLY A 154 -4.51 -5.02 13.27
CA GLY A 154 -5.11 -6.34 13.21
C GLY A 154 -6.54 -6.30 12.67
N GLU A 155 -7.33 -5.37 13.19
CA GLU A 155 -8.71 -5.21 12.77
C GLU A 155 -8.86 -3.92 11.96
N PRO A 156 -8.57 -3.98 10.65
CA PRO A 156 -8.63 -2.82 9.75
C PRO A 156 -10.06 -2.32 9.51
N ILE A 157 -10.23 -1.01 9.53
CA ILE A 157 -11.52 -0.41 9.28
C ILE A 157 -11.78 -0.40 7.78
N ALA A 158 -10.72 -0.22 7.01
CA ALA A 158 -10.82 -0.19 5.57
C ALA A 158 -9.61 -0.88 4.93
N ALA A 159 -9.87 -1.59 3.84
CA ALA A 159 -8.81 -2.30 3.11
C ALA A 159 -9.22 -2.43 1.65
N ASN A 160 -8.25 -2.63 0.76
CA ASN A 160 -8.56 -2.76 -0.65
C ASN A 160 -7.36 -3.32 -1.39
N TYR A 161 -7.57 -4.48 -1.99
CA TYR A 161 -6.53 -5.17 -2.72
C TYR A 161 -6.71 -4.99 -4.22
N TYR A 162 -5.59 -5.03 -4.93
CA TYR A 162 -5.57 -4.83 -6.37
C TYR A 162 -4.48 -5.67 -7.03
N GLN A 163 -4.86 -6.40 -8.09
CA GLN A 163 -3.93 -7.26 -8.81
C GLN A 163 -3.66 -6.69 -10.19
N ALA A 164 -2.39 -6.65 -10.59
CA ALA A 164 -2.03 -6.15 -11.90
C ALA A 164 -0.68 -6.67 -12.37
N GLN A 165 -0.50 -6.75 -13.69
CA GLN A 165 0.76 -7.17 -14.28
C GLN A 165 1.08 -6.21 -15.41
N TYR A 166 2.31 -5.73 -15.45
CA TYR A 166 2.71 -4.78 -16.49
C TYR A 166 4.22 -4.85 -16.71
N ASP A 167 4.65 -4.51 -17.91
CA ASP A 167 6.06 -4.55 -18.27
C ASP A 167 6.91 -3.78 -17.27
N ASP A 168 8.20 -3.70 -17.56
CA ASP A 168 9.14 -2.99 -16.72
C ASP A 168 8.75 -1.52 -16.56
N TYR A 169 7.68 -1.13 -17.26
CA TYR A 169 7.20 0.25 -17.22
C TYR A 169 7.21 0.81 -15.80
N VAL A 170 6.31 0.33 -14.95
CA VAL A 170 6.26 0.82 -13.58
C VAL A 170 7.63 0.63 -12.92
N PRO A 171 8.18 -0.60 -12.99
CA PRO A 171 9.51 -0.90 -12.43
C PRO A 171 10.57 0.10 -12.87
N ILE A 172 10.32 0.85 -13.95
CA ILE A 172 11.27 1.85 -14.42
C ILE A 172 11.68 2.74 -13.26
N ARG A 173 10.70 3.12 -12.45
CA ARG A 173 10.94 3.95 -11.28
C ARG A 173 12.00 3.34 -10.38
N ASN A 174 12.07 2.01 -10.34
CA ASN A 174 13.08 1.32 -9.54
C ASN A 174 14.45 1.87 -9.93
N LYS A 175 14.65 2.04 -11.23
CA LYS A 175 15.90 2.58 -11.75
C LYS A 175 16.12 3.99 -11.24
N THR A 176 15.03 4.71 -11.02
CA THR A 176 15.09 6.08 -10.52
C THR A 176 15.64 6.10 -9.09
N ILE A 177 15.44 4.99 -8.37
CA ILE A 177 15.91 4.87 -6.99
C ILE A 177 17.38 5.30 -6.87
N VAL A 178 17.61 6.47 -6.27
CA VAL A 178 18.97 6.99 -6.10
C VAL A 178 19.06 7.93 -4.91
N GLY A 179 18.17 7.77 -3.94
CA GLY A 179 18.17 8.62 -2.76
C GLY A 179 18.89 7.98 -1.58
N MET A 1 -0.89 -10.85 9.48
CA MET A 1 -0.87 -12.33 9.49
C MET A 1 -1.70 -12.88 8.33
N ASP A 2 -1.18 -13.89 7.65
CA ASP A 2 -1.85 -14.49 6.51
C ASP A 2 -3.11 -15.27 6.91
N ASP A 3 -4.12 -14.56 7.38
CA ASP A 3 -5.38 -15.18 7.78
C ASP A 3 -6.15 -15.68 6.56
N ILE A 4 -6.35 -14.78 5.59
CA ILE A 4 -7.07 -15.14 4.36
C ILE A 4 -6.35 -14.60 3.12
N VAL A 5 -5.04 -14.85 3.05
CA VAL A 5 -4.22 -14.40 1.93
C VAL A 5 -3.33 -15.55 1.44
N PRO A 6 -3.16 -15.70 0.11
CA PRO A 6 -3.77 -14.81 -0.89
C PRO A 6 -5.21 -15.18 -1.20
N ASP A 7 -5.90 -15.73 -0.22
CA ASP A 7 -7.31 -16.12 -0.40
C ASP A 7 -8.12 -14.91 -0.85
N VAL A 8 -7.92 -13.80 -0.15
CA VAL A 8 -8.61 -12.54 -0.47
C VAL A 8 -7.92 -11.35 0.21
N LEU A 9 -7.51 -11.52 1.46
CA LEU A 9 -6.86 -10.44 2.21
C LEU A 9 -6.00 -10.99 3.35
N ASP A 10 -5.04 -10.21 3.81
CA ASP A 10 -4.19 -10.65 4.91
C ASP A 10 -5.06 -11.12 6.07
N ALA A 11 -6.07 -10.32 6.40
CA ALA A 11 -7.00 -10.63 7.47
C ALA A 11 -8.35 -9.98 7.21
N VAL A 12 -9.43 -10.64 7.63
CA VAL A 12 -10.78 -10.13 7.42
C VAL A 12 -10.99 -8.76 8.09
N PRO A 13 -11.29 -7.72 7.28
CA PRO A 13 -11.52 -6.37 7.78
C PRO A 13 -12.99 -6.11 8.13
N ALA A 14 -13.59 -5.13 7.46
CA ALA A 14 -14.99 -4.77 7.67
C ALA A 14 -15.53 -4.01 6.46
N GLY A 15 -14.74 -3.06 5.95
CA GLY A 15 -15.15 -2.28 4.80
C GLY A 15 -14.04 -2.18 3.76
N THR A 16 -14.26 -1.39 2.72
CA THR A 16 -13.25 -1.22 1.68
C THR A 16 -13.03 0.25 1.36
N ILE A 17 -11.91 0.52 0.72
CA ILE A 17 -11.53 1.87 0.35
C ILE A 17 -11.74 2.12 -1.12
N LYS A 18 -12.27 3.28 -1.45
CA LYS A 18 -12.51 3.62 -2.83
C LYS A 18 -11.19 3.94 -3.51
N VAL A 19 -10.66 3.01 -4.29
CA VAL A 19 -9.41 3.27 -4.99
C VAL A 19 -9.68 3.40 -6.48
N ILE A 20 -9.53 4.62 -6.98
CA ILE A 20 -9.74 4.90 -8.39
C ILE A 20 -8.40 4.98 -9.09
N TYR A 21 -8.23 4.18 -10.12
CA TYR A 21 -6.98 4.13 -10.86
C TYR A 21 -6.83 5.32 -11.80
N GLY A 22 -7.95 5.81 -12.32
CA GLY A 22 -7.91 6.96 -13.23
C GLY A 22 -8.85 8.07 -12.79
N ASP A 23 -10.14 7.74 -12.76
CA ASP A 23 -11.20 8.65 -12.36
C ASP A 23 -12.50 7.87 -12.30
N ASP A 24 -12.86 7.27 -13.42
CA ASP A 24 -14.05 6.44 -13.49
C ASP A 24 -13.70 5.03 -13.01
N LEU A 25 -12.57 4.52 -13.49
CA LEU A 25 -12.08 3.21 -13.13
C LEU A 25 -11.62 3.13 -11.68
N GLU A 26 -12.10 2.10 -11.00
CA GLU A 26 -11.77 1.81 -9.61
C GLU A 26 -11.48 0.33 -9.42
N VAL A 27 -10.58 0.00 -8.50
CA VAL A 27 -10.24 -1.40 -8.25
C VAL A 27 -11.24 -2.07 -7.30
N LYS A 28 -12.09 -2.94 -7.85
CA LYS A 28 -13.09 -3.65 -7.06
C LYS A 28 -12.46 -4.77 -6.23
N GLN A 29 -12.10 -4.41 -5.01
CA GLN A 29 -11.52 -5.33 -4.03
C GLN A 29 -10.80 -6.54 -4.65
N GLY A 30 -9.69 -6.29 -5.35
CA GLY A 30 -8.90 -7.39 -5.91
C GLY A 30 -9.11 -7.63 -7.40
N ASN A 31 -10.01 -6.88 -8.02
CA ASN A 31 -10.29 -7.04 -9.44
C ASN A 31 -9.05 -6.81 -10.31
N GLU A 32 -9.18 -7.19 -11.57
CA GLU A 32 -8.14 -7.05 -12.58
C GLU A 32 -8.43 -5.85 -13.47
N LEU A 33 -7.39 -5.11 -13.86
CA LEU A 33 -7.58 -3.94 -14.74
C LEU A 33 -7.04 -4.23 -16.13
N THR A 34 -7.84 -3.95 -17.15
CA THR A 34 -7.47 -4.17 -18.54
C THR A 34 -8.14 -3.13 -19.45
N PRO A 35 -7.66 -2.98 -20.70
CA PRO A 35 -6.55 -3.76 -21.26
C PRO A 35 -5.19 -3.35 -20.69
N THR A 36 -4.99 -2.04 -20.54
CA THR A 36 -3.74 -1.51 -20.02
C THR A 36 -3.98 -0.19 -19.28
N GLN A 37 -5.15 -0.06 -18.69
CA GLN A 37 -5.51 1.14 -17.94
C GLN A 37 -4.62 1.26 -16.70
N VAL A 38 -3.77 0.27 -16.50
CA VAL A 38 -2.86 0.27 -15.36
C VAL A 38 -1.81 1.35 -15.55
N LYS A 39 -1.87 2.02 -16.69
CA LYS A 39 -0.94 3.09 -17.02
C LYS A 39 -1.11 4.30 -16.10
N ASP A 40 -1.95 4.19 -15.07
CA ASP A 40 -2.16 5.31 -14.15
C ASP A 40 -2.17 4.85 -12.69
N GLN A 41 -1.72 5.74 -11.81
CA GLN A 41 -1.60 5.46 -10.37
C GLN A 41 -2.96 5.43 -9.66
N PRO A 42 -3.10 4.53 -8.66
CA PRO A 42 -4.34 4.38 -7.87
C PRO A 42 -4.54 5.48 -6.82
N ILE A 43 -5.74 6.06 -6.79
CA ILE A 43 -6.09 7.10 -5.84
C ILE A 43 -7.03 6.52 -4.76
N VAL A 44 -6.56 6.53 -3.53
CA VAL A 44 -7.30 6.00 -2.38
C VAL A 44 -8.21 7.05 -1.73
N SER A 45 -9.42 6.62 -1.33
CA SER A 45 -10.36 7.51 -0.65
C SER A 45 -11.42 6.72 0.11
N TRP A 46 -11.68 7.11 1.36
CA TRP A 46 -12.68 6.45 2.20
C TRP A 46 -13.93 7.30 2.33
N SER A 47 -14.15 8.17 1.36
CA SER A 47 -15.29 9.06 1.35
C SER A 47 -16.58 8.33 1.77
N GLY A 48 -17.17 8.77 2.87
CA GLY A 48 -18.38 8.16 3.36
C GLY A 48 -18.13 7.28 4.58
N LEU A 49 -16.96 6.64 4.62
CA LEU A 49 -16.60 5.77 5.74
C LEU A 49 -16.21 6.62 6.95
N GLU A 50 -15.52 7.73 6.69
CA GLU A 50 -15.08 8.60 7.77
C GLU A 50 -16.25 8.92 8.69
N GLY A 51 -15.96 9.21 9.95
CA GLY A 51 -17.01 9.53 10.91
C GLY A 51 -16.48 10.26 12.12
N LYS A 52 -15.76 9.54 12.97
CA LYS A 52 -15.19 10.15 14.16
C LYS A 52 -13.90 9.43 14.53
N SER A 53 -12.78 10.11 14.33
CA SER A 53 -11.48 9.53 14.62
C SER A 53 -10.43 10.61 14.81
N ASN A 54 -9.51 10.40 15.74
CA ASN A 54 -8.43 11.37 15.97
C ASN A 54 -7.43 11.27 14.85
N LEU A 55 -7.26 10.07 14.34
CA LEU A 55 -6.32 9.82 13.27
C LEU A 55 -6.70 8.55 12.50
N LEU A 56 -5.92 8.23 11.48
CA LEU A 56 -6.15 7.05 10.66
C LEU A 56 -4.80 6.46 10.29
N THR A 57 -4.80 5.21 9.81
CA THR A 57 -3.56 4.54 9.45
C THR A 57 -3.72 3.79 8.13
N LEU A 58 -2.86 4.11 7.17
CA LEU A 58 -2.89 3.50 5.84
C LEU A 58 -1.57 2.83 5.51
N LEU A 59 -1.63 1.56 5.11
CA LEU A 59 -0.42 0.81 4.76
C LEU A 59 -0.70 -0.19 3.66
N MET A 60 0.25 -0.32 2.74
CA MET A 60 0.12 -1.25 1.63
C MET A 60 0.79 -2.57 2.00
N VAL A 61 0.07 -3.68 1.82
CA VAL A 61 0.59 -5.00 2.15
C VAL A 61 1.01 -5.77 0.91
N ASP A 62 2.00 -5.25 0.18
CA ASP A 62 2.51 -5.90 -1.03
C ASP A 62 3.94 -6.41 -0.86
N PRO A 63 4.25 -7.11 0.25
CA PRO A 63 5.60 -7.63 0.52
C PRO A 63 6.01 -8.81 -0.40
N ASP A 64 6.52 -8.50 -1.59
CA ASP A 64 6.98 -9.54 -2.52
C ASP A 64 7.78 -8.91 -3.68
N ALA A 65 9.07 -9.25 -3.72
CA ALA A 65 9.99 -8.72 -4.73
C ALA A 65 11.34 -9.45 -4.68
N PRO A 66 11.96 -9.78 -5.83
CA PRO A 66 11.42 -9.48 -7.17
C PRO A 66 10.14 -10.25 -7.40
N THR A 67 9.95 -11.29 -6.61
CA THR A 67 8.76 -12.13 -6.70
C THR A 67 8.63 -13.00 -5.46
N ARG A 68 7.40 -13.25 -5.05
CA ARG A 68 7.11 -14.06 -3.88
C ARG A 68 7.90 -15.36 -3.94
N GLN A 69 8.16 -15.81 -5.15
CA GLN A 69 8.88 -17.05 -5.41
C GLN A 69 10.38 -16.96 -5.04
N ASP A 70 10.96 -15.77 -5.18
CA ASP A 70 12.38 -15.55 -4.87
C ASP A 70 12.57 -14.16 -4.25
N PRO A 71 11.95 -13.89 -3.10
CA PRO A 71 12.02 -12.58 -2.42
C PRO A 71 13.37 -12.33 -1.75
N LYS A 72 14.46 -12.42 -2.53
CA LYS A 72 15.81 -12.20 -2.01
C LYS A 72 15.91 -10.90 -1.20
N TYR A 73 15.52 -9.78 -1.80
CA TYR A 73 15.59 -8.49 -1.13
C TYR A 73 14.21 -7.89 -0.96
N ARG A 74 13.25 -8.73 -0.61
CA ARG A 74 11.88 -8.30 -0.39
C ARG A 74 11.70 -7.72 1.02
N GLU A 75 10.91 -6.66 1.17
CA GLU A 75 10.20 -6.00 0.08
C GLU A 75 10.99 -4.82 -0.46
N ILE A 76 10.44 -4.17 -1.49
CA ILE A 76 11.08 -3.00 -2.10
C ILE A 76 10.47 -1.72 -1.53
N LEU A 77 9.89 -0.90 -2.40
CA LEU A 77 9.21 0.32 -1.98
C LEU A 77 7.75 0.00 -1.70
N HIS A 78 7.02 0.99 -1.20
CA HIS A 78 5.60 0.78 -0.89
C HIS A 78 4.95 2.09 -0.49
N TRP A 79 3.62 2.12 -0.48
CA TRP A 79 2.91 3.33 -0.10
C TRP A 79 2.45 3.19 1.34
N SER A 80 2.90 4.12 2.18
CA SER A 80 2.61 4.07 3.60
C SER A 80 2.34 5.46 4.19
N VAL A 81 1.20 5.58 4.88
CA VAL A 81 0.83 6.84 5.52
C VAL A 81 0.09 6.54 6.83
N VAL A 82 0.43 7.28 7.87
CA VAL A 82 -0.17 7.06 9.18
C VAL A 82 -0.49 8.39 9.85
N ASN A 83 -1.28 8.34 10.92
CA ASN A 83 -1.66 9.54 11.65
C ASN A 83 -2.48 10.47 10.77
N ILE A 84 -3.27 9.90 9.87
CA ILE A 84 -4.09 10.71 8.98
C ILE A 84 -5.31 11.24 9.72
N PRO A 85 -5.57 12.56 9.69
CA PRO A 85 -6.75 13.12 10.36
C PRO A 85 -8.00 12.39 9.90
N GLY A 86 -8.79 11.91 10.86
CA GLY A 86 -10.00 11.16 10.55
C GLY A 86 -11.08 11.96 9.82
N SER A 87 -10.75 12.54 8.66
CA SER A 87 -11.72 13.32 7.89
C SER A 87 -11.08 13.92 6.61
N ASN A 88 -10.19 13.16 5.96
CA ASN A 88 -9.52 13.65 4.74
C ASN A 88 -9.81 12.75 3.55
N GLU A 89 -10.80 11.88 3.69
CA GLU A 89 -11.19 10.97 2.60
C GLU A 89 -9.99 10.41 1.84
N ASN A 90 -8.83 10.34 2.50
CA ASN A 90 -7.60 9.81 1.90
C ASN A 90 -6.40 10.09 2.80
N PRO A 91 -5.38 9.22 2.72
CA PRO A 91 -4.15 9.34 3.52
C PRO A 91 -3.21 10.42 3.02
N SER A 92 -3.67 11.66 3.06
CA SER A 92 -2.84 12.76 2.58
C SER A 92 -2.23 13.60 3.72
N GLY A 93 -3.05 13.97 4.69
CA GLY A 93 -2.59 14.79 5.81
C GLY A 93 -1.63 14.10 6.79
N GLY A 94 -1.91 12.83 7.09
CA GLY A 94 -1.07 12.12 8.05
C GLY A 94 0.38 11.96 7.62
N HIS A 95 1.21 11.47 8.53
CA HIS A 95 2.63 11.27 8.28
C HIS A 95 2.86 10.22 7.22
N SER A 96 3.54 10.59 6.15
CA SER A 96 3.86 9.65 5.11
C SER A 96 5.09 8.86 5.55
N LEU A 97 4.92 7.59 5.85
CA LEU A 97 6.03 6.78 6.30
C LEU A 97 7.07 6.70 5.18
N ALA A 98 6.59 6.34 4.00
CA ALA A 98 7.42 6.24 2.79
C ALA A 98 6.60 6.71 1.59
N ASP A 99 7.14 7.66 0.85
CA ASP A 99 6.46 8.23 -0.31
C ASP A 99 5.97 7.16 -1.29
N TYR A 100 4.83 7.42 -1.92
CA TYR A 100 4.24 6.52 -2.89
C TYR A 100 5.13 6.40 -4.12
N VAL A 101 5.06 5.24 -4.78
CA VAL A 101 5.85 4.99 -5.97
C VAL A 101 5.22 3.88 -6.79
N GLY A 102 5.77 3.62 -7.97
CA GLY A 102 5.24 2.55 -8.81
C GLY A 102 5.47 1.18 -8.21
N SER A 103 5.00 0.14 -8.88
CA SER A 103 5.16 -1.24 -8.40
C SER A 103 6.63 -1.56 -8.14
N GLY A 104 6.86 -2.58 -7.31
CA GLY A 104 8.22 -2.99 -6.97
C GLY A 104 8.71 -4.15 -7.80
N PRO A 105 8.00 -5.30 -7.77
CA PRO A 105 8.39 -6.51 -8.51
C PRO A 105 8.03 -6.46 -10.00
N PRO A 106 9.04 -6.61 -10.88
CA PRO A 106 8.85 -6.59 -12.34
C PRO A 106 7.93 -7.72 -12.83
N LYS A 107 7.43 -7.56 -14.05
CA LYS A 107 6.53 -8.54 -14.67
C LYS A 107 6.97 -9.99 -14.39
N ASP A 108 8.25 -10.20 -14.10
CA ASP A 108 8.75 -11.54 -13.81
C ASP A 108 7.89 -12.21 -12.73
N THR A 109 7.48 -11.43 -11.72
CA THR A 109 6.64 -11.97 -10.65
C THR A 109 5.24 -12.20 -11.17
N GLY A 110 4.95 -11.61 -12.32
CA GLY A 110 3.66 -11.72 -12.93
C GLY A 110 2.67 -10.73 -12.35
N LEU A 111 1.51 -11.24 -11.97
CA LEU A 111 0.45 -10.43 -11.41
C LEU A 111 0.82 -9.83 -10.04
N HIS A 112 0.67 -8.51 -9.91
CA HIS A 112 0.98 -7.82 -8.66
C HIS A 112 -0.18 -7.89 -7.68
N ARG A 113 -0.12 -8.84 -6.75
CA ARG A 113 -1.16 -8.96 -5.74
C ARG A 113 -0.99 -7.86 -4.69
N TYR A 114 -1.25 -6.62 -5.11
CA TYR A 114 -1.11 -5.46 -4.23
C TYR A 114 -2.33 -5.28 -3.35
N ILE A 115 -2.12 -4.78 -2.12
CA ILE A 115 -3.20 -4.59 -1.18
C ILE A 115 -3.02 -3.35 -0.32
N PHE A 116 -4.14 -2.67 -0.07
CA PHE A 116 -4.18 -1.48 0.77
C PHE A 116 -4.86 -1.83 2.09
N LEU A 117 -4.29 -1.37 3.20
CA LEU A 117 -4.85 -1.62 4.53
C LEU A 117 -5.12 -0.31 5.24
N LEU A 118 -6.32 -0.18 5.82
CA LEU A 118 -6.72 1.04 6.53
C LEU A 118 -7.15 0.71 7.96
N TYR A 119 -6.70 1.53 8.91
CA TYR A 119 -7.03 1.35 10.31
C TYR A 119 -7.26 2.69 10.99
N ARG A 120 -8.32 2.79 11.77
CA ARG A 120 -8.62 4.03 12.48
C ARG A 120 -7.64 4.23 13.61
N GLN A 121 -7.09 5.43 13.73
CA GLN A 121 -6.10 5.71 14.76
C GLN A 121 -6.60 6.74 15.77
N GLU A 122 -6.11 6.59 17.00
CA GLU A 122 -6.48 7.49 18.08
C GLU A 122 -5.24 8.16 18.68
N ASN A 123 -4.15 7.41 18.83
CA ASN A 123 -2.92 7.95 19.41
C ASN A 123 -1.99 8.55 18.35
N LYS A 124 -1.45 9.74 18.63
CA LYS A 124 -0.55 10.41 17.70
C LYS A 124 0.88 9.88 17.86
N ILE A 125 1.33 9.18 16.83
CA ILE A 125 2.68 8.60 16.79
C ILE A 125 3.62 9.38 15.87
N GLU A 126 4.92 9.29 16.13
CA GLU A 126 5.92 9.97 15.32
C GLU A 126 6.22 9.16 14.06
N GLU A 127 6.50 7.87 14.24
CA GLU A 127 6.79 6.94 13.13
C GLU A 127 8.00 7.34 12.28
N THR A 128 9.01 7.89 12.93
CA THR A 128 10.26 8.31 12.28
C THR A 128 10.02 9.22 11.07
N PRO A 129 10.92 10.18 10.82
CA PRO A 129 10.80 11.11 9.71
C PRO A 129 10.41 10.40 8.41
N THR A 130 9.58 11.07 7.62
CA THR A 130 9.11 10.52 6.35
C THR A 130 10.25 10.20 5.41
N ILE A 131 10.11 9.12 4.66
CA ILE A 131 11.15 8.72 3.74
C ILE A 131 10.71 8.89 2.28
N SER A 132 11.58 9.49 1.48
CA SER A 132 11.29 9.73 0.07
C SER A 132 11.29 8.41 -0.71
N ASN A 133 10.38 8.29 -1.67
CA ASN A 133 10.30 7.09 -2.48
C ASN A 133 11.65 6.76 -3.07
N THR A 134 12.39 7.79 -3.48
CA THR A 134 13.72 7.59 -4.06
C THR A 134 14.72 7.08 -3.01
N THR A 135 14.21 6.46 -1.94
CA THR A 135 15.08 5.91 -0.90
C THR A 135 15.96 4.79 -1.47
N ARG A 136 17.26 4.90 -1.25
CA ARG A 136 18.23 3.93 -1.76
C ARG A 136 18.53 2.81 -0.77
N THR A 137 19.30 1.83 -1.24
CA THR A 137 19.70 0.66 -0.45
C THR A 137 19.71 0.98 1.05
N GLY A 138 19.09 0.10 1.84
CA GLY A 138 19.02 0.32 3.27
C GLY A 138 17.62 0.70 3.70
N ARG A 139 16.69 0.66 2.73
CA ARG A 139 15.31 0.99 2.98
C ARG A 139 14.39 0.15 2.10
N LEU A 140 14.77 -1.11 1.88
CA LEU A 140 13.98 -2.03 1.04
C LEU A 140 13.36 -3.15 1.89
N ASN A 141 14.20 -4.06 2.36
CA ASN A 141 13.73 -5.18 3.19
C ASN A 141 12.90 -4.66 4.35
N PHE A 142 11.59 -4.50 4.12
CA PHE A 142 10.72 -3.96 5.16
C PHE A 142 9.28 -4.49 5.06
N ASN A 143 9.08 -5.75 5.42
CA ASN A 143 7.75 -6.35 5.39
C ASN A 143 6.75 -5.47 6.17
N ALA A 144 5.78 -4.90 5.46
CA ALA A 144 4.78 -4.03 6.08
C ALA A 144 4.16 -4.65 7.34
N ARG A 145 4.00 -5.97 7.34
CA ARG A 145 3.40 -6.66 8.50
C ARG A 145 3.99 -6.12 9.81
N ASP A 146 5.25 -5.74 9.77
CA ASP A 146 5.96 -5.24 10.93
C ASP A 146 5.20 -4.09 11.59
N PHE A 147 4.71 -3.15 10.79
CA PHE A 147 3.95 -2.01 11.31
C PHE A 147 2.79 -2.48 12.18
N ALA A 148 2.01 -3.40 11.64
CA ALA A 148 0.87 -3.93 12.37
C ALA A 148 1.31 -4.50 13.71
N ALA A 149 2.42 -5.21 13.69
CA ALA A 149 2.95 -5.82 14.91
C ALA A 149 3.30 -4.75 15.96
N LYS A 150 3.93 -3.66 15.52
CA LYS A 150 4.32 -2.59 16.44
C LYS A 150 3.12 -1.75 16.85
N HIS A 151 2.43 -1.14 15.88
CA HIS A 151 1.29 -0.29 16.17
C HIS A 151 0.01 -1.10 16.42
N GLY A 152 0.13 -2.42 16.43
CA GLY A 152 -1.02 -3.26 16.68
C GLY A 152 -2.13 -3.08 15.66
N LEU A 153 -1.77 -2.70 14.46
CA LEU A 153 -2.73 -2.48 13.38
C LEU A 153 -3.40 -3.78 12.94
N GLY A 154 -3.31 -4.81 13.78
CA GLY A 154 -3.90 -6.09 13.45
C GLY A 154 -5.32 -5.99 12.91
N GLU A 155 -6.24 -5.45 13.71
CA GLU A 155 -7.63 -5.30 13.30
C GLU A 155 -7.78 -4.22 12.24
N PRO A 156 -8.07 -4.58 10.98
CA PRO A 156 -8.25 -3.62 9.90
C PRO A 156 -9.69 -3.14 9.77
N ILE A 157 -9.88 -1.83 9.66
CA ILE A 157 -11.22 -1.27 9.51
C ILE A 157 -11.69 -1.37 8.07
N ALA A 158 -10.76 -1.20 7.13
CA ALA A 158 -11.11 -1.26 5.73
C ALA A 158 -9.90 -1.59 4.86
N ALA A 159 -10.14 -2.26 3.74
CA ALA A 159 -9.08 -2.64 2.85
C ALA A 159 -9.55 -2.66 1.40
N ASN A 160 -8.60 -2.58 0.50
CA ASN A 160 -8.88 -2.59 -0.93
C ASN A 160 -7.61 -3.09 -1.61
N TYR A 161 -7.77 -3.84 -2.68
CA TYR A 161 -6.62 -4.41 -3.35
C TYR A 161 -6.88 -4.58 -4.84
N TYR A 162 -5.85 -5.03 -5.55
CA TYR A 162 -5.97 -5.23 -6.98
C TYR A 162 -4.78 -6.00 -7.51
N GLN A 163 -5.03 -6.76 -8.58
CA GLN A 163 -3.99 -7.57 -9.19
C GLN A 163 -3.62 -7.00 -10.55
N ALA A 164 -2.34 -6.70 -10.76
CA ALA A 164 -1.90 -6.14 -12.04
C ALA A 164 -0.42 -6.40 -12.31
N GLN A 165 -0.08 -6.71 -13.55
CA GLN A 165 1.31 -6.95 -13.91
C GLN A 165 1.90 -5.69 -14.54
N TYR A 166 3.21 -5.47 -14.38
CA TYR A 166 3.85 -4.28 -14.92
C TYR A 166 5.27 -4.58 -15.38
N ASP A 167 5.62 -4.04 -16.55
CA ASP A 167 6.93 -4.25 -17.15
C ASP A 167 8.05 -3.52 -16.41
N ASP A 168 9.09 -3.16 -17.17
CA ASP A 168 10.25 -2.46 -16.63
C ASP A 168 10.02 -0.95 -16.57
N TYR A 169 9.11 -0.45 -17.40
CA TYR A 169 8.84 0.99 -17.43
C TYR A 169 8.80 1.59 -16.02
N VAL A 170 7.97 1.05 -15.15
CA VAL A 170 7.89 1.58 -13.79
C VAL A 170 9.22 1.34 -13.05
N PRO A 171 9.67 0.06 -12.95
CA PRO A 171 10.94 -0.25 -12.29
C PRO A 171 12.06 0.71 -12.71
N ILE A 172 12.00 1.19 -13.96
CA ILE A 172 13.02 2.11 -14.46
C ILE A 172 13.19 3.28 -13.51
N ARG A 173 12.09 3.74 -12.93
CA ARG A 173 12.15 4.84 -11.97
C ARG A 173 13.16 4.53 -10.87
N ASN A 174 13.27 3.25 -10.52
CA ASN A 174 14.21 2.83 -9.50
C ASN A 174 15.63 3.23 -9.86
N LYS A 175 15.94 3.25 -11.15
CA LYS A 175 17.27 3.64 -11.59
C LYS A 175 17.54 5.07 -11.15
N THR A 176 16.47 5.77 -10.74
CA THR A 176 16.57 7.15 -10.28
C THR A 176 16.61 7.22 -8.75
N ILE A 177 16.74 6.07 -8.10
CA ILE A 177 16.82 6.01 -6.64
C ILE A 177 18.15 6.59 -6.16
N VAL A 178 18.09 7.68 -5.40
CA VAL A 178 19.30 8.34 -4.92
C VAL A 178 19.61 8.07 -3.45
N GLY A 179 18.59 7.81 -2.65
CA GLY A 179 18.79 7.60 -1.23
C GLY A 179 19.51 8.77 -0.57
N MET A 1 -2.78 -14.72 13.35
CA MET A 1 -3.13 -13.52 12.55
C MET A 1 -3.63 -13.90 11.16
N ASP A 2 -2.83 -14.67 10.43
CA ASP A 2 -3.19 -15.09 9.07
C ASP A 2 -4.54 -15.81 9.07
N ASP A 3 -5.53 -15.17 8.46
CA ASP A 3 -6.89 -15.71 8.38
C ASP A 3 -7.26 -16.17 6.96
N ILE A 4 -7.18 -15.25 6.00
CA ILE A 4 -7.51 -15.57 4.61
C ILE A 4 -6.39 -15.15 3.66
N VAL A 5 -5.23 -15.80 3.80
CA VAL A 5 -4.08 -15.48 2.97
C VAL A 5 -3.32 -16.76 2.57
N PRO A 6 -2.74 -16.82 1.35
CA PRO A 6 -2.80 -15.74 0.35
C PRO A 6 -4.16 -15.66 -0.35
N ASP A 7 -5.16 -16.19 0.34
CA ASP A 7 -6.53 -16.18 -0.16
C ASP A 7 -6.94 -14.79 -0.63
N VAL A 8 -6.78 -13.80 0.26
CA VAL A 8 -7.15 -12.42 -0.04
C VAL A 8 -6.57 -11.42 0.97
N LEU A 9 -6.59 -11.76 2.26
CA LEU A 9 -6.08 -10.84 3.28
C LEU A 9 -5.67 -11.56 4.57
N ASP A 10 -4.72 -10.98 5.28
CA ASP A 10 -4.23 -11.56 6.53
C ASP A 10 -5.35 -11.68 7.55
N ALA A 11 -6.26 -10.72 7.56
CA ALA A 11 -7.38 -10.72 8.51
C ALA A 11 -8.57 -9.92 7.97
N VAL A 12 -9.77 -10.48 8.12
CA VAL A 12 -10.99 -9.84 7.64
C VAL A 12 -11.20 -8.47 8.29
N PRO A 13 -11.35 -7.41 7.48
CA PRO A 13 -11.55 -6.05 7.98
C PRO A 13 -13.03 -5.74 8.25
N ALA A 14 -13.57 -4.77 7.52
CA ALA A 14 -14.97 -4.35 7.66
C ALA A 14 -15.34 -3.43 6.52
N GLY A 15 -14.47 -2.46 6.23
CA GLY A 15 -14.71 -1.53 5.14
C GLY A 15 -13.70 -1.73 4.02
N THR A 16 -13.52 -0.71 3.19
CA THR A 16 -12.57 -0.81 2.09
C THR A 16 -11.94 0.54 1.78
N ILE A 17 -10.91 0.48 0.98
CA ILE A 17 -10.19 1.65 0.54
C ILE A 17 -10.54 1.93 -0.90
N LYS A 18 -10.45 3.17 -1.29
CA LYS A 18 -10.80 3.57 -2.63
C LYS A 18 -9.56 3.92 -3.42
N VAL A 19 -9.11 3.03 -4.29
CA VAL A 19 -7.95 3.30 -5.11
C VAL A 19 -8.40 3.58 -6.54
N ILE A 20 -8.29 4.83 -6.94
CA ILE A 20 -8.70 5.23 -8.28
C ILE A 20 -7.51 5.30 -9.21
N TYR A 21 -7.71 4.80 -10.40
CA TYR A 21 -6.66 4.75 -11.40
C TYR A 21 -6.71 5.94 -12.37
N GLY A 22 -7.31 5.76 -13.55
CA GLY A 22 -7.38 6.84 -14.52
C GLY A 22 -8.24 8.02 -14.07
N ASP A 23 -9.40 7.70 -13.52
CA ASP A 23 -10.35 8.72 -13.05
C ASP A 23 -11.63 8.05 -12.61
N ASP A 24 -12.30 7.40 -13.57
CA ASP A 24 -13.53 6.68 -13.29
C ASP A 24 -13.19 5.29 -12.78
N LEU A 25 -12.22 4.67 -13.43
CA LEU A 25 -11.79 3.33 -13.08
C LEU A 25 -11.07 3.35 -11.73
N GLU A 26 -11.37 2.35 -10.93
CA GLU A 26 -10.81 2.21 -9.61
C GLU A 26 -10.74 0.73 -9.27
N VAL A 27 -9.79 0.36 -8.44
CA VAL A 27 -9.62 -1.05 -8.08
C VAL A 27 -10.71 -1.56 -7.13
N LYS A 28 -11.45 -2.58 -7.61
CA LYS A 28 -12.54 -3.19 -6.83
C LYS A 28 -12.14 -4.56 -6.24
N GLN A 29 -12.02 -4.62 -4.92
CA GLN A 29 -11.71 -5.87 -4.19
C GLN A 29 -10.88 -6.88 -5.00
N GLY A 30 -9.61 -6.55 -5.27
CA GLY A 30 -8.72 -7.46 -5.99
C GLY A 30 -8.99 -7.51 -7.47
N ASN A 31 -9.89 -6.66 -7.88
CA ASN A 31 -10.29 -6.56 -9.28
C ASN A 31 -9.08 -6.50 -10.21
N GLU A 32 -9.26 -7.08 -11.38
CA GLU A 32 -8.24 -7.12 -12.41
C GLU A 32 -8.52 -6.06 -13.47
N LEU A 33 -7.50 -5.28 -13.83
CA LEU A 33 -7.67 -4.26 -14.85
C LEU A 33 -7.22 -4.74 -16.21
N THR A 34 -8.12 -4.66 -17.19
CA THR A 34 -7.84 -5.08 -18.55
C THR A 34 -8.67 -4.23 -19.53
N PRO A 35 -8.13 -3.92 -20.71
CA PRO A 35 -6.78 -4.35 -21.14
C PRO A 35 -5.68 -3.42 -20.62
N THR A 36 -5.01 -2.72 -21.54
CA THR A 36 -3.91 -1.83 -21.18
C THR A 36 -4.38 -0.62 -20.37
N GLN A 37 -4.95 -0.85 -19.19
CA GLN A 37 -5.42 0.25 -18.34
C GLN A 37 -4.70 0.25 -17.00
N VAL A 38 -3.84 -0.74 -16.77
CA VAL A 38 -3.07 -0.82 -15.52
C VAL A 38 -1.89 0.16 -15.55
N LYS A 39 -2.06 1.29 -16.22
CA LYS A 39 -1.00 2.29 -16.35
C LYS A 39 -1.22 3.53 -15.49
N ASP A 40 -2.47 3.80 -15.12
CA ASP A 40 -2.78 4.99 -14.33
C ASP A 40 -2.28 4.88 -12.89
N GLN A 41 -1.74 5.98 -12.38
CA GLN A 41 -1.23 6.02 -11.00
C GLN A 41 -2.37 5.77 -10.01
N PRO A 42 -2.16 4.85 -9.05
CA PRO A 42 -3.19 4.52 -8.07
C PRO A 42 -3.44 5.67 -7.09
N ILE A 43 -4.70 6.06 -6.97
CA ILE A 43 -5.09 7.15 -6.06
C ILE A 43 -5.84 6.60 -4.85
N VAL A 44 -5.21 6.63 -3.69
CA VAL A 44 -5.81 6.13 -2.45
C VAL A 44 -6.76 7.15 -1.82
N SER A 45 -7.89 6.67 -1.31
CA SER A 45 -8.87 7.55 -0.66
C SER A 45 -9.88 6.72 0.14
N TRP A 46 -10.61 7.39 1.02
CA TRP A 46 -11.60 6.74 1.88
C TRP A 46 -12.82 7.65 2.03
N SER A 47 -13.18 8.34 0.96
CA SER A 47 -14.32 9.25 0.98
C SER A 47 -15.57 8.56 1.54
N GLY A 48 -16.01 9.00 2.71
CA GLY A 48 -17.20 8.44 3.33
C GLY A 48 -16.89 7.26 4.22
N LEU A 49 -15.68 6.71 4.11
CA LEU A 49 -15.28 5.57 4.92
C LEU A 49 -14.89 6.00 6.32
N GLU A 50 -14.42 7.24 6.45
CA GLU A 50 -14.00 7.77 7.75
C GLU A 50 -15.21 8.06 8.65
N GLY A 51 -15.82 9.23 8.46
CA GLY A 51 -16.98 9.60 9.25
C GLY A 51 -16.59 10.09 10.63
N LYS A 52 -15.81 9.29 11.34
CA LYS A 52 -15.34 9.66 12.67
C LYS A 52 -13.97 9.05 12.93
N SER A 53 -12.95 9.90 12.96
CA SER A 53 -11.60 9.44 13.20
C SER A 53 -10.71 10.57 13.73
N ASN A 54 -9.83 10.24 14.66
CA ASN A 54 -8.90 11.21 15.24
C ASN A 54 -7.65 11.27 14.37
N LEU A 55 -7.24 10.10 13.92
CA LEU A 55 -6.08 9.94 13.07
C LEU A 55 -6.33 8.72 12.20
N LEU A 56 -5.65 8.62 11.07
CA LEU A 56 -5.86 7.48 10.19
C LEU A 56 -4.53 6.83 9.81
N THR A 57 -4.57 5.51 9.68
CA THR A 57 -3.38 4.73 9.36
C THR A 57 -3.55 4.05 8.00
N LEU A 58 -2.53 4.17 7.14
CA LEU A 58 -2.56 3.56 5.82
C LEU A 58 -1.25 2.83 5.54
N LEU A 59 -1.35 1.58 5.07
CA LEU A 59 -0.16 0.79 4.77
C LEU A 59 -0.41 -0.22 3.66
N MET A 60 0.67 -0.79 3.14
CA MET A 60 0.60 -1.81 2.09
C MET A 60 0.62 -3.20 2.72
N VAL A 61 -0.09 -4.15 2.12
CA VAL A 61 -0.13 -5.52 2.66
C VAL A 61 0.14 -6.54 1.55
N ASP A 62 1.21 -6.31 0.81
CA ASP A 62 1.59 -7.17 -0.30
C ASP A 62 3.08 -7.51 -0.26
N PRO A 63 3.58 -8.05 0.86
CA PRO A 63 5.01 -8.40 0.97
C PRO A 63 5.44 -9.41 -0.09
N ASP A 64 5.74 -8.88 -1.28
CA ASP A 64 6.17 -9.69 -2.42
C ASP A 64 7.11 -8.88 -3.31
N ALA A 65 8.39 -9.23 -3.30
CA ALA A 65 9.39 -8.55 -4.11
C ALA A 65 10.69 -9.35 -4.14
N PRO A 66 11.35 -9.46 -5.30
CA PRO A 66 10.90 -8.87 -6.57
C PRO A 66 9.78 -9.69 -7.21
N THR A 67 9.74 -10.96 -6.86
CA THR A 67 8.76 -11.87 -7.41
C THR A 67 8.35 -12.92 -6.37
N ARG A 68 7.06 -13.24 -6.37
CA ARG A 68 6.51 -14.21 -5.43
C ARG A 68 7.28 -15.53 -5.46
N GLN A 69 7.87 -15.86 -6.60
CA GLN A 69 8.62 -17.11 -6.73
C GLN A 69 10.04 -16.99 -6.15
N ASP A 70 10.61 -15.78 -6.13
CA ASP A 70 11.96 -15.57 -5.57
C ASP A 70 12.07 -14.22 -4.86
N PRO A 71 11.25 -14.00 -3.81
CA PRO A 71 11.26 -12.74 -3.04
C PRO A 71 12.53 -12.56 -2.21
N LYS A 72 13.68 -12.55 -2.88
CA LYS A 72 14.98 -12.41 -2.23
C LYS A 72 15.10 -11.14 -1.38
N TYR A 73 14.71 -9.97 -1.93
CA TYR A 73 14.80 -8.72 -1.16
C TYR A 73 13.44 -8.25 -0.69
N ARG A 74 12.56 -9.18 -0.34
CA ARG A 74 11.24 -8.82 0.17
C ARG A 74 11.40 -8.21 1.57
N GLU A 75 10.78 -7.06 1.86
CA GLU A 75 9.95 -6.31 0.92
C GLU A 75 10.78 -5.25 0.20
N ILE A 76 10.22 -4.64 -0.85
CA ILE A 76 10.91 -3.60 -1.62
C ILE A 76 10.27 -2.23 -1.38
N LEU A 77 10.03 -1.45 -2.44
CA LEU A 77 9.40 -0.15 -2.31
C LEU A 77 7.92 -0.33 -1.98
N HIS A 78 7.33 0.63 -1.29
CA HIS A 78 5.92 0.53 -0.91
C HIS A 78 5.36 1.90 -0.47
N TRP A 79 4.03 2.04 -0.57
CA TRP A 79 3.34 3.27 -0.21
C TRP A 79 2.73 3.15 1.19
N SER A 80 3.20 3.98 2.10
CA SER A 80 2.73 3.93 3.49
C SER A 80 2.56 5.31 4.09
N VAL A 81 1.44 5.53 4.76
CA VAL A 81 1.16 6.80 5.41
C VAL A 81 0.44 6.58 6.74
N VAL A 82 0.76 7.39 7.73
CA VAL A 82 0.17 7.23 9.04
C VAL A 82 -0.15 8.57 9.70
N ASN A 83 -1.05 8.51 10.67
CA ASN A 83 -1.51 9.66 11.43
C ASN A 83 -2.20 10.67 10.53
N ILE A 84 -2.92 10.16 9.52
CA ILE A 84 -3.64 11.04 8.61
C ILE A 84 -4.87 11.61 9.31
N PRO A 85 -5.04 12.94 9.29
CA PRO A 85 -6.20 13.59 9.92
C PRO A 85 -7.52 13.16 9.28
N GLY A 86 -8.46 12.67 10.09
CA GLY A 86 -9.77 12.25 9.59
C GLY A 86 -10.57 13.36 8.93
N SER A 87 -10.04 13.92 7.83
CA SER A 87 -10.70 15.00 7.10
C SER A 87 -9.88 15.41 5.87
N ASN A 88 -9.32 14.42 5.18
CA ASN A 88 -8.50 14.69 3.99
C ASN A 88 -8.84 13.72 2.85
N GLU A 89 -9.73 12.77 3.12
CA GLU A 89 -10.16 11.76 2.14
C GLU A 89 -9.04 10.78 1.78
N ASN A 90 -7.82 11.30 1.70
CA ASN A 90 -6.65 10.49 1.36
C ASN A 90 -5.55 10.67 2.39
N PRO A 91 -4.69 9.65 2.54
CA PRO A 91 -3.59 9.65 3.51
C PRO A 91 -2.45 10.61 3.15
N SER A 92 -2.78 11.84 2.80
CA SER A 92 -1.76 12.81 2.43
C SER A 92 -1.32 13.67 3.62
N GLY A 93 -2.30 14.07 4.43
CA GLY A 93 -2.02 14.92 5.57
C GLY A 93 -1.19 14.26 6.67
N GLY A 94 -1.04 12.94 6.59
CA GLY A 94 -0.28 12.23 7.60
C GLY A 94 1.15 11.93 7.18
N HIS A 95 1.95 11.42 8.13
CA HIS A 95 3.35 11.09 7.86
C HIS A 95 3.48 9.97 6.84
N SER A 96 4.25 10.22 5.80
CA SER A 96 4.49 9.23 4.76
C SER A 96 5.68 8.35 5.13
N LEU A 97 5.40 7.22 5.76
CA LEU A 97 6.45 6.30 6.16
C LEU A 97 7.38 6.03 4.98
N ALA A 98 6.76 5.94 3.81
CA ALA A 98 7.48 5.72 2.56
C ALA A 98 6.63 6.23 1.41
N ASP A 99 7.13 7.25 0.72
CA ASP A 99 6.41 7.87 -0.40
C ASP A 99 5.97 6.83 -1.44
N TYR A 100 4.82 7.08 -2.07
CA TYR A 100 4.29 6.17 -3.09
C TYR A 100 5.16 6.22 -4.35
N VAL A 101 5.56 5.05 -4.82
CA VAL A 101 6.39 4.95 -6.03
C VAL A 101 6.26 3.57 -6.65
N GLY A 102 6.88 3.36 -7.80
CA GLY A 102 6.82 2.06 -8.44
C GLY A 102 7.66 1.04 -7.70
N SER A 103 8.51 0.35 -8.44
CA SER A 103 9.39 -0.67 -7.87
C SER A 103 10.31 -1.18 -8.96
N GLY A 104 10.97 -2.30 -8.70
CA GLY A 104 11.86 -2.88 -9.68
C GLY A 104 11.56 -4.34 -9.92
N PRO A 105 10.30 -4.68 -10.28
CA PRO A 105 9.91 -6.07 -10.50
C PRO A 105 10.14 -6.51 -11.94
N PRO A 106 10.96 -7.56 -12.12
CA PRO A 106 11.25 -8.11 -13.44
C PRO A 106 10.08 -8.90 -14.00
N LYS A 107 10.09 -9.14 -15.30
CA LYS A 107 9.03 -9.89 -15.97
C LYS A 107 8.64 -11.15 -15.17
N ASP A 108 9.64 -11.90 -14.70
CA ASP A 108 9.38 -13.12 -13.94
C ASP A 108 8.65 -12.84 -12.62
N THR A 109 8.24 -11.59 -12.40
CA THR A 109 7.52 -11.20 -11.20
C THR A 109 6.08 -11.68 -11.28
N GLY A 110 5.59 -11.84 -12.50
CA GLY A 110 4.23 -12.29 -12.70
C GLY A 110 3.20 -11.28 -12.24
N LEU A 111 1.96 -11.73 -12.11
CA LEU A 111 0.86 -10.87 -11.67
C LEU A 111 0.98 -10.50 -10.20
N HIS A 112 1.25 -9.22 -9.94
CA HIS A 112 1.40 -8.73 -8.58
C HIS A 112 0.06 -8.28 -8.02
N ARG A 113 -0.24 -8.73 -6.81
CA ARG A 113 -1.50 -8.38 -6.14
C ARG A 113 -1.24 -7.33 -5.07
N TYR A 114 -1.34 -6.05 -5.43
CA TYR A 114 -1.09 -4.97 -4.48
C TYR A 114 -2.27 -4.82 -3.51
N ILE A 115 -1.94 -4.64 -2.23
CA ILE A 115 -2.95 -4.51 -1.19
C ILE A 115 -2.71 -3.30 -0.29
N PHE A 116 -3.78 -2.60 0.02
CA PHE A 116 -3.73 -1.43 0.90
C PHE A 116 -4.62 -1.67 2.11
N LEU A 117 -4.11 -1.30 3.28
CA LEU A 117 -4.86 -1.45 4.52
C LEU A 117 -5.08 -0.08 5.15
N LEU A 118 -6.19 0.05 5.87
CA LEU A 118 -6.54 1.29 6.53
C LEU A 118 -7.00 1.00 7.96
N TYR A 119 -6.51 1.79 8.91
CA TYR A 119 -6.88 1.61 10.32
C TYR A 119 -7.08 2.96 11.02
N ARG A 120 -8.14 3.04 11.82
CA ARG A 120 -8.47 4.24 12.56
C ARG A 120 -7.48 4.40 13.73
N GLN A 121 -6.82 5.55 13.79
CA GLN A 121 -5.85 5.82 14.85
C GLN A 121 -6.32 6.89 15.81
N GLU A 122 -5.94 6.71 17.08
CA GLU A 122 -6.28 7.63 18.14
C GLU A 122 -5.00 8.22 18.75
N ASN A 123 -3.99 7.38 18.91
CA ASN A 123 -2.71 7.81 19.47
C ASN A 123 -1.82 8.42 18.40
N LYS A 124 -1.27 9.60 18.69
CA LYS A 124 -0.39 10.28 17.76
C LYS A 124 1.01 9.68 17.82
N ILE A 125 1.56 9.40 16.64
CA ILE A 125 2.89 8.78 16.52
C ILE A 125 3.83 9.61 15.61
N GLU A 126 5.14 9.46 15.85
CA GLU A 126 6.19 10.17 15.10
C GLU A 126 6.65 9.37 13.87
N GLU A 127 6.66 8.05 14.02
CA GLU A 127 7.06 7.11 12.96
C GLU A 127 8.22 7.60 12.08
N THR A 128 9.18 8.31 12.66
CA THR A 128 10.35 8.82 11.93
C THR A 128 9.94 9.75 10.78
N PRO A 129 10.88 10.58 10.30
CA PRO A 129 10.62 11.53 9.20
C PRO A 129 10.06 10.86 7.96
N THR A 130 9.30 11.63 7.20
CA THR A 130 8.70 11.16 5.96
C THR A 130 9.78 10.70 4.98
N ILE A 131 9.65 9.47 4.48
CA ILE A 131 10.63 8.95 3.53
C ILE A 131 10.23 9.22 2.09
N SER A 132 11.15 9.86 1.37
CA SER A 132 10.95 10.22 -0.02
C SER A 132 10.94 9.00 -0.94
N ASN A 133 10.16 9.09 -2.01
CA ASN A 133 10.05 8.00 -2.97
C ASN A 133 11.43 7.52 -3.43
N THR A 134 12.32 8.46 -3.71
CA THR A 134 13.68 8.14 -4.17
C THR A 134 14.52 7.47 -3.08
N THR A 135 13.88 6.89 -2.08
CA THR A 135 14.61 6.24 -1.00
C THR A 135 15.39 5.04 -1.52
N ARG A 136 16.70 5.07 -1.31
CA ARG A 136 17.60 4.01 -1.76
C ARG A 136 17.62 2.84 -0.78
N THR A 137 18.06 1.69 -1.28
CA THR A 137 18.16 0.47 -0.49
C THR A 137 18.67 0.77 0.92
N GLY A 138 18.40 -0.14 1.85
CA GLY A 138 18.79 0.05 3.23
C GLY A 138 17.59 0.13 4.17
N ARG A 139 16.39 -0.06 3.62
CA ARG A 139 15.16 -0.05 4.42
C ARG A 139 13.98 -0.58 3.61
N LEU A 140 14.18 -1.73 2.96
CA LEU A 140 13.12 -2.35 2.16
C LEU A 140 12.70 -3.68 2.77
N ASN A 141 13.68 -4.57 2.94
CA ASN A 141 13.45 -5.90 3.52
C ASN A 141 12.97 -5.81 4.98
N PHE A 142 11.77 -5.28 5.17
CA PHE A 142 11.19 -5.14 6.50
C PHE A 142 9.71 -5.51 6.44
N ASN A 143 9.31 -6.50 7.24
CA ASN A 143 7.92 -6.94 7.24
C ASN A 143 6.98 -5.84 7.74
N ALA A 144 6.02 -5.49 6.89
CA ALA A 144 5.04 -4.45 7.21
C ALA A 144 4.09 -4.92 8.32
N ARG A 145 3.60 -6.15 8.21
CA ARG A 145 2.68 -6.68 9.20
C ARG A 145 3.24 -6.48 10.62
N ASP A 146 4.56 -6.58 10.74
CA ASP A 146 5.23 -6.36 12.02
C ASP A 146 5.04 -4.91 12.45
N PHE A 147 5.21 -4.01 11.50
CA PHE A 147 5.04 -2.58 11.75
C PHE A 147 3.59 -2.30 12.16
N ALA A 148 2.67 -3.01 11.52
CA ALA A 148 1.26 -2.87 11.80
C ALA A 148 0.94 -3.35 13.21
N ALA A 149 1.48 -4.51 13.57
CA ALA A 149 1.26 -5.08 14.89
C ALA A 149 1.60 -4.06 15.97
N LYS A 150 2.82 -3.54 15.92
CA LYS A 150 3.26 -2.55 16.89
C LYS A 150 2.37 -1.31 16.84
N HIS A 151 2.14 -0.79 15.63
CA HIS A 151 1.29 0.39 15.46
C HIS A 151 -0.17 0.10 15.82
N GLY A 152 -0.43 -1.12 16.29
CA GLY A 152 -1.78 -1.49 16.66
C GLY A 152 -2.68 -1.68 15.46
N LEU A 153 -2.08 -1.65 14.28
CA LEU A 153 -2.81 -1.82 13.03
C LEU A 153 -3.25 -3.26 12.84
N GLY A 154 -3.23 -4.04 13.92
CA GLY A 154 -3.62 -5.43 13.83
C GLY A 154 -4.92 -5.61 13.05
N GLU A 155 -6.02 -5.17 13.63
CA GLU A 155 -7.32 -5.27 12.98
C GLU A 155 -7.50 -4.15 11.95
N PRO A 156 -7.70 -4.48 10.68
CA PRO A 156 -7.89 -3.47 9.64
C PRO A 156 -9.35 -3.01 9.55
N ILE A 157 -9.58 -1.71 9.65
CA ILE A 157 -10.94 -1.19 9.55
C ILE A 157 -11.40 -1.20 8.10
N ALA A 158 -10.47 -0.95 7.20
CA ALA A 158 -10.77 -0.93 5.77
C ALA A 158 -9.57 -1.44 4.96
N ALA A 159 -9.86 -2.14 3.87
CA ALA A 159 -8.82 -2.69 3.04
C ALA A 159 -9.26 -2.75 1.58
N ASN A 160 -8.31 -2.62 0.68
CA ASN A 160 -8.58 -2.67 -0.75
C ASN A 160 -7.35 -3.21 -1.43
N TYR A 161 -7.54 -3.90 -2.53
CA TYR A 161 -6.43 -4.50 -3.23
C TYR A 161 -6.73 -4.65 -4.72
N TYR A 162 -5.68 -4.89 -5.49
CA TYR A 162 -5.81 -5.03 -6.93
C TYR A 162 -4.69 -5.89 -7.50
N GLN A 163 -4.97 -6.54 -8.62
CA GLN A 163 -3.96 -7.38 -9.27
C GLN A 163 -3.51 -6.73 -10.56
N ALA A 164 -2.20 -6.65 -10.77
CA ALA A 164 -1.67 -6.03 -11.97
C ALA A 164 -0.28 -6.55 -12.31
N GLN A 165 -0.06 -6.78 -13.60
CA GLN A 165 1.23 -7.26 -14.08
C GLN A 165 1.82 -6.22 -15.04
N TYR A 166 3.13 -6.08 -15.02
CA TYR A 166 3.80 -5.12 -15.89
C TYR A 166 5.12 -5.71 -16.38
N ASP A 167 5.48 -5.34 -17.61
CA ASP A 167 6.71 -5.82 -18.24
C ASP A 167 7.95 -5.52 -17.40
N ASP A 168 8.68 -4.47 -17.73
CA ASP A 168 9.90 -4.10 -17.02
C ASP A 168 10.06 -2.57 -17.04
N TYR A 169 8.96 -1.87 -17.25
CA TYR A 169 8.95 -0.40 -17.29
C TYR A 169 9.04 0.19 -15.88
N VAL A 170 8.21 -0.32 -14.98
CA VAL A 170 8.17 0.17 -13.60
C VAL A 170 9.57 0.40 -13.02
N PRO A 171 10.48 -0.58 -13.12
CA PRO A 171 11.85 -0.44 -12.62
C PRO A 171 12.58 0.74 -13.23
N ILE A 172 12.34 0.98 -14.52
CA ILE A 172 12.98 2.08 -15.23
C ILE A 172 12.86 3.38 -14.45
N ARG A 173 11.68 3.60 -13.85
CA ARG A 173 11.44 4.81 -13.09
C ARG A 173 12.23 4.82 -11.79
N ASN A 174 12.49 3.63 -11.24
CA ASN A 174 13.26 3.52 -10.01
C ASN A 174 14.61 4.19 -10.14
N LYS A 175 15.00 4.49 -11.38
CA LYS A 175 16.27 5.17 -11.63
C LYS A 175 16.32 6.46 -10.82
N THR A 176 15.14 6.94 -10.42
CA THR A 176 15.03 8.16 -9.64
C THR A 176 15.61 7.97 -8.23
N ILE A 177 15.56 6.72 -7.77
CA ILE A 177 16.07 6.35 -6.44
C ILE A 177 17.53 6.77 -6.25
N VAL A 178 17.81 7.44 -5.13
CA VAL A 178 19.18 7.90 -4.84
C VAL A 178 19.52 7.88 -3.34
N GLY A 179 18.50 7.76 -2.49
CA GLY A 179 18.74 7.75 -1.05
C GLY A 179 19.40 9.03 -0.56
N MET A 1 -2.23 -14.50 12.56
CA MET A 1 -2.37 -13.19 11.87
C MET A 1 -2.87 -13.42 10.45
N ASP A 2 -2.12 -14.21 9.70
CA ASP A 2 -2.47 -14.55 8.32
C ASP A 2 -3.73 -15.42 8.32
N ASP A 3 -4.87 -14.79 8.62
CA ASP A 3 -6.15 -15.50 8.72
C ASP A 3 -6.77 -15.87 7.35
N ILE A 4 -7.27 -14.87 6.62
CA ILE A 4 -7.90 -15.14 5.31
C ILE A 4 -6.95 -14.92 4.14
N VAL A 5 -5.75 -15.47 4.27
CA VAL A 5 -4.73 -15.36 3.23
C VAL A 5 -4.18 -16.75 2.89
N PRO A 6 -3.88 -17.02 1.59
CA PRO A 6 -4.04 -16.06 0.50
C PRO A 6 -5.45 -16.08 -0.10
N ASP A 7 -6.44 -16.29 0.75
CA ASP A 7 -7.84 -16.34 0.30
C ASP A 7 -8.27 -14.99 -0.26
N VAL A 8 -7.99 -13.91 0.48
CA VAL A 8 -8.38 -12.57 0.05
C VAL A 8 -7.58 -11.47 0.76
N LEU A 9 -7.30 -11.67 2.05
CA LEU A 9 -6.57 -10.67 2.83
C LEU A 9 -5.89 -11.31 4.03
N ASP A 10 -4.95 -10.60 4.64
CA ASP A 10 -4.24 -11.11 5.80
C ASP A 10 -5.21 -11.27 6.97
N ALA A 11 -6.08 -10.28 7.13
CA ALA A 11 -7.06 -10.28 8.21
C ALA A 11 -8.44 -9.86 7.70
N VAL A 12 -9.39 -9.73 8.62
CA VAL A 12 -10.75 -9.34 8.27
C VAL A 12 -11.08 -7.92 8.76
N PRO A 13 -11.26 -6.99 7.82
CA PRO A 13 -11.57 -5.59 8.14
C PRO A 13 -13.07 -5.38 8.37
N ALA A 14 -13.62 -4.32 7.78
CA ALA A 14 -15.04 -4.00 7.90
C ALA A 14 -15.56 -3.28 6.67
N GLY A 15 -14.74 -2.37 6.12
CA GLY A 15 -15.15 -1.62 4.94
C GLY A 15 -14.02 -1.49 3.92
N THR A 16 -14.37 -1.08 2.70
CA THR A 16 -13.37 -0.91 1.64
C THR A 16 -13.01 0.55 1.45
N ILE A 17 -11.85 0.78 0.85
CA ILE A 17 -11.38 2.12 0.56
C ILE A 17 -11.55 2.37 -0.92
N LYS A 18 -12.13 3.50 -1.25
CA LYS A 18 -12.34 3.84 -2.64
C LYS A 18 -11.03 4.25 -3.29
N VAL A 19 -10.46 3.35 -4.08
CA VAL A 19 -9.23 3.64 -4.75
C VAL A 19 -9.41 3.60 -6.27
N ILE A 20 -9.33 4.77 -6.89
CA ILE A 20 -9.48 4.89 -8.34
C ILE A 20 -8.12 4.98 -9.01
N TYR A 21 -7.93 4.18 -10.04
CA TYR A 21 -6.65 4.16 -10.73
C TYR A 21 -6.46 5.42 -11.58
N GLY A 22 -7.45 5.75 -12.41
CA GLY A 22 -7.34 6.94 -13.25
C GLY A 22 -8.51 7.88 -13.09
N ASP A 23 -9.70 7.41 -13.41
CA ASP A 23 -10.90 8.23 -13.34
C ASP A 23 -12.13 7.35 -13.09
N ASP A 24 -12.37 6.44 -14.03
CA ASP A 24 -13.51 5.53 -13.94
C ASP A 24 -13.10 4.19 -13.37
N LEU A 25 -11.91 3.71 -13.75
CA LEU A 25 -11.43 2.42 -13.26
C LEU A 25 -11.08 2.51 -11.77
N GLU A 26 -11.51 1.49 -11.04
CA GLU A 26 -11.29 1.44 -9.60
C GLU A 26 -10.95 0.04 -9.14
N VAL A 27 -9.96 -0.04 -8.25
CA VAL A 27 -9.51 -1.32 -7.70
C VAL A 27 -10.48 -1.82 -6.63
N LYS A 28 -10.76 -3.12 -6.64
CA LYS A 28 -11.71 -3.67 -5.68
C LYS A 28 -11.49 -5.16 -5.38
N GLN A 29 -11.29 -5.42 -4.09
CA GLN A 29 -11.11 -6.75 -3.54
C GLN A 29 -10.52 -7.81 -4.51
N GLY A 30 -9.26 -7.62 -4.89
CA GLY A 30 -8.59 -8.61 -5.74
C GLY A 30 -8.81 -8.41 -7.22
N ASN A 31 -9.69 -7.49 -7.56
CA ASN A 31 -9.96 -7.19 -8.95
C ASN A 31 -8.67 -6.94 -9.72
N GLU A 32 -8.52 -7.62 -10.86
CA GLU A 32 -7.33 -7.48 -11.70
C GLU A 32 -7.60 -6.44 -12.79
N LEU A 33 -6.60 -5.64 -13.10
CA LEU A 33 -6.74 -4.61 -14.13
C LEU A 33 -6.10 -5.05 -15.44
N THR A 34 -6.87 -4.98 -16.52
CA THR A 34 -6.42 -5.36 -17.85
C THR A 34 -7.14 -4.52 -18.91
N PRO A 35 -6.57 -4.38 -20.13
CA PRO A 35 -5.30 -5.00 -20.51
C PRO A 35 -4.10 -4.27 -19.91
N THR A 36 -4.10 -2.94 -20.05
CA THR A 36 -3.01 -2.13 -19.52
C THR A 36 -3.48 -0.72 -19.15
N GLN A 37 -4.77 -0.60 -18.84
CA GLN A 37 -5.36 0.68 -18.44
C GLN A 37 -4.74 1.19 -17.13
N VAL A 38 -3.80 0.42 -16.61
CA VAL A 38 -3.09 0.74 -15.37
C VAL A 38 -2.08 1.86 -15.57
N LYS A 39 -2.39 2.77 -16.48
CA LYS A 39 -1.49 3.88 -16.77
C LYS A 39 -1.56 4.95 -15.67
N ASP A 40 -2.74 5.09 -15.08
CA ASP A 40 -2.96 6.09 -14.03
C ASP A 40 -2.59 5.58 -12.65
N GLN A 41 -2.03 6.47 -11.82
CA GLN A 41 -1.62 6.16 -10.45
C GLN A 41 -2.84 5.89 -9.57
N PRO A 42 -2.78 4.88 -8.68
CA PRO A 42 -3.90 4.58 -7.78
C PRO A 42 -4.19 5.73 -6.82
N ILE A 43 -5.44 6.17 -6.79
CA ILE A 43 -5.86 7.25 -5.91
C ILE A 43 -6.73 6.70 -4.78
N VAL A 44 -6.21 6.76 -3.55
CA VAL A 44 -6.91 6.25 -2.38
C VAL A 44 -7.86 7.29 -1.76
N SER A 45 -9.03 6.84 -1.28
CA SER A 45 -10.00 7.71 -0.65
C SER A 45 -11.05 6.91 0.12
N TRP A 46 -11.35 7.34 1.35
CA TRP A 46 -12.35 6.66 2.17
C TRP A 46 -13.60 7.51 2.30
N SER A 47 -13.88 8.26 1.25
CA SER A 47 -15.05 9.14 1.22
C SER A 47 -16.28 8.42 1.77
N GLY A 48 -17.02 9.12 2.62
CA GLY A 48 -18.20 8.54 3.22
C GLY A 48 -17.91 7.73 4.46
N LEU A 49 -16.72 7.13 4.53
CA LEU A 49 -16.34 6.32 5.69
C LEU A 49 -15.86 7.22 6.82
N GLU A 50 -15.13 8.27 6.47
CA GLU A 50 -14.62 9.21 7.44
C GLU A 50 -15.74 9.69 8.38
N GLY A 51 -15.36 10.27 9.51
CA GLY A 51 -16.33 10.77 10.46
C GLY A 51 -15.68 11.59 11.54
N LYS A 52 -15.05 10.91 12.48
CA LYS A 52 -14.36 11.58 13.57
C LYS A 52 -13.16 10.75 14.01
N SER A 53 -11.96 11.25 13.72
CA SER A 53 -10.74 10.55 14.09
C SER A 53 -9.63 11.56 14.30
N ASN A 54 -8.78 11.31 15.29
CA ASN A 54 -7.66 12.19 15.57
C ASN A 54 -6.58 11.97 14.53
N LEU A 55 -6.43 10.72 14.13
CA LEU A 55 -5.43 10.34 13.15
C LEU A 55 -5.85 9.06 12.43
N LEU A 56 -5.19 8.76 11.32
CA LEU A 56 -5.52 7.57 10.53
C LEU A 56 -4.24 6.85 10.09
N THR A 57 -4.39 5.56 9.81
CA THR A 57 -3.28 4.71 9.37
C THR A 57 -3.56 4.19 7.97
N LEU A 58 -2.66 4.49 7.05
CA LEU A 58 -2.78 4.07 5.66
C LEU A 58 -1.51 3.35 5.24
N LEU A 59 -1.64 2.15 4.68
CA LEU A 59 -0.47 1.39 4.25
C LEU A 59 -0.82 0.43 3.13
N MET A 60 0.16 0.07 2.31
CA MET A 60 -0.06 -0.88 1.23
C MET A 60 1.07 -1.91 1.21
N VAL A 61 0.76 -3.17 0.86
CA VAL A 61 1.77 -4.22 0.87
C VAL A 61 1.52 -5.34 -0.15
N ASP A 62 2.58 -6.12 -0.36
CA ASP A 62 2.61 -7.28 -1.27
C ASP A 62 3.96 -7.98 -1.05
N PRO A 63 4.02 -8.89 -0.06
CA PRO A 63 5.26 -9.58 0.32
C PRO A 63 5.86 -10.50 -0.76
N ASP A 64 6.64 -9.91 -1.67
CA ASP A 64 7.32 -10.67 -2.71
C ASP A 64 8.34 -9.81 -3.48
N ALA A 65 9.60 -10.28 -3.51
CA ALA A 65 10.67 -9.55 -4.22
C ALA A 65 11.95 -10.38 -4.32
N PRO A 66 12.62 -10.38 -5.49
CA PRO A 66 12.18 -9.65 -6.68
C PRO A 66 10.88 -10.22 -7.22
N THR A 67 10.73 -11.52 -7.08
CA THR A 67 9.54 -12.22 -7.51
C THR A 67 9.02 -13.10 -6.39
N ARG A 68 7.74 -13.43 -6.44
CA ARG A 68 7.15 -14.27 -5.43
C ARG A 68 7.87 -15.60 -5.36
N GLN A 69 8.46 -15.98 -6.48
CA GLN A 69 9.22 -17.22 -6.60
C GLN A 69 10.61 -17.09 -5.99
N ASP A 70 11.04 -15.85 -5.75
CA ASP A 70 12.36 -15.59 -5.17
C ASP A 70 12.31 -14.38 -4.22
N PRO A 71 12.16 -14.63 -2.90
CA PRO A 71 12.11 -13.58 -1.88
C PRO A 71 13.51 -13.10 -1.48
N LYS A 72 14.31 -12.77 -2.50
CA LYS A 72 15.69 -12.33 -2.28
C LYS A 72 15.80 -11.09 -1.39
N TYR A 73 15.11 -10.01 -1.74
CA TYR A 73 15.20 -8.77 -0.94
C TYR A 73 13.84 -8.17 -0.65
N ARG A 74 12.80 -9.01 -0.63
CA ARG A 74 11.47 -8.54 -0.32
C ARG A 74 11.46 -7.90 1.08
N GLU A 75 10.83 -6.73 1.24
CA GLU A 75 10.13 -6.01 0.17
C GLU A 75 11.07 -5.02 -0.55
N ILE A 76 10.56 -4.33 -1.56
CA ILE A 76 11.36 -3.35 -2.32
C ILE A 76 11.07 -1.93 -1.80
N LEU A 77 9.81 -1.53 -1.91
CA LEU A 77 9.35 -0.22 -1.44
C LEU A 77 7.83 -0.19 -1.54
N HIS A 78 7.17 0.44 -0.57
CA HIS A 78 5.73 0.50 -0.55
C HIS A 78 5.23 1.88 -0.15
N TRP A 79 3.90 2.05 -0.19
CA TRP A 79 3.26 3.31 0.17
C TRP A 79 2.72 3.20 1.58
N SER A 80 3.30 3.99 2.48
CA SER A 80 2.90 3.97 3.88
C SER A 80 2.67 5.36 4.41
N VAL A 81 1.44 5.67 4.75
CA VAL A 81 1.10 6.97 5.29
C VAL A 81 0.36 6.80 6.60
N VAL A 82 0.97 7.31 7.66
CA VAL A 82 0.41 7.21 8.99
C VAL A 82 0.02 8.57 9.56
N ASN A 83 -0.76 8.53 10.62
CA ASN A 83 -1.25 9.73 11.30
C ASN A 83 -1.90 10.71 10.34
N ILE A 84 -2.73 10.18 9.44
CA ILE A 84 -3.46 11.05 8.52
C ILE A 84 -4.60 11.70 9.30
N PRO A 85 -4.62 13.04 9.42
CA PRO A 85 -5.68 13.73 10.16
C PRO A 85 -7.08 13.31 9.66
N GLY A 86 -7.94 12.86 10.60
CA GLY A 86 -9.29 12.44 10.24
C GLY A 86 -10.16 13.56 9.72
N SER A 87 -9.74 14.17 8.61
CA SER A 87 -10.46 15.27 7.97
C SER A 87 -9.83 15.55 6.61
N ASN A 88 -9.45 14.48 5.92
CA ASN A 88 -8.82 14.60 4.61
C ASN A 88 -9.49 13.71 3.57
N GLU A 89 -10.07 12.59 4.02
CA GLU A 89 -10.75 11.67 3.12
C GLU A 89 -9.73 10.84 2.34
N ASN A 90 -8.46 11.22 2.47
CA ASN A 90 -7.35 10.54 1.81
C ASN A 90 -6.05 10.77 2.57
N PRO A 91 -5.07 9.87 2.43
CA PRO A 91 -3.76 9.95 3.11
C PRO A 91 -2.84 11.02 2.54
N SER A 92 -3.29 12.27 2.58
CA SER A 92 -2.48 13.36 2.02
C SER A 92 -1.54 14.00 3.05
N GLY A 93 -2.10 14.46 4.17
CA GLY A 93 -1.29 15.15 5.18
C GLY A 93 -0.58 14.28 6.20
N GLY A 94 -0.89 12.99 6.26
CA GLY A 94 -0.23 12.13 7.25
C GLY A 94 1.23 11.84 6.94
N HIS A 95 1.95 11.34 7.95
CA HIS A 95 3.38 11.03 7.80
C HIS A 95 3.60 9.88 6.80
N SER A 96 4.37 10.16 5.76
CA SER A 96 4.67 9.16 4.73
C SER A 96 5.89 8.33 5.11
N LEU A 97 5.68 7.22 5.82
CA LEU A 97 6.77 6.34 6.23
C LEU A 97 7.50 5.75 5.02
N ALA A 98 6.83 5.83 3.87
CA ALA A 98 7.38 5.31 2.62
C ALA A 98 6.53 5.80 1.47
N ASP A 99 7.13 6.62 0.61
CA ASP A 99 6.44 7.21 -0.53
C ASP A 99 5.87 6.14 -1.47
N TYR A 100 4.78 6.50 -2.15
CA TYR A 100 4.12 5.58 -3.07
C TYR A 100 4.95 5.32 -4.33
N VAL A 101 4.81 4.10 -4.87
CA VAL A 101 5.52 3.72 -6.07
C VAL A 101 4.57 3.00 -7.03
N GLY A 102 4.60 3.38 -8.30
CA GLY A 102 3.73 2.75 -9.28
C GLY A 102 3.94 1.25 -9.38
N SER A 103 5.18 0.82 -9.15
CA SER A 103 5.53 -0.59 -9.24
C SER A 103 6.87 -0.87 -8.59
N GLY A 104 6.89 -1.84 -7.67
CA GLY A 104 8.11 -2.21 -6.98
C GLY A 104 8.78 -3.43 -7.59
N PRO A 105 8.21 -4.64 -7.37
CA PRO A 105 8.77 -5.89 -7.90
C PRO A 105 8.92 -5.88 -9.42
N PRO A 106 10.08 -6.33 -9.95
CA PRO A 106 10.36 -6.36 -11.39
C PRO A 106 9.36 -7.23 -12.18
N LYS A 107 9.17 -6.85 -13.45
CA LYS A 107 8.27 -7.57 -14.35
C LYS A 107 8.48 -9.08 -14.27
N ASP A 108 9.68 -9.48 -13.90
CA ASP A 108 10.02 -10.89 -13.80
C ASP A 108 8.99 -11.64 -12.97
N THR A 109 8.37 -10.94 -12.01
CA THR A 109 7.33 -11.55 -11.19
C THR A 109 5.96 -11.29 -11.81
N GLY A 110 5.86 -10.19 -12.56
CA GLY A 110 4.63 -9.84 -13.24
C GLY A 110 3.51 -9.38 -12.32
N LEU A 111 2.57 -10.28 -12.03
CA LEU A 111 1.41 -9.96 -11.23
C LEU A 111 1.77 -9.44 -9.83
N HIS A 112 1.22 -8.26 -9.53
CA HIS A 112 1.44 -7.61 -8.24
C HIS A 112 0.13 -7.51 -7.49
N ARG A 113 0.09 -8.06 -6.28
CA ARG A 113 -1.11 -8.01 -5.46
C ARG A 113 -1.04 -6.82 -4.51
N TYR A 114 -1.45 -5.66 -4.96
CA TYR A 114 -1.40 -4.48 -4.11
C TYR A 114 -2.44 -4.58 -3.01
N ILE A 115 -1.98 -4.67 -1.76
CA ILE A 115 -2.89 -4.75 -0.62
C ILE A 115 -2.92 -3.42 0.12
N PHE A 116 -4.12 -2.83 0.23
CA PHE A 116 -4.31 -1.56 0.93
C PHE A 116 -4.91 -1.81 2.31
N LEU A 117 -4.30 -1.25 3.33
CA LEU A 117 -4.77 -1.40 4.70
C LEU A 117 -5.04 -0.02 5.33
N LEU A 118 -6.19 0.10 5.98
CA LEU A 118 -6.59 1.34 6.63
C LEU A 118 -7.00 1.08 8.08
N TYR A 119 -6.47 1.89 8.99
CA TYR A 119 -6.78 1.75 10.41
C TYR A 119 -6.85 3.11 11.10
N ARG A 120 -7.84 3.30 11.96
CA ARG A 120 -7.98 4.56 12.67
C ARG A 120 -6.87 4.73 13.71
N GLN A 121 -6.26 5.91 13.73
CA GLN A 121 -5.18 6.23 14.66
C GLN A 121 -5.66 7.23 15.70
N GLU A 122 -5.81 6.77 16.93
CA GLU A 122 -6.23 7.64 18.01
C GLU A 122 -5.00 8.26 18.65
N ASN A 123 -3.99 7.43 18.86
CA ASN A 123 -2.72 7.85 19.46
C ASN A 123 -1.75 8.29 18.38
N LYS A 124 -1.28 9.53 18.46
CA LYS A 124 -0.34 10.04 17.47
C LYS A 124 1.03 9.39 17.63
N ILE A 125 1.53 8.87 16.52
CA ILE A 125 2.82 8.22 16.48
C ILE A 125 3.82 9.05 15.66
N GLU A 126 5.02 9.26 16.21
CA GLU A 126 6.05 10.04 15.52
C GLU A 126 6.34 9.46 14.15
N GLU A 127 6.76 8.20 14.14
CA GLU A 127 7.05 7.46 12.91
C GLU A 127 8.12 8.14 12.04
N THR A 128 9.08 8.80 12.68
CA THR A 128 10.19 9.47 11.97
C THR A 128 9.72 10.36 10.80
N PRO A 129 10.63 11.14 10.19
CA PRO A 129 10.32 12.05 9.07
C PRO A 129 9.79 11.31 7.85
N THR A 130 9.08 12.05 7.00
CA THR A 130 8.52 11.48 5.78
C THR A 130 9.61 10.91 4.88
N ILE A 131 9.45 9.62 4.52
CA ILE A 131 10.41 8.93 3.67
C ILE A 131 10.08 9.13 2.18
N SER A 132 11.04 9.69 1.45
CA SER A 132 10.89 9.96 0.03
C SER A 132 10.94 8.68 -0.82
N ASN A 133 10.19 8.68 -1.92
CA ASN A 133 10.15 7.54 -2.84
C ASN A 133 11.54 7.14 -3.32
N THR A 134 12.41 8.12 -3.52
CA THR A 134 13.76 7.86 -3.99
C THR A 134 14.59 7.10 -2.94
N THR A 135 13.92 6.41 -2.03
CA THR A 135 14.60 5.66 -0.98
C THR A 135 15.46 4.55 -1.58
N ARG A 136 16.77 4.70 -1.43
CA ARG A 136 17.73 3.74 -1.95
C ARG A 136 18.02 2.64 -0.93
N THR A 137 18.78 1.64 -1.35
CA THR A 137 19.13 0.50 -0.50
C THR A 137 19.30 0.93 0.96
N GLY A 138 18.89 0.07 1.88
CA GLY A 138 18.97 0.36 3.30
C GLY A 138 17.60 0.44 3.95
N ARG A 139 16.55 0.14 3.17
CA ARG A 139 15.17 0.17 3.66
C ARG A 139 14.25 -0.65 2.76
N LEU A 140 14.82 -1.68 2.13
CA LEU A 140 14.04 -2.55 1.25
C LEU A 140 13.40 -3.67 2.05
N ASN A 141 14.24 -4.44 2.74
CA ASN A 141 13.79 -5.57 3.56
C ASN A 141 12.99 -5.15 4.78
N PHE A 142 12.06 -4.22 4.60
CA PHE A 142 11.21 -3.77 5.70
C PHE A 142 9.78 -4.27 5.50
N ASN A 143 9.51 -5.46 6.04
CA ASN A 143 8.18 -6.07 5.92
C ASN A 143 7.11 -5.16 6.51
N ALA A 144 6.23 -4.65 5.65
CA ALA A 144 5.16 -3.78 6.08
C ALA A 144 4.27 -4.46 7.12
N ARG A 145 4.13 -5.77 7.00
CA ARG A 145 3.31 -6.54 7.93
C ARG A 145 3.69 -6.22 9.38
N ASP A 146 4.96 -5.93 9.61
CA ASP A 146 5.45 -5.60 10.94
C ASP A 146 4.67 -4.43 11.51
N PHE A 147 4.28 -3.51 10.63
CA PHE A 147 3.52 -2.33 11.02
C PHE A 147 2.33 -2.75 11.87
N ALA A 148 1.74 -3.88 11.49
CA ALA A 148 0.59 -4.41 12.20
C ALA A 148 0.93 -4.69 13.65
N ALA A 149 2.08 -5.32 13.86
CA ALA A 149 2.53 -5.68 15.20
C ALA A 149 2.98 -4.45 15.99
N LYS A 150 3.81 -3.63 15.37
CA LYS A 150 4.34 -2.44 16.03
C LYS A 150 3.24 -1.48 16.48
N HIS A 151 2.20 -1.29 15.65
CA HIS A 151 1.11 -0.39 16.05
C HIS A 151 -0.17 -1.17 16.35
N GLY A 152 -0.09 -2.48 16.34
CA GLY A 152 -1.25 -3.32 16.66
C GLY A 152 -2.40 -3.16 15.68
N LEU A 153 -2.08 -2.95 14.41
CA LEU A 153 -3.12 -2.78 13.39
C LEU A 153 -3.85 -4.10 13.12
N GLY A 154 -3.71 -5.05 14.04
CA GLY A 154 -4.34 -6.36 13.90
C GLY A 154 -5.86 -6.31 13.70
N GLU A 155 -6.42 -5.10 13.65
CA GLU A 155 -7.85 -4.92 13.45
C GLU A 155 -8.10 -3.83 12.42
N PRO A 156 -7.84 -4.13 11.14
CA PRO A 156 -8.03 -3.16 10.05
C PRO A 156 -9.46 -2.65 9.99
N ILE A 157 -9.63 -1.33 9.94
CA ILE A 157 -10.97 -0.76 9.87
C ILE A 157 -11.47 -0.84 8.43
N ALA A 158 -10.56 -0.61 7.48
CA ALA A 158 -10.90 -0.67 6.07
C ALA A 158 -9.73 -1.19 5.25
N ALA A 159 -10.04 -1.89 4.15
CA ALA A 159 -9.00 -2.44 3.30
C ALA A 159 -9.45 -2.54 1.85
N ASN A 160 -8.47 -2.59 0.95
CA ASN A 160 -8.74 -2.68 -0.48
C ASN A 160 -7.50 -3.28 -1.16
N TYR A 161 -7.69 -4.08 -2.21
CA TYR A 161 -6.54 -4.71 -2.87
C TYR A 161 -6.85 -5.06 -4.32
N TYR A 162 -5.78 -5.18 -5.12
CA TYR A 162 -5.92 -5.50 -6.53
C TYR A 162 -4.68 -6.22 -7.06
N GLN A 163 -4.83 -6.84 -8.23
CA GLN A 163 -3.72 -7.55 -8.86
C GLN A 163 -3.45 -6.99 -10.25
N ALA A 164 -2.22 -6.57 -10.51
CA ALA A 164 -1.89 -6.02 -11.82
C ALA A 164 -0.41 -6.16 -12.15
N GLN A 165 -0.11 -6.23 -13.45
CA GLN A 165 1.26 -6.33 -13.94
C GLN A 165 1.47 -5.24 -14.98
N TYR A 166 2.69 -4.71 -15.08
CA TYR A 166 2.97 -3.62 -16.02
C TYR A 166 4.30 -3.83 -16.75
N ASP A 167 4.39 -3.28 -17.96
CA ASP A 167 5.60 -3.39 -18.78
C ASP A 167 6.83 -2.90 -18.05
N ASP A 168 8.00 -3.28 -18.57
CA ASP A 168 9.28 -2.89 -17.98
C ASP A 168 9.52 -1.38 -18.12
N TYR A 169 8.45 -0.60 -18.19
CA TYR A 169 8.56 0.85 -18.35
C TYR A 169 8.83 1.57 -17.02
N VAL A 170 7.90 1.45 -16.08
CA VAL A 170 8.02 2.13 -14.79
C VAL A 170 9.26 1.67 -13.98
N PRO A 171 9.68 0.40 -14.10
CA PRO A 171 10.85 -0.08 -13.36
C PRO A 171 12.02 0.87 -13.49
N ILE A 172 12.07 1.57 -14.62
CA ILE A 172 13.12 2.56 -14.86
C ILE A 172 13.22 3.49 -13.65
N ARG A 173 12.06 3.81 -13.07
CA ARG A 173 12.00 4.67 -11.89
C ARG A 173 13.04 4.22 -10.86
N ASN A 174 13.15 2.92 -10.69
CA ASN A 174 14.09 2.34 -9.74
C ASN A 174 15.52 2.75 -10.05
N LYS A 175 15.86 2.80 -11.34
CA LYS A 175 17.20 3.21 -11.75
C LYS A 175 17.53 4.59 -11.22
N THR A 176 16.50 5.40 -11.02
CA THR A 176 16.67 6.76 -10.53
C THR A 176 16.74 6.83 -9.01
N ILE A 177 16.57 5.70 -8.34
CA ILE A 177 16.62 5.65 -6.87
C ILE A 177 18.00 6.08 -6.38
N VAL A 178 18.11 7.34 -5.96
CA VAL A 178 19.37 7.90 -5.47
C VAL A 178 19.43 7.96 -3.93
N GLY A 179 18.33 7.64 -3.27
CA GLY A 179 18.28 7.71 -1.82
C GLY A 179 18.18 9.13 -1.31
N MET A 1 -1.88 -11.87 12.28
CA MET A 1 -1.18 -12.81 11.36
C MET A 1 -1.90 -12.87 10.03
N ASP A 2 -1.52 -13.83 9.20
CA ASP A 2 -2.15 -14.01 7.90
C ASP A 2 -3.59 -14.50 8.11
N ASP A 3 -4.55 -13.63 7.81
CA ASP A 3 -5.95 -13.95 8.01
C ASP A 3 -6.57 -14.62 6.77
N ILE A 4 -6.76 -13.84 5.72
CA ILE A 4 -7.38 -14.35 4.49
C ILE A 4 -6.51 -14.04 3.28
N VAL A 5 -5.28 -14.55 3.31
CA VAL A 5 -4.33 -14.34 2.22
C VAL A 5 -3.73 -15.68 1.80
N PRO A 6 -3.55 -15.92 0.48
CA PRO A 6 -3.89 -14.98 -0.59
C PRO A 6 -5.34 -15.07 -1.02
N ASP A 7 -6.23 -15.34 -0.08
CA ASP A 7 -7.66 -15.44 -0.38
C ASP A 7 -8.19 -14.11 -0.89
N VAL A 8 -7.89 -13.04 -0.15
CA VAL A 8 -8.32 -11.69 -0.52
C VAL A 8 -7.52 -10.64 0.25
N LEU A 9 -7.35 -10.86 1.55
CA LEU A 9 -6.62 -9.94 2.40
C LEU A 9 -6.09 -10.65 3.63
N ASP A 10 -4.86 -10.35 4.00
CA ASP A 10 -4.22 -10.96 5.17
C ASP A 10 -4.90 -10.54 6.48
N ALA A 11 -6.09 -9.95 6.39
CA ALA A 11 -6.84 -9.51 7.56
C ALA A 11 -8.25 -9.07 7.15
N VAL A 12 -9.26 -9.47 7.94
CA VAL A 12 -10.64 -9.10 7.65
C VAL A 12 -10.92 -7.62 7.92
N PRO A 13 -11.17 -6.82 6.86
CA PRO A 13 -11.44 -5.39 7.00
C PRO A 13 -12.91 -5.09 7.20
N ALA A 14 -13.21 -4.22 8.15
CA ALA A 14 -14.59 -3.83 8.43
C ALA A 14 -15.26 -3.27 7.19
N GLY A 15 -14.48 -2.54 6.39
CA GLY A 15 -14.97 -1.95 5.16
C GLY A 15 -13.90 -1.91 4.08
N THR A 16 -14.08 -1.05 3.09
CA THR A 16 -13.11 -0.93 2.01
C THR A 16 -12.83 0.53 1.69
N ILE A 17 -11.74 0.75 0.98
CA ILE A 17 -11.33 2.09 0.59
C ILE A 17 -11.60 2.31 -0.89
N LYS A 18 -12.16 3.48 -1.20
CA LYS A 18 -12.46 3.84 -2.56
C LYS A 18 -11.18 4.20 -3.29
N VAL A 19 -10.71 3.32 -4.16
CA VAL A 19 -9.49 3.60 -4.90
C VAL A 19 -9.74 3.57 -6.40
N ILE A 20 -9.68 4.76 -7.00
CA ILE A 20 -9.87 4.90 -8.43
C ILE A 20 -8.52 4.92 -9.13
N TYR A 21 -8.41 4.17 -10.22
CA TYR A 21 -7.14 4.10 -10.92
C TYR A 21 -6.95 5.29 -11.86
N GLY A 22 -7.48 5.21 -13.07
CA GLY A 22 -7.33 6.30 -14.02
C GLY A 22 -8.09 7.54 -13.58
N ASP A 23 -9.36 7.36 -13.25
CA ASP A 23 -10.23 8.44 -12.81
C ASP A 23 -11.66 7.90 -12.68
N ASP A 24 -12.05 7.14 -13.69
CA ASP A 24 -13.38 6.54 -13.73
C ASP A 24 -13.34 5.11 -13.19
N LEU A 25 -12.39 4.32 -13.68
CA LEU A 25 -12.24 2.94 -13.24
C LEU A 25 -11.73 2.86 -11.81
N GLU A 26 -12.29 1.92 -11.05
CA GLU A 26 -11.92 1.71 -9.66
C GLU A 26 -11.40 0.30 -9.42
N VAL A 27 -10.51 0.18 -8.45
CA VAL A 27 -9.96 -1.11 -8.07
C VAL A 27 -10.70 -1.62 -6.84
N LYS A 28 -11.36 -2.77 -6.97
CA LYS A 28 -12.10 -3.31 -5.85
C LYS A 28 -11.94 -4.82 -5.71
N GLN A 29 -11.59 -5.21 -4.49
CA GLN A 29 -11.43 -6.60 -4.10
C GLN A 29 -10.62 -7.45 -5.08
N GLY A 30 -9.35 -7.10 -5.26
CA GLY A 30 -8.43 -7.87 -6.09
C GLY A 30 -8.77 -7.93 -7.56
N ASN A 31 -9.72 -7.12 -8.02
CA ASN A 31 -10.09 -7.13 -9.43
C ASN A 31 -8.86 -6.91 -10.31
N GLU A 32 -8.79 -7.65 -11.41
CA GLU A 32 -7.68 -7.53 -12.34
C GLU A 32 -7.93 -6.38 -13.30
N LEU A 33 -7.02 -5.43 -13.34
CA LEU A 33 -7.17 -4.28 -14.23
C LEU A 33 -6.48 -4.54 -15.55
N THR A 34 -7.28 -4.63 -16.61
CA THR A 34 -6.76 -4.87 -17.96
C THR A 34 -7.67 -4.22 -19.00
N PRO A 35 -7.14 -3.92 -20.21
CA PRO A 35 -5.75 -4.20 -20.60
C PRO A 35 -4.76 -3.12 -20.15
N THR A 36 -4.38 -2.23 -21.06
CA THR A 36 -3.41 -1.18 -20.78
C THR A 36 -3.98 -0.10 -19.85
N GLN A 37 -4.49 -0.51 -18.69
CA GLN A 37 -5.04 0.45 -17.73
C GLN A 37 -4.29 0.37 -16.40
N VAL A 38 -3.38 -0.60 -16.29
CA VAL A 38 -2.60 -0.79 -15.07
C VAL A 38 -1.52 0.29 -14.93
N LYS A 39 -1.36 1.13 -15.95
CA LYS A 39 -0.35 2.18 -15.94
C LYS A 39 -0.82 3.40 -15.16
N ASP A 40 -2.10 3.44 -14.81
CA ASP A 40 -2.67 4.57 -14.07
C ASP A 40 -2.34 4.52 -12.58
N GLN A 41 -2.13 5.69 -11.99
CA GLN A 41 -1.83 5.80 -10.56
C GLN A 41 -3.10 5.61 -9.74
N PRO A 42 -3.03 4.87 -8.61
CA PRO A 42 -4.21 4.61 -7.77
C PRO A 42 -4.56 5.80 -6.86
N ILE A 43 -5.82 6.23 -6.92
CA ILE A 43 -6.30 7.34 -6.10
C ILE A 43 -7.15 6.79 -4.95
N VAL A 44 -6.59 6.81 -3.74
CA VAL A 44 -7.28 6.30 -2.54
C VAL A 44 -8.14 7.35 -1.85
N SER A 45 -9.30 6.90 -1.32
CA SER A 45 -10.22 7.78 -0.58
C SER A 45 -11.19 6.98 0.28
N TRP A 46 -11.34 7.38 1.53
CA TRP A 46 -12.22 6.71 2.48
C TRP A 46 -13.41 7.62 2.83
N SER A 47 -13.74 8.51 1.92
CA SER A 47 -14.83 9.46 2.14
C SER A 47 -16.03 8.80 2.83
N GLY A 48 -16.43 9.35 3.97
CA GLY A 48 -17.57 8.82 4.69
C GLY A 48 -17.18 7.79 5.74
N LEU A 49 -16.09 7.06 5.50
CA LEU A 49 -15.64 6.02 6.43
C LEU A 49 -14.95 6.64 7.65
N GLU A 50 -14.31 7.78 7.43
CA GLU A 50 -13.60 8.46 8.50
C GLU A 50 -14.58 9.06 9.51
N GLY A 51 -15.34 10.05 9.05
CA GLY A 51 -16.32 10.70 9.90
C GLY A 51 -15.68 11.47 11.03
N LYS A 52 -15.23 10.75 12.04
CA LYS A 52 -14.59 11.36 13.20
C LYS A 52 -13.53 10.44 13.80
N SER A 53 -12.28 10.84 13.65
CA SER A 53 -11.16 10.09 14.19
C SER A 53 -10.01 11.04 14.49
N ASN A 54 -9.26 10.75 15.55
CA ASN A 54 -8.14 11.60 15.93
C ASN A 54 -7.08 11.53 14.86
N LEU A 55 -6.90 10.33 14.35
CA LEU A 55 -5.91 10.08 13.34
C LEU A 55 -6.26 8.81 12.58
N LEU A 56 -5.67 8.63 11.41
CA LEU A 56 -5.93 7.46 10.60
C LEU A 56 -4.62 6.80 10.18
N THR A 57 -4.62 5.48 10.15
CA THR A 57 -3.42 4.72 9.79
C THR A 57 -3.63 3.97 8.47
N LEU A 58 -2.82 4.30 7.47
CA LEU A 58 -2.89 3.67 6.16
C LEU A 58 -1.59 2.91 5.87
N LEU A 59 -1.71 1.73 5.27
CA LEU A 59 -0.54 0.93 4.96
C LEU A 59 -0.68 0.23 3.61
N MET A 60 0.44 -0.09 3.00
CA MET A 60 0.45 -0.75 1.70
C MET A 60 1.10 -2.12 1.80
N VAL A 61 0.38 -3.15 1.38
CA VAL A 61 0.88 -4.52 1.40
C VAL A 61 1.14 -5.00 -0.03
N ASP A 62 2.32 -5.59 -0.21
CA ASP A 62 2.75 -6.07 -1.52
C ASP A 62 4.10 -6.76 -1.35
N PRO A 63 4.15 -7.85 -0.56
CA PRO A 63 5.39 -8.54 -0.29
C PRO A 63 5.69 -9.68 -1.26
N ASP A 64 6.27 -9.31 -2.40
CA ASP A 64 6.69 -10.28 -3.43
C ASP A 64 7.50 -9.59 -4.52
N ALA A 65 8.80 -9.83 -4.56
CA ALA A 65 9.66 -9.25 -5.58
C ALA A 65 11.06 -9.87 -5.56
N PRO A 66 11.64 -10.21 -6.74
CA PRO A 66 11.00 -10.08 -8.05
C PRO A 66 9.62 -10.74 -8.08
N THR A 67 9.37 -11.57 -7.08
CA THR A 67 8.10 -12.27 -6.93
C THR A 67 7.96 -12.85 -5.54
N ARG A 68 6.89 -13.56 -5.29
CA ARG A 68 6.67 -14.18 -4.00
C ARG A 68 7.71 -15.27 -3.75
N GLN A 69 8.08 -15.95 -4.83
CA GLN A 69 9.04 -17.05 -4.75
C GLN A 69 10.47 -16.58 -4.47
N ASP A 70 10.92 -15.53 -5.17
CA ASP A 70 12.28 -15.03 -4.95
C ASP A 70 12.27 -13.69 -4.23
N PRO A 71 12.57 -13.69 -2.92
CA PRO A 71 12.63 -12.47 -2.15
C PRO A 71 14.00 -11.81 -2.25
N LYS A 72 14.45 -11.59 -3.48
CA LYS A 72 15.76 -11.00 -3.74
C LYS A 72 15.95 -9.74 -2.88
N TYR A 73 14.83 -9.07 -2.61
CA TYR A 73 14.82 -7.89 -1.77
C TYR A 73 13.39 -7.54 -1.39
N ARG A 74 12.73 -8.53 -0.81
CA ARG A 74 11.36 -8.43 -0.35
C ARG A 74 11.33 -8.16 1.16
N GLU A 75 10.50 -7.23 1.62
CA GLU A 75 9.61 -6.44 0.77
C GLU A 75 10.36 -5.35 0.00
N ILE A 76 9.61 -4.63 -0.82
CA ILE A 76 10.14 -3.51 -1.58
C ILE A 76 9.54 -2.22 -0.99
N LEU A 77 9.78 -1.07 -1.62
CA LEU A 77 9.24 0.18 -1.13
C LEU A 77 7.72 0.19 -1.21
N HIS A 78 7.06 0.36 -0.07
CA HIS A 78 5.59 0.39 -0.05
C HIS A 78 5.10 1.82 0.22
N TRP A 79 3.80 2.04 0.06
CA TRP A 79 3.21 3.37 0.26
C TRP A 79 2.54 3.44 1.63
N SER A 80 3.35 3.76 2.63
CA SER A 80 2.90 3.85 4.02
C SER A 80 2.62 5.29 4.45
N VAL A 81 1.42 5.50 4.99
CA VAL A 81 1.00 6.80 5.49
C VAL A 81 0.06 6.61 6.67
N VAL A 82 0.38 7.21 7.80
CA VAL A 82 -0.45 7.05 8.98
C VAL A 82 -0.60 8.36 9.73
N ASN A 83 -1.29 8.28 10.87
CA ASN A 83 -1.56 9.44 11.69
C ASN A 83 -2.20 10.53 10.84
N ILE A 84 -3.04 10.10 9.90
CA ILE A 84 -3.75 11.02 9.01
C ILE A 84 -4.93 11.61 9.76
N PRO A 85 -4.87 12.89 10.17
CA PRO A 85 -5.97 13.52 10.90
C PRO A 85 -7.33 13.27 10.23
N GLY A 86 -8.29 12.79 11.02
CA GLY A 86 -9.63 12.51 10.51
C GLY A 86 -10.31 13.72 9.86
N SER A 87 -9.80 14.13 8.70
CA SER A 87 -10.34 15.26 7.96
C SER A 87 -9.52 15.46 6.69
N ASN A 88 -9.29 14.36 5.98
CA ASN A 88 -8.49 14.37 4.75
C ASN A 88 -9.14 13.54 3.63
N GLU A 89 -10.00 12.59 4.01
CA GLU A 89 -10.67 11.71 3.04
C GLU A 89 -9.69 10.75 2.36
N ASN A 90 -8.41 11.05 2.50
CA ASN A 90 -7.34 10.25 1.92
C ASN A 90 -6.05 10.42 2.73
N PRO A 91 -5.14 9.45 2.66
CA PRO A 91 -3.87 9.48 3.42
C PRO A 91 -2.87 10.51 2.91
N SER A 92 -3.28 11.78 2.88
CA SER A 92 -2.39 12.83 2.40
C SER A 92 -1.82 13.67 3.56
N GLY A 93 -2.68 13.97 4.53
CA GLY A 93 -2.28 14.80 5.67
C GLY A 93 -1.32 14.13 6.65
N GLY A 94 -1.57 12.87 6.96
CA GLY A 94 -0.72 12.14 7.90
C GLY A 94 0.71 12.00 7.43
N HIS A 95 1.59 11.53 8.32
CA HIS A 95 3.00 11.38 8.00
C HIS A 95 3.22 10.24 7.04
N SER A 96 3.81 10.55 5.89
CA SER A 96 4.12 9.53 4.92
C SER A 96 5.43 8.87 5.33
N LEU A 97 5.38 7.59 5.65
CA LEU A 97 6.58 6.90 6.07
C LEU A 97 7.56 6.78 4.90
N ALA A 98 7.06 6.22 3.80
CA ALA A 98 7.83 6.06 2.59
C ALA A 98 6.96 6.43 1.39
N ASP A 99 7.44 7.35 0.57
CA ASP A 99 6.70 7.82 -0.60
C ASP A 99 6.26 6.65 -1.47
N TYR A 100 5.11 6.82 -2.14
CA TYR A 100 4.57 5.78 -3.00
C TYR A 100 5.49 5.53 -4.19
N VAL A 101 5.83 4.27 -4.42
CA VAL A 101 6.68 3.90 -5.53
C VAL A 101 5.88 3.22 -6.64
N GLY A 102 5.78 3.88 -7.78
CA GLY A 102 5.04 3.31 -8.89
C GLY A 102 5.79 2.19 -9.57
N SER A 103 6.92 1.80 -8.98
CA SER A 103 7.76 0.74 -9.52
C SER A 103 7.00 -0.59 -9.64
N GLY A 104 7.18 -1.45 -8.64
CA GLY A 104 6.53 -2.75 -8.66
C GLY A 104 7.38 -3.81 -9.33
N PRO A 105 7.08 -5.11 -9.09
CA PRO A 105 7.83 -6.22 -9.68
C PRO A 105 7.78 -6.22 -11.21
N PRO A 106 8.94 -6.50 -11.85
CA PRO A 106 9.03 -6.53 -13.32
C PRO A 106 8.24 -7.67 -13.95
N LYS A 107 7.97 -7.54 -15.25
CA LYS A 107 7.22 -8.51 -16.03
C LYS A 107 7.64 -9.94 -15.70
N ASP A 108 8.86 -10.10 -15.19
CA ASP A 108 9.37 -11.42 -14.85
C ASP A 108 8.39 -12.21 -13.98
N THR A 109 7.67 -11.54 -13.09
CA THR A 109 6.69 -12.24 -12.25
C THR A 109 5.27 -11.98 -12.75
N GLY A 110 5.15 -11.36 -13.92
CA GLY A 110 3.86 -11.08 -14.51
C GLY A 110 2.92 -10.31 -13.59
N LEU A 111 1.87 -10.99 -13.14
CA LEU A 111 0.87 -10.38 -12.28
C LEU A 111 1.46 -9.97 -10.93
N HIS A 112 0.74 -9.09 -10.23
CA HIS A 112 1.15 -8.61 -8.91
C HIS A 112 -0.09 -8.36 -8.06
N ARG A 113 0.01 -8.62 -6.76
CA ARG A 113 -1.11 -8.39 -5.85
C ARG A 113 -0.80 -7.21 -4.94
N TYR A 114 -1.48 -6.10 -5.16
CA TYR A 114 -1.30 -4.90 -4.36
C TYR A 114 -2.46 -4.75 -3.40
N ILE A 115 -2.15 -4.46 -2.14
CA ILE A 115 -3.19 -4.33 -1.13
C ILE A 115 -2.99 -3.08 -0.29
N PHE A 116 -4.10 -2.50 0.14
CA PHE A 116 -4.10 -1.31 0.98
C PHE A 116 -4.81 -1.61 2.29
N LEU A 117 -4.22 -1.19 3.40
CA LEU A 117 -4.80 -1.42 4.72
C LEU A 117 -5.06 -0.08 5.42
N LEU A 118 -6.21 0.01 6.11
CA LEU A 118 -6.59 1.23 6.83
C LEU A 118 -7.10 0.90 8.23
N TYR A 119 -6.65 1.68 9.21
CA TYR A 119 -7.06 1.50 10.60
C TYR A 119 -7.18 2.86 11.30
N ARG A 120 -8.16 2.99 12.18
CA ARG A 120 -8.33 4.24 12.91
C ARG A 120 -7.24 4.40 13.96
N GLN A 121 -6.59 5.56 13.92
CA GLN A 121 -5.51 5.86 14.86
C GLN A 121 -6.00 6.81 15.94
N GLU A 122 -6.02 6.34 17.18
CA GLU A 122 -6.47 7.15 18.30
C GLU A 122 -5.33 7.99 18.88
N ASN A 123 -4.13 7.41 18.93
CA ASN A 123 -2.97 8.11 19.47
C ASN A 123 -1.95 8.41 18.38
N LYS A 124 -1.42 9.64 18.39
CA LYS A 124 -0.43 10.06 17.41
C LYS A 124 0.87 9.28 17.57
N ILE A 125 1.24 8.57 16.51
CA ILE A 125 2.46 7.80 16.48
C ILE A 125 3.55 8.59 15.74
N GLU A 126 4.74 8.67 16.34
CA GLU A 126 5.86 9.42 15.75
C GLU A 126 6.05 9.04 14.29
N GLU A 127 6.29 7.75 14.04
CA GLU A 127 6.44 7.22 12.71
C GLU A 127 7.70 7.72 11.98
N THR A 128 8.63 8.36 12.72
CA THR A 128 9.90 8.84 12.16
C THR A 128 9.71 9.70 10.89
N PRO A 129 10.76 10.48 10.50
CA PRO A 129 10.71 11.35 9.31
C PRO A 129 10.41 10.59 8.02
N THR A 130 9.78 11.28 7.06
CA THR A 130 9.41 10.68 5.78
C THR A 130 10.61 10.17 5.00
N ILE A 131 10.35 9.15 4.19
CA ILE A 131 11.35 8.56 3.33
C ILE A 131 10.89 8.63 1.87
N SER A 132 11.76 9.13 0.99
CA SER A 132 11.44 9.26 -0.43
C SER A 132 11.37 7.91 -1.12
N ASN A 133 10.52 7.80 -2.14
CA ASN A 133 10.37 6.54 -2.89
C ASN A 133 11.66 6.23 -3.65
N THR A 134 12.68 7.05 -3.40
CA THR A 134 13.98 6.88 -4.04
C THR A 134 15.06 6.51 -3.02
N THR A 135 14.64 6.10 -1.82
CA THR A 135 15.61 5.72 -0.79
C THR A 135 16.44 4.53 -1.23
N ARG A 136 17.76 4.62 -1.04
CA ARG A 136 18.67 3.54 -1.43
C ARG A 136 18.52 2.34 -0.50
N THR A 137 19.16 1.24 -0.87
CA THR A 137 19.12 0.02 -0.07
C THR A 137 19.22 0.36 1.41
N GLY A 138 18.53 -0.43 2.23
CA GLY A 138 18.50 -0.18 3.66
C GLY A 138 17.09 0.15 4.13
N ARG A 139 16.26 0.61 3.19
CA ARG A 139 14.87 0.94 3.48
C ARG A 139 13.94 0.31 2.45
N LEU A 140 14.41 -0.76 1.84
CA LEU A 140 13.62 -1.47 0.83
C LEU A 140 12.86 -2.60 1.49
N ASN A 141 13.62 -3.47 2.13
CA ASN A 141 13.08 -4.62 2.82
C ASN A 141 12.50 -4.26 4.17
N PHE A 142 11.22 -4.55 4.33
CA PHE A 142 10.49 -4.28 5.56
C PHE A 142 9.14 -4.99 5.54
N ASN A 143 8.97 -5.93 6.45
CA ASN A 143 7.74 -6.71 6.55
C ASN A 143 6.58 -5.88 7.07
N ALA A 144 5.62 -5.59 6.21
CA ALA A 144 4.45 -4.80 6.60
C ALA A 144 3.76 -5.46 7.78
N ARG A 145 3.89 -6.78 7.86
CA ARG A 145 3.30 -7.55 8.93
C ARG A 145 3.69 -6.99 10.31
N ASP A 146 4.81 -6.27 10.36
CA ASP A 146 5.29 -5.66 11.60
C ASP A 146 4.31 -4.60 12.12
N PHE A 147 3.87 -3.73 11.21
CA PHE A 147 2.95 -2.65 11.57
C PHE A 147 1.81 -3.15 12.46
N ALA A 148 1.18 -4.23 12.02
CA ALA A 148 0.07 -4.81 12.76
C ALA A 148 0.44 -5.04 14.23
N ALA A 149 1.69 -5.44 14.46
CA ALA A 149 2.16 -5.70 15.82
C ALA A 149 2.64 -4.42 16.53
N LYS A 150 3.51 -3.67 15.87
CA LYS A 150 4.07 -2.45 16.43
C LYS A 150 2.98 -1.48 16.89
N HIS A 151 2.01 -1.21 16.02
CA HIS A 151 0.93 -0.29 16.37
C HIS A 151 -0.36 -1.04 16.68
N GLY A 152 -0.27 -2.37 16.83
CA GLY A 152 -1.45 -3.17 17.13
C GLY A 152 -2.59 -2.93 16.16
N LEU A 153 -2.24 -2.58 14.92
CA LEU A 153 -3.22 -2.30 13.88
C LEU A 153 -3.98 -3.57 13.46
N GLY A 154 -3.76 -4.66 14.19
CA GLY A 154 -4.41 -5.93 13.88
C GLY A 154 -5.78 -5.77 13.23
N GLU A 155 -6.70 -5.11 13.94
CA GLU A 155 -8.06 -4.90 13.42
C GLU A 155 -8.10 -3.81 12.36
N PRO A 156 -8.39 -4.16 11.09
CA PRO A 156 -8.47 -3.19 10.01
C PRO A 156 -9.87 -2.63 9.79
N ILE A 157 -9.99 -1.31 9.79
CA ILE A 157 -11.29 -0.68 9.58
C ILE A 157 -11.68 -0.76 8.11
N ALA A 158 -10.70 -0.66 7.23
CA ALA A 158 -10.95 -0.70 5.81
C ALA A 158 -9.72 -1.17 5.03
N ALA A 159 -9.96 -1.84 3.92
CA ALA A 159 -8.89 -2.34 3.08
C ALA A 159 -9.33 -2.41 1.64
N ASN A 160 -8.38 -2.33 0.73
CA ASN A 160 -8.66 -2.38 -0.69
C ASN A 160 -7.45 -2.96 -1.41
N TYR A 161 -7.69 -3.89 -2.31
CA TYR A 161 -6.61 -4.57 -3.01
C TYR A 161 -6.95 -4.75 -4.48
N TYR A 162 -5.90 -4.89 -5.30
CA TYR A 162 -6.07 -5.05 -6.75
C TYR A 162 -4.90 -5.78 -7.36
N GLN A 163 -5.16 -6.50 -8.45
CA GLN A 163 -4.12 -7.26 -9.15
C GLN A 163 -3.84 -6.64 -10.53
N ALA A 164 -2.56 -6.47 -10.82
CA ALA A 164 -2.11 -5.92 -12.08
C ALA A 164 -0.69 -6.40 -12.36
N GLN A 165 -0.33 -6.54 -13.64
CA GLN A 165 1.02 -6.95 -14.00
C GLN A 165 1.81 -5.73 -14.49
N TYR A 166 3.03 -5.58 -13.99
CA TYR A 166 3.87 -4.45 -14.38
C TYR A 166 5.03 -4.92 -15.25
N ASP A 167 5.20 -4.25 -16.39
CA ASP A 167 6.26 -4.59 -17.33
C ASP A 167 7.64 -4.40 -16.73
N ASP A 168 8.47 -3.60 -17.40
CA ASP A 168 9.84 -3.36 -16.97
C ASP A 168 10.15 -1.85 -16.93
N TYR A 169 9.35 -1.08 -17.67
CA TYR A 169 9.51 0.37 -17.78
C TYR A 169 9.19 1.11 -16.46
N VAL A 170 7.91 1.14 -16.07
CA VAL A 170 7.50 1.84 -14.85
C VAL A 170 8.37 1.45 -13.64
N PRO A 171 8.78 0.18 -13.52
CA PRO A 171 9.65 -0.29 -12.42
C PRO A 171 10.93 0.55 -12.33
N ILE A 172 11.17 1.36 -13.35
CA ILE A 172 12.36 2.21 -13.44
C ILE A 172 12.61 2.94 -12.12
N ARG A 173 11.55 3.27 -11.37
CA ARG A 173 11.75 3.96 -10.10
C ARG A 173 12.74 3.18 -9.25
N ASN A 174 12.54 1.87 -9.16
CA ASN A 174 13.44 1.02 -8.40
C ASN A 174 14.82 1.06 -9.02
N LYS A 175 14.86 1.10 -10.34
CA LYS A 175 16.10 1.17 -11.08
C LYS A 175 16.79 2.51 -10.84
N THR A 176 15.99 3.54 -10.57
CA THR A 176 16.49 4.88 -10.35
C THR A 176 16.66 5.21 -8.87
N ILE A 177 16.60 4.20 -8.01
CA ILE A 177 16.77 4.42 -6.58
C ILE A 177 18.21 4.89 -6.32
N VAL A 178 18.39 5.83 -5.39
CA VAL A 178 19.72 6.36 -5.13
C VAL A 178 19.98 6.67 -3.64
N GLY A 179 18.92 6.95 -2.90
CA GLY A 179 19.07 7.28 -1.49
C GLY A 179 19.77 8.62 -1.27
N MET A 1 -1.99 -12.68 11.90
CA MET A 1 -3.09 -12.57 10.92
C MET A 1 -2.84 -13.53 9.75
N ASP A 2 -2.96 -13.05 8.51
CA ASP A 2 -2.74 -13.89 7.33
C ASP A 2 -3.71 -15.07 7.29
N ASP A 3 -4.91 -14.83 7.80
CA ASP A 3 -5.97 -15.85 7.83
C ASP A 3 -6.44 -16.21 6.42
N ILE A 4 -6.72 -15.20 5.60
CA ILE A 4 -7.20 -15.43 4.23
C ILE A 4 -6.20 -14.94 3.18
N VAL A 5 -4.92 -15.25 3.41
CA VAL A 5 -3.86 -14.84 2.49
C VAL A 5 -3.27 -16.06 1.76
N PRO A 6 -3.02 -15.93 0.44
CA PRO A 6 -3.27 -14.72 -0.34
C PRO A 6 -4.65 -14.75 -1.01
N ASP A 7 -5.61 -15.38 -0.35
CA ASP A 7 -6.97 -15.49 -0.87
C ASP A 7 -7.50 -14.12 -1.28
N VAL A 8 -7.41 -13.16 -0.36
CA VAL A 8 -7.86 -11.79 -0.63
C VAL A 8 -7.24 -10.79 0.34
N LEU A 9 -7.02 -11.21 1.58
CA LEU A 9 -6.45 -10.34 2.59
C LEU A 9 -5.81 -11.15 3.72
N ASP A 10 -5.12 -10.47 4.62
CA ASP A 10 -4.49 -11.14 5.76
C ASP A 10 -5.55 -11.44 6.81
N ALA A 11 -6.47 -10.50 6.97
CA ALA A 11 -7.55 -10.63 7.93
C ALA A 11 -8.77 -9.84 7.47
N VAL A 12 -9.94 -10.46 7.49
CA VAL A 12 -11.17 -9.81 7.04
C VAL A 12 -11.48 -8.55 7.86
N PRO A 13 -11.69 -7.40 7.17
CA PRO A 13 -12.00 -6.12 7.80
C PRO A 13 -13.51 -5.86 7.83
N ALA A 14 -13.95 -4.79 7.15
CA ALA A 14 -15.35 -4.42 7.09
C ALA A 14 -15.62 -3.39 6.00
N GLY A 15 -14.74 -2.38 5.90
CA GLY A 15 -14.92 -1.33 4.90
C GLY A 15 -14.01 -1.49 3.70
N THR A 16 -14.39 -0.87 2.58
CA THR A 16 -13.61 -0.92 1.35
C THR A 16 -12.85 0.39 1.16
N ILE A 17 -11.72 0.30 0.48
CA ILE A 17 -10.90 1.46 0.19
C ILE A 17 -11.06 1.83 -1.27
N LYS A 18 -11.47 3.05 -1.50
CA LYS A 18 -11.70 3.52 -2.84
C LYS A 18 -10.36 3.75 -3.52
N VAL A 19 -9.97 2.82 -4.38
CA VAL A 19 -8.73 2.94 -5.11
C VAL A 19 -9.04 3.17 -6.57
N ILE A 20 -8.75 4.37 -7.04
CA ILE A 20 -9.01 4.73 -8.41
C ILE A 20 -7.74 4.76 -9.23
N TYR A 21 -7.76 4.05 -10.35
CA TYR A 21 -6.63 3.97 -11.25
C TYR A 21 -6.74 4.99 -12.39
N GLY A 22 -7.46 4.59 -13.44
CA GLY A 22 -7.68 5.45 -14.60
C GLY A 22 -8.39 6.76 -14.25
N ASP A 23 -8.63 6.97 -12.97
CA ASP A 23 -9.35 8.14 -12.49
C ASP A 23 -10.84 7.85 -12.57
N ASP A 24 -11.24 7.27 -13.70
CA ASP A 24 -12.61 6.85 -13.90
C ASP A 24 -12.80 5.46 -13.30
N LEU A 25 -11.77 4.63 -13.45
CA LEU A 25 -11.78 3.27 -12.94
C LEU A 25 -11.51 3.19 -11.44
N GLU A 26 -11.85 2.05 -10.86
CA GLU A 26 -11.67 1.79 -9.44
C GLU A 26 -11.47 0.29 -9.20
N VAL A 27 -10.40 -0.09 -8.50
CA VAL A 27 -10.13 -1.50 -8.24
C VAL A 27 -11.12 -2.09 -7.23
N LYS A 28 -11.73 -3.21 -7.61
CA LYS A 28 -12.72 -3.89 -6.79
C LYS A 28 -12.26 -5.25 -6.26
N GLN A 29 -12.04 -5.33 -4.95
CA GLN A 29 -11.68 -6.58 -4.28
C GLN A 29 -10.86 -7.56 -5.15
N GLY A 30 -9.62 -7.19 -5.47
CA GLY A 30 -8.74 -8.05 -6.24
C GLY A 30 -9.03 -8.03 -7.72
N ASN A 31 -9.94 -7.17 -8.11
CA ASN A 31 -10.33 -7.01 -9.51
C ASN A 31 -9.13 -6.69 -10.41
N GLU A 32 -9.20 -7.19 -11.64
CA GLU A 32 -8.16 -7.00 -12.65
C GLU A 32 -8.52 -5.86 -13.60
N LEU A 33 -7.52 -5.05 -13.97
CA LEU A 33 -7.72 -3.95 -14.90
C LEU A 33 -7.15 -4.28 -16.27
N THR A 34 -7.93 -4.03 -17.31
CA THR A 34 -7.53 -4.29 -18.69
C THR A 34 -8.03 -3.16 -19.60
N PRO A 35 -7.47 -3.00 -20.81
CA PRO A 35 -6.39 -3.86 -21.34
C PRO A 35 -5.00 -3.47 -20.84
N THR A 36 -4.78 -2.18 -20.62
CA THR A 36 -3.48 -1.69 -20.17
C THR A 36 -3.61 -0.34 -19.45
N GLN A 37 -4.62 -0.22 -18.61
CA GLN A 37 -4.86 1.02 -17.85
C GLN A 37 -4.17 0.95 -16.48
N VAL A 38 -3.51 -0.16 -16.23
CA VAL A 38 -2.82 -0.39 -14.97
C VAL A 38 -1.62 0.53 -14.82
N LYS A 39 -1.30 1.25 -15.89
CA LYS A 39 -0.18 2.17 -15.87
C LYS A 39 -0.50 3.40 -15.01
N ASP A 40 -1.78 3.52 -14.64
CA ASP A 40 -2.21 4.64 -13.81
C ASP A 40 -1.95 4.39 -12.33
N GLN A 41 -1.39 5.39 -11.66
CA GLN A 41 -1.08 5.30 -10.25
C GLN A 41 -2.37 5.12 -9.44
N PRO A 42 -2.37 4.25 -8.42
CA PRO A 42 -3.56 4.01 -7.60
C PRO A 42 -3.91 5.20 -6.72
N ILE A 43 -5.16 5.67 -6.82
CA ILE A 43 -5.63 6.78 -6.02
C ILE A 43 -6.46 6.28 -4.84
N VAL A 44 -5.96 6.50 -3.63
CA VAL A 44 -6.63 6.06 -2.41
C VAL A 44 -7.67 7.06 -1.92
N SER A 45 -8.80 6.56 -1.44
CA SER A 45 -9.86 7.43 -0.91
C SER A 45 -10.82 6.61 -0.04
N TRP A 46 -11.23 7.20 1.07
CA TRP A 46 -12.17 6.54 1.98
C TRP A 46 -13.43 7.39 2.16
N SER A 47 -13.76 8.14 1.11
CA SER A 47 -14.95 9.00 1.14
C SER A 47 -16.13 8.23 1.72
N GLY A 48 -16.90 8.89 2.57
CA GLY A 48 -18.05 8.24 3.20
C GLY A 48 -17.66 7.46 4.44
N LEU A 49 -16.43 6.91 4.45
CA LEU A 49 -15.96 6.14 5.60
C LEU A 49 -15.49 7.12 6.67
N GLU A 50 -14.80 8.15 6.22
CA GLU A 50 -14.27 9.18 7.09
C GLU A 50 -15.38 9.76 7.97
N GLY A 51 -15.38 9.40 9.25
CA GLY A 51 -16.37 9.88 10.18
C GLY A 51 -15.74 10.24 11.49
N LYS A 52 -16.07 9.52 12.55
CA LYS A 52 -15.45 9.80 13.83
C LYS A 52 -14.08 9.12 13.87
N SER A 53 -13.03 9.93 13.83
CA SER A 53 -11.66 9.40 13.86
C SER A 53 -10.67 10.47 14.34
N ASN A 54 -9.67 10.06 15.13
CA ASN A 54 -8.65 10.98 15.62
C ASN A 54 -7.50 11.03 14.62
N LEU A 55 -7.14 9.85 14.13
CA LEU A 55 -6.06 9.68 13.17
C LEU A 55 -6.34 8.44 12.33
N LEU A 56 -5.58 8.22 11.27
CA LEU A 56 -5.82 7.06 10.42
C LEU A 56 -4.51 6.40 9.99
N THR A 57 -4.58 5.10 9.71
CA THR A 57 -3.43 4.33 9.28
C THR A 57 -3.68 3.69 7.92
N LEU A 58 -2.73 3.86 7.00
CA LEU A 58 -2.84 3.33 5.65
C LEU A 58 -1.57 2.55 5.32
N LEU A 59 -1.71 1.28 4.95
CA LEU A 59 -0.55 0.46 4.65
C LEU A 59 -0.78 -0.50 3.50
N MET A 60 0.34 -0.99 2.95
CA MET A 60 0.35 -1.94 1.85
C MET A 60 0.47 -3.35 2.38
N VAL A 61 -0.14 -4.31 1.71
CA VAL A 61 -0.08 -5.70 2.14
C VAL A 61 0.23 -6.64 0.97
N ASP A 62 1.13 -7.60 1.22
CA ASP A 62 1.57 -8.58 0.23
C ASP A 62 2.68 -8.02 -0.66
N PRO A 63 3.81 -7.62 -0.05
CA PRO A 63 4.95 -7.08 -0.80
C PRO A 63 5.68 -8.17 -1.59
N ASP A 64 5.79 -7.99 -2.91
CA ASP A 64 6.46 -8.97 -3.75
C ASP A 64 7.69 -8.41 -4.46
N ALA A 65 8.85 -9.02 -4.22
CA ALA A 65 10.07 -8.59 -4.89
C ALA A 65 11.24 -9.55 -4.65
N PRO A 66 12.00 -9.88 -5.71
CA PRO A 66 11.74 -9.41 -7.07
C PRO A 66 10.55 -10.15 -7.65
N THR A 67 10.05 -11.10 -6.86
CA THR A 67 8.91 -11.91 -7.26
C THR A 67 8.34 -12.64 -6.05
N ARG A 68 7.06 -13.01 -6.16
CA ARG A 68 6.37 -13.70 -5.08
C ARG A 68 6.93 -15.12 -4.89
N GLN A 69 7.72 -15.56 -5.86
CA GLN A 69 8.33 -16.90 -5.82
C GLN A 69 9.61 -16.93 -5.00
N ASP A 70 10.37 -15.83 -5.02
CA ASP A 70 11.63 -15.76 -4.28
C ASP A 70 11.83 -14.35 -3.72
N PRO A 71 11.87 -14.22 -2.37
CA PRO A 71 12.06 -12.92 -1.70
C PRO A 71 13.53 -12.53 -1.63
N LYS A 72 14.20 -12.54 -2.76
CA LYS A 72 15.63 -12.19 -2.82
C LYS A 72 15.93 -10.88 -2.08
N TYR A 73 14.93 -10.01 -2.00
CA TYR A 73 15.10 -8.74 -1.29
C TYR A 73 13.75 -8.20 -0.82
N ARG A 74 12.83 -9.11 -0.57
CA ARG A 74 11.51 -8.76 -0.06
C ARG A 74 11.66 -8.27 1.37
N GLU A 75 10.99 -7.19 1.76
CA GLU A 75 10.10 -6.42 0.88
C GLU A 75 10.85 -5.34 0.12
N ILE A 76 10.26 -4.89 -0.97
CA ILE A 76 10.83 -3.84 -1.80
C ILE A 76 10.18 -2.50 -1.43
N LEU A 77 10.72 -1.39 -1.97
CA LEU A 77 10.18 -0.07 -1.68
C LEU A 77 8.65 -0.10 -1.69
N HIS A 78 8.09 0.10 -0.51
CA HIS A 78 6.64 0.05 -0.29
C HIS A 78 6.02 1.44 -0.12
N TRP A 79 4.71 1.49 -0.32
CA TRP A 79 3.94 2.72 -0.15
C TRP A 79 3.25 2.64 1.21
N SER A 80 3.61 3.54 2.12
CA SER A 80 3.06 3.49 3.47
C SER A 80 2.75 4.88 4.05
N VAL A 81 1.58 5.00 4.68
CA VAL A 81 1.13 6.27 5.28
C VAL A 81 0.42 6.01 6.62
N VAL A 82 0.70 6.84 7.62
CA VAL A 82 0.08 6.68 8.93
C VAL A 82 -0.28 8.01 9.58
N ASN A 83 -1.04 7.91 10.67
CA ASN A 83 -1.51 9.06 11.45
C ASN A 83 -2.18 10.11 10.59
N ILE A 84 -2.90 9.66 9.58
CA ILE A 84 -3.61 10.60 8.71
C ILE A 84 -4.76 11.21 9.50
N PRO A 85 -4.85 12.54 9.57
CA PRO A 85 -5.95 13.20 10.30
C PRO A 85 -7.31 12.77 9.75
N GLY A 86 -8.19 12.28 10.63
CA GLY A 86 -9.51 11.84 10.22
C GLY A 86 -10.41 12.94 9.66
N SER A 87 -9.97 13.56 8.57
CA SER A 87 -10.72 14.65 7.92
C SER A 87 -10.02 15.07 6.62
N ASN A 88 -9.57 14.10 5.83
CA ASN A 88 -8.87 14.41 4.58
C ASN A 88 -9.33 13.56 3.40
N GLU A 89 -10.40 12.80 3.57
CA GLU A 89 -10.93 12.01 2.47
C GLU A 89 -9.94 10.91 2.01
N ASN A 90 -8.65 11.15 2.23
CA ASN A 90 -7.60 10.22 1.86
C ASN A 90 -6.36 10.44 2.76
N PRO A 91 -5.35 9.57 2.65
CA PRO A 91 -4.13 9.63 3.47
C PRO A 91 -3.09 10.64 3.01
N SER A 92 -3.46 11.68 2.29
CA SER A 92 -2.46 12.63 1.84
C SER A 92 -2.04 13.63 2.93
N GLY A 93 -2.61 13.49 4.13
CA GLY A 93 -2.26 14.40 5.21
C GLY A 93 -1.32 13.79 6.25
N GLY A 94 -1.57 12.54 6.60
CA GLY A 94 -0.76 11.85 7.59
C GLY A 94 0.69 11.64 7.15
N HIS A 95 1.50 11.08 8.05
CA HIS A 95 2.91 10.86 7.77
C HIS A 95 3.14 9.81 6.67
N SER A 96 3.82 10.22 5.61
CA SER A 96 4.15 9.32 4.51
C SER A 96 5.45 8.59 4.84
N LEU A 97 5.32 7.45 5.50
CA LEU A 97 6.47 6.67 5.91
C LEU A 97 7.41 6.45 4.74
N ALA A 98 6.85 5.92 3.68
CA ALA A 98 7.58 5.66 2.44
C ALA A 98 6.69 6.02 1.26
N ASP A 99 7.14 6.96 0.45
CA ASP A 99 6.38 7.42 -0.71
C ASP A 99 6.09 6.28 -1.70
N TYR A 100 4.94 6.36 -2.35
CA TYR A 100 4.54 5.36 -3.35
C TYR A 100 5.47 5.43 -4.56
N VAL A 101 5.79 4.27 -5.13
CA VAL A 101 6.68 4.20 -6.28
C VAL A 101 6.20 3.17 -7.29
N GLY A 102 6.41 3.47 -8.57
CA GLY A 102 6.03 2.55 -9.63
C GLY A 102 7.11 1.51 -9.88
N SER A 103 8.19 1.61 -9.12
CA SER A 103 9.32 0.69 -9.24
C SER A 103 8.87 -0.76 -8.99
N GLY A 104 8.94 -1.21 -7.74
CA GLY A 104 8.53 -2.57 -7.41
C GLY A 104 9.25 -3.66 -8.18
N PRO A 105 8.75 -4.90 -8.10
CA PRO A 105 9.34 -6.07 -8.79
C PRO A 105 9.26 -5.97 -10.32
N PRO A 106 10.29 -6.49 -11.02
CA PRO A 106 10.33 -6.46 -12.49
C PRO A 106 9.32 -7.40 -13.16
N LYS A 107 9.03 -7.14 -14.43
CA LYS A 107 8.10 -7.95 -15.21
C LYS A 107 8.32 -9.43 -14.97
N ASP A 108 9.54 -9.78 -14.59
CA ASP A 108 9.92 -11.17 -14.35
C ASP A 108 8.92 -11.87 -13.43
N THR A 109 8.41 -11.16 -12.42
CA THR A 109 7.44 -11.76 -11.51
C THR A 109 6.05 -11.87 -12.14
N GLY A 110 5.80 -11.08 -13.19
CA GLY A 110 4.51 -11.13 -13.85
C GLY A 110 3.44 -10.30 -13.14
N LEU A 111 2.29 -10.93 -12.90
CA LEU A 111 1.16 -10.26 -12.27
C LEU A 111 1.43 -9.89 -10.80
N HIS A 112 1.04 -8.67 -10.45
CA HIS A 112 1.19 -8.18 -9.07
C HIS A 112 -0.20 -8.09 -8.45
N ARG A 113 -0.30 -8.40 -7.17
CA ARG A 113 -1.58 -8.33 -6.46
C ARG A 113 -1.38 -7.56 -5.16
N TYR A 114 -1.45 -6.25 -5.27
CA TYR A 114 -1.24 -5.38 -4.11
C TYR A 114 -2.53 -5.16 -3.32
N ILE A 115 -2.40 -5.25 -2.00
CA ILE A 115 -3.52 -5.09 -1.09
C ILE A 115 -3.36 -3.83 -0.23
N PHE A 116 -4.46 -3.09 -0.07
CA PHE A 116 -4.47 -1.87 0.73
C PHE A 116 -5.06 -2.16 2.11
N LEU A 117 -4.49 -1.52 3.14
CA LEU A 117 -4.96 -1.71 4.50
C LEU A 117 -5.23 -0.35 5.16
N LEU A 118 -6.42 -0.20 5.76
CA LEU A 118 -6.82 1.04 6.42
C LEU A 118 -7.28 0.77 7.86
N TYR A 119 -6.81 1.59 8.80
CA TYR A 119 -7.16 1.43 10.21
C TYR A 119 -7.30 2.78 10.91
N ARG A 120 -8.20 2.85 11.90
CA ARG A 120 -8.41 4.08 12.65
C ARG A 120 -7.36 4.18 13.76
N GLN A 121 -6.77 5.36 13.91
CA GLN A 121 -5.75 5.59 14.93
C GLN A 121 -6.22 6.65 15.92
N GLU A 122 -5.95 6.43 17.19
CA GLU A 122 -6.33 7.37 18.23
C GLU A 122 -5.10 8.06 18.83
N ASN A 123 -4.00 7.32 18.93
CA ASN A 123 -2.77 7.86 19.48
C ASN A 123 -1.84 8.34 18.37
N LYS A 124 -1.34 9.57 18.52
CA LYS A 124 -0.43 10.14 17.53
C LYS A 124 0.95 9.49 17.62
N ILE A 125 1.58 9.29 16.47
CA ILE A 125 2.89 8.66 16.39
C ILE A 125 3.77 9.33 15.35
N GLU A 126 5.08 9.40 15.64
CA GLU A 126 6.06 9.98 14.74
C GLU A 126 6.54 8.92 13.76
N GLU A 127 6.56 7.69 14.25
CA GLU A 127 6.98 6.51 13.48
C GLU A 127 8.00 6.82 12.39
N THR A 128 9.13 7.41 12.80
CA THR A 128 10.26 7.74 11.91
C THR A 128 9.91 8.71 10.78
N PRO A 129 10.83 9.68 10.51
CA PRO A 129 10.68 10.69 9.45
C PRO A 129 10.25 10.11 8.11
N THR A 130 9.68 10.97 7.28
CA THR A 130 9.20 10.59 5.95
C THR A 130 10.32 10.09 5.04
N ILE A 131 10.03 9.02 4.28
CA ILE A 131 10.98 8.48 3.32
C ILE A 131 10.51 8.75 1.89
N SER A 132 11.41 9.30 1.06
CA SER A 132 11.09 9.64 -0.33
C SER A 132 10.95 8.42 -1.22
N ASN A 133 10.16 8.57 -2.28
CA ASN A 133 9.95 7.52 -3.26
C ASN A 133 11.29 7.12 -3.86
N THR A 134 12.23 8.05 -3.85
CA THR A 134 13.57 7.84 -4.39
C THR A 134 14.51 7.21 -3.37
N THR A 135 13.95 6.68 -2.28
CA THR A 135 14.76 6.07 -1.24
C THR A 135 15.45 4.80 -1.71
N ARG A 136 16.74 4.72 -1.45
CA ARG A 136 17.54 3.56 -1.81
C ARG A 136 17.30 2.42 -0.83
N THR A 137 17.86 1.26 -1.12
CA THR A 137 17.71 0.10 -0.25
C THR A 137 18.14 0.44 1.17
N GLY A 138 17.68 -0.34 2.15
CA GLY A 138 18.03 -0.07 3.53
C GLY A 138 16.81 0.28 4.38
N ARG A 139 15.67 0.45 3.72
CA ARG A 139 14.43 0.77 4.42
C ARG A 139 13.22 0.26 3.62
N LEU A 140 13.49 -0.50 2.56
CA LEU A 140 12.43 -1.08 1.75
C LEU A 140 12.05 -2.43 2.33
N ASN A 141 13.07 -3.18 2.78
CA ASN A 141 12.88 -4.48 3.42
C ASN A 141 12.08 -4.29 4.70
N PHE A 142 10.81 -3.95 4.56
CA PHE A 142 9.95 -3.72 5.71
C PHE A 142 8.67 -4.53 5.63
N ASN A 143 8.37 -5.24 6.71
CA ASN A 143 7.16 -6.06 6.80
C ASN A 143 6.02 -5.31 7.50
N ALA A 144 4.82 -5.40 6.94
CA ALA A 144 3.66 -4.73 7.53
C ALA A 144 3.45 -5.20 8.97
N ARG A 145 3.70 -6.48 9.18
CA ARG A 145 3.56 -7.12 10.48
C ARG A 145 4.14 -6.24 11.59
N ASP A 146 5.16 -5.46 11.27
CA ASP A 146 5.79 -4.57 12.25
C ASP A 146 4.76 -3.58 12.80
N PHE A 147 4.17 -2.80 11.91
CA PHE A 147 3.16 -1.83 12.29
C PHE A 147 1.94 -2.54 12.84
N ALA A 148 1.62 -3.67 12.24
CA ALA A 148 0.48 -4.46 12.68
C ALA A 148 0.66 -4.87 14.15
N ALA A 149 1.91 -5.17 14.52
CA ALA A 149 2.21 -5.57 15.88
C ALA A 149 2.23 -4.38 16.85
N LYS A 150 3.01 -3.34 16.52
CA LYS A 150 3.12 -2.17 17.40
C LYS A 150 1.97 -1.17 17.22
N HIS A 151 1.67 -0.75 15.99
CA HIS A 151 0.57 0.20 15.78
C HIS A 151 -0.78 -0.46 16.09
N GLY A 152 -0.73 -1.74 16.47
CA GLY A 152 -1.93 -2.48 16.83
C GLY A 152 -2.97 -2.61 15.73
N LEU A 153 -2.52 -2.66 14.49
CA LEU A 153 -3.42 -2.79 13.34
C LEU A 153 -4.00 -4.21 13.23
N GLY A 154 -3.87 -4.99 14.31
CA GLY A 154 -4.36 -6.36 14.32
C GLY A 154 -5.77 -6.53 13.77
N GLU A 155 -6.54 -5.46 13.71
CA GLU A 155 -7.91 -5.52 13.20
C GLU A 155 -8.19 -4.36 12.25
N PRO A 156 -8.00 -4.57 10.94
CA PRO A 156 -8.22 -3.53 9.93
C PRO A 156 -9.70 -3.16 9.78
N ILE A 157 -9.98 -1.86 9.73
CA ILE A 157 -11.36 -1.39 9.60
C ILE A 157 -11.76 -1.36 8.13
N ALA A 158 -10.81 -1.03 7.26
CA ALA A 158 -11.07 -0.97 5.83
C ALA A 158 -9.92 -1.56 5.03
N ALA A 159 -10.25 -2.16 3.90
CA ALA A 159 -9.25 -2.78 3.05
C ALA A 159 -9.79 -3.02 1.65
N ASN A 160 -8.87 -3.17 0.71
CA ASN A 160 -9.21 -3.43 -0.67
C ASN A 160 -7.95 -3.91 -1.36
N TYR A 161 -8.08 -4.44 -2.55
CA TYR A 161 -6.92 -4.98 -3.24
C TYR A 161 -7.13 -4.97 -4.74
N TYR A 162 -6.02 -4.98 -5.48
CA TYR A 162 -6.07 -4.95 -6.94
C TYR A 162 -4.89 -5.68 -7.57
N GLN A 163 -5.10 -6.18 -8.78
CA GLN A 163 -4.04 -6.90 -9.50
C GLN A 163 -3.58 -6.12 -10.71
N ALA A 164 -2.26 -6.04 -10.89
CA ALA A 164 -1.68 -5.33 -12.01
C ALA A 164 -0.29 -5.84 -12.36
N GLN A 165 0.02 -5.81 -13.65
CA GLN A 165 1.33 -6.25 -14.15
C GLN A 165 1.82 -5.20 -15.14
N TYR A 166 3.13 -5.13 -15.37
CA TYR A 166 3.68 -4.12 -16.27
C TYR A 166 5.05 -4.53 -16.81
N ASP A 167 5.43 -3.92 -17.94
CA ASP A 167 6.69 -4.20 -18.57
C ASP A 167 7.83 -3.61 -17.75
N ASP A 168 9.03 -4.17 -17.94
CA ASP A 168 10.20 -3.72 -17.22
C ASP A 168 10.33 -2.20 -17.28
N TYR A 169 9.72 -1.61 -18.30
CA TYR A 169 9.73 -0.16 -18.48
C TYR A 169 9.25 0.54 -17.21
N VAL A 170 8.25 -0.02 -16.53
CA VAL A 170 7.75 0.61 -15.32
C VAL A 170 8.83 0.50 -14.22
N PRO A 171 9.28 -0.72 -13.88
CA PRO A 171 10.32 -0.91 -12.88
C PRO A 171 11.49 0.06 -13.06
N ILE A 172 11.73 0.46 -14.33
CA ILE A 172 12.80 1.40 -14.65
C ILE A 172 12.75 2.59 -13.69
N ARG A 173 11.57 2.81 -13.12
CA ARG A 173 11.35 3.88 -12.18
C ARG A 173 12.50 3.91 -11.17
N ASN A 174 13.10 2.75 -10.96
CA ASN A 174 14.22 2.61 -10.03
C ASN A 174 15.26 3.73 -10.23
N LYS A 175 15.43 4.16 -11.49
CA LYS A 175 16.37 5.23 -11.81
C LYS A 175 16.15 6.47 -10.94
N THR A 176 14.90 6.67 -10.55
CA THR A 176 14.53 7.82 -9.72
C THR A 176 15.14 7.68 -8.33
N ILE A 177 15.36 6.44 -7.91
CA ILE A 177 15.95 6.15 -6.61
C ILE A 177 17.37 6.71 -6.51
N VAL A 178 17.68 7.38 -5.40
CA VAL A 178 19.00 7.96 -5.21
C VAL A 178 19.42 8.00 -3.74
N GLY A 179 18.60 7.46 -2.85
CA GLY A 179 18.92 7.46 -1.43
C GLY A 179 19.30 8.84 -0.92
N MET A 1 -1.04 -14.70 13.76
CA MET A 1 -2.48 -14.56 13.41
C MET A 1 -2.66 -14.52 11.90
N ASP A 2 -3.74 -15.11 11.44
CA ASP A 2 -4.05 -15.18 10.02
C ASP A 2 -5.47 -15.70 9.82
N ASP A 3 -6.34 -14.87 9.24
CA ASP A 3 -7.73 -15.26 9.03
C ASP A 3 -7.97 -15.89 7.66
N ILE A 4 -7.92 -15.08 6.61
CA ILE A 4 -8.17 -15.57 5.25
C ILE A 4 -6.97 -15.33 4.33
N VAL A 5 -5.86 -15.98 4.65
CA VAL A 5 -4.63 -15.86 3.87
C VAL A 5 -4.09 -17.26 3.51
N PRO A 6 -3.60 -17.45 2.27
CA PRO A 6 -3.56 -16.41 1.24
C PRO A 6 -4.87 -16.30 0.46
N ASP A 7 -5.99 -16.53 1.14
CA ASP A 7 -7.30 -16.45 0.49
C ASP A 7 -7.50 -15.07 -0.11
N VAL A 8 -7.33 -14.05 0.73
CA VAL A 8 -7.47 -12.66 0.31
C VAL A 8 -6.81 -11.71 1.31
N LEU A 9 -6.92 -12.03 2.60
CA LEU A 9 -6.35 -11.19 3.64
C LEU A 9 -6.09 -11.99 4.92
N ASP A 10 -4.98 -11.70 5.56
CA ASP A 10 -4.60 -12.38 6.80
C ASP A 10 -5.41 -11.87 8.00
N ALA A 11 -6.40 -11.02 7.74
CA ALA A 11 -7.23 -10.49 8.82
C ALA A 11 -8.58 -10.01 8.29
N VAL A 12 -9.66 -10.39 8.98
CA VAL A 12 -11.01 -10.00 8.57
C VAL A 12 -11.40 -8.63 9.14
N PRO A 13 -11.51 -7.61 8.26
CA PRO A 13 -11.89 -6.25 8.64
C PRO A 13 -13.41 -6.06 8.66
N ALA A 14 -13.88 -4.99 8.00
CA ALA A 14 -15.31 -4.68 7.93
C ALA A 14 -15.59 -3.75 6.76
N GLY A 15 -14.73 -2.74 6.57
CA GLY A 15 -14.92 -1.80 5.48
C GLY A 15 -13.89 -1.98 4.37
N THR A 16 -13.72 -0.97 3.53
CA THR A 16 -12.75 -1.05 2.44
C THR A 16 -12.19 0.32 2.09
N ILE A 17 -11.16 0.32 1.27
CA ILE A 17 -10.53 1.55 0.83
C ILE A 17 -10.93 1.83 -0.61
N LYS A 18 -11.41 3.03 -0.85
CA LYS A 18 -11.81 3.41 -2.18
C LYS A 18 -10.61 3.91 -2.95
N VAL A 19 -10.09 3.07 -3.85
CA VAL A 19 -8.95 3.46 -4.65
C VAL A 19 -9.34 3.50 -6.12
N ILE A 20 -9.39 4.69 -6.66
CA ILE A 20 -9.75 4.88 -8.07
C ILE A 20 -8.50 4.89 -8.92
N TYR A 21 -8.57 4.33 -10.11
CA TYR A 21 -7.39 4.29 -10.96
C TYR A 21 -7.25 5.58 -11.76
N GLY A 22 -8.02 5.71 -12.82
CA GLY A 22 -7.94 6.89 -13.67
C GLY A 22 -9.00 7.93 -13.40
N ASP A 23 -10.20 7.47 -13.00
CA ASP A 23 -11.32 8.40 -12.76
C ASP A 23 -12.55 7.69 -12.17
N ASP A 24 -13.28 6.97 -13.02
CA ASP A 24 -14.48 6.26 -12.59
C ASP A 24 -14.14 4.83 -12.15
N LEU A 25 -13.25 4.21 -12.90
CA LEU A 25 -12.83 2.84 -12.60
C LEU A 25 -11.99 2.82 -11.32
N GLU A 26 -12.27 1.84 -10.46
CA GLU A 26 -11.56 1.71 -9.19
C GLU A 26 -11.14 0.27 -8.94
N VAL A 27 -10.16 0.12 -8.06
CA VAL A 27 -9.64 -1.19 -7.72
C VAL A 27 -10.69 -1.97 -6.91
N LYS A 28 -10.90 -3.23 -7.27
CA LYS A 28 -11.88 -4.05 -6.57
C LYS A 28 -11.37 -5.47 -6.34
N GLN A 29 -11.09 -5.77 -5.08
CA GLN A 29 -10.64 -7.08 -4.64
C GLN A 29 -9.46 -7.62 -5.45
N GLY A 30 -8.43 -6.79 -5.60
CA GLY A 30 -7.22 -7.20 -6.30
C GLY A 30 -7.41 -7.58 -7.75
N ASN A 31 -8.56 -7.26 -8.31
CA ASN A 31 -8.82 -7.59 -9.70
C ASN A 31 -7.72 -7.01 -10.59
N GLU A 32 -7.56 -7.59 -11.77
CA GLU A 32 -6.57 -7.13 -12.74
C GLU A 32 -7.23 -6.23 -13.78
N LEU A 33 -6.67 -5.05 -14.00
CA LEU A 33 -7.21 -4.11 -14.97
C LEU A 33 -6.57 -4.29 -16.35
N THR A 34 -7.38 -4.75 -17.29
CA THR A 34 -6.98 -5.01 -18.67
C THR A 34 -7.61 -4.02 -19.64
N PRO A 35 -7.11 -3.93 -20.89
CA PRO A 35 -6.00 -4.75 -21.39
C PRO A 35 -4.68 -4.40 -20.71
N THR A 36 -4.44 -3.11 -20.53
CA THR A 36 -3.23 -2.64 -19.89
C THR A 36 -3.42 -1.19 -19.44
N GLN A 37 -4.57 -0.92 -18.83
CA GLN A 37 -4.89 0.42 -18.35
C GLN A 37 -4.16 0.74 -17.06
N VAL A 38 -3.45 -0.25 -16.53
CA VAL A 38 -2.66 -0.10 -15.31
C VAL A 38 -1.43 0.74 -15.57
N LYS A 39 -1.57 1.66 -16.51
CA LYS A 39 -0.49 2.54 -16.95
C LYS A 39 -0.48 3.87 -16.19
N ASP A 40 -1.35 4.00 -15.18
CA ASP A 40 -1.43 5.25 -14.42
C ASP A 40 -1.50 4.99 -12.92
N GLN A 41 -1.23 6.04 -12.13
CA GLN A 41 -1.24 5.94 -10.66
C GLN A 41 -2.67 5.83 -10.12
N PRO A 42 -2.87 5.08 -9.03
CA PRO A 42 -4.18 4.88 -8.42
C PRO A 42 -4.46 5.85 -7.26
N ILE A 43 -5.59 6.55 -7.33
CA ILE A 43 -5.99 7.50 -6.29
C ILE A 43 -6.62 6.77 -5.10
N VAL A 44 -6.12 7.04 -3.90
CA VAL A 44 -6.63 6.41 -2.67
C VAL A 44 -7.59 7.33 -1.92
N SER A 45 -8.69 6.76 -1.43
CA SER A 45 -9.68 7.52 -0.68
C SER A 45 -10.60 6.61 0.13
N TRP A 46 -11.14 7.14 1.21
CA TRP A 46 -12.04 6.37 2.08
C TRP A 46 -13.32 7.18 2.30
N SER A 47 -13.70 7.90 1.26
CA SER A 47 -14.89 8.74 1.28
C SER A 47 -16.10 7.96 1.79
N GLY A 48 -16.52 8.27 3.01
CA GLY A 48 -17.65 7.60 3.62
C GLY A 48 -17.23 6.77 4.81
N LEU A 49 -16.02 6.21 4.73
CA LEU A 49 -15.50 5.41 5.83
C LEU A 49 -15.02 6.33 6.94
N GLU A 50 -14.39 7.43 6.56
CA GLU A 50 -13.90 8.41 7.52
C GLU A 50 -15.10 9.06 8.23
N GLY A 51 -15.24 8.76 9.52
CA GLY A 51 -16.36 9.31 10.28
C GLY A 51 -15.89 10.15 11.45
N LYS A 52 -15.20 9.50 12.38
CA LYS A 52 -14.67 10.16 13.57
C LYS A 52 -13.38 9.47 13.99
N SER A 53 -12.27 10.17 13.84
CA SER A 53 -10.98 9.60 14.22
C SER A 53 -9.95 10.68 14.49
N ASN A 54 -9.11 10.47 15.50
CA ASN A 54 -8.07 11.41 15.86
C ASN A 54 -6.91 11.28 14.89
N LEU A 55 -6.70 10.04 14.43
CA LEU A 55 -5.63 9.72 13.51
C LEU A 55 -6.00 8.47 12.73
N LEU A 56 -5.43 8.28 11.55
CA LEU A 56 -5.74 7.10 10.75
C LEU A 56 -4.47 6.35 10.35
N THR A 57 -4.59 5.05 10.14
CA THR A 57 -3.47 4.20 9.76
C THR A 57 -3.75 3.52 8.43
N LEU A 58 -2.77 3.54 7.54
CA LEU A 58 -2.89 2.95 6.22
C LEU A 58 -1.62 2.17 5.89
N LEU A 59 -1.76 0.94 5.39
CA LEU A 59 -0.61 0.12 5.05
C LEU A 59 -0.93 -0.89 3.97
N MET A 60 0.11 -1.38 3.30
CA MET A 60 -0.03 -2.39 2.25
C MET A 60 0.17 -3.79 2.83
N VAL A 61 -0.37 -4.80 2.16
CA VAL A 61 -0.25 -6.17 2.63
C VAL A 61 0.15 -7.11 1.50
N ASP A 62 0.93 -8.12 1.85
CA ASP A 62 1.40 -9.13 0.91
C ASP A 62 2.34 -8.51 -0.14
N PRO A 63 3.25 -7.59 0.25
CA PRO A 63 4.19 -6.97 -0.69
C PRO A 63 4.93 -8.03 -1.52
N ASP A 64 5.12 -7.75 -2.80
CA ASP A 64 5.79 -8.70 -3.70
C ASP A 64 6.97 -8.07 -4.42
N ALA A 65 8.16 -8.65 -4.26
CA ALA A 65 9.34 -8.16 -4.95
C ALA A 65 10.54 -9.10 -4.79
N PRO A 66 11.30 -9.38 -5.87
CA PRO A 66 11.00 -8.89 -7.21
C PRO A 66 9.73 -9.53 -7.74
N THR A 67 9.53 -10.77 -7.32
CA THR A 67 8.37 -11.57 -7.68
C THR A 67 7.92 -12.38 -6.47
N ARG A 68 6.62 -12.51 -6.26
CA ARG A 68 6.10 -13.27 -5.11
C ARG A 68 6.65 -14.70 -5.13
N GLN A 69 7.07 -15.12 -6.31
CA GLN A 69 7.64 -16.45 -6.51
C GLN A 69 9.05 -16.54 -5.94
N ASP A 70 9.79 -15.44 -6.03
CA ASP A 70 11.17 -15.37 -5.54
C ASP A 70 11.42 -14.03 -4.85
N PRO A 71 10.69 -13.76 -3.76
CA PRO A 71 10.80 -12.51 -2.99
C PRO A 71 12.14 -12.36 -2.26
N LYS A 72 13.24 -12.48 -3.00
CA LYS A 72 14.58 -12.37 -2.41
C LYS A 72 14.74 -11.11 -1.58
N TYR A 73 14.40 -9.94 -2.15
CA TYR A 73 14.50 -8.68 -1.41
C TYR A 73 13.13 -8.17 -1.04
N ARG A 74 12.25 -9.08 -0.65
CA ARG A 74 10.90 -8.73 -0.22
C ARG A 74 11.00 -8.25 1.23
N GLU A 75 10.27 -7.21 1.61
CA GLU A 75 9.34 -6.48 0.74
C GLU A 75 10.02 -5.34 -0.01
N ILE A 76 9.24 -4.66 -0.86
CA ILE A 76 9.71 -3.54 -1.64
C ILE A 76 9.16 -2.22 -1.06
N LEU A 77 9.39 -1.12 -1.75
CA LEU A 77 8.91 0.19 -1.32
C LEU A 77 7.39 0.28 -1.39
N HIS A 78 6.72 -0.53 -0.59
CA HIS A 78 5.26 -0.55 -0.56
C HIS A 78 4.71 0.83 -0.21
N TRP A 79 3.39 0.94 -0.19
CA TRP A 79 2.75 2.20 0.14
C TRP A 79 2.29 2.17 1.58
N SER A 80 2.77 3.12 2.37
CA SER A 80 2.43 3.15 3.79
C SER A 80 2.22 4.56 4.27
N VAL A 81 1.10 4.77 4.96
CA VAL A 81 0.76 6.08 5.49
C VAL A 81 0.10 5.92 6.84
N VAL A 82 0.61 6.63 7.82
CA VAL A 82 0.06 6.54 9.17
C VAL A 82 -0.23 7.90 9.77
N ASN A 83 -0.99 7.86 10.85
CA ASN A 83 -1.39 9.05 11.59
C ASN A 83 -2.04 10.09 10.69
N ILE A 84 -2.94 9.65 9.82
CA ILE A 84 -3.66 10.57 8.94
C ILE A 84 -4.78 11.21 9.74
N PRO A 85 -4.76 12.54 9.92
CA PRO A 85 -5.82 13.23 10.68
C PRO A 85 -7.21 12.95 10.12
N GLY A 86 -8.12 12.49 10.97
CA GLY A 86 -9.49 12.21 10.55
C GLY A 86 -10.19 13.42 9.96
N SER A 87 -9.81 13.78 8.74
CA SER A 87 -10.39 14.92 8.03
C SER A 87 -9.70 15.12 6.69
N ASN A 88 -9.49 14.03 5.95
CA ASN A 88 -8.81 14.09 4.66
C ASN A 88 -9.49 13.27 3.57
N GLU A 89 -10.19 12.20 3.96
CA GLU A 89 -10.87 11.34 2.99
C GLU A 89 -9.85 10.48 2.25
N ASN A 90 -8.58 10.67 2.59
CA ASN A 90 -7.47 9.93 1.99
C ASN A 90 -6.21 10.15 2.80
N PRO A 91 -5.24 9.22 2.69
CA PRO A 91 -3.97 9.32 3.42
C PRO A 91 -3.00 10.32 2.79
N SER A 92 -3.46 11.55 2.60
CA SER A 92 -2.62 12.57 1.98
C SER A 92 -2.06 13.55 3.03
N GLY A 93 -2.50 13.38 4.28
CA GLY A 93 -2.04 14.26 5.35
C GLY A 93 -1.10 13.59 6.36
N GLY A 94 -1.40 12.36 6.74
CA GLY A 94 -0.58 11.65 7.71
C GLY A 94 0.83 11.35 7.22
N HIS A 95 1.66 10.82 8.12
CA HIS A 95 3.05 10.51 7.82
C HIS A 95 3.18 9.39 6.78
N SER A 96 3.80 9.73 5.65
CA SER A 96 4.03 8.76 4.58
C SER A 96 5.29 7.94 4.90
N LEU A 97 5.08 6.83 5.60
CA LEU A 97 6.16 5.95 6.00
C LEU A 97 7.06 5.62 4.81
N ALA A 98 6.46 5.62 3.64
CA ALA A 98 7.16 5.33 2.39
C ALA A 98 6.30 5.78 1.23
N ASP A 99 6.52 6.99 0.77
CA ASP A 99 5.72 7.57 -0.32
C ASP A 99 5.45 6.56 -1.44
N TYR A 100 4.22 6.60 -1.96
CA TYR A 100 3.78 5.71 -3.02
C TYR A 100 4.70 5.82 -4.24
N VAL A 101 4.89 4.70 -4.95
CA VAL A 101 5.75 4.68 -6.11
C VAL A 101 5.38 3.53 -7.05
N GLY A 102 5.84 3.64 -8.30
CA GLY A 102 5.56 2.61 -9.29
C GLY A 102 6.27 1.31 -9.00
N SER A 103 6.12 0.35 -9.90
CA SER A 103 6.73 -0.96 -9.78
C SER A 103 8.26 -0.88 -9.84
N GLY A 104 8.92 -1.38 -8.81
CA GLY A 104 10.36 -1.39 -8.79
C GLY A 104 10.92 -2.64 -9.44
N PRO A 105 10.39 -3.82 -9.08
CA PRO A 105 10.85 -5.09 -9.65
C PRO A 105 10.74 -5.14 -11.17
N PRO A 106 11.73 -5.78 -11.83
CA PRO A 106 11.75 -5.90 -13.30
C PRO A 106 10.51 -6.63 -13.82
N LYS A 107 10.03 -6.20 -14.97
CA LYS A 107 8.84 -6.78 -15.59
C LYS A 107 8.86 -8.32 -15.58
N ASP A 108 10.00 -8.90 -15.91
CA ASP A 108 10.14 -10.36 -15.96
C ASP A 108 9.83 -11.03 -14.62
N THR A 109 9.47 -10.24 -13.60
CA THR A 109 9.14 -10.79 -12.31
C THR A 109 7.73 -11.37 -12.30
N GLY A 110 6.86 -10.84 -13.16
CA GLY A 110 5.51 -11.32 -13.25
C GLY A 110 4.49 -10.39 -12.62
N LEU A 111 3.27 -10.90 -12.44
CA LEU A 111 2.18 -10.12 -11.87
C LEU A 111 2.48 -9.63 -10.45
N HIS A 112 2.11 -8.38 -10.19
CA HIS A 112 2.28 -7.76 -8.88
C HIS A 112 0.93 -7.66 -8.19
N ARG A 113 0.87 -8.12 -6.95
CA ARG A 113 -0.38 -8.07 -6.21
C ARG A 113 -0.29 -7.09 -5.04
N TYR A 114 -1.15 -6.10 -5.06
CA TYR A 114 -1.19 -5.09 -4.02
C TYR A 114 -2.43 -5.25 -3.14
N ILE A 115 -2.25 -5.05 -1.85
CA ILE A 115 -3.34 -5.15 -0.90
C ILE A 115 -3.30 -3.94 0.02
N PHE A 116 -4.45 -3.30 0.22
CA PHE A 116 -4.55 -2.10 1.06
C PHE A 116 -5.21 -2.41 2.40
N LEU A 117 -4.65 -1.87 3.47
CA LEU A 117 -5.18 -2.06 4.82
C LEU A 117 -5.39 -0.69 5.48
N LEU A 118 -6.52 -0.54 6.18
CA LEU A 118 -6.87 0.71 6.87
C LEU A 118 -7.23 0.43 8.33
N TYR A 119 -6.74 1.28 9.23
CA TYR A 119 -6.98 1.15 10.67
C TYR A 119 -7.14 2.52 11.33
N ARG A 120 -8.16 2.69 12.15
CA ARG A 120 -8.37 3.97 12.82
C ARG A 120 -7.40 4.13 13.99
N GLN A 121 -6.70 5.26 14.01
CA GLN A 121 -5.72 5.53 15.06
C GLN A 121 -6.22 6.53 16.09
N GLU A 122 -5.74 6.36 17.31
CA GLU A 122 -6.09 7.24 18.42
C GLU A 122 -4.87 8.03 18.85
N ASN A 123 -3.79 7.33 19.18
CA ASN A 123 -2.55 7.97 19.61
C ASN A 123 -1.54 8.02 18.47
N LYS A 124 -0.94 9.19 18.24
CA LYS A 124 0.04 9.36 17.18
C LYS A 124 1.22 8.41 17.40
N ILE A 125 1.51 7.60 16.40
CA ILE A 125 2.61 6.63 16.48
C ILE A 125 3.93 7.23 16.07
N GLU A 126 4.94 7.13 16.92
CA GLU A 126 6.24 7.64 16.55
C GLU A 126 6.76 6.73 15.45
N GLU A 127 7.00 7.30 14.29
CA GLU A 127 7.42 6.52 13.14
C GLU A 127 8.46 7.21 12.26
N THR A 128 9.32 8.02 12.88
CA THR A 128 10.40 8.72 12.17
C THR A 128 9.89 9.48 10.93
N PRO A 129 10.75 10.29 10.27
CA PRO A 129 10.36 11.07 9.10
C PRO A 129 9.82 10.24 7.94
N THR A 130 8.94 10.86 7.19
CA THR A 130 8.32 10.24 6.02
C THR A 130 9.38 9.87 4.98
N ILE A 131 9.33 8.64 4.46
CA ILE A 131 10.30 8.19 3.47
C ILE A 131 9.90 8.59 2.05
N SER A 132 10.90 9.02 1.29
CA SER A 132 10.71 9.44 -0.10
C SER A 132 10.48 8.25 -1.04
N ASN A 133 9.58 8.42 -2.01
CA ASN A 133 9.30 7.36 -2.97
C ASN A 133 10.58 6.93 -3.69
N THR A 134 11.34 7.93 -4.13
CA THR A 134 12.60 7.72 -4.86
C THR A 134 13.77 7.52 -3.89
N THR A 135 13.46 7.09 -2.67
CA THR A 135 14.49 6.91 -1.65
C THR A 135 15.52 5.85 -2.04
N ARG A 136 16.72 5.98 -1.47
CA ARG A 136 17.85 5.10 -1.74
C ARG A 136 17.62 3.68 -1.19
N THR A 137 18.46 2.74 -1.66
CA THR A 137 18.39 1.35 -1.23
C THR A 137 18.44 1.26 0.29
N GLY A 138 18.29 0.06 0.84
CA GLY A 138 18.32 -0.09 2.29
C GLY A 138 16.98 0.24 2.91
N ARG A 139 15.99 0.52 2.07
CA ARG A 139 14.66 0.85 2.52
C ARG A 139 13.58 0.21 1.65
N LEU A 140 13.80 -1.08 1.36
CA LEU A 140 12.86 -1.86 0.57
C LEU A 140 12.23 -2.92 1.47
N ASN A 141 13.07 -3.83 1.96
CA ASN A 141 12.62 -4.90 2.83
C ASN A 141 12.07 -4.35 4.14
N PHE A 142 10.81 -4.67 4.42
CA PHE A 142 10.15 -4.27 5.65
C PHE A 142 8.74 -4.83 5.75
N ASN A 143 8.56 -5.79 6.65
CA ASN A 143 7.26 -6.43 6.87
C ASN A 143 6.25 -5.48 7.49
N ALA A 144 5.14 -5.27 6.79
CA ALA A 144 4.09 -4.38 7.27
C ALA A 144 3.52 -4.86 8.62
N ARG A 145 3.29 -6.16 8.73
CA ARG A 145 2.74 -6.75 9.95
C ARG A 145 3.43 -6.20 11.21
N ASP A 146 4.73 -5.89 11.12
CA ASP A 146 5.44 -5.33 12.27
C ASP A 146 4.64 -4.16 12.82
N PHE A 147 4.25 -3.27 11.91
CA PHE A 147 3.47 -2.10 12.29
C PHE A 147 2.14 -2.53 12.87
N ALA A 148 1.52 -3.53 12.27
CA ALA A 148 0.23 -4.02 12.75
C ALA A 148 0.33 -4.50 14.19
N ALA A 149 1.36 -5.28 14.48
CA ALA A 149 1.58 -5.82 15.81
C ALA A 149 1.94 -4.74 16.83
N LYS A 150 2.95 -3.92 16.51
CA LYS A 150 3.39 -2.89 17.43
C LYS A 150 2.43 -1.69 17.48
N HIS A 151 2.03 -1.16 16.33
CA HIS A 151 1.10 -0.02 16.30
C HIS A 151 -0.27 -0.44 16.82
N GLY A 152 -0.47 -1.75 16.97
CA GLY A 152 -1.74 -2.26 17.46
C GLY A 152 -2.83 -2.25 16.42
N LEU A 153 -2.44 -2.28 15.15
CA LEU A 153 -3.39 -2.26 14.03
C LEU A 153 -4.05 -3.62 13.85
N GLY A 154 -3.94 -4.48 14.87
CA GLY A 154 -4.52 -5.81 14.78
C GLY A 154 -5.82 -5.86 14.01
N GLU A 155 -6.89 -5.35 14.62
CA GLU A 155 -8.21 -5.35 13.98
C GLU A 155 -8.28 -4.28 12.88
N PRO A 156 -8.39 -4.69 11.60
CA PRO A 156 -8.45 -3.75 10.49
C PRO A 156 -9.86 -3.21 10.24
N ILE A 157 -9.98 -1.90 10.11
CA ILE A 157 -11.28 -1.29 9.87
C ILE A 157 -11.69 -1.42 8.40
N ALA A 158 -10.72 -1.36 7.50
CA ALA A 158 -11.02 -1.44 6.07
C ALA A 158 -9.87 -2.04 5.27
N ALA A 159 -10.21 -2.71 4.16
CA ALA A 159 -9.21 -3.33 3.31
C ALA A 159 -9.64 -3.30 1.84
N ASN A 160 -8.66 -3.41 0.95
CA ASN A 160 -8.91 -3.40 -0.49
C ASN A 160 -7.72 -4.06 -1.19
N TYR A 161 -7.77 -4.25 -2.49
CA TYR A 161 -6.66 -4.91 -3.18
C TYR A 161 -6.65 -4.55 -4.68
N TYR A 162 -5.47 -4.66 -5.30
CA TYR A 162 -5.28 -4.33 -6.72
C TYR A 162 -4.07 -5.07 -7.30
N GLN A 163 -4.23 -5.72 -8.47
CA GLN A 163 -3.11 -6.45 -9.09
C GLN A 163 -2.72 -5.83 -10.44
N ALA A 164 -1.40 -5.74 -10.70
CA ALA A 164 -0.92 -5.15 -11.95
C ALA A 164 0.48 -5.64 -12.35
N GLN A 165 0.76 -5.63 -13.65
CA GLN A 165 2.05 -6.04 -14.18
C GLN A 165 2.45 -5.06 -15.29
N TYR A 166 3.74 -5.02 -15.65
CA TYR A 166 4.18 -4.10 -16.71
C TYR A 166 5.57 -4.45 -17.20
N ASP A 167 5.97 -3.83 -18.32
CA ASP A 167 7.29 -4.07 -18.91
C ASP A 167 8.39 -3.29 -18.17
N ASP A 168 9.54 -3.08 -18.82
CA ASP A 168 10.65 -2.34 -18.19
C ASP A 168 10.29 -0.86 -18.01
N TYR A 169 9.37 -0.39 -18.83
CA TYR A 169 8.97 1.02 -18.77
C TYR A 169 8.79 1.51 -17.33
N VAL A 170 8.15 0.73 -16.49
CA VAL A 170 7.94 1.13 -15.11
C VAL A 170 9.20 0.88 -14.25
N PRO A 171 9.73 -0.35 -14.23
CA PRO A 171 10.94 -0.66 -13.44
C PRO A 171 12.06 0.35 -13.66
N ILE A 172 12.38 0.63 -14.92
CA ILE A 172 13.43 1.57 -15.27
C ILE A 172 13.35 2.86 -14.44
N ARG A 173 12.13 3.28 -14.12
CA ARG A 173 11.93 4.51 -13.33
C ARG A 173 12.90 4.59 -12.15
N ASN A 174 13.30 3.41 -11.65
CA ASN A 174 14.21 3.31 -10.52
C ASN A 174 15.55 4.04 -10.74
N LYS A 175 15.85 4.41 -11.99
CA LYS A 175 17.11 5.07 -12.31
C LYS A 175 17.29 6.39 -11.53
N THR A 176 16.20 6.98 -11.04
CA THR A 176 16.27 8.25 -10.31
C THR A 176 16.53 8.06 -8.81
N ILE A 177 16.97 6.87 -8.40
CA ILE A 177 17.25 6.62 -6.99
C ILE A 177 18.52 7.36 -6.56
N VAL A 178 18.40 8.18 -5.50
CA VAL A 178 19.54 8.96 -5.03
C VAL A 178 19.55 9.12 -3.50
N GLY A 179 18.45 8.81 -2.83
CA GLY A 179 18.38 8.96 -1.38
C GLY A 179 18.10 10.38 -0.97
N MET A 1 -3.66 -12.77 11.82
CA MET A 1 -2.83 -13.78 11.11
C MET A 1 -3.50 -14.17 9.79
N ASP A 2 -3.22 -15.37 9.31
CA ASP A 2 -3.79 -15.84 8.04
C ASP A 2 -5.29 -16.12 8.18
N ASP A 3 -6.08 -15.08 8.45
CA ASP A 3 -7.53 -15.23 8.61
C ASP A 3 -8.21 -15.52 7.26
N ILE A 4 -7.76 -14.85 6.21
CA ILE A 4 -8.31 -15.07 4.87
C ILE A 4 -7.25 -14.83 3.79
N VAL A 5 -6.09 -15.42 4.02
CA VAL A 5 -4.96 -15.31 3.09
C VAL A 5 -4.31 -16.68 2.91
N PRO A 6 -3.87 -17.02 1.68
CA PRO A 6 -3.96 -16.16 0.50
C PRO A 6 -5.36 -16.13 -0.12
N ASP A 7 -6.39 -16.38 0.68
CA ASP A 7 -7.76 -16.36 0.18
C ASP A 7 -8.06 -15.02 -0.52
N VAL A 8 -7.81 -13.93 0.20
CA VAL A 8 -8.04 -12.59 -0.33
C VAL A 8 -7.27 -11.52 0.47
N LEU A 9 -7.30 -11.62 1.80
CA LEU A 9 -6.62 -10.66 2.65
C LEU A 9 -6.04 -11.33 3.88
N ASP A 10 -5.07 -10.71 4.53
CA ASP A 10 -4.48 -11.30 5.72
C ASP A 10 -5.57 -11.50 6.78
N ALA A 11 -6.43 -10.50 6.96
CA ALA A 11 -7.52 -10.61 7.93
C ALA A 11 -8.67 -9.68 7.59
N VAL A 12 -9.89 -10.22 7.67
CA VAL A 12 -11.08 -9.43 7.39
C VAL A 12 -11.19 -8.23 8.30
N PRO A 13 -11.33 -7.03 7.72
CA PRO A 13 -11.43 -5.79 8.47
C PRO A 13 -12.88 -5.43 8.81
N ALA A 14 -13.17 -4.14 8.83
CA ALA A 14 -14.52 -3.65 9.12
C ALA A 14 -15.13 -2.99 7.89
N GLY A 15 -14.28 -2.39 7.06
CA GLY A 15 -14.73 -1.74 5.85
C GLY A 15 -13.75 -1.92 4.70
N THR A 16 -13.47 -0.86 3.96
CA THR A 16 -12.56 -0.93 2.83
C THR A 16 -12.08 0.43 2.40
N ILE A 17 -11.02 0.45 1.61
CA ILE A 17 -10.47 1.68 1.08
C ILE A 17 -10.86 1.79 -0.39
N LYS A 18 -11.33 2.95 -0.81
CA LYS A 18 -11.73 3.13 -2.19
C LYS A 18 -10.51 3.46 -3.03
N VAL A 19 -9.98 2.49 -3.76
CA VAL A 19 -8.82 2.75 -4.58
C VAL A 19 -9.18 2.74 -6.05
N ILE A 20 -9.15 3.92 -6.64
CA ILE A 20 -9.42 4.10 -8.06
C ILE A 20 -8.10 4.04 -8.79
N TYR A 21 -8.07 3.37 -9.92
CA TYR A 21 -6.82 3.22 -10.64
C TYR A 21 -6.61 4.29 -11.70
N GLY A 22 -7.63 4.56 -12.52
CA GLY A 22 -7.49 5.56 -13.57
C GLY A 22 -8.41 6.75 -13.37
N ASP A 23 -9.67 6.46 -13.10
CA ASP A 23 -10.69 7.49 -12.91
C ASP A 23 -11.98 6.86 -12.39
N ASP A 24 -12.77 6.32 -13.31
CA ASP A 24 -14.01 5.66 -12.95
C ASP A 24 -13.72 4.23 -12.49
N LEU A 25 -12.68 3.65 -13.06
CA LEU A 25 -12.29 2.28 -12.71
C LEU A 25 -11.74 2.21 -11.29
N GLU A 26 -12.29 1.27 -10.53
CA GLU A 26 -11.93 1.04 -9.14
C GLU A 26 -11.53 -0.42 -8.91
N VAL A 27 -10.65 -0.66 -7.95
CA VAL A 27 -10.22 -2.02 -7.64
C VAL A 27 -11.17 -2.71 -6.67
N LYS A 28 -11.95 -3.66 -7.19
CA LYS A 28 -12.93 -4.40 -6.40
C LYS A 28 -12.29 -5.46 -5.49
N GLN A 29 -11.29 -5.06 -4.71
CA GLN A 29 -10.64 -5.96 -3.75
C GLN A 29 -10.02 -7.21 -4.39
N GLY A 30 -8.94 -7.03 -5.14
CA GLY A 30 -8.28 -8.15 -5.78
C GLY A 30 -8.67 -8.26 -7.23
N ASN A 31 -9.62 -7.41 -7.59
CA ASN A 31 -10.13 -7.33 -8.94
C ASN A 31 -9.01 -6.99 -9.92
N GLU A 32 -9.04 -7.66 -11.07
CA GLU A 32 -8.06 -7.45 -12.11
C GLU A 32 -8.64 -6.59 -13.22
N LEU A 33 -7.86 -5.64 -13.73
CA LEU A 33 -8.31 -4.75 -14.80
C LEU A 33 -7.61 -5.07 -16.12
N THR A 34 -8.28 -4.72 -17.22
CA THR A 34 -7.76 -4.96 -18.56
C THR A 34 -8.27 -3.89 -19.53
N PRO A 35 -7.58 -3.66 -20.66
CA PRO A 35 -6.35 -4.39 -21.04
C PRO A 35 -5.11 -3.84 -20.36
N THR A 36 -4.90 -2.53 -20.47
CA THR A 36 -3.73 -1.87 -19.87
C THR A 36 -4.09 -0.49 -19.33
N GLN A 37 -5.30 -0.37 -18.80
CA GLN A 37 -5.80 0.89 -18.24
C GLN A 37 -5.26 1.12 -16.83
N VAL A 38 -4.52 0.14 -16.32
CA VAL A 38 -3.94 0.18 -14.97
C VAL A 38 -2.59 0.88 -14.96
N LYS A 39 -2.44 1.88 -15.82
CA LYS A 39 -1.18 2.61 -15.95
C LYS A 39 -1.09 3.83 -15.02
N ASP A 40 -2.22 4.46 -14.70
CA ASP A 40 -2.23 5.64 -13.84
C ASP A 40 -1.93 5.32 -12.38
N GLN A 41 -1.38 6.30 -11.68
CA GLN A 41 -1.08 6.15 -10.25
C GLN A 41 -2.39 5.93 -9.47
N PRO A 42 -2.46 4.89 -8.65
CA PRO A 42 -3.69 4.57 -7.89
C PRO A 42 -4.15 5.70 -6.96
N ILE A 43 -5.41 6.08 -7.12
CA ILE A 43 -6.03 7.12 -6.31
C ILE A 43 -6.77 6.48 -5.13
N VAL A 44 -6.26 6.68 -3.93
CA VAL A 44 -6.86 6.12 -2.71
C VAL A 44 -7.82 7.10 -2.05
N SER A 45 -8.93 6.59 -1.52
CA SER A 45 -9.91 7.45 -0.85
C SER A 45 -10.79 6.66 0.12
N TRP A 46 -11.04 7.25 1.29
CA TRP A 46 -11.91 6.62 2.30
C TRP A 46 -13.13 7.48 2.51
N SER A 47 -13.45 8.29 1.50
CA SER A 47 -14.59 9.18 1.54
C SER A 47 -15.80 8.48 2.19
N GLY A 48 -16.29 9.07 3.28
CA GLY A 48 -17.42 8.50 3.99
C GLY A 48 -16.98 7.55 5.09
N LEU A 49 -15.90 6.82 4.86
CA LEU A 49 -15.37 5.88 5.85
C LEU A 49 -14.88 6.64 7.08
N GLU A 50 -14.59 7.92 6.89
CA GLU A 50 -14.13 8.74 8.00
C GLU A 50 -15.28 8.93 9.01
N GLY A 51 -15.21 9.96 9.85
CA GLY A 51 -16.30 10.19 10.80
C GLY A 51 -15.80 10.68 12.14
N LYS A 52 -15.08 9.81 12.85
CA LYS A 52 -14.53 10.13 14.15
C LYS A 52 -13.24 9.38 14.38
N SER A 53 -12.13 10.09 14.31
CA SER A 53 -10.82 9.50 14.50
C SER A 53 -9.81 10.57 14.86
N ASN A 54 -8.90 10.25 15.77
CA ASN A 54 -7.86 11.19 16.16
C ASN A 54 -6.83 11.25 15.05
N LEU A 55 -6.57 10.09 14.47
CA LEU A 55 -5.60 9.95 13.41
C LEU A 55 -5.92 8.72 12.57
N LEU A 56 -5.39 8.67 11.35
CA LEU A 56 -5.65 7.54 10.47
C LEU A 56 -4.33 6.88 10.05
N THR A 57 -4.38 5.58 9.76
CA THR A 57 -3.18 4.84 9.38
C THR A 57 -3.37 4.06 8.09
N LEU A 58 -2.64 4.44 7.05
CA LEU A 58 -2.71 3.78 5.74
C LEU A 58 -1.44 2.96 5.52
N LEU A 59 -1.60 1.73 5.05
CA LEU A 59 -0.45 0.86 4.82
C LEU A 59 -0.65 -0.03 3.60
N MET A 60 0.42 -0.72 3.21
CA MET A 60 0.40 -1.64 2.08
C MET A 60 1.08 -2.95 2.50
N VAL A 61 0.36 -4.05 2.38
CA VAL A 61 0.91 -5.34 2.78
C VAL A 61 0.74 -6.41 1.70
N ASP A 62 1.83 -6.68 0.99
CA ASP A 62 1.86 -7.69 -0.07
C ASP A 62 3.26 -7.76 -0.66
N PRO A 63 4.23 -8.23 0.13
CA PRO A 63 5.62 -8.34 -0.33
C PRO A 63 5.71 -8.95 -1.72
N ASP A 64 6.42 -8.29 -2.63
CA ASP A 64 6.54 -8.79 -3.99
C ASP A 64 7.72 -8.16 -4.73
N ALA A 65 8.90 -8.75 -4.60
CA ALA A 65 10.08 -8.24 -5.31
C ALA A 65 11.29 -9.16 -5.20
N PRO A 66 11.99 -9.42 -6.34
CA PRO A 66 11.61 -8.89 -7.66
C PRO A 66 10.25 -9.43 -8.08
N THR A 67 9.87 -10.54 -7.44
CA THR A 67 8.60 -11.18 -7.69
C THR A 67 8.24 -12.10 -6.52
N ARG A 68 6.95 -12.24 -6.26
CA ARG A 68 6.44 -13.07 -5.17
C ARG A 68 7.08 -14.45 -5.20
N GLN A 69 7.38 -14.88 -6.41
CA GLN A 69 7.99 -16.18 -6.65
C GLN A 69 9.39 -16.28 -6.02
N ASP A 70 10.10 -15.16 -5.98
CA ASP A 70 11.44 -15.12 -5.39
C ASP A 70 11.69 -13.78 -4.69
N PRO A 71 11.53 -13.75 -3.36
CA PRO A 71 11.75 -12.54 -2.55
C PRO A 71 13.24 -12.27 -2.35
N LYS A 72 13.95 -12.07 -3.45
CA LYS A 72 15.40 -11.81 -3.42
C LYS A 72 15.73 -10.75 -2.37
N TYR A 73 14.89 -9.74 -2.29
CA TYR A 73 15.06 -8.66 -1.32
C TYR A 73 13.70 -8.14 -0.90
N ARG A 74 12.83 -9.08 -0.56
CA ARG A 74 11.49 -8.75 -0.10
C ARG A 74 11.55 -8.20 1.33
N GLU A 75 10.82 -7.13 1.63
CA GLU A 75 9.94 -6.43 0.68
C GLU A 75 10.67 -5.33 -0.08
N ILE A 76 9.96 -4.71 -1.01
CA ILE A 76 10.50 -3.64 -1.85
C ILE A 76 9.79 -2.32 -1.54
N LEU A 77 9.89 -1.34 -2.42
CA LEU A 77 9.23 -0.06 -2.22
C LEU A 77 7.72 -0.25 -2.27
N HIS A 78 7.02 0.38 -1.32
CA HIS A 78 5.56 0.28 -1.25
C HIS A 78 4.98 1.57 -0.72
N TRP A 79 3.65 1.68 -0.76
CA TRP A 79 2.99 2.90 -0.31
C TRP A 79 2.47 2.78 1.12
N SER A 80 2.90 3.70 1.97
CA SER A 80 2.48 3.73 3.36
C SER A 80 2.32 5.17 3.83
N VAL A 81 1.23 5.46 4.49
CA VAL A 81 0.98 6.81 5.00
C VAL A 81 0.15 6.74 6.26
N VAL A 82 0.71 7.20 7.37
CA VAL A 82 0.00 7.14 8.64
C VAL A 82 -0.32 8.50 9.20
N ASN A 83 -0.84 8.48 10.43
CA ASN A 83 -1.21 9.67 11.18
C ASN A 83 -1.96 10.69 10.34
N ILE A 84 -2.91 10.23 9.52
CA ILE A 84 -3.70 11.16 8.74
C ILE A 84 -4.58 11.95 9.71
N PRO A 85 -4.46 13.28 9.71
CA PRO A 85 -5.20 14.13 10.63
C PRO A 85 -6.69 14.29 10.32
N GLY A 86 -7.53 13.57 11.08
CA GLY A 86 -8.98 13.72 10.95
C GLY A 86 -9.65 12.88 9.88
N SER A 87 -9.67 13.37 8.65
CA SER A 87 -10.36 12.65 7.58
C SER A 87 -10.15 13.31 6.24
N ASN A 88 -8.90 13.37 5.82
CA ASN A 88 -8.55 13.97 4.54
C ASN A 88 -8.93 13.03 3.40
N GLU A 89 -9.99 12.24 3.65
CA GLU A 89 -10.54 11.27 2.69
C GLU A 89 -9.46 10.46 1.99
N ASN A 90 -8.20 10.64 2.40
CA ASN A 90 -7.07 9.93 1.81
C ASN A 90 -5.77 10.36 2.51
N PRO A 91 -4.68 9.59 2.37
CA PRO A 91 -3.39 9.91 3.00
C PRO A 91 -2.72 11.16 2.42
N SER A 92 -3.50 12.21 2.22
CA SER A 92 -2.97 13.45 1.64
C SER A 92 -2.03 14.17 2.60
N GLY A 93 -2.42 14.25 3.88
CA GLY A 93 -1.61 14.94 4.87
C GLY A 93 -0.93 14.04 5.88
N GLY A 94 -0.97 12.74 5.64
CA GLY A 94 -0.37 11.79 6.57
C GLY A 94 1.12 11.54 6.33
N HIS A 95 1.76 10.91 7.30
CA HIS A 95 3.18 10.59 7.21
C HIS A 95 3.46 9.59 6.10
N SER A 96 4.02 10.08 4.99
CA SER A 96 4.37 9.19 3.89
C SER A 96 5.61 8.38 4.28
N LEU A 97 5.37 7.30 4.98
CA LEU A 97 6.43 6.43 5.45
C LEU A 97 7.10 5.72 4.29
N ALA A 98 6.37 5.65 3.18
CA ALA A 98 6.86 5.02 1.98
C ALA A 98 6.10 5.54 0.78
N ASP A 99 6.75 6.39 -0.01
CA ASP A 99 6.09 6.98 -1.17
C ASP A 99 5.64 5.89 -2.15
N TYR A 100 4.49 6.10 -2.75
CA TYR A 100 3.93 5.15 -3.71
C TYR A 100 4.77 5.07 -4.98
N VAL A 101 4.93 3.85 -5.48
CA VAL A 101 5.68 3.61 -6.71
C VAL A 101 4.89 2.69 -7.62
N GLY A 102 5.01 2.89 -8.93
CA GLY A 102 4.28 2.07 -9.89
C GLY A 102 4.54 0.59 -9.72
N SER A 103 5.80 0.20 -9.58
CA SER A 103 6.15 -1.21 -9.42
C SER A 103 7.63 -1.40 -9.13
N GLY A 104 7.96 -1.57 -7.85
CA GLY A 104 9.35 -1.80 -7.49
C GLY A 104 9.90 -3.02 -8.20
N PRO A 105 9.17 -4.15 -8.14
CA PRO A 105 9.56 -5.40 -8.82
C PRO A 105 9.53 -5.27 -10.36
N PRO A 106 10.52 -5.85 -11.05
CA PRO A 106 10.60 -5.80 -12.53
C PRO A 106 9.36 -6.34 -13.23
N LYS A 107 9.04 -5.77 -14.38
CA LYS A 107 7.88 -6.19 -15.18
C LYS A 107 7.82 -7.71 -15.30
N ASP A 108 8.98 -8.33 -15.37
CA ASP A 108 9.09 -9.78 -15.51
C ASP A 108 8.26 -10.53 -14.46
N THR A 109 7.94 -9.84 -13.38
CA THR A 109 7.14 -10.43 -12.30
C THR A 109 5.71 -10.69 -12.74
N GLY A 110 5.31 -10.05 -13.84
CA GLY A 110 3.97 -10.24 -14.37
C GLY A 110 2.88 -9.61 -13.51
N LEU A 111 1.76 -10.30 -13.43
CA LEU A 111 0.60 -9.83 -12.66
C LEU A 111 0.93 -9.70 -11.18
N HIS A 112 0.84 -8.47 -10.66
CA HIS A 112 1.12 -8.21 -9.26
C HIS A 112 -0.10 -8.51 -8.40
N ARG A 113 0.05 -8.21 -7.12
CA ARG A 113 -0.99 -8.37 -6.13
C ARG A 113 -0.79 -7.27 -5.12
N TYR A 114 -1.70 -6.32 -5.05
CA TYR A 114 -1.54 -5.18 -4.16
C TYR A 114 -2.65 -5.11 -3.13
N ILE A 115 -2.26 -4.87 -1.88
CA ILE A 115 -3.21 -4.78 -0.78
C ILE A 115 -2.98 -3.53 0.07
N PHE A 116 -4.01 -2.70 0.15
CA PHE A 116 -3.99 -1.50 0.97
C PHE A 116 -4.74 -1.75 2.28
N LEU A 117 -4.12 -1.39 3.38
CA LEU A 117 -4.72 -1.56 4.70
C LEU A 117 -4.95 -0.21 5.36
N LEU A 118 -6.05 -0.11 6.10
CA LEU A 118 -6.41 1.12 6.80
C LEU A 118 -6.66 0.81 8.27
N TYR A 119 -6.06 1.61 9.15
CA TYR A 119 -6.21 1.43 10.59
C TYR A 119 -6.52 2.75 11.29
N ARG A 120 -7.36 2.67 12.32
CA ARG A 120 -7.72 3.85 13.09
C ARG A 120 -6.58 4.21 14.04
N GLN A 121 -5.98 5.38 13.86
CA GLN A 121 -4.90 5.80 14.73
C GLN A 121 -5.44 6.59 15.91
N GLU A 122 -5.14 6.12 17.11
CA GLU A 122 -5.62 6.75 18.33
C GLU A 122 -4.64 7.80 18.87
N ASN A 123 -3.37 7.43 18.98
CA ASN A 123 -2.36 8.34 19.51
C ASN A 123 -1.40 8.83 18.44
N LYS A 124 -0.95 10.07 18.59
CA LYS A 124 -0.02 10.68 17.64
C LYS A 124 1.31 9.93 17.69
N ILE A 125 1.75 9.43 16.55
CA ILE A 125 2.99 8.70 16.46
C ILE A 125 4.03 9.49 15.67
N GLU A 126 5.23 9.63 16.25
CA GLU A 126 6.29 10.39 15.59
C GLU A 126 6.52 9.83 14.19
N GLU A 127 6.59 8.50 14.11
CA GLU A 127 6.74 7.80 12.86
C GLU A 127 7.93 8.30 12.03
N THR A 128 8.84 9.06 12.65
CA THR A 128 10.03 9.58 11.95
C THR A 128 9.66 10.30 10.64
N PRO A 129 10.62 11.02 10.02
CA PRO A 129 10.34 11.75 8.78
C PRO A 129 9.85 10.86 7.64
N THR A 130 9.02 11.44 6.79
CA THR A 130 8.48 10.73 5.64
C THR A 130 9.60 10.23 4.74
N ILE A 131 9.48 9.00 4.25
CA ILE A 131 10.50 8.41 3.40
C ILE A 131 10.23 8.61 1.92
N SER A 132 11.26 9.10 1.24
CA SER A 132 11.21 9.32 -0.18
C SER A 132 11.62 8.04 -0.90
N ASN A 133 10.87 7.65 -1.91
CA ASN A 133 11.18 6.42 -2.66
C ASN A 133 12.63 6.43 -3.15
N THR A 134 13.19 7.62 -3.36
CA THR A 134 14.57 7.74 -3.83
C THR A 134 15.56 7.18 -2.80
N THR A 135 15.04 6.74 -1.66
CA THR A 135 15.87 6.16 -0.61
C THR A 135 16.51 4.87 -1.12
N ARG A 136 17.82 4.92 -1.35
CA ARG A 136 18.57 3.79 -1.87
C ARG A 136 18.60 2.62 -0.89
N THR A 137 19.12 1.48 -1.37
CA THR A 137 19.21 0.25 -0.58
C THR A 137 19.35 0.56 0.91
N GLY A 138 18.62 -0.20 1.72
CA GLY A 138 18.63 0.01 3.16
C GLY A 138 17.27 0.41 3.68
N ARG A 139 16.27 0.40 2.80
CA ARG A 139 14.90 0.77 3.16
C ARG A 139 13.88 0.06 2.28
N LEU A 140 14.17 -1.19 1.92
CA LEU A 140 13.28 -1.98 1.08
C LEU A 140 12.65 -3.11 1.87
N ASN A 141 13.48 -4.02 2.36
CA ASN A 141 13.04 -5.18 3.14
C ASN A 141 12.33 -4.78 4.44
N PHE A 142 11.16 -4.17 4.31
CA PHE A 142 10.38 -3.75 5.46
C PHE A 142 8.89 -3.91 5.21
N ASN A 143 8.25 -4.75 6.02
CA ASN A 143 6.82 -4.98 5.90
C ASN A 143 6.04 -3.94 6.69
N ALA A 144 5.05 -3.33 6.05
CA ALA A 144 4.22 -2.29 6.66
C ALA A 144 3.40 -2.81 7.84
N ARG A 145 2.89 -4.03 7.74
CA ARG A 145 2.07 -4.61 8.79
C ARG A 145 2.68 -4.34 10.17
N ASP A 146 4.01 -4.26 10.22
CA ASP A 146 4.71 -3.99 11.46
C ASP A 146 4.08 -2.83 12.21
N PHE A 147 3.70 -1.80 11.46
CA PHE A 147 3.07 -0.62 12.04
C PHE A 147 1.81 -1.01 12.81
N ALA A 148 1.08 -1.97 12.26
CA ALA A 148 -0.13 -2.45 12.91
C ALA A 148 0.21 -3.09 14.25
N ALA A 149 1.43 -3.62 14.35
CA ALA A 149 1.89 -4.26 15.56
C ALA A 149 2.43 -3.23 16.56
N LYS A 150 3.44 -2.48 16.15
CA LYS A 150 4.02 -1.46 17.03
C LYS A 150 2.95 -0.52 17.56
N HIS A 151 2.06 -0.08 16.68
CA HIS A 151 1.00 0.83 17.07
C HIS A 151 -0.20 0.05 17.61
N GLY A 152 -0.04 -1.26 17.71
CA GLY A 152 -1.10 -2.11 18.22
C GLY A 152 -2.40 -1.97 17.46
N LEU A 153 -2.31 -1.59 16.20
CA LEU A 153 -3.50 -1.43 15.37
C LEU A 153 -4.17 -2.79 15.18
N GLY A 154 -3.35 -3.84 15.29
CA GLY A 154 -3.85 -5.20 15.16
C GLY A 154 -4.87 -5.38 14.06
N GLU A 155 -6.14 -5.20 14.41
CA GLU A 155 -7.24 -5.37 13.47
C GLU A 155 -7.31 -4.23 12.45
N PRO A 156 -7.32 -4.55 11.15
CA PRO A 156 -7.43 -3.54 10.12
C PRO A 156 -8.88 -3.06 10.01
N ILE A 157 -9.10 -1.75 10.13
CA ILE A 157 -10.46 -1.24 10.04
C ILE A 157 -10.98 -1.32 8.62
N ALA A 158 -10.08 -1.15 7.64
CA ALA A 158 -10.47 -1.20 6.24
C ALA A 158 -9.36 -1.77 5.38
N ALA A 159 -9.74 -2.44 4.29
CA ALA A 159 -8.79 -3.04 3.37
C ALA A 159 -9.30 -3.01 1.93
N ASN A 160 -8.37 -2.97 0.98
CA ASN A 160 -8.70 -2.95 -0.44
C ASN A 160 -7.49 -3.47 -1.19
N TYR A 161 -7.71 -4.19 -2.29
CA TYR A 161 -6.60 -4.77 -3.04
C TYR A 161 -6.92 -4.87 -4.53
N TYR A 162 -5.93 -5.32 -5.31
CA TYR A 162 -6.08 -5.45 -6.77
C TYR A 162 -4.93 -6.25 -7.38
N GLN A 163 -5.10 -6.69 -8.62
CA GLN A 163 -4.06 -7.42 -9.33
C GLN A 163 -3.79 -6.75 -10.68
N ALA A 164 -2.54 -6.38 -10.93
CA ALA A 164 -2.18 -5.71 -12.18
C ALA A 164 -0.70 -5.86 -12.53
N GLN A 165 -0.39 -5.81 -13.82
CA GLN A 165 0.99 -5.91 -14.28
C GLN A 165 1.45 -4.55 -14.79
N TYR A 166 2.67 -4.14 -14.44
CA TYR A 166 3.21 -2.86 -14.88
C TYR A 166 4.54 -3.06 -15.57
N ASP A 167 4.73 -2.40 -16.71
CA ASP A 167 5.96 -2.54 -17.49
C ASP A 167 7.19 -2.10 -16.71
N ASP A 168 8.35 -2.33 -17.31
CA ASP A 168 9.63 -1.96 -16.71
C ASP A 168 9.82 -0.45 -16.74
N TYR A 169 8.83 0.28 -16.26
CA TYR A 169 8.89 1.73 -16.23
C TYR A 169 9.47 2.23 -14.90
N VAL A 170 8.96 1.66 -13.80
CA VAL A 170 9.39 2.05 -12.47
C VAL A 170 10.71 1.38 -12.04
N PRO A 171 10.86 0.06 -12.24
CA PRO A 171 12.08 -0.66 -11.84
C PRO A 171 13.33 0.10 -12.27
N ILE A 172 13.32 0.60 -13.50
CA ILE A 172 14.44 1.37 -14.03
C ILE A 172 14.83 2.46 -13.05
N ARG A 173 13.82 3.09 -12.44
CA ARG A 173 14.03 4.17 -11.49
C ARG A 173 15.01 3.73 -10.39
N ASN A 174 15.07 2.43 -10.12
CA ASN A 174 15.98 1.91 -9.09
C ASN A 174 17.42 2.39 -9.32
N LYS A 175 17.87 2.38 -10.57
CA LYS A 175 19.22 2.83 -10.89
C LYS A 175 19.38 4.32 -10.60
N THR A 176 18.26 4.99 -10.43
CA THR A 176 18.24 6.43 -10.14
C THR A 176 18.21 6.67 -8.63
N ILE A 177 17.64 5.72 -7.90
CA ILE A 177 17.54 5.83 -6.45
C ILE A 177 18.92 6.02 -5.81
N VAL A 178 19.09 7.14 -5.11
CA VAL A 178 20.37 7.46 -4.45
C VAL A 178 20.17 8.33 -3.21
N GLY A 179 19.10 8.07 -2.48
CA GLY A 179 18.81 8.86 -1.30
C GLY A 179 18.44 10.29 -1.67
N MET A 1 -0.09 -13.97 10.73
CA MET A 1 -1.57 -13.97 10.67
C MET A 1 -2.03 -14.45 9.31
N ASP A 2 -3.13 -15.20 9.27
CA ASP A 2 -3.65 -15.77 8.02
C ASP A 2 -5.13 -16.10 8.15
N ASP A 3 -5.88 -15.16 8.70
CA ASP A 3 -7.32 -15.34 8.90
C ASP A 3 -8.04 -15.80 7.63
N ILE A 4 -8.05 -14.95 6.60
CA ILE A 4 -8.72 -15.30 5.33
C ILE A 4 -7.81 -15.02 4.14
N VAL A 5 -6.58 -15.50 4.23
CA VAL A 5 -5.59 -15.33 3.17
C VAL A 5 -5.28 -16.68 2.51
N PRO A 6 -5.07 -16.71 1.18
CA PRO A 6 -5.12 -15.54 0.31
C PRO A 6 -6.48 -15.34 -0.36
N ASP A 7 -7.54 -15.72 0.34
CA ASP A 7 -8.88 -15.56 -0.21
C ASP A 7 -9.22 -14.08 -0.34
N VAL A 8 -8.87 -13.32 0.69
CA VAL A 8 -9.12 -11.88 0.71
C VAL A 8 -8.15 -11.13 1.61
N LEU A 9 -7.93 -11.60 2.84
CA LEU A 9 -7.02 -10.91 3.77
C LEU A 9 -6.51 -11.84 4.86
N ASP A 10 -5.34 -11.51 5.42
CA ASP A 10 -4.79 -12.31 6.52
C ASP A 10 -5.56 -12.01 7.80
N ALA A 11 -6.52 -11.09 7.68
CA ALA A 11 -7.37 -10.69 8.80
C ALA A 11 -8.78 -10.39 8.28
N VAL A 12 -9.55 -9.60 9.03
CA VAL A 12 -10.92 -9.28 8.63
C VAL A 12 -11.28 -7.85 9.03
N PRO A 13 -11.49 -6.98 8.04
CA PRO A 13 -11.84 -5.57 8.28
C PRO A 13 -13.35 -5.37 8.38
N ALA A 14 -13.84 -4.28 7.78
CA ALA A 14 -15.26 -3.96 7.80
C ALA A 14 -15.65 -3.13 6.59
N GLY A 15 -14.76 -2.22 6.16
CA GLY A 15 -15.07 -1.39 5.00
C GLY A 15 -13.93 -1.31 4.00
N THR A 16 -14.24 -0.91 2.78
CA THR A 16 -13.23 -0.77 1.73
C THR A 16 -12.88 0.69 1.49
N ILE A 17 -11.71 0.92 0.95
CA ILE A 17 -11.25 2.27 0.65
C ILE A 17 -11.36 2.52 -0.84
N LYS A 18 -11.87 3.69 -1.20
CA LYS A 18 -12.02 4.05 -2.60
C LYS A 18 -10.67 4.38 -3.20
N VAL A 19 -10.26 3.61 -4.21
CA VAL A 19 -8.99 3.87 -4.86
C VAL A 19 -9.22 3.95 -6.36
N ILE A 20 -9.10 5.15 -6.89
CA ILE A 20 -9.32 5.39 -8.32
C ILE A 20 -8.02 5.48 -9.10
N TYR A 21 -8.04 4.94 -10.31
CA TYR A 21 -6.88 4.95 -11.18
C TYR A 21 -7.00 6.03 -12.25
N GLY A 22 -7.50 5.68 -13.44
CA GLY A 22 -7.65 6.67 -14.49
C GLY A 22 -8.61 7.77 -14.09
N ASP A 23 -9.78 7.35 -13.60
CA ASP A 23 -10.83 8.27 -13.15
C ASP A 23 -12.10 7.45 -12.87
N ASP A 24 -12.84 7.15 -13.92
CA ASP A 24 -14.05 6.36 -13.79
C ASP A 24 -13.68 4.99 -13.24
N LEU A 25 -12.49 4.53 -13.64
CA LEU A 25 -11.95 3.24 -13.22
C LEU A 25 -11.31 3.34 -11.84
N GLU A 26 -11.51 2.29 -11.06
CA GLU A 26 -10.99 2.19 -9.71
C GLU A 26 -10.70 0.73 -9.35
N VAL A 27 -9.75 0.55 -8.44
CA VAL A 27 -9.38 -0.79 -7.98
C VAL A 27 -10.35 -1.25 -6.92
N LYS A 28 -10.81 -2.49 -7.03
CA LYS A 28 -11.77 -3.01 -6.07
C LYS A 28 -11.72 -4.53 -5.94
N GLN A 29 -11.65 -4.96 -4.69
CA GLN A 29 -11.64 -6.36 -4.29
C GLN A 29 -10.96 -7.30 -5.29
N GLY A 30 -9.66 -7.10 -5.49
CA GLY A 30 -8.89 -7.99 -6.36
C GLY A 30 -9.22 -7.88 -7.83
N ASN A 31 -9.99 -6.87 -8.23
CA ASN A 31 -10.33 -6.72 -9.63
C ASN A 31 -9.05 -6.52 -10.44
N GLU A 32 -9.03 -7.02 -11.66
CA GLU A 32 -7.87 -6.88 -12.52
C GLU A 32 -8.06 -5.69 -13.45
N LEU A 33 -7.11 -4.78 -13.47
CA LEU A 33 -7.20 -3.62 -14.35
C LEU A 33 -6.48 -3.91 -15.66
N THR A 34 -7.26 -4.07 -16.71
CA THR A 34 -6.73 -4.38 -18.04
C THR A 34 -7.64 -3.82 -19.13
N PRO A 35 -7.10 -3.56 -20.33
CA PRO A 35 -5.70 -3.79 -20.67
C PRO A 35 -4.83 -2.55 -20.48
N THR A 36 -3.65 -2.73 -19.88
CA THR A 36 -2.73 -1.62 -19.63
C THR A 36 -3.41 -0.52 -18.82
N GLN A 37 -4.30 -0.93 -17.93
CA GLN A 37 -5.04 -0.01 -17.09
C GLN A 37 -4.34 0.18 -15.75
N VAL A 38 -3.23 -0.53 -15.57
CA VAL A 38 -2.46 -0.48 -14.33
C VAL A 38 -1.35 0.56 -14.38
N LYS A 39 -1.04 1.05 -15.58
CA LYS A 39 0.01 2.06 -15.74
C LYS A 39 -0.45 3.42 -15.26
N ASP A 40 -1.64 3.46 -14.66
CA ASP A 40 -2.21 4.71 -14.15
C ASP A 40 -1.95 4.88 -12.65
N GLN A 41 -1.76 6.13 -12.25
CA GLN A 41 -1.49 6.48 -10.85
C GLN A 41 -2.66 6.10 -9.94
N PRO A 42 -2.38 5.44 -8.81
CA PRO A 42 -3.42 5.05 -7.86
C PRO A 42 -3.83 6.20 -6.94
N ILE A 43 -5.12 6.50 -6.92
CA ILE A 43 -5.66 7.56 -6.06
C ILE A 43 -6.47 6.95 -4.94
N VAL A 44 -5.92 6.95 -3.73
CA VAL A 44 -6.59 6.38 -2.56
C VAL A 44 -7.46 7.41 -1.83
N SER A 45 -8.67 6.98 -1.44
CA SER A 45 -9.62 7.82 -0.72
C SER A 45 -10.64 6.95 0.00
N TRP A 46 -10.65 7.01 1.32
CA TRP A 46 -11.60 6.21 2.09
C TRP A 46 -12.88 6.99 2.37
N SER A 47 -13.23 7.85 1.41
CA SER A 47 -14.42 8.65 1.52
C SER A 47 -15.61 7.80 1.95
N GLY A 48 -16.31 8.26 2.99
CA GLY A 48 -17.46 7.54 3.51
C GLY A 48 -17.08 6.57 4.60
N LEU A 49 -15.88 5.98 4.51
CA LEU A 49 -15.42 5.04 5.51
C LEU A 49 -14.89 5.78 6.74
N GLU A 50 -14.43 7.00 6.52
CA GLU A 50 -13.86 7.81 7.59
C GLU A 50 -14.90 8.04 8.69
N GLY A 51 -14.40 8.38 9.87
CA GLY A 51 -15.26 8.64 11.01
C GLY A 51 -14.49 9.43 12.05
N LYS A 52 -15.21 10.07 12.96
CA LYS A 52 -14.54 10.85 13.99
C LYS A 52 -13.40 10.06 14.62
N SER A 53 -12.18 10.48 14.32
CA SER A 53 -10.99 9.82 14.83
C SER A 53 -9.87 10.85 14.99
N ASN A 54 -9.09 10.69 16.04
CA ASN A 54 -8.00 11.61 16.32
C ASN A 54 -6.97 11.49 15.23
N LEU A 55 -6.76 10.28 14.78
CA LEU A 55 -5.80 10.00 13.75
C LEU A 55 -6.12 8.70 13.03
N LEU A 56 -5.66 8.60 11.79
CA LEU A 56 -5.88 7.41 10.98
C LEU A 56 -4.54 6.80 10.58
N THR A 57 -4.51 5.49 10.38
CA THR A 57 -3.28 4.82 9.99
C THR A 57 -3.47 4.06 8.67
N LEU A 58 -2.77 4.50 7.63
CA LEU A 58 -2.85 3.86 6.32
C LEU A 58 -1.60 3.02 6.09
N LEU A 59 -1.77 1.81 5.61
CA LEU A 59 -0.64 0.92 5.38
C LEU A 59 -0.80 0.11 4.11
N MET A 60 0.34 -0.26 3.53
CA MET A 60 0.38 -1.05 2.31
C MET A 60 1.25 -2.27 2.54
N VAL A 61 0.65 -3.45 2.58
CA VAL A 61 1.40 -4.67 2.83
C VAL A 61 1.82 -5.37 1.54
N ASP A 62 1.61 -6.68 1.48
CA ASP A 62 1.93 -7.48 0.30
C ASP A 62 3.37 -7.27 -0.15
N PRO A 63 4.34 -7.80 0.59
CA PRO A 63 5.75 -7.69 0.22
C PRO A 63 5.99 -8.38 -1.11
N ASP A 64 6.64 -7.70 -2.06
CA ASP A 64 6.86 -8.31 -3.37
C ASP A 64 8.00 -7.66 -4.16
N ALA A 65 9.20 -8.21 -4.02
CA ALA A 65 10.33 -7.69 -4.78
C ALA A 65 11.58 -8.56 -4.63
N PRO A 66 12.28 -8.87 -5.73
CA PRO A 66 11.90 -8.48 -7.09
C PRO A 66 10.93 -9.48 -7.68
N THR A 67 10.57 -10.45 -6.84
CA THR A 67 9.67 -11.52 -7.21
C THR A 67 9.17 -12.23 -5.96
N ARG A 68 7.87 -12.47 -5.88
CA ARG A 68 7.30 -13.12 -4.72
C ARG A 68 7.98 -14.45 -4.45
N GLN A 69 8.57 -15.03 -5.48
CA GLN A 69 9.28 -16.29 -5.36
C GLN A 69 10.47 -16.14 -4.40
N ASP A 70 11.18 -15.01 -4.53
CA ASP A 70 12.34 -14.75 -3.69
C ASP A 70 12.44 -13.25 -3.35
N PRO A 71 12.18 -12.88 -2.08
CA PRO A 71 12.27 -11.49 -1.64
C PRO A 71 13.72 -11.03 -1.52
N LYS A 72 14.43 -11.00 -2.65
CA LYS A 72 15.84 -10.61 -2.67
C LYS A 72 16.07 -9.32 -1.88
N TYR A 73 15.04 -8.47 -1.81
CA TYR A 73 15.15 -7.22 -1.06
C TYR A 73 13.82 -6.73 -0.52
N ARG A 74 13.03 -7.63 0.05
CA ARG A 74 11.76 -7.24 0.65
C ARG A 74 12.06 -6.36 1.87
N GLU A 75 11.29 -5.28 2.10
CA GLU A 75 10.17 -4.86 1.27
C GLU A 75 10.54 -3.62 0.44
N ILE A 76 9.75 -3.30 -0.58
CA ILE A 76 10.00 -2.13 -1.45
C ILE A 76 9.53 -0.82 -0.80
N LEU A 77 9.79 0.30 -1.50
CA LEU A 77 9.38 1.64 -1.06
C LEU A 77 7.86 1.79 -1.21
N HIS A 78 7.14 0.88 -0.57
CA HIS A 78 5.67 0.86 -0.61
C HIS A 78 5.07 2.20 -0.20
N TRP A 79 3.76 2.33 -0.40
CA TRP A 79 3.06 3.55 -0.02
C TRP A 79 2.33 3.36 1.30
N SER A 80 2.78 4.07 2.32
CA SER A 80 2.20 3.99 3.65
C SER A 80 2.17 5.37 4.30
N VAL A 81 1.04 5.68 4.93
CA VAL A 81 0.86 6.98 5.58
C VAL A 81 0.14 6.79 6.91
N VAL A 82 0.51 7.56 7.92
CA VAL A 82 -0.10 7.43 9.24
C VAL A 82 -0.39 8.77 9.88
N ASN A 83 -1.25 8.73 10.89
CA ASN A 83 -1.64 9.90 11.66
C ASN A 83 -2.56 10.80 10.84
N ILE A 84 -3.37 10.21 9.97
CA ILE A 84 -4.29 11.03 9.16
C ILE A 84 -5.47 11.46 10.01
N PRO A 85 -5.59 12.78 10.31
CA PRO A 85 -6.70 13.29 11.11
C PRO A 85 -8.03 12.88 10.51
N GLY A 86 -8.94 12.40 11.35
CA GLY A 86 -10.27 11.99 10.87
C GLY A 86 -11.02 13.13 10.19
N SER A 87 -10.55 13.51 9.00
CA SER A 87 -11.16 14.59 8.22
C SER A 87 -10.31 14.81 6.96
N ASN A 88 -9.97 13.72 6.29
CA ASN A 88 -9.14 13.78 5.10
C ASN A 88 -9.68 12.89 3.98
N GLU A 89 -10.35 11.80 4.35
CA GLU A 89 -10.89 10.83 3.39
C GLU A 89 -9.82 10.43 2.39
N ASN A 90 -8.56 10.65 2.79
CA ASN A 90 -7.40 10.32 1.99
C ASN A 90 -6.14 10.48 2.83
N PRO A 91 -5.11 9.66 2.56
CA PRO A 91 -3.84 9.71 3.31
C PRO A 91 -3.01 10.94 2.98
N SER A 92 -3.62 12.12 3.02
CA SER A 92 -2.91 13.36 2.71
C SER A 92 -2.33 14.00 3.97
N GLY A 93 -3.20 14.26 4.94
CA GLY A 93 -2.78 14.90 6.19
C GLY A 93 -2.07 13.95 7.14
N GLY A 94 -1.31 13.01 6.60
CA GLY A 94 -0.59 12.05 7.43
C GLY A 94 0.86 11.86 7.01
N HIS A 95 1.68 11.37 7.93
CA HIS A 95 3.10 11.12 7.67
C HIS A 95 3.30 9.99 6.69
N SER A 96 3.87 10.29 5.53
CA SER A 96 4.15 9.26 4.55
C SER A 96 5.39 8.48 5.00
N LEU A 97 5.20 7.27 5.49
CA LEU A 97 6.33 6.48 5.95
C LEU A 97 7.27 6.24 4.77
N ALA A 98 6.68 5.69 3.72
CA ALA A 98 7.38 5.44 2.47
C ALA A 98 6.56 6.06 1.35
N ASP A 99 7.18 6.96 0.62
CA ASP A 99 6.48 7.67 -0.44
C ASP A 99 5.81 6.71 -1.41
N TYR A 100 4.73 7.19 -2.04
CA TYR A 100 3.98 6.38 -2.99
C TYR A 100 4.91 5.97 -4.14
N VAL A 101 4.96 4.67 -4.41
CA VAL A 101 5.82 4.16 -5.46
C VAL A 101 5.03 3.55 -6.61
N GLY A 102 5.59 3.66 -7.80
CA GLY A 102 4.99 3.12 -9.01
C GLY A 102 6.03 2.44 -9.86
N SER A 103 6.49 1.28 -9.39
CA SER A 103 7.52 0.51 -10.06
C SER A 103 7.63 -0.87 -9.42
N GLY A 104 8.48 -0.97 -8.40
CA GLY A 104 8.63 -2.24 -7.68
C GLY A 104 9.40 -3.30 -8.44
N PRO A 105 9.00 -4.58 -8.30
CA PRO A 105 9.67 -5.72 -8.95
C PRO A 105 9.60 -5.70 -10.47
N PRO A 106 10.57 -6.34 -11.15
CA PRO A 106 10.63 -6.42 -12.61
C PRO A 106 9.66 -7.44 -13.19
N LYS A 107 9.41 -7.33 -14.51
CA LYS A 107 8.51 -8.24 -15.22
C LYS A 107 8.65 -9.67 -14.72
N ASP A 108 9.82 -9.99 -14.19
CA ASP A 108 10.11 -11.32 -13.68
C ASP A 108 9.03 -11.81 -12.71
N THR A 109 8.57 -10.92 -11.84
CA THR A 109 7.55 -11.28 -10.85
C THR A 109 6.17 -11.48 -11.47
N GLY A 110 5.98 -11.01 -12.70
CA GLY A 110 4.66 -11.13 -13.32
C GLY A 110 3.57 -10.45 -12.50
N LEU A 111 2.37 -11.02 -12.50
CA LEU A 111 1.25 -10.45 -11.75
C LEU A 111 1.50 -10.54 -10.25
N HIS A 112 1.32 -9.42 -9.57
CA HIS A 112 1.49 -9.36 -8.13
C HIS A 112 0.29 -8.70 -7.46
N ARG A 113 -0.29 -9.40 -6.49
CA ARG A 113 -1.46 -8.90 -5.77
C ARG A 113 -1.04 -8.06 -4.58
N TYR A 114 -1.54 -6.83 -4.51
CA TYR A 114 -1.23 -5.90 -3.41
C TYR A 114 -2.49 -5.57 -2.61
N ILE A 115 -2.36 -5.49 -1.28
CA ILE A 115 -3.51 -5.21 -0.41
C ILE A 115 -3.26 -3.97 0.47
N PHE A 116 -4.19 -3.02 0.38
CA PHE A 116 -4.14 -1.81 1.19
C PHE A 116 -4.84 -2.03 2.51
N LEU A 117 -4.24 -1.56 3.60
CA LEU A 117 -4.81 -1.72 4.94
C LEU A 117 -4.97 -0.36 5.63
N LEU A 118 -6.11 -0.17 6.28
CA LEU A 118 -6.38 1.07 7.00
C LEU A 118 -6.78 0.74 8.44
N TYR A 119 -6.22 1.49 9.39
CA TYR A 119 -6.49 1.27 10.81
C TYR A 119 -6.81 2.59 11.52
N ARG A 120 -7.74 2.53 12.46
CA ARG A 120 -8.12 3.72 13.24
C ARG A 120 -6.99 4.05 14.21
N GLN A 121 -6.69 5.34 14.37
CA GLN A 121 -5.60 5.76 15.25
C GLN A 121 -6.06 6.74 16.33
N GLU A 122 -5.73 6.40 17.57
CA GLU A 122 -6.05 7.24 18.72
C GLU A 122 -4.77 7.94 19.18
N ASN A 123 -3.67 7.21 19.14
CA ASN A 123 -2.36 7.72 19.56
C ASN A 123 -1.47 7.96 18.34
N LYS A 124 -0.90 9.15 18.27
CA LYS A 124 -0.01 9.53 17.18
C LYS A 124 1.29 8.74 17.19
N ILE A 125 1.89 8.56 16.01
CA ILE A 125 3.14 7.82 15.85
C ILE A 125 4.10 8.57 14.91
N GLU A 126 5.40 8.43 15.18
CA GLU A 126 6.42 9.08 14.35
C GLU A 126 6.64 8.32 13.04
N GLU A 127 6.85 7.02 13.16
CA GLU A 127 7.06 6.16 11.99
C GLU A 127 8.31 6.57 11.21
N THR A 128 9.33 7.07 11.93
CA THR A 128 10.60 7.47 11.33
C THR A 128 10.43 8.48 10.19
N PRO A 129 11.48 9.28 9.90
CA PRO A 129 11.43 10.29 8.82
C PRO A 129 10.80 9.76 7.54
N THR A 130 10.15 10.67 6.82
CA THR A 130 9.49 10.32 5.57
C THR A 130 10.46 9.77 4.52
N ILE A 131 10.26 8.52 4.13
CA ILE A 131 11.09 7.91 3.10
C ILE A 131 10.57 8.33 1.74
N SER A 132 11.42 8.97 0.96
CA SER A 132 11.05 9.45 -0.37
C SER A 132 10.98 8.32 -1.39
N ASN A 133 10.09 8.47 -2.38
CA ASN A 133 9.96 7.46 -3.42
C ASN A 133 11.31 7.22 -4.07
N THR A 134 12.08 8.29 -4.22
CA THR A 134 13.41 8.22 -4.82
C THR A 134 14.44 7.67 -3.84
N THR A 135 13.99 7.19 -2.68
CA THR A 135 14.90 6.63 -1.69
C THR A 135 15.60 5.39 -2.24
N ARG A 136 16.93 5.35 -2.08
CA ARG A 136 17.72 4.24 -2.58
C ARG A 136 17.61 2.98 -1.72
N THR A 137 18.15 1.89 -2.27
CA THR A 137 18.13 0.59 -1.61
C THR A 137 18.62 0.67 -0.17
N GLY A 138 18.25 -0.34 0.60
CA GLY A 138 18.64 -0.42 2.00
C GLY A 138 17.55 0.09 2.91
N ARG A 139 16.88 1.16 2.49
CA ARG A 139 15.79 1.74 3.29
C ARG A 139 14.48 0.99 3.06
N LEU A 140 14.24 0.57 1.82
CA LEU A 140 13.02 -0.14 1.45
C LEU A 140 12.80 -1.40 2.29
N ASN A 141 13.84 -2.23 2.37
CA ASN A 141 13.81 -3.51 3.08
C ASN A 141 13.15 -3.46 4.47
N PHE A 142 11.84 -3.25 4.50
CA PHE A 142 11.11 -3.22 5.77
C PHE A 142 9.67 -3.70 5.58
N ASN A 143 9.27 -4.68 6.38
CA ASN A 143 7.92 -5.24 6.30
C ASN A 143 6.91 -4.32 7.01
N ALA A 144 6.19 -3.53 6.22
CA ALA A 144 5.19 -2.63 6.75
C ALA A 144 4.26 -3.33 7.77
N ARG A 145 3.99 -4.61 7.54
CA ARG A 145 3.12 -5.37 8.45
C ARG A 145 3.52 -5.14 9.91
N ASP A 146 4.82 -4.99 10.15
CA ASP A 146 5.33 -4.76 11.49
C ASP A 146 4.59 -3.60 12.13
N PHE A 147 4.33 -2.55 11.35
CA PHE A 147 3.62 -1.40 11.85
C PHE A 147 2.38 -1.84 12.62
N ALA A 148 1.67 -2.82 12.06
CA ALA A 148 0.47 -3.34 12.69
C ALA A 148 0.80 -3.96 14.05
N ALA A 149 1.95 -4.63 14.13
CA ALA A 149 2.38 -5.27 15.35
C ALA A 149 2.88 -4.24 16.37
N LYS A 150 3.90 -3.48 15.98
CA LYS A 150 4.47 -2.47 16.86
C LYS A 150 3.39 -1.51 17.38
N HIS A 151 2.58 -0.95 16.48
CA HIS A 151 1.51 -0.06 16.91
C HIS A 151 0.33 -0.88 17.45
N GLY A 152 0.44 -2.19 17.32
CA GLY A 152 -0.62 -3.07 17.78
C GLY A 152 -1.90 -2.86 17.01
N LEU A 153 -1.79 -2.37 15.80
CA LEU A 153 -2.96 -2.14 14.96
C LEU A 153 -3.64 -3.46 14.67
N GLY A 154 -2.84 -4.52 14.74
CA GLY A 154 -3.33 -5.87 14.50
C GLY A 154 -4.47 -5.93 13.51
N GLU A 155 -5.69 -5.82 14.02
CA GLU A 155 -6.90 -5.92 13.20
C GLU A 155 -7.13 -4.65 12.35
N PRO A 156 -7.25 -4.81 11.03
CA PRO A 156 -7.50 -3.70 10.12
C PRO A 156 -8.97 -3.30 10.08
N ILE A 157 -9.26 -2.01 10.10
CA ILE A 157 -10.64 -1.55 10.07
C ILE A 157 -11.16 -1.51 8.63
N ALA A 158 -10.27 -1.16 7.70
CA ALA A 158 -10.65 -1.08 6.30
C ALA A 158 -9.52 -1.56 5.40
N ALA A 159 -9.88 -2.10 4.24
CA ALA A 159 -8.88 -2.61 3.31
C ALA A 159 -9.36 -2.54 1.86
N ASN A 160 -8.41 -2.56 0.94
CA ASN A 160 -8.69 -2.52 -0.49
C ASN A 160 -7.54 -3.17 -1.23
N TYR A 161 -7.85 -4.20 -2.00
CA TYR A 161 -6.84 -4.95 -2.73
C TYR A 161 -7.16 -5.06 -4.21
N TYR A 162 -6.13 -5.30 -5.01
CA TYR A 162 -6.27 -5.42 -6.45
C TYR A 162 -5.06 -6.10 -7.07
N GLN A 163 -5.21 -6.58 -8.30
CA GLN A 163 -4.10 -7.25 -9.00
C GLN A 163 -3.59 -6.41 -10.15
N ALA A 164 -2.27 -6.34 -10.27
CA ALA A 164 -1.60 -5.59 -11.33
C ALA A 164 -0.21 -6.14 -11.58
N GLN A 165 0.14 -6.31 -12.85
CA GLN A 165 1.46 -6.83 -13.22
C GLN A 165 2.33 -5.71 -13.79
N TYR A 166 3.64 -5.79 -13.58
CA TYR A 166 4.55 -4.76 -14.08
C TYR A 166 5.69 -5.39 -14.88
N ASP A 167 5.85 -4.92 -16.12
CA ASP A 167 6.88 -5.42 -17.03
C ASP A 167 8.25 -4.83 -16.69
N ASP A 168 8.97 -4.41 -17.73
CA ASP A 168 10.31 -3.84 -17.56
C ASP A 168 10.24 -2.32 -17.49
N TYR A 169 9.44 -1.73 -18.37
CA TYR A 169 9.29 -0.28 -18.42
C TYR A 169 8.94 0.27 -17.03
N VAL A 170 8.26 -0.54 -16.24
CA VAL A 170 7.84 -0.15 -14.90
C VAL A 170 9.03 -0.08 -13.93
N PRO A 171 9.78 -1.18 -13.74
CA PRO A 171 10.94 -1.22 -12.83
C PRO A 171 12.00 -0.18 -13.18
N ILE A 172 12.09 0.18 -14.46
CA ILE A 172 13.07 1.17 -14.91
C ILE A 172 13.10 2.38 -13.99
N ARG A 173 11.92 2.80 -13.53
CA ARG A 173 11.83 3.95 -12.62
C ARG A 173 12.85 3.84 -11.50
N ASN A 174 13.08 2.61 -11.04
CA ASN A 174 14.03 2.34 -9.95
C ASN A 174 15.41 2.92 -10.26
N LYS A 175 15.80 2.90 -11.53
CA LYS A 175 17.10 3.42 -11.95
C LYS A 175 17.31 4.84 -11.47
N THR A 176 16.27 5.65 -11.54
CA THR A 176 16.33 7.05 -11.14
C THR A 176 16.29 7.23 -9.62
N ILE A 177 16.22 6.13 -8.88
CA ILE A 177 16.17 6.21 -7.42
C ILE A 177 17.50 6.66 -6.83
N VAL A 178 17.44 7.66 -5.95
CA VAL A 178 18.62 8.20 -5.27
C VAL A 178 18.21 9.07 -4.08
N GLY A 179 18.05 8.44 -2.92
CA GLY A 179 17.66 9.17 -1.72
C GLY A 179 17.47 8.24 -0.53
N MET A 1 -1.57 -14.25 12.20
CA MET A 1 -2.17 -13.35 11.18
C MET A 1 -2.66 -14.19 10.01
N ASP A 2 -2.23 -13.85 8.80
CA ASP A 2 -2.60 -14.59 7.60
C ASP A 2 -4.05 -15.08 7.67
N ASP A 3 -4.96 -14.18 7.98
CA ASP A 3 -6.38 -14.51 8.07
C ASP A 3 -6.85 -15.23 6.81
N ILE A 4 -6.62 -14.60 5.67
CA ILE A 4 -7.00 -15.18 4.39
C ILE A 4 -6.03 -14.73 3.31
N VAL A 5 -4.76 -15.09 3.50
CA VAL A 5 -3.70 -14.74 2.57
C VAL A 5 -2.92 -15.99 2.17
N PRO A 6 -2.57 -16.12 0.88
CA PRO A 6 -2.88 -15.14 -0.17
C PRO A 6 -4.28 -15.35 -0.77
N ASP A 7 -5.22 -15.79 0.06
CA ASP A 7 -6.58 -16.02 -0.39
C ASP A 7 -7.20 -14.74 -0.95
N VAL A 8 -7.18 -13.68 -0.15
CA VAL A 8 -7.73 -12.39 -0.54
C VAL A 8 -7.25 -11.25 0.37
N LEU A 9 -7.01 -11.55 1.65
CA LEU A 9 -6.57 -10.51 2.59
C LEU A 9 -5.85 -11.12 3.81
N ASP A 10 -4.83 -10.40 4.29
CA ASP A 10 -4.01 -10.84 5.43
C ASP A 10 -4.78 -10.84 6.75
N ALA A 11 -5.89 -10.10 6.82
CA ALA A 11 -6.69 -10.01 8.04
C ALA A 11 -8.11 -9.51 7.75
N VAL A 12 -9.11 -10.16 8.35
CA VAL A 12 -10.51 -9.76 8.14
C VAL A 12 -10.83 -8.44 8.85
N PRO A 13 -11.18 -7.40 8.07
CA PRO A 13 -11.51 -6.07 8.61
C PRO A 13 -13.03 -5.90 8.77
N ALA A 14 -13.57 -4.83 8.17
CA ALA A 14 -15.00 -4.53 8.23
C ALA A 14 -15.42 -3.64 7.07
N GLY A 15 -14.59 -2.63 6.76
CA GLY A 15 -14.92 -1.71 5.68
C GLY A 15 -13.89 -1.74 4.55
N THR A 16 -14.17 -1.04 3.45
CA THR A 16 -13.24 -0.99 2.32
C THR A 16 -12.82 0.43 2.01
N ILE A 17 -11.72 0.53 1.28
CA ILE A 17 -11.18 1.80 0.87
C ILE A 17 -11.47 2.01 -0.60
N LYS A 18 -11.51 3.26 -1.00
CA LYS A 18 -11.77 3.59 -2.38
C LYS A 18 -10.49 3.98 -3.09
N VAL A 19 -9.95 3.07 -3.89
CA VAL A 19 -8.74 3.37 -4.63
C VAL A 19 -9.08 3.49 -6.10
N ILE A 20 -9.01 4.70 -6.62
CA ILE A 20 -9.33 4.96 -8.02
C ILE A 20 -8.09 4.84 -8.89
N TYR A 21 -8.28 4.33 -10.09
CA TYR A 21 -7.19 4.11 -11.01
C TYR A 21 -7.17 5.16 -12.15
N GLY A 22 -7.79 4.84 -13.28
CA GLY A 22 -7.78 5.75 -14.42
C GLY A 22 -8.45 7.08 -14.13
N ASP A 23 -9.59 7.03 -13.46
CA ASP A 23 -10.35 8.24 -13.12
C ASP A 23 -11.62 7.86 -12.38
N ASP A 24 -12.42 7.05 -13.05
CA ASP A 24 -13.69 6.58 -12.52
C ASP A 24 -13.56 5.18 -11.91
N LEU A 25 -12.82 4.32 -12.59
CA LEU A 25 -12.61 2.95 -12.15
C LEU A 25 -11.74 2.91 -10.90
N GLU A 26 -12.10 2.02 -9.98
CA GLU A 26 -11.39 1.86 -8.73
C GLU A 26 -11.25 0.37 -8.39
N VAL A 27 -10.16 0.02 -7.72
CA VAL A 27 -9.89 -1.37 -7.35
C VAL A 27 -10.96 -1.92 -6.42
N LYS A 28 -11.24 -3.22 -6.53
CA LYS A 28 -12.27 -3.85 -5.70
C LYS A 28 -11.87 -5.25 -5.24
N GLN A 29 -11.48 -5.35 -3.97
CA GLN A 29 -11.12 -6.63 -3.34
C GLN A 29 -10.43 -7.61 -4.29
N GLY A 30 -9.20 -7.27 -4.70
CA GLY A 30 -8.44 -8.14 -5.57
C GLY A 30 -8.78 -7.99 -7.03
N ASN A 31 -9.86 -7.27 -7.32
CA ASN A 31 -10.29 -7.05 -8.70
C ASN A 31 -9.11 -6.64 -9.58
N GLU A 32 -8.96 -7.33 -10.71
CA GLU A 32 -7.89 -7.06 -11.65
C GLU A 32 -8.39 -6.27 -12.85
N LEU A 33 -7.67 -5.23 -13.22
CA LEU A 33 -8.03 -4.39 -14.36
C LEU A 33 -7.19 -4.74 -15.59
N THR A 34 -7.86 -4.84 -16.72
CA THR A 34 -7.22 -5.18 -17.99
C THR A 34 -7.78 -4.31 -19.11
N PRO A 35 -7.13 -4.25 -20.29
CA PRO A 35 -5.87 -4.97 -20.57
C PRO A 35 -4.63 -4.27 -20.04
N THR A 36 -4.70 -2.94 -19.96
CA THR A 36 -3.57 -2.17 -19.48
C THR A 36 -4.01 -0.77 -19.03
N GLN A 37 -5.20 -0.67 -18.46
CA GLN A 37 -5.73 0.59 -17.97
C GLN A 37 -5.20 0.88 -16.57
N VAL A 38 -4.39 -0.05 -16.08
CA VAL A 38 -3.79 0.02 -14.75
C VAL A 38 -2.52 0.85 -14.72
N LYS A 39 -2.09 1.34 -15.87
CA LYS A 39 -0.88 2.14 -15.96
C LYS A 39 -1.02 3.47 -15.23
N ASP A 40 -2.14 3.65 -14.54
CA ASP A 40 -2.38 4.87 -13.79
C ASP A 40 -2.02 4.72 -12.33
N GLN A 41 -1.53 5.82 -11.75
CA GLN A 41 -1.17 5.85 -10.35
C GLN A 41 -2.41 5.61 -9.50
N PRO A 42 -2.36 4.69 -8.51
CA PRO A 42 -3.52 4.39 -7.68
C PRO A 42 -3.89 5.54 -6.74
N ILE A 43 -5.14 5.98 -6.80
CA ILE A 43 -5.61 7.05 -5.93
C ILE A 43 -6.37 6.47 -4.75
N VAL A 44 -5.74 6.47 -3.58
CA VAL A 44 -6.36 5.93 -2.37
C VAL A 44 -7.28 6.95 -1.71
N SER A 45 -8.43 6.48 -1.19
CA SER A 45 -9.38 7.37 -0.53
C SER A 45 -10.40 6.59 0.29
N TRP A 46 -10.47 6.88 1.58
CA TRP A 46 -11.45 6.22 2.44
C TRP A 46 -12.78 6.96 2.35
N SER A 47 -13.00 7.56 1.19
CA SER A 47 -14.22 8.32 0.93
C SER A 47 -15.46 7.55 1.39
N GLY A 48 -16.23 8.15 2.27
CA GLY A 48 -17.43 7.52 2.78
C GLY A 48 -17.19 6.90 4.14
N LEU A 49 -15.93 6.58 4.41
CA LEU A 49 -15.55 5.99 5.70
C LEU A 49 -15.24 7.09 6.71
N GLU A 50 -14.62 8.17 6.26
CA GLU A 50 -14.26 9.26 7.16
C GLU A 50 -15.47 9.68 8.01
N GLY A 51 -15.23 9.93 9.29
CA GLY A 51 -16.30 10.34 10.17
C GLY A 51 -15.78 11.01 11.43
N LYS A 52 -15.18 10.22 12.31
CA LYS A 52 -14.62 10.75 13.54
C LYS A 52 -13.41 9.94 13.97
N SER A 53 -12.24 10.55 13.84
CA SER A 53 -10.99 9.90 14.22
C SER A 53 -9.91 10.95 14.48
N ASN A 54 -9.09 10.71 15.49
CA ASN A 54 -8.01 11.64 15.82
C ASN A 54 -6.92 11.55 14.79
N LEU A 55 -6.66 10.32 14.35
CA LEU A 55 -5.64 10.05 13.37
C LEU A 55 -5.96 8.75 12.64
N LEU A 56 -5.34 8.54 11.49
CA LEU A 56 -5.58 7.35 10.70
C LEU A 56 -4.25 6.68 10.34
N THR A 57 -4.32 5.45 9.84
CA THR A 57 -3.14 4.70 9.47
C THR A 57 -3.40 3.88 8.21
N LEU A 58 -2.47 3.95 7.27
CA LEU A 58 -2.58 3.23 6.01
C LEU A 58 -1.33 2.41 5.75
N LEU A 59 -1.48 1.19 5.25
CA LEU A 59 -0.30 0.36 4.99
C LEU A 59 -0.53 -0.60 3.81
N MET A 60 0.44 -0.61 2.91
CA MET A 60 0.44 -1.50 1.75
C MET A 60 1.23 -2.77 2.08
N VAL A 61 0.60 -3.93 1.98
CA VAL A 61 1.27 -5.20 2.32
C VAL A 61 1.56 -6.03 1.06
N ASP A 62 1.19 -7.32 1.10
CA ASP A 62 1.40 -8.24 -0.02
C ASP A 62 2.87 -8.26 -0.44
N PRO A 63 3.72 -9.02 0.28
CA PRO A 63 5.15 -9.11 -0.03
C PRO A 63 5.40 -9.83 -1.35
N ASP A 64 5.33 -9.09 -2.44
CA ASP A 64 5.56 -9.64 -3.78
C ASP A 64 6.64 -8.83 -4.51
N ALA A 65 7.89 -9.21 -4.32
CA ALA A 65 9.01 -8.53 -4.97
C ALA A 65 10.31 -9.30 -4.75
N PRO A 66 11.13 -9.48 -5.82
CA PRO A 66 10.81 -9.01 -7.17
C PRO A 66 9.64 -9.80 -7.73
N THR A 67 9.41 -10.94 -7.08
CA THR A 67 8.33 -11.83 -7.42
C THR A 67 8.03 -12.69 -6.20
N ARG A 68 6.76 -12.79 -5.84
CA ARG A 68 6.36 -13.55 -4.66
C ARG A 68 6.99 -14.94 -4.70
N GLN A 69 7.17 -15.44 -5.91
CA GLN A 69 7.76 -16.75 -6.14
C GLN A 69 9.22 -16.80 -5.65
N ASP A 70 9.95 -15.70 -5.85
CA ASP A 70 11.34 -15.60 -5.42
C ASP A 70 11.63 -14.19 -4.89
N PRO A 71 11.09 -13.88 -3.69
CA PRO A 71 11.26 -12.58 -3.06
C PRO A 71 12.71 -12.30 -2.64
N LYS A 72 13.58 -12.18 -3.65
CA LYS A 72 15.01 -11.94 -3.43
C LYS A 72 15.26 -10.78 -2.46
N TYR A 73 14.54 -9.67 -2.64
CA TYR A 73 14.71 -8.51 -1.77
C TYR A 73 13.40 -8.09 -1.10
N ARG A 74 12.66 -9.07 -0.59
CA ARG A 74 11.39 -8.78 0.07
C ARG A 74 11.62 -8.09 1.42
N GLU A 75 10.88 -7.02 1.71
CA GLU A 75 9.89 -6.45 0.80
C GLU A 75 10.52 -5.39 -0.09
N ILE A 76 9.71 -4.83 -0.98
CA ILE A 76 10.17 -3.79 -1.88
C ILE A 76 9.46 -2.47 -1.56
N LEU A 77 9.82 -1.41 -2.25
CA LEU A 77 9.20 -0.12 -2.01
C LEU A 77 7.69 -0.28 -2.01
N HIS A 78 7.07 0.02 -0.88
CA HIS A 78 5.63 -0.10 -0.71
C HIS A 78 5.06 1.20 -0.16
N TRP A 79 3.74 1.27 -0.08
CA TRP A 79 3.05 2.46 0.39
C TRP A 79 2.64 2.31 1.85
N SER A 80 3.27 3.12 2.71
CA SER A 80 2.97 3.09 4.13
C SER A 80 2.76 4.50 4.65
N VAL A 81 1.66 4.71 5.33
CA VAL A 81 1.35 6.02 5.87
C VAL A 81 0.72 5.90 7.24
N VAL A 82 1.05 6.82 8.11
CA VAL A 82 0.53 6.81 9.47
C VAL A 82 0.25 8.22 9.98
N ASN A 83 -0.56 8.27 11.03
CA ASN A 83 -0.95 9.51 11.69
C ASN A 83 -1.59 10.50 10.73
N ILE A 84 -2.46 10.00 9.86
CA ILE A 84 -3.17 10.88 8.93
C ILE A 84 -4.37 11.48 9.64
N PRO A 85 -4.58 12.81 9.57
CA PRO A 85 -5.72 13.44 10.23
C PRO A 85 -7.04 12.85 9.72
N GLY A 86 -7.90 12.44 10.64
CA GLY A 86 -9.19 11.85 10.29
C GLY A 86 -10.15 12.79 9.58
N SER A 87 -9.73 13.36 8.45
CA SER A 87 -10.60 14.27 7.68
C SER A 87 -9.90 14.76 6.41
N ASN A 88 -9.15 13.87 5.77
CA ASN A 88 -8.43 14.20 4.53
C ASN A 88 -8.86 13.29 3.39
N GLU A 89 -9.73 12.34 3.70
CA GLU A 89 -10.24 11.39 2.73
C GLU A 89 -9.15 10.40 2.29
N ASN A 90 -7.93 10.90 2.15
CA ASN A 90 -6.80 10.08 1.74
C ASN A 90 -5.63 10.27 2.69
N PRO A 91 -4.74 9.28 2.78
CA PRO A 91 -3.56 9.32 3.66
C PRO A 91 -2.48 10.29 3.19
N SER A 92 -2.85 11.55 2.99
CA SER A 92 -1.88 12.54 2.51
C SER A 92 -1.29 13.37 3.66
N GLY A 93 -2.16 14.00 4.45
CA GLY A 93 -1.71 14.84 5.56
C GLY A 93 -0.91 14.14 6.63
N GLY A 94 -0.87 12.81 6.61
CA GLY A 94 -0.12 12.08 7.62
C GLY A 94 1.28 11.68 7.19
N HIS A 95 2.05 11.14 8.13
CA HIS A 95 3.44 10.73 7.88
C HIS A 95 3.53 9.53 6.93
N SER A 96 4.35 9.66 5.89
CA SER A 96 4.54 8.58 4.94
C SER A 96 5.80 7.78 5.29
N LEU A 97 5.60 6.67 5.98
CA LEU A 97 6.71 5.81 6.39
C LEU A 97 7.50 5.37 5.16
N ALA A 98 6.75 5.07 4.11
CA ALA A 98 7.32 4.65 2.84
C ALA A 98 6.41 5.11 1.71
N ASP A 99 6.97 5.92 0.83
CA ASP A 99 6.25 6.50 -0.30
C ASP A 99 5.68 5.43 -1.24
N TYR A 100 4.54 5.76 -1.85
CA TYR A 100 3.87 4.86 -2.79
C TYR A 100 4.68 4.73 -4.08
N VAL A 101 4.55 3.60 -4.76
CA VAL A 101 5.27 3.36 -6.01
C VAL A 101 4.39 2.63 -7.02
N GLY A 102 4.84 2.61 -8.28
CA GLY A 102 4.11 1.94 -9.33
C GLY A 102 3.98 0.44 -9.11
N SER A 103 5.11 -0.26 -9.13
CA SER A 103 5.11 -1.71 -8.94
C SER A 103 6.49 -2.20 -8.59
N GLY A 104 6.69 -2.54 -7.33
CA GLY A 104 7.97 -3.02 -6.87
C GLY A 104 8.51 -4.18 -7.69
N PRO A 105 7.67 -5.21 -7.96
CA PRO A 105 8.08 -6.36 -8.75
C PRO A 105 8.10 -6.06 -10.25
N PRO A 106 9.21 -6.37 -10.94
CA PRO A 106 9.35 -6.13 -12.37
C PRO A 106 8.42 -6.98 -13.24
N LYS A 107 8.18 -6.52 -14.46
CA LYS A 107 7.33 -7.18 -15.44
C LYS A 107 7.52 -8.69 -15.42
N ASP A 108 8.71 -9.13 -15.03
CA ASP A 108 9.05 -10.54 -15.00
C ASP A 108 7.99 -11.36 -14.27
N THR A 109 7.38 -10.78 -13.24
CA THR A 109 6.35 -11.50 -12.48
C THR A 109 4.95 -11.20 -13.00
N GLY A 110 4.89 -10.44 -14.10
CA GLY A 110 3.61 -10.09 -14.71
C GLY A 110 2.64 -9.49 -13.72
N LEU A 111 1.74 -10.33 -13.24
CA LEU A 111 0.73 -9.91 -12.29
C LEU A 111 1.35 -9.38 -11.01
N HIS A 112 0.70 -8.38 -10.44
CA HIS A 112 1.13 -7.78 -9.19
C HIS A 112 -0.09 -7.49 -8.35
N ARG A 113 -0.20 -8.19 -7.24
CA ARG A 113 -1.33 -8.02 -6.35
C ARG A 113 -0.92 -7.13 -5.19
N TYR A 114 -1.64 -6.04 -4.98
CA TYR A 114 -1.33 -5.12 -3.89
C TYR A 114 -2.52 -5.02 -2.94
N ILE A 115 -2.20 -5.00 -1.64
CA ILE A 115 -3.22 -4.95 -0.60
C ILE A 115 -3.02 -3.75 0.32
N PHE A 116 -4.05 -2.91 0.40
CA PHE A 116 -4.02 -1.74 1.27
C PHE A 116 -4.77 -2.04 2.57
N LEU A 117 -4.20 -1.61 3.68
CA LEU A 117 -4.81 -1.81 4.99
C LEU A 117 -4.98 -0.45 5.68
N LEU A 118 -6.13 -0.25 6.33
CA LEU A 118 -6.42 0.99 7.03
C LEU A 118 -6.69 0.74 8.51
N TYR A 119 -6.21 1.64 9.35
CA TYR A 119 -6.38 1.53 10.81
C TYR A 119 -6.62 2.90 11.43
N ARG A 120 -7.58 2.96 12.36
CA ARG A 120 -7.90 4.20 13.06
C ARG A 120 -6.88 4.46 14.16
N GLN A 121 -6.20 5.59 14.09
CA GLN A 121 -5.20 5.94 15.08
C GLN A 121 -5.77 6.91 16.11
N GLU A 122 -5.56 6.58 17.38
CA GLU A 122 -6.03 7.42 18.46
C GLU A 122 -4.91 8.30 19.00
N ASN A 123 -3.72 7.71 19.11
CA ASN A 123 -2.54 8.43 19.59
C ASN A 123 -1.52 8.61 18.48
N LYS A 124 -1.05 9.84 18.32
CA LYS A 124 -0.07 10.18 17.29
C LYS A 124 1.27 9.46 17.50
N ILE A 125 1.93 9.12 16.40
CA ILE A 125 3.23 8.44 16.44
C ILE A 125 4.27 9.21 15.62
N GLU A 126 5.50 9.28 16.14
CA GLU A 126 6.60 9.99 15.48
C GLU A 126 7.12 9.22 14.27
N GLU A 127 7.28 7.92 14.45
CA GLU A 127 7.77 7.02 13.40
C GLU A 127 8.72 7.67 12.39
N THR A 128 9.59 8.55 12.88
CA THR A 128 10.58 9.24 12.04
C THR A 128 9.95 10.00 10.87
N PRO A 129 10.68 10.99 10.33
CA PRO A 129 10.20 11.80 9.20
C PRO A 129 9.76 10.95 8.00
N THR A 130 8.93 11.56 7.17
CA THR A 130 8.42 10.90 5.97
C THR A 130 9.54 10.46 5.03
N ILE A 131 9.48 9.21 4.58
CA ILE A 131 10.49 8.68 3.65
C ILE A 131 9.94 8.62 2.23
N SER A 132 10.63 9.25 1.28
CA SER A 132 10.18 9.26 -0.10
C SER A 132 10.56 7.96 -0.81
N ASN A 133 9.80 7.62 -1.86
CA ASN A 133 10.06 6.41 -2.61
C ASN A 133 11.52 6.37 -3.06
N THR A 134 12.05 7.55 -3.37
CA THR A 134 13.43 7.70 -3.83
C THR A 134 14.45 7.40 -2.72
N THR A 135 14.00 6.82 -1.61
CA THR A 135 14.90 6.49 -0.50
C THR A 135 15.95 5.48 -0.94
N ARG A 136 17.21 5.76 -0.60
CA ARG A 136 18.33 4.90 -0.97
C ARG A 136 18.16 3.48 -0.44
N THR A 137 18.88 2.54 -1.06
CA THR A 137 18.84 1.15 -0.65
C THR A 137 19.09 1.03 0.85
N GLY A 138 18.47 0.05 1.49
CA GLY A 138 18.63 -0.14 2.91
C GLY A 138 17.31 0.06 3.65
N ARG A 139 16.25 0.26 2.89
CA ARG A 139 14.93 0.47 3.48
C ARG A 139 13.84 -0.18 2.62
N LEU A 140 14.16 -1.34 2.06
CA LEU A 140 13.20 -2.07 1.24
C LEU A 140 12.83 -3.40 1.90
N ASN A 141 13.85 -4.22 2.18
CA ASN A 141 13.66 -5.53 2.80
C ASN A 141 13.06 -5.42 4.21
N PHE A 142 11.80 -5.00 4.27
CA PHE A 142 11.12 -4.84 5.54
C PHE A 142 9.67 -5.30 5.44
N ASN A 143 9.25 -6.12 6.39
CA ASN A 143 7.88 -6.62 6.42
C ASN A 143 6.94 -5.48 6.81
N ALA A 144 6.15 -5.01 5.85
CA ALA A 144 5.23 -3.90 6.11
C ALA A 144 4.33 -4.20 7.31
N ARG A 145 3.90 -5.44 7.41
CA ARG A 145 3.01 -5.87 8.48
C ARG A 145 3.63 -5.62 9.87
N ASP A 146 4.96 -5.64 9.95
CA ASP A 146 5.63 -5.38 11.23
C ASP A 146 5.03 -4.12 11.84
N PHE A 147 4.92 -3.08 11.03
CA PHE A 147 4.34 -1.83 11.45
C PHE A 147 2.91 -2.06 11.93
N ALA A 148 2.19 -2.91 11.20
CA ALA A 148 0.82 -3.21 11.55
C ALA A 148 0.72 -3.83 12.93
N ALA A 149 1.62 -4.76 13.22
CA ALA A 149 1.63 -5.43 14.51
C ALA A 149 2.11 -4.50 15.63
N LYS A 150 3.27 -3.87 15.41
CA LYS A 150 3.86 -2.98 16.41
C LYS A 150 3.04 -1.70 16.63
N HIS A 151 2.58 -1.05 15.56
CA HIS A 151 1.78 0.17 15.69
C HIS A 151 0.39 -0.14 16.21
N GLY A 152 0.17 -1.39 16.60
CA GLY A 152 -1.12 -1.80 17.12
C GLY A 152 -2.16 -1.93 16.02
N LEU A 153 -1.73 -1.72 14.78
CA LEU A 153 -2.62 -1.80 13.62
C LEU A 153 -3.05 -3.24 13.39
N GLY A 154 -2.86 -4.09 14.39
CA GLY A 154 -3.23 -5.49 14.25
C GLY A 154 -4.58 -5.66 13.60
N GLU A 155 -5.63 -5.21 14.28
CA GLU A 155 -6.99 -5.31 13.74
C GLU A 155 -7.21 -4.20 12.71
N PRO A 156 -7.56 -4.57 11.47
CA PRO A 156 -7.80 -3.61 10.40
C PRO A 156 -9.24 -3.10 10.36
N ILE A 157 -9.41 -1.78 10.35
CA ILE A 157 -10.74 -1.19 10.30
C ILE A 157 -11.29 -1.28 8.88
N ALA A 158 -10.40 -1.15 7.90
CA ALA A 158 -10.80 -1.20 6.51
C ALA A 158 -9.63 -1.63 5.62
N ALA A 159 -9.93 -2.15 4.45
CA ALA A 159 -8.91 -2.60 3.53
C ALA A 159 -9.38 -2.55 2.10
N ASN A 160 -8.46 -2.77 1.18
CA ASN A 160 -8.76 -2.75 -0.24
C ASN A 160 -7.54 -3.27 -0.99
N TYR A 161 -7.76 -4.17 -1.93
CA TYR A 161 -6.67 -4.77 -2.68
C TYR A 161 -6.97 -4.84 -4.17
N TYR A 162 -5.92 -4.93 -4.98
CA TYR A 162 -6.08 -4.98 -6.43
C TYR A 162 -5.02 -5.85 -7.10
N GLN A 163 -5.36 -6.32 -8.29
CA GLN A 163 -4.45 -7.14 -9.09
C GLN A 163 -4.17 -6.45 -10.41
N ALA A 164 -2.90 -6.25 -10.70
CA ALA A 164 -2.51 -5.59 -11.93
C ALA A 164 -1.10 -5.96 -12.34
N GLN A 165 -0.88 -6.20 -13.63
CA GLN A 165 0.45 -6.52 -14.14
C GLN A 165 1.05 -5.27 -14.77
N TYR A 166 2.32 -5.02 -14.46
CA TYR A 166 3.02 -3.83 -14.97
C TYR A 166 4.25 -4.20 -15.78
N ASP A 167 4.48 -3.43 -16.85
CA ASP A 167 5.60 -3.65 -17.76
C ASP A 167 6.95 -3.40 -17.10
N ASP A 168 7.99 -3.35 -17.94
CA ASP A 168 9.35 -3.14 -17.49
C ASP A 168 9.68 -1.65 -17.33
N TYR A 169 9.06 -0.84 -18.18
CA TYR A 169 9.31 0.60 -18.16
C TYR A 169 8.92 1.25 -16.83
N VAL A 170 7.90 0.72 -16.18
CA VAL A 170 7.44 1.30 -14.92
C VAL A 170 8.38 1.03 -13.73
N PRO A 171 8.84 -0.22 -13.50
CA PRO A 171 9.75 -0.52 -12.38
C PRO A 171 11.06 0.28 -12.45
N ILE A 172 11.35 0.83 -13.63
CA ILE A 172 12.56 1.62 -13.85
C ILE A 172 12.77 2.63 -12.72
N ARG A 173 11.67 3.09 -12.14
CA ARG A 173 11.71 4.06 -11.05
C ARG A 173 12.78 3.67 -10.03
N ASN A 174 13.08 2.38 -9.96
CA ASN A 174 14.08 1.86 -9.04
C ASN A 174 15.39 2.64 -9.14
N LYS A 175 15.74 3.06 -10.34
CA LYS A 175 16.98 3.82 -10.55
C LYS A 175 17.01 5.08 -9.68
N THR A 176 15.83 5.52 -9.28
CA THR A 176 15.69 6.72 -8.45
C THR A 176 16.10 6.46 -7.00
N ILE A 177 16.36 5.20 -6.68
CA ILE A 177 16.75 4.82 -5.33
C ILE A 177 18.16 5.36 -5.02
N VAL A 178 18.23 6.65 -4.69
CA VAL A 178 19.52 7.30 -4.39
C VAL A 178 19.42 8.27 -3.20
N GLY A 179 18.32 8.20 -2.46
CA GLY A 179 18.14 9.08 -1.31
C GLY A 179 18.87 8.60 -0.07
N MET A 1 -3.70 -11.01 12.14
CA MET A 1 -3.12 -12.31 11.70
C MET A 1 -3.65 -12.68 10.33
N ASP A 2 -2.87 -13.47 9.60
CA ASP A 2 -3.27 -13.89 8.25
C ASP A 2 -4.45 -14.85 8.32
N ASP A 3 -5.61 -14.42 7.83
CA ASP A 3 -6.80 -15.27 7.84
C ASP A 3 -7.19 -15.77 6.45
N ILE A 4 -7.71 -14.87 5.62
CA ILE A 4 -8.14 -15.24 4.27
C ILE A 4 -7.09 -14.90 3.20
N VAL A 5 -5.96 -15.57 3.27
CA VAL A 5 -4.86 -15.35 2.32
C VAL A 5 -4.19 -16.68 1.96
N PRO A 6 -3.74 -16.87 0.68
CA PRO A 6 -3.85 -15.89 -0.41
C PRO A 6 -5.28 -15.76 -0.93
N ASP A 7 -6.23 -16.23 -0.13
CA ASP A 7 -7.63 -16.19 -0.48
C ASP A 7 -8.04 -14.82 -1.02
N VAL A 8 -7.85 -13.77 -0.23
CA VAL A 8 -8.21 -12.41 -0.63
C VAL A 8 -7.50 -11.37 0.24
N LEU A 9 -7.41 -11.62 1.53
CA LEU A 9 -6.77 -10.68 2.44
C LEU A 9 -6.15 -11.38 3.65
N ASP A 10 -4.93 -10.98 3.98
CA ASP A 10 -4.24 -11.54 5.14
C ASP A 10 -4.81 -10.95 6.43
N ALA A 11 -6.13 -10.76 6.44
CA ALA A 11 -6.84 -10.22 7.59
C ALA A 11 -8.33 -10.10 7.27
N VAL A 12 -9.00 -9.12 7.87
CA VAL A 12 -10.43 -8.90 7.63
C VAL A 12 -10.78 -7.44 7.83
N PRO A 13 -11.30 -6.77 6.77
CA PRO A 13 -11.68 -5.37 6.83
C PRO A 13 -13.17 -5.18 7.07
N ALA A 14 -13.50 -4.24 7.96
CA ALA A 14 -14.89 -3.94 8.27
C ALA A 14 -15.62 -3.43 7.03
N GLY A 15 -14.83 -2.87 6.11
CA GLY A 15 -15.37 -2.35 4.86
C GLY A 15 -14.35 -2.46 3.73
N THR A 16 -14.13 -1.36 3.02
CA THR A 16 -13.16 -1.32 1.93
C THR A 16 -12.86 0.12 1.57
N ILE A 17 -11.73 0.34 0.92
CA ILE A 17 -11.31 1.67 0.55
C ILE A 17 -11.52 1.91 -0.94
N LYS A 18 -12.08 3.06 -1.28
CA LYS A 18 -12.31 3.41 -2.67
C LYS A 18 -11.00 3.86 -3.29
N VAL A 19 -10.38 2.98 -4.08
CA VAL A 19 -9.14 3.32 -4.74
C VAL A 19 -9.39 3.51 -6.22
N ILE A 20 -9.28 4.75 -6.66
CA ILE A 20 -9.49 5.08 -8.05
C ILE A 20 -8.16 5.27 -8.75
N TYR A 21 -7.97 4.53 -9.83
CA TYR A 21 -6.74 4.58 -10.59
C TYR A 21 -6.63 5.86 -11.42
N GLY A 22 -7.75 6.28 -12.03
CA GLY A 22 -7.72 7.49 -12.84
C GLY A 22 -8.78 8.50 -12.42
N ASP A 23 -10.01 8.05 -12.39
CA ASP A 23 -11.16 8.88 -12.03
C ASP A 23 -12.40 8.03 -12.10
N ASP A 24 -12.57 7.37 -13.24
CA ASP A 24 -13.69 6.47 -13.47
C ASP A 24 -13.27 5.06 -13.10
N LEU A 25 -12.08 4.66 -13.54
CA LEU A 25 -11.57 3.34 -13.24
C LEU A 25 -11.24 3.25 -11.76
N GLU A 26 -11.60 2.12 -11.18
CA GLU A 26 -11.42 1.88 -9.76
C GLU A 26 -11.03 0.44 -9.49
N VAL A 27 -10.11 0.23 -8.57
CA VAL A 27 -9.68 -1.13 -8.22
C VAL A 27 -10.60 -1.71 -7.15
N LYS A 28 -11.45 -2.63 -7.55
CA LYS A 28 -12.37 -3.25 -6.61
C LYS A 28 -11.88 -4.61 -6.11
N GLN A 29 -11.72 -4.66 -4.78
CA GLN A 29 -11.31 -5.84 -4.04
C GLN A 29 -10.39 -6.81 -4.80
N GLY A 30 -9.18 -6.35 -5.09
CA GLY A 30 -8.19 -7.21 -5.75
C GLY A 30 -8.43 -7.47 -7.22
N ASN A 31 -9.40 -6.78 -7.83
CA ASN A 31 -9.68 -6.99 -9.25
C ASN A 31 -8.42 -6.70 -10.09
N GLU A 32 -8.32 -7.40 -11.22
CA GLU A 32 -7.20 -7.22 -12.13
C GLU A 32 -7.54 -6.15 -13.16
N LEU A 33 -6.62 -5.23 -13.40
CA LEU A 33 -6.84 -4.18 -14.39
C LEU A 33 -6.02 -4.43 -15.64
N THR A 34 -6.71 -4.43 -16.78
CA THR A 34 -6.10 -4.68 -18.08
C THR A 34 -6.77 -3.81 -19.15
N PRO A 35 -6.12 -3.58 -20.31
CA PRO A 35 -4.80 -4.13 -20.65
C PRO A 35 -3.67 -3.40 -19.93
N THR A 36 -3.77 -2.08 -19.84
CA THR A 36 -2.74 -1.28 -19.20
C THR A 36 -3.30 -0.01 -18.60
N GLN A 37 -4.57 -0.06 -18.21
CA GLN A 37 -5.24 1.09 -17.58
C GLN A 37 -4.51 1.48 -16.30
N VAL A 38 -3.60 0.61 -15.89
CA VAL A 38 -2.80 0.80 -14.68
C VAL A 38 -1.62 1.70 -14.96
N LYS A 39 -1.76 2.53 -15.96
CA LYS A 39 -0.71 3.45 -16.35
C LYS A 39 -0.63 4.63 -15.37
N ASP A 40 -1.72 4.87 -14.65
CA ASP A 40 -1.76 5.96 -13.67
C ASP A 40 -1.73 5.43 -12.23
N GLN A 41 -1.21 6.25 -11.33
CA GLN A 41 -1.10 5.90 -9.92
C GLN A 41 -2.47 5.72 -9.26
N PRO A 42 -2.58 4.79 -8.29
CA PRO A 42 -3.84 4.52 -7.58
C PRO A 42 -4.14 5.56 -6.50
N ILE A 43 -5.35 6.11 -6.52
CA ILE A 43 -5.75 7.11 -5.52
C ILE A 43 -6.69 6.49 -4.50
N VAL A 44 -6.27 6.46 -3.24
CA VAL A 44 -7.07 5.88 -2.16
C VAL A 44 -8.05 6.90 -1.56
N SER A 45 -9.25 6.42 -1.21
CA SER A 45 -10.26 7.29 -0.62
C SER A 45 -11.25 6.47 0.20
N TRP A 46 -11.73 7.05 1.29
CA TRP A 46 -12.68 6.37 2.16
C TRP A 46 -13.92 7.22 2.39
N SER A 47 -14.33 7.95 1.35
CA SER A 47 -15.51 8.80 1.43
C SER A 47 -16.68 8.04 2.03
N GLY A 48 -17.28 8.59 3.09
CA GLY A 48 -18.39 7.94 3.74
C GLY A 48 -17.97 7.04 4.88
N LEU A 49 -16.76 6.48 4.79
CA LEU A 49 -16.25 5.62 5.86
C LEU A 49 -15.76 6.47 7.02
N GLU A 50 -15.05 7.55 6.67
CA GLU A 50 -14.52 8.47 7.66
C GLU A 50 -15.67 9.06 8.49
N GLY A 51 -15.33 9.71 9.61
CA GLY A 51 -16.35 10.30 10.46
C GLY A 51 -15.76 11.05 11.63
N LYS A 52 -15.20 10.30 12.58
CA LYS A 52 -14.57 10.90 13.75
C LYS A 52 -13.41 10.02 14.24
N SER A 53 -12.20 10.51 14.06
CA SER A 53 -10.99 9.79 14.46
C SER A 53 -9.85 10.78 14.66
N ASN A 54 -9.01 10.57 15.67
CA ASN A 54 -7.89 11.46 15.92
C ASN A 54 -6.89 11.35 14.79
N LEU A 55 -6.74 10.13 14.31
CA LEU A 55 -5.81 9.82 13.25
C LEU A 55 -6.24 8.55 12.51
N LEU A 56 -5.51 8.21 11.45
CA LEU A 56 -5.79 7.02 10.66
C LEU A 56 -4.49 6.42 10.12
N THR A 57 -4.54 5.15 9.76
CA THR A 57 -3.38 4.45 9.23
C THR A 57 -3.68 3.86 7.86
N LEU A 58 -2.82 4.18 6.91
CA LEU A 58 -2.93 3.67 5.56
C LEU A 58 -1.62 2.97 5.22
N LEU A 59 -1.67 1.67 4.96
CA LEU A 59 -0.45 0.92 4.69
C LEU A 59 -0.58 0.03 3.47
N MET A 60 0.48 -0.02 2.68
CA MET A 60 0.53 -0.87 1.50
C MET A 60 1.21 -2.18 1.88
N VAL A 61 0.62 -3.29 1.45
CA VAL A 61 1.14 -4.62 1.78
C VAL A 61 1.14 -5.51 0.55
N ASP A 62 2.25 -6.23 0.35
CA ASP A 62 2.42 -7.15 -0.77
C ASP A 62 3.89 -7.52 -0.92
N PRO A 63 4.31 -8.65 -0.33
CA PRO A 63 5.68 -9.10 -0.43
C PRO A 63 5.95 -9.74 -1.79
N ASP A 64 6.24 -8.92 -2.79
CA ASP A 64 6.49 -9.42 -4.13
C ASP A 64 7.54 -8.60 -4.89
N ALA A 65 8.81 -8.92 -4.68
CA ALA A 65 9.88 -8.24 -5.41
C ALA A 65 11.24 -8.90 -5.20
N PRO A 66 12.01 -9.11 -6.29
CA PRO A 66 11.56 -8.82 -7.65
C PRO A 66 10.28 -9.60 -7.93
N THR A 67 10.13 -10.68 -7.16
CA THR A 67 8.97 -11.56 -7.22
C THR A 67 8.92 -12.39 -5.94
N ARG A 68 7.71 -12.65 -5.43
CA ARG A 68 7.54 -13.42 -4.19
C ARG A 68 8.28 -14.76 -4.26
N GLN A 69 8.61 -15.15 -5.47
CA GLN A 69 9.31 -16.41 -5.72
C GLN A 69 10.79 -16.33 -5.29
N ASP A 70 11.35 -15.14 -5.41
CA ASP A 70 12.75 -14.87 -5.01
C ASP A 70 12.83 -13.46 -4.42
N PRO A 71 12.14 -13.24 -3.30
CA PRO A 71 12.10 -11.94 -2.63
C PRO A 71 13.40 -11.59 -1.92
N LYS A 72 14.52 -11.68 -2.65
CA LYS A 72 15.84 -11.38 -2.09
C LYS A 72 15.86 -10.03 -1.39
N TYR A 73 15.29 -9.00 -2.00
CA TYR A 73 15.27 -7.67 -1.39
C TYR A 73 13.88 -7.30 -0.89
N ARG A 74 13.13 -8.29 -0.41
CA ARG A 74 11.81 -8.05 0.13
C ARG A 74 11.91 -7.45 1.53
N GLU A 75 11.01 -6.55 1.90
CA GLU A 75 9.91 -6.11 1.04
C GLU A 75 10.31 -4.88 0.24
N ILE A 76 9.86 -4.80 -1.00
CA ILE A 76 10.18 -3.64 -1.83
C ILE A 76 9.39 -2.42 -1.36
N LEU A 77 9.67 -1.27 -1.96
CA LEU A 77 8.99 -0.02 -1.63
C LEU A 77 7.48 -0.19 -1.67
N HIS A 78 6.83 0.32 -0.63
CA HIS A 78 5.38 0.26 -0.49
C HIS A 78 4.86 1.65 -0.15
N TRP A 79 3.59 1.92 -0.44
CA TRP A 79 3.03 3.23 -0.16
C TRP A 79 2.24 3.19 1.14
N SER A 80 2.69 3.97 2.10
CA SER A 80 2.05 4.01 3.40
C SER A 80 2.00 5.41 3.97
N VAL A 81 0.86 5.74 4.54
CA VAL A 81 0.64 7.04 5.16
C VAL A 81 -0.22 6.84 6.39
N VAL A 82 0.29 7.29 7.52
CA VAL A 82 -0.43 7.17 8.77
C VAL A 82 -0.60 8.52 9.42
N ASN A 83 -1.20 8.52 10.59
CA ASN A 83 -1.46 9.75 11.33
C ASN A 83 -2.39 10.63 10.55
N ILE A 84 -3.27 10.02 9.75
CA ILE A 84 -4.21 10.80 8.96
C ILE A 84 -5.35 11.29 9.85
N PRO A 85 -5.42 12.60 10.14
CA PRO A 85 -6.49 13.13 10.97
C PRO A 85 -7.85 12.86 10.33
N GLY A 86 -8.74 12.21 11.09
CA GLY A 86 -10.07 11.90 10.59
C GLY A 86 -10.84 13.12 10.08
N SER A 87 -10.43 13.64 8.94
CA SER A 87 -11.05 14.81 8.32
C SER A 87 -10.41 15.10 6.96
N ASN A 88 -10.19 14.05 6.17
CA ASN A 88 -9.56 14.21 4.85
C ASN A 88 -10.24 13.42 3.75
N GLU A 89 -10.89 12.32 4.10
CA GLU A 89 -11.57 11.49 3.11
C GLU A 89 -10.57 10.62 2.35
N ASN A 90 -9.29 11.02 2.47
CA ASN A 90 -8.20 10.33 1.80
C ASN A 90 -6.91 10.47 2.61
N PRO A 91 -5.97 9.52 2.46
CA PRO A 91 -4.69 9.53 3.18
C PRO A 91 -3.69 10.51 2.59
N SER A 92 -4.13 11.73 2.31
CA SER A 92 -3.25 12.74 1.72
C SER A 92 -2.83 13.78 2.76
N GLY A 93 -3.32 13.66 3.98
CA GLY A 93 -2.99 14.60 5.03
C GLY A 93 -2.08 14.06 6.12
N GLY A 94 -1.93 12.73 6.18
CA GLY A 94 -1.10 12.12 7.20
C GLY A 94 0.36 11.99 6.80
N HIS A 95 1.17 11.49 7.72
CA HIS A 95 2.60 11.32 7.50
C HIS A 95 2.89 10.24 6.46
N SER A 96 3.44 10.64 5.32
CA SER A 96 3.79 9.71 4.27
C SER A 96 4.98 8.88 4.73
N LEU A 97 4.70 7.70 5.25
CA LEU A 97 5.74 6.81 5.75
C LEU A 97 6.72 6.44 4.63
N ALA A 98 6.17 5.83 3.58
CA ALA A 98 6.96 5.42 2.43
C ALA A 98 6.27 5.91 1.17
N ASP A 99 7.01 6.65 0.35
CA ASP A 99 6.46 7.22 -0.88
C ASP A 99 5.93 6.16 -1.83
N TYR A 100 5.00 6.59 -2.69
CA TYR A 100 4.39 5.73 -3.69
C TYR A 100 5.38 5.31 -4.78
N VAL A 101 5.27 4.07 -5.23
CA VAL A 101 6.11 3.54 -6.28
C VAL A 101 5.30 2.60 -7.18
N GLY A 102 5.12 3.01 -8.44
CA GLY A 102 4.35 2.20 -9.37
C GLY A 102 4.64 0.71 -9.26
N SER A 103 5.88 0.34 -9.57
CA SER A 103 6.31 -1.05 -9.50
C SER A 103 7.77 -1.19 -9.95
N GLY A 104 8.67 -1.25 -8.98
CA GLY A 104 10.10 -1.36 -9.28
C GLY A 104 10.50 -2.73 -9.80
N PRO A 105 9.88 -3.82 -9.29
CA PRO A 105 10.19 -5.19 -9.70
C PRO A 105 9.89 -5.45 -11.18
N PRO A 106 10.75 -6.27 -11.83
CA PRO A 106 10.60 -6.63 -13.26
C PRO A 106 9.28 -7.33 -13.57
N LYS A 107 8.74 -7.05 -14.76
CA LYS A 107 7.48 -7.64 -15.21
C LYS A 107 7.47 -9.15 -15.02
N ASP A 108 8.65 -9.74 -14.95
CA ASP A 108 8.79 -11.19 -14.81
C ASP A 108 7.94 -11.75 -13.67
N THR A 109 7.71 -10.95 -12.62
CA THR A 109 6.89 -11.43 -11.49
C THR A 109 5.43 -11.56 -11.90
N GLY A 110 5.11 -10.94 -13.03
CA GLY A 110 3.76 -10.97 -13.55
C GLY A 110 2.80 -10.10 -12.77
N LEU A 111 1.61 -10.64 -12.53
CA LEU A 111 0.57 -9.92 -11.80
C LEU A 111 0.95 -9.66 -10.35
N HIS A 112 1.03 -8.39 -9.98
CA HIS A 112 1.34 -8.01 -8.59
C HIS A 112 0.08 -8.14 -7.73
N ARG A 113 0.26 -8.48 -6.45
CA ARG A 113 -0.89 -8.63 -5.55
C ARG A 113 -0.87 -7.57 -4.46
N TYR A 114 -0.89 -6.30 -4.86
CA TYR A 114 -0.85 -5.22 -3.87
C TYR A 114 -2.13 -5.13 -3.06
N ILE A 115 -1.95 -5.02 -1.74
CA ILE A 115 -3.05 -4.93 -0.79
C ILE A 115 -2.95 -3.64 0.03
N PHE A 116 -4.07 -2.94 0.19
CA PHE A 116 -4.09 -1.71 0.99
C PHE A 116 -4.76 -1.97 2.34
N LEU A 117 -4.18 -1.42 3.39
CA LEU A 117 -4.69 -1.58 4.75
C LEU A 117 -5.06 -0.21 5.36
N LEU A 118 -6.26 -0.13 5.95
CA LEU A 118 -6.73 1.13 6.56
C LEU A 118 -7.29 0.89 7.97
N TYR A 119 -6.71 1.58 8.96
CA TYR A 119 -7.17 1.46 10.35
C TYR A 119 -7.06 2.79 11.10
N ARG A 120 -8.04 3.09 11.95
CA ARG A 120 -8.02 4.32 12.73
C ARG A 120 -6.83 4.35 13.68
N GLN A 121 -6.28 5.53 13.89
CA GLN A 121 -5.18 5.70 14.83
C GLN A 121 -5.63 6.63 15.95
N GLU A 122 -5.51 6.14 17.17
CA GLU A 122 -5.92 6.88 18.36
C GLU A 122 -4.83 7.81 18.89
N ASN A 123 -3.59 7.36 18.85
CA ASN A 123 -2.47 8.15 19.37
C ASN A 123 -1.54 8.67 18.28
N LYS A 124 -0.94 9.82 18.56
CA LYS A 124 0.00 10.45 17.65
C LYS A 124 1.33 9.69 17.63
N ILE A 125 1.82 9.45 16.42
CA ILE A 125 3.08 8.72 16.21
C ILE A 125 3.95 9.41 15.16
N GLU A 126 5.27 9.37 15.36
CA GLU A 126 6.21 9.99 14.43
C GLU A 126 6.42 9.10 13.19
N GLU A 127 6.58 7.81 13.44
CA GLU A 127 6.76 6.82 12.38
C GLU A 127 7.91 7.15 11.43
N THR A 128 9.02 7.64 11.99
CA THR A 128 10.24 7.97 11.23
C THR A 128 9.98 8.91 10.05
N PRO A 129 11.01 9.67 9.63
CA PRO A 129 10.92 10.61 8.51
C PRO A 129 10.39 9.96 7.23
N THR A 130 9.87 10.79 6.34
CA THR A 130 9.33 10.31 5.06
C THR A 130 10.41 9.59 4.25
N ILE A 131 10.14 8.33 3.91
CA ILE A 131 11.10 7.55 3.12
C ILE A 131 10.80 7.62 1.63
N SER A 132 11.79 8.11 0.89
CA SER A 132 11.68 8.23 -0.56
C SER A 132 11.77 6.87 -1.24
N ASN A 133 10.91 6.64 -2.21
CA ASN A 133 10.90 5.38 -2.95
C ASN A 133 12.24 5.13 -3.64
N THR A 134 12.79 6.18 -4.24
CA THR A 134 14.08 6.10 -4.95
C THR A 134 15.25 5.90 -3.99
N THR A 135 14.97 5.40 -2.80
CA THR A 135 16.00 5.18 -1.79
C THR A 135 16.86 3.97 -2.13
N ARG A 136 18.18 4.16 -2.01
CA ARG A 136 19.15 3.12 -2.32
C ARG A 136 18.94 1.86 -1.49
N THR A 137 19.73 0.85 -1.85
CA THR A 137 19.70 -0.46 -1.20
C THR A 137 19.55 -0.38 0.33
N GLY A 138 19.06 -1.46 0.90
CA GLY A 138 18.86 -1.54 2.33
C GLY A 138 17.64 -0.76 2.81
N ARG A 139 17.40 0.40 2.20
CA ARG A 139 16.26 1.23 2.59
C ARG A 139 14.98 0.80 1.87
N LEU A 140 14.92 -0.47 1.49
CA LEU A 140 13.76 -1.02 0.81
C LEU A 140 13.11 -2.06 1.71
N ASN A 141 13.90 -3.04 2.14
CA ASN A 141 13.42 -4.09 3.03
C ASN A 141 12.76 -3.50 4.27
N PHE A 142 11.50 -3.86 4.47
CA PHE A 142 10.74 -3.41 5.63
C PHE A 142 9.38 -4.10 5.68
N ASN A 143 9.12 -4.76 6.80
CA ASN A 143 7.86 -5.49 7.00
C ASN A 143 6.74 -4.57 7.49
N ALA A 144 5.69 -4.43 6.69
CA ALA A 144 4.55 -3.60 7.08
C ALA A 144 3.97 -4.09 8.40
N ARG A 145 3.93 -5.40 8.58
CA ARG A 145 3.40 -6.02 9.80
C ARG A 145 3.90 -5.30 11.04
N ASP A 146 5.16 -4.86 11.00
CA ASP A 146 5.76 -4.15 12.13
C ASP A 146 4.83 -3.03 12.62
N PHE A 147 4.44 -2.17 11.69
CA PHE A 147 3.55 -1.06 12.00
C PHE A 147 2.21 -1.58 12.46
N ALA A 148 1.79 -2.70 11.88
CA ALA A 148 0.53 -3.30 12.26
C ALA A 148 0.57 -3.65 13.74
N ALA A 149 1.69 -4.23 14.17
CA ALA A 149 1.86 -4.63 15.55
C ALA A 149 1.84 -3.43 16.49
N LYS A 150 2.72 -2.46 16.27
CA LYS A 150 2.80 -1.28 17.12
C LYS A 150 1.50 -0.49 17.11
N HIS A 151 1.00 -0.13 15.92
CA HIS A 151 -0.26 0.63 15.85
C HIS A 151 -1.45 -0.22 16.26
N GLY A 152 -1.22 -1.53 16.37
CA GLY A 152 -2.29 -2.44 16.74
C GLY A 152 -3.28 -2.67 15.62
N LEU A 153 -2.81 -2.47 14.40
CA LEU A 153 -3.63 -2.64 13.20
C LEU A 153 -4.11 -4.08 13.03
N GLY A 154 -4.04 -4.88 14.10
CA GLY A 154 -4.47 -6.27 14.04
C GLY A 154 -5.88 -6.44 13.48
N GLU A 155 -6.66 -5.37 13.54
CA GLU A 155 -8.04 -5.40 13.04
C GLU A 155 -8.34 -4.15 12.21
N PRO A 156 -8.21 -4.25 10.87
CA PRO A 156 -8.43 -3.13 9.96
C PRO A 156 -9.90 -2.83 9.68
N ILE A 157 -10.22 -1.54 9.59
CA ILE A 157 -11.59 -1.11 9.31
C ILE A 157 -11.86 -1.16 7.81
N ALA A 158 -10.86 -0.82 7.01
CA ALA A 158 -11.02 -0.82 5.56
C ALA A 158 -9.77 -1.35 4.87
N ALA A 159 -9.99 -2.05 3.76
CA ALA A 159 -8.90 -2.60 2.98
C ALA A 159 -9.30 -2.62 1.51
N ASN A 160 -8.32 -2.74 0.63
CA ASN A 160 -8.58 -2.77 -0.79
C ASN A 160 -7.31 -3.14 -1.51
N TYR A 161 -7.40 -4.14 -2.35
CA TYR A 161 -6.23 -4.65 -3.06
C TYR A 161 -6.37 -4.44 -4.56
N TYR A 162 -5.24 -4.40 -5.24
CA TYR A 162 -5.22 -4.22 -6.69
C TYR A 162 -4.16 -5.12 -7.32
N GLN A 163 -4.54 -5.75 -8.43
CA GLN A 163 -3.62 -6.62 -9.14
C GLN A 163 -3.44 -6.14 -10.57
N ALA A 164 -2.18 -5.91 -10.94
CA ALA A 164 -1.85 -5.43 -12.27
C ALA A 164 -0.43 -5.80 -12.63
N GLN A 165 -0.16 -5.98 -13.93
CA GLN A 165 1.18 -6.31 -14.38
C GLN A 165 1.77 -5.15 -15.15
N TYR A 166 3.02 -4.82 -14.85
CA TYR A 166 3.72 -3.73 -15.52
C TYR A 166 4.90 -4.29 -16.29
N ASP A 167 5.04 -3.90 -17.56
CA ASP A 167 6.11 -4.40 -18.40
C ASP A 167 7.48 -3.94 -17.94
N ASP A 168 8.50 -4.34 -18.69
CA ASP A 168 9.89 -4.00 -18.37
C ASP A 168 10.16 -2.50 -18.53
N TYR A 169 9.13 -1.68 -18.34
CA TYR A 169 9.29 -0.23 -18.44
C TYR A 169 9.50 0.40 -17.07
N VAL A 170 8.66 -0.03 -16.11
CA VAL A 170 8.74 0.49 -14.75
C VAL A 170 10.10 0.24 -14.09
N PRO A 171 10.76 -0.90 -14.35
CA PRO A 171 12.07 -1.18 -13.75
C PRO A 171 13.03 0.00 -13.96
N ILE A 172 12.90 0.64 -15.12
CA ILE A 172 13.74 1.79 -15.44
C ILE A 172 13.74 2.77 -14.27
N ARG A 173 12.56 2.98 -13.71
CA ARG A 173 12.38 3.89 -12.59
C ARG A 173 13.28 3.50 -11.41
N ASN A 174 13.44 2.19 -11.17
CA ASN A 174 14.28 1.75 -10.07
C ASN A 174 15.74 2.12 -10.30
N LYS A 175 16.18 2.08 -11.56
CA LYS A 175 17.56 2.44 -11.86
C LYS A 175 17.84 3.85 -11.37
N THR A 176 16.79 4.67 -11.32
CA THR A 176 16.89 6.06 -10.86
C THR A 176 17.08 6.14 -9.35
N ILE A 177 17.12 4.99 -8.68
CA ILE A 177 17.31 4.95 -7.22
C ILE A 177 18.69 5.50 -6.85
N VAL A 178 18.72 6.44 -5.90
CA VAL A 178 19.97 7.07 -5.44
C VAL A 178 19.70 8.04 -4.28
N GLY A 179 19.35 7.51 -3.11
CA GLY A 179 19.11 8.35 -1.95
C GLY A 179 18.98 7.57 -0.66
N MET A 1 -3.04 -15.13 12.91
CA MET A 1 -2.39 -14.56 11.70
C MET A 1 -2.82 -15.34 10.47
N ASP A 2 -3.06 -14.62 9.38
CA ASP A 2 -3.47 -15.25 8.12
C ASP A 2 -4.77 -16.05 8.30
N ASP A 3 -5.82 -15.38 8.75
CA ASP A 3 -7.11 -16.03 8.96
C ASP A 3 -7.84 -16.26 7.63
N ILE A 4 -8.16 -15.19 6.91
CA ILE A 4 -8.85 -15.31 5.62
C ILE A 4 -7.88 -15.06 4.45
N VAL A 5 -6.76 -15.78 4.49
CA VAL A 5 -5.73 -15.66 3.44
C VAL A 5 -5.25 -17.06 3.03
N PRO A 6 -5.01 -17.29 1.73
CA PRO A 6 -5.19 -16.29 0.68
C PRO A 6 -6.64 -16.17 0.22
N ASP A 7 -7.57 -16.27 1.17
CA ASP A 7 -8.99 -16.17 0.85
C ASP A 7 -9.33 -14.76 0.34
N VAL A 8 -8.89 -13.74 1.09
CA VAL A 8 -9.14 -12.35 0.72
C VAL A 8 -8.24 -11.36 1.49
N LEU A 9 -7.98 -11.64 2.77
CA LEU A 9 -7.15 -10.75 3.59
C LEU A 9 -6.51 -11.47 4.78
N ASP A 10 -5.50 -10.84 5.39
CA ASP A 10 -4.81 -11.43 6.54
C ASP A 10 -5.74 -11.48 7.76
N ALA A 11 -6.56 -10.43 7.91
CA ALA A 11 -7.52 -10.31 9.00
C ALA A 11 -8.78 -9.58 8.54
N VAL A 12 -9.94 -10.19 8.79
CA VAL A 12 -11.22 -9.61 8.39
C VAL A 12 -11.48 -8.24 9.03
N PRO A 13 -11.72 -7.21 8.19
CA PRO A 13 -11.99 -5.84 8.66
C PRO A 13 -13.48 -5.61 8.94
N ALA A 14 -14.07 -4.63 8.25
CA ALA A 14 -15.47 -4.30 8.41
C ALA A 14 -15.94 -3.46 7.23
N GLY A 15 -15.14 -2.45 6.86
CA GLY A 15 -15.49 -1.58 5.75
C GLY A 15 -14.68 -1.88 4.50
N THR A 16 -14.19 -0.83 3.85
CA THR A 16 -13.38 -0.96 2.64
C THR A 16 -12.64 0.34 2.34
N ILE A 17 -11.83 0.30 1.29
CA ILE A 17 -11.08 1.47 0.88
C ILE A 17 -11.36 1.82 -0.57
N LYS A 18 -11.70 3.07 -0.80
CA LYS A 18 -11.98 3.56 -2.14
C LYS A 18 -10.69 4.00 -2.80
N VAL A 19 -10.24 3.22 -3.79
CA VAL A 19 -9.01 3.54 -4.50
C VAL A 19 -9.27 3.63 -5.99
N ILE A 20 -9.18 4.84 -6.51
CA ILE A 20 -9.41 5.08 -7.93
C ILE A 20 -8.09 5.12 -8.69
N TYR A 21 -8.09 4.50 -9.85
CA TYR A 21 -6.89 4.42 -10.68
C TYR A 21 -6.88 5.51 -11.76
N GLY A 22 -7.50 5.24 -12.91
CA GLY A 22 -7.51 6.21 -14.00
C GLY A 22 -8.35 7.43 -13.72
N ASP A 23 -9.56 7.21 -13.20
CA ASP A 23 -10.49 8.31 -12.89
C ASP A 23 -11.81 7.71 -12.45
N ASP A 24 -12.40 6.94 -13.34
CA ASP A 24 -13.67 6.27 -13.07
C ASP A 24 -13.40 4.89 -12.50
N LEU A 25 -12.43 4.21 -13.10
CA LEU A 25 -12.05 2.88 -12.68
C LEU A 25 -11.37 2.93 -11.33
N GLU A 26 -11.75 1.98 -10.49
CA GLU A 26 -11.21 1.87 -9.14
C GLU A 26 -11.00 0.42 -8.79
N VAL A 27 -10.15 0.19 -7.80
CA VAL A 27 -9.87 -1.18 -7.39
C VAL A 27 -10.96 -1.74 -6.47
N LYS A 28 -11.60 -2.81 -6.92
CA LYS A 28 -12.67 -3.43 -6.17
C LYS A 28 -12.36 -4.90 -5.84
N GLN A 29 -12.18 -5.19 -4.55
CA GLN A 29 -11.92 -6.56 -4.07
C GLN A 29 -10.86 -7.32 -4.87
N GLY A 30 -9.61 -6.87 -4.79
CA GLY A 30 -8.51 -7.55 -5.46
C GLY A 30 -8.70 -7.72 -6.94
N ASN A 31 -9.62 -6.98 -7.52
CA ASN A 31 -9.88 -7.07 -8.95
C ASN A 31 -8.58 -6.92 -9.74
N GLU A 32 -8.51 -7.63 -10.85
CA GLU A 32 -7.35 -7.61 -11.73
C GLU A 32 -7.52 -6.55 -12.82
N LEU A 33 -6.66 -5.53 -12.83
CA LEU A 33 -6.75 -4.50 -13.85
C LEU A 33 -5.85 -4.84 -15.03
N THR A 34 -6.47 -5.02 -16.20
CA THR A 34 -5.75 -5.39 -17.43
C THR A 34 -6.47 -4.84 -18.66
N PRO A 35 -5.74 -4.62 -19.77
CA PRO A 35 -4.31 -4.85 -19.88
C PRO A 35 -3.51 -3.61 -19.47
N THR A 36 -3.15 -2.78 -20.45
CA THR A 36 -2.43 -1.54 -20.20
C THR A 36 -3.38 -0.50 -19.61
N GLN A 37 -4.14 -0.93 -18.61
CA GLN A 37 -5.12 -0.09 -17.95
C GLN A 37 -4.65 0.31 -16.56
N VAL A 38 -3.48 -0.22 -16.18
CA VAL A 38 -2.91 0.06 -14.86
C VAL A 38 -1.80 1.11 -14.92
N LYS A 39 -1.89 1.99 -15.90
CA LYS A 39 -0.90 3.05 -16.06
C LYS A 39 -1.09 4.12 -14.99
N ASP A 40 -2.35 4.45 -14.73
CA ASP A 40 -2.68 5.48 -13.76
C ASP A 40 -2.43 5.03 -12.32
N GLN A 41 -1.88 5.94 -11.52
CA GLN A 41 -1.56 5.69 -10.12
C GLN A 41 -2.83 5.47 -9.28
N PRO A 42 -2.74 4.71 -8.18
CA PRO A 42 -3.88 4.44 -7.30
C PRO A 42 -4.13 5.57 -6.31
N ILE A 43 -5.37 6.05 -6.28
CA ILE A 43 -5.76 7.13 -5.36
C ILE A 43 -6.64 6.57 -4.25
N VAL A 44 -6.08 6.45 -3.05
CA VAL A 44 -6.78 5.91 -1.89
C VAL A 44 -7.72 6.93 -1.23
N SER A 45 -8.87 6.45 -0.76
CA SER A 45 -9.85 7.33 -0.10
C SER A 45 -10.90 6.52 0.66
N TRP A 46 -11.46 7.13 1.71
CA TRP A 46 -12.50 6.48 2.51
C TRP A 46 -13.73 7.38 2.56
N SER A 47 -13.96 8.08 1.46
CA SER A 47 -15.09 8.99 1.34
C SER A 47 -16.37 8.36 1.89
N GLY A 48 -16.97 9.02 2.88
CA GLY A 48 -18.21 8.53 3.46
C GLY A 48 -17.98 7.61 4.66
N LEU A 49 -16.84 6.91 4.70
CA LEU A 49 -16.55 6.01 5.81
C LEU A 49 -16.14 6.82 7.04
N GLU A 50 -15.42 7.90 6.79
CA GLU A 50 -14.95 8.78 7.85
C GLU A 50 -16.12 9.18 8.75
N GLY A 51 -15.82 9.60 9.98
CA GLY A 51 -16.88 9.99 10.90
C GLY A 51 -16.34 10.59 12.18
N LYS A 52 -15.63 9.78 12.95
CA LYS A 52 -15.02 10.23 14.19
C LYS A 52 -13.74 9.47 14.42
N SER A 53 -12.63 10.16 14.28
CA SER A 53 -11.32 9.56 14.42
C SER A 53 -10.26 10.60 14.76
N ASN A 54 -9.33 10.24 15.63
CA ASN A 54 -8.25 11.14 15.98
C ASN A 54 -7.24 11.15 14.86
N LEU A 55 -6.95 9.95 14.39
CA LEU A 55 -6.02 9.74 13.32
C LEU A 55 -6.35 8.43 12.63
N LEU A 56 -5.83 8.25 11.43
CA LEU A 56 -6.07 7.04 10.67
C LEU A 56 -4.75 6.45 10.18
N THR A 57 -4.73 5.15 9.96
CA THR A 57 -3.54 4.46 9.50
C THR A 57 -3.77 3.83 8.14
N LEU A 58 -3.06 4.32 7.12
CA LEU A 58 -3.18 3.77 5.77
C LEU A 58 -1.91 3.00 5.44
N LEU A 59 -2.03 1.71 5.17
CA LEU A 59 -0.85 0.91 4.89
C LEU A 59 -1.14 -0.24 3.94
N MET A 60 -0.12 -0.64 3.19
CA MET A 60 -0.22 -1.75 2.25
C MET A 60 0.27 -3.03 2.93
N VAL A 61 -0.19 -4.18 2.48
CA VAL A 61 0.20 -5.44 3.10
C VAL A 61 0.61 -6.47 2.06
N ASP A 62 1.29 -7.50 2.52
CA ASP A 62 1.77 -8.57 1.66
C ASP A 62 2.79 -8.03 0.66
N PRO A 63 3.85 -7.38 1.17
CA PRO A 63 4.91 -6.81 0.34
C PRO A 63 5.22 -7.68 -0.87
N ASP A 64 5.46 -7.03 -2.01
CA ASP A 64 5.73 -7.76 -3.25
C ASP A 64 7.07 -7.39 -3.87
N ALA A 65 8.15 -8.05 -3.42
CA ALA A 65 9.47 -7.79 -3.99
C ALA A 65 10.51 -8.81 -3.53
N PRO A 66 11.37 -9.29 -4.46
CA PRO A 66 11.31 -8.91 -5.88
C PRO A 66 10.06 -9.44 -6.56
N THR A 67 9.57 -10.56 -6.04
CA THR A 67 8.40 -11.21 -6.59
C THR A 67 7.62 -11.94 -5.51
N ARG A 68 6.32 -12.03 -5.71
CA ARG A 68 5.43 -12.71 -4.78
C ARG A 68 5.89 -14.15 -4.60
N GLN A 69 6.61 -14.64 -5.58
CA GLN A 69 7.11 -16.01 -5.58
C GLN A 69 8.37 -16.18 -4.72
N ASP A 70 9.28 -15.20 -4.77
CA ASP A 70 10.52 -15.26 -3.99
C ASP A 70 10.91 -13.87 -3.51
N PRO A 71 10.31 -13.40 -2.41
CA PRO A 71 10.59 -12.08 -1.85
C PRO A 71 11.90 -12.07 -1.05
N LYS A 72 12.99 -12.46 -1.70
CA LYS A 72 14.30 -12.53 -1.05
C LYS A 72 14.62 -11.24 -0.28
N TYR A 73 14.43 -10.09 -0.93
CA TYR A 73 14.69 -8.81 -0.25
C TYR A 73 13.40 -8.02 -0.06
N ARG A 74 12.30 -8.71 0.15
CA ARG A 74 11.05 -8.03 0.38
C ARG A 74 11.25 -7.07 1.56
N GLU A 75 10.83 -5.81 1.46
CA GLU A 75 10.17 -5.21 0.30
C GLU A 75 11.17 -4.33 -0.46
N ILE A 76 10.82 -3.93 -1.69
CA ILE A 76 11.70 -3.04 -2.45
C ILE A 76 11.25 -1.60 -2.22
N LEU A 77 9.95 -1.40 -2.32
CA LEU A 77 9.33 -0.09 -2.12
C LEU A 77 7.82 -0.26 -2.17
N HIS A 78 7.10 0.54 -1.40
CA HIS A 78 5.65 0.47 -1.34
C HIS A 78 5.06 1.78 -0.82
N TRP A 79 3.74 1.88 -0.78
CA TRP A 79 3.10 3.11 -0.31
C TRP A 79 2.56 2.95 1.11
N SER A 80 2.99 3.84 1.99
CA SER A 80 2.55 3.79 3.38
C SER A 80 2.32 5.20 3.93
N VAL A 81 1.19 5.38 4.62
CA VAL A 81 0.84 6.68 5.20
C VAL A 81 0.06 6.48 6.49
N VAL A 82 0.44 7.19 7.53
CA VAL A 82 -0.23 7.08 8.81
C VAL A 82 -0.45 8.44 9.44
N ASN A 83 -1.21 8.47 10.52
CA ASN A 83 -1.52 9.71 11.23
C ASN A 83 -2.52 10.54 10.43
N ILE A 84 -3.33 9.90 9.60
CA ILE A 84 -4.30 10.67 8.82
C ILE A 84 -5.41 11.18 9.73
N PRO A 85 -5.54 12.50 9.89
CA PRO A 85 -6.59 13.07 10.72
C PRO A 85 -7.96 12.72 10.17
N GLY A 86 -8.83 12.21 11.03
CA GLY A 86 -10.19 11.84 10.62
C GLY A 86 -11.02 13.02 10.16
N SER A 87 -10.59 13.68 9.09
CA SER A 87 -11.27 14.84 8.52
C SER A 87 -10.57 15.23 7.21
N ASN A 88 -10.13 14.22 6.47
CA ASN A 88 -9.41 14.45 5.21
C ASN A 88 -9.91 13.55 4.07
N GLU A 89 -10.73 12.57 4.41
CA GLU A 89 -11.27 11.65 3.42
C GLU A 89 -10.19 10.67 2.91
N ASN A 90 -8.95 11.17 2.86
CA ASN A 90 -7.82 10.38 2.39
C ASN A 90 -6.52 10.88 3.01
N PRO A 91 -5.45 10.08 2.90
CA PRO A 91 -4.12 10.42 3.45
C PRO A 91 -3.45 11.61 2.75
N SER A 92 -4.20 12.66 2.49
CA SER A 92 -3.64 13.83 1.83
C SER A 92 -2.78 14.60 2.81
N GLY A 93 -3.23 14.68 4.07
CA GLY A 93 -2.49 15.39 5.10
C GLY A 93 -1.83 14.45 6.10
N GLY A 94 -1.91 13.16 5.84
CA GLY A 94 -1.32 12.18 6.74
C GLY A 94 0.18 12.01 6.51
N HIS A 95 0.88 11.47 7.49
CA HIS A 95 2.32 11.28 7.35
C HIS A 95 2.65 10.18 6.36
N SER A 96 3.12 10.57 5.18
CA SER A 96 3.50 9.60 4.17
C SER A 96 4.80 8.95 4.59
N LEU A 97 4.70 7.75 5.13
CA LEU A 97 5.88 7.06 5.59
C LEU A 97 6.87 6.86 4.44
N ALA A 98 6.38 6.34 3.31
CA ALA A 98 7.22 6.11 2.14
C ALA A 98 6.52 6.58 0.86
N ASP A 99 7.17 7.49 0.15
CA ASP A 99 6.63 8.02 -1.10
C ASP A 99 6.14 6.90 -2.01
N TYR A 100 4.93 7.04 -2.55
CA TYR A 100 4.37 6.03 -3.43
C TYR A 100 5.01 6.11 -4.81
N VAL A 101 5.55 4.97 -5.27
CA VAL A 101 6.19 4.89 -6.57
C VAL A 101 6.01 3.52 -7.18
N GLY A 102 6.18 3.45 -8.50
CA GLY A 102 6.04 2.19 -9.21
C GLY A 102 6.98 1.11 -8.70
N SER A 103 6.40 0.09 -8.07
CA SER A 103 7.18 -1.04 -7.55
C SER A 103 7.86 -1.79 -8.68
N GLY A 104 9.13 -1.45 -8.93
CA GLY A 104 9.89 -2.08 -10.00
C GLY A 104 9.97 -3.60 -9.87
N PRO A 105 9.16 -4.35 -10.64
CA PRO A 105 9.12 -5.79 -10.60
C PRO A 105 9.82 -6.43 -11.79
N PRO A 106 10.57 -7.53 -11.56
CA PRO A 106 11.23 -8.22 -12.66
C PRO A 106 10.20 -8.60 -13.71
N LYS A 107 10.53 -8.36 -14.98
CA LYS A 107 9.61 -8.67 -16.07
C LYS A 107 8.95 -10.03 -15.84
N ASP A 108 9.72 -10.94 -15.28
CA ASP A 108 9.27 -12.30 -15.01
C ASP A 108 8.07 -12.35 -14.05
N THR A 109 8.07 -11.54 -12.99
CA THR A 109 6.97 -11.56 -12.02
C THR A 109 5.70 -10.92 -12.60
N GLY A 110 5.89 -9.92 -13.44
CA GLY A 110 4.76 -9.25 -14.08
C GLY A 110 3.68 -8.73 -13.13
N LEU A 111 2.71 -9.60 -12.83
CA LEU A 111 1.55 -9.23 -11.98
C LEU A 111 1.92 -8.93 -10.54
N HIS A 112 1.57 -7.71 -10.09
CA HIS A 112 1.78 -7.28 -8.71
C HIS A 112 0.50 -7.45 -7.90
N ARG A 113 0.64 -7.95 -6.68
CA ARG A 113 -0.51 -8.13 -5.81
C ARG A 113 -0.50 -7.05 -4.74
N TYR A 114 -1.53 -6.21 -4.71
CA TYR A 114 -1.61 -5.12 -3.73
C TYR A 114 -2.75 -5.33 -2.75
N ILE A 115 -2.42 -5.14 -1.46
CA ILE A 115 -3.39 -5.25 -0.38
C ILE A 115 -3.38 -3.97 0.44
N PHE A 116 -4.52 -3.32 0.54
CA PHE A 116 -4.65 -2.07 1.29
C PHE A 116 -5.34 -2.31 2.63
N LEU A 117 -4.74 -1.77 3.69
CA LEU A 117 -5.29 -1.92 5.03
C LEU A 117 -5.45 -0.55 5.69
N LEU A 118 -6.62 -0.31 6.25
CA LEU A 118 -6.93 0.95 6.92
C LEU A 118 -7.40 0.70 8.36
N TYR A 119 -6.69 1.30 9.31
CA TYR A 119 -7.02 1.18 10.72
C TYR A 119 -6.97 2.53 11.38
N ARG A 120 -7.92 2.83 12.25
CA ARG A 120 -7.95 4.12 12.93
C ARG A 120 -6.80 4.26 13.92
N GLN A 121 -6.03 5.31 13.74
CA GLN A 121 -4.92 5.59 14.61
C GLN A 121 -5.42 6.43 15.78
N GLU A 122 -5.51 5.82 16.94
CA GLU A 122 -6.01 6.51 18.11
C GLU A 122 -4.98 7.50 18.65
N ASN A 123 -3.70 7.13 18.59
CA ASN A 123 -2.62 7.99 19.09
C ASN A 123 -1.61 8.32 17.99
N LYS A 124 -1.12 9.55 17.99
CA LYS A 124 -0.14 9.96 17.00
C LYS A 124 1.13 9.14 17.13
N ILE A 125 1.41 8.29 16.14
CA ILE A 125 2.60 7.46 16.15
C ILE A 125 3.74 8.20 15.46
N GLU A 126 4.89 8.30 16.13
CA GLU A 126 6.04 9.02 15.60
C GLU A 126 6.53 8.47 14.26
N GLU A 127 6.66 7.15 14.16
CA GLU A 127 7.15 6.53 12.93
C GLU A 127 8.57 7.02 12.64
N THR A 128 8.73 7.69 11.51
CA THR A 128 10.02 8.24 11.10
C THR A 128 9.80 9.29 10.01
N PRO A 129 10.77 10.20 9.79
CA PRO A 129 10.65 11.24 8.77
C PRO A 129 10.13 10.68 7.45
N THR A 130 9.50 11.53 6.64
CA THR A 130 8.95 11.10 5.36
C THR A 130 10.07 10.53 4.49
N ILE A 131 9.87 9.32 4.00
CA ILE A 131 10.89 8.68 3.16
C ILE A 131 10.67 8.97 1.69
N SER A 132 11.71 9.47 1.05
CA SER A 132 11.69 9.77 -0.37
C SER A 132 11.97 8.51 -1.16
N ASN A 133 11.19 8.28 -2.21
CA ASN A 133 11.36 7.10 -3.05
C ASN A 133 12.81 6.95 -3.51
N THR A 134 13.43 8.08 -3.86
CA THR A 134 14.81 8.08 -4.35
C THR A 134 15.80 7.65 -3.26
N THR A 135 15.27 7.26 -2.10
CA THR A 135 16.11 6.84 -1.01
C THR A 135 16.86 5.56 -1.39
N ARG A 136 18.14 5.53 -1.08
CA ARG A 136 18.99 4.40 -1.39
C ARG A 136 18.88 3.33 -0.31
N THR A 137 19.51 2.19 -0.58
CA THR A 137 19.52 1.05 0.33
C THR A 137 19.56 1.48 1.80
N GLY A 138 19.00 0.64 2.67
CA GLY A 138 18.97 0.93 4.09
C GLY A 138 17.58 1.11 4.65
N ARG A 139 16.56 0.93 3.83
CA ARG A 139 15.17 1.08 4.27
C ARG A 139 14.21 0.58 3.21
N LEU A 140 14.52 -0.59 2.64
CA LEU A 140 13.68 -1.20 1.60
C LEU A 140 13.06 -2.52 2.06
N ASN A 141 13.90 -3.49 2.43
CA ASN A 141 13.44 -4.82 2.87
C ASN A 141 12.65 -4.79 4.19
N PHE A 142 11.76 -3.81 4.35
CA PHE A 142 10.94 -3.72 5.55
C PHE A 142 9.56 -4.30 5.28
N ASN A 143 9.27 -5.44 5.90
CA ASN A 143 8.00 -6.12 5.73
C ASN A 143 6.84 -5.30 6.30
N ALA A 144 5.80 -5.12 5.50
CA ALA A 144 4.64 -4.34 5.92
C ALA A 144 3.78 -5.06 6.95
N ARG A 145 3.68 -6.38 6.86
CA ARG A 145 2.87 -7.13 7.83
C ARG A 145 3.18 -6.69 9.26
N ASP A 146 4.46 -6.43 9.54
CA ASP A 146 4.89 -6.01 10.87
C ASP A 146 4.10 -4.79 11.33
N PHE A 147 3.82 -3.89 10.40
CA PHE A 147 3.06 -2.69 10.72
C PHE A 147 1.80 -3.07 11.48
N ALA A 148 1.18 -4.16 11.06
CA ALA A 148 -0.02 -4.66 11.70
C ALA A 148 0.27 -5.07 13.14
N ALA A 149 1.45 -5.65 13.36
CA ALA A 149 1.84 -6.09 14.68
C ALA A 149 2.20 -4.92 15.59
N LYS A 150 3.09 -4.05 15.11
CA LYS A 150 3.52 -2.90 15.89
C LYS A 150 2.42 -1.86 16.07
N HIS A 151 1.67 -1.57 15.01
CA HIS A 151 0.59 -0.59 15.11
C HIS A 151 -0.73 -1.26 15.46
N GLY A 152 -0.68 -2.57 15.66
CA GLY A 152 -1.87 -3.32 16.04
C GLY A 152 -3.01 -3.21 15.04
N LEU A 153 -2.66 -3.09 13.77
CA LEU A 153 -3.65 -2.98 12.70
C LEU A 153 -4.39 -4.32 12.50
N GLY A 154 -4.28 -5.20 13.49
CA GLY A 154 -4.91 -6.51 13.43
C GLY A 154 -6.42 -6.44 13.38
N GLU A 155 -6.96 -5.24 13.51
CA GLU A 155 -8.39 -5.02 13.47
C GLU A 155 -8.69 -3.83 12.56
N PRO A 156 -8.55 -4.05 11.24
CA PRO A 156 -8.75 -3.01 10.23
C PRO A 156 -10.20 -2.57 10.09
N ILE A 157 -10.40 -1.26 10.09
CA ILE A 157 -11.74 -0.69 9.93
C ILE A 157 -12.15 -0.79 8.47
N ALA A 158 -11.18 -0.66 7.59
CA ALA A 158 -11.41 -0.74 6.16
C ALA A 158 -10.21 -1.37 5.47
N ALA A 159 -10.47 -2.12 4.40
CA ALA A 159 -9.42 -2.79 3.66
C ALA A 159 -9.88 -3.13 2.25
N ASN A 160 -8.94 -3.34 1.36
CA ASN A 160 -9.26 -3.68 -0.02
C ASN A 160 -7.98 -4.08 -0.71
N TYR A 161 -8.06 -4.53 -1.95
CA TYR A 161 -6.88 -4.96 -2.65
C TYR A 161 -7.04 -4.86 -4.17
N TYR A 162 -5.93 -4.98 -4.88
CA TYR A 162 -5.92 -4.89 -6.32
C TYR A 162 -4.65 -5.49 -6.90
N GLN A 163 -4.74 -6.02 -8.10
CA GLN A 163 -3.59 -6.62 -8.77
C GLN A 163 -3.36 -5.98 -10.12
N ALA A 164 -2.10 -5.71 -10.44
CA ALA A 164 -1.74 -5.10 -11.70
C ALA A 164 -0.31 -5.45 -12.08
N GLN A 165 -0.08 -5.74 -13.36
CA GLN A 165 1.24 -6.10 -13.82
C GLN A 165 1.90 -4.90 -14.49
N TYR A 166 3.18 -4.70 -14.22
CA TYR A 166 3.92 -3.59 -14.80
C TYR A 166 5.20 -4.10 -15.45
N ASP A 167 5.38 -3.76 -16.73
CA ASP A 167 6.56 -4.18 -17.46
C ASP A 167 7.81 -3.61 -16.83
N ASP A 168 8.94 -3.83 -17.49
CA ASP A 168 10.22 -3.32 -17.03
C ASP A 168 10.29 -1.81 -17.27
N TYR A 169 9.13 -1.16 -17.17
CA TYR A 169 9.00 0.28 -17.37
C TYR A 169 9.16 1.05 -16.07
N VAL A 170 8.37 0.69 -15.05
CA VAL A 170 8.42 1.35 -13.76
C VAL A 170 9.80 1.29 -13.10
N PRO A 171 10.58 0.22 -13.33
CA PRO A 171 11.93 0.11 -12.74
C PRO A 171 12.73 1.38 -12.95
N ILE A 172 12.33 2.16 -13.95
CA ILE A 172 13.00 3.43 -14.24
C ILE A 172 13.09 4.27 -12.98
N ARG A 173 12.04 4.23 -12.17
CA ARG A 173 12.01 4.98 -10.92
C ARG A 173 13.16 4.54 -10.03
N ASN A 174 13.51 3.27 -10.10
CA ASN A 174 14.62 2.73 -9.32
C ASN A 174 15.90 3.43 -9.75
N LYS A 175 16.05 3.61 -11.05
CA LYS A 175 17.23 4.28 -11.59
C LYS A 175 17.33 5.69 -11.01
N THR A 176 16.22 6.17 -10.46
CA THR A 176 16.18 7.51 -9.86
C THR A 176 16.61 7.48 -8.39
N ILE A 177 17.06 6.32 -7.91
CA ILE A 177 17.50 6.18 -6.50
C ILE A 177 18.85 6.84 -6.28
N VAL A 178 18.93 7.77 -5.32
CA VAL A 178 20.18 8.48 -5.05
C VAL A 178 20.64 8.44 -3.58
N GLY A 179 19.73 8.19 -2.64
CA GLY A 179 20.12 8.19 -1.23
C GLY A 179 18.95 8.41 -0.31
N MET A 1 -2.89 -13.38 12.90
CA MET A 1 -1.89 -13.77 11.88
C MET A 1 -2.55 -13.81 10.50
N ASP A 2 -2.12 -14.75 9.66
CA ASP A 2 -2.70 -14.89 8.32
C ASP A 2 -4.15 -15.34 8.43
N ASP A 3 -5.06 -14.53 7.91
CA ASP A 3 -6.49 -14.81 7.98
C ASP A 3 -7.04 -15.33 6.64
N ILE A 4 -7.14 -14.45 5.64
CA ILE A 4 -7.65 -14.84 4.32
C ILE A 4 -6.65 -14.48 3.22
N VAL A 5 -5.46 -15.05 3.34
CA VAL A 5 -4.39 -14.80 2.38
C VAL A 5 -3.81 -16.13 1.87
N PRO A 6 -3.47 -16.22 0.57
CA PRO A 6 -3.62 -15.12 -0.39
C PRO A 6 -5.02 -15.06 -1.00
N ASP A 7 -6.02 -15.43 -0.21
CA ASP A 7 -7.40 -15.39 -0.67
C ASP A 7 -7.73 -13.99 -1.13
N VAL A 8 -7.52 -13.02 -0.23
CA VAL A 8 -7.78 -11.63 -0.51
C VAL A 8 -7.03 -10.71 0.46
N LEU A 9 -6.96 -11.09 1.73
CA LEU A 9 -6.29 -10.28 2.74
C LEU A 9 -5.86 -11.12 3.94
N ASP A 10 -4.69 -10.81 4.50
CA ASP A 10 -4.22 -11.55 5.67
C ASP A 10 -4.93 -11.05 6.92
N ALA A 11 -6.14 -10.51 6.74
CA ALA A 11 -6.94 -9.99 7.84
C ALA A 11 -8.31 -9.55 7.33
N VAL A 12 -9.31 -9.52 8.21
CA VAL A 12 -10.66 -9.12 7.83
C VAL A 12 -10.87 -7.62 8.00
N PRO A 13 -11.07 -6.89 6.89
CA PRO A 13 -11.30 -5.44 6.94
C PRO A 13 -12.76 -5.09 7.18
N ALA A 14 -12.99 -4.15 8.09
CA ALA A 14 -14.35 -3.71 8.41
C ALA A 14 -15.03 -3.12 7.17
N GLY A 15 -14.26 -2.38 6.39
CA GLY A 15 -14.75 -1.77 5.17
C GLY A 15 -13.76 -1.89 4.03
N THR A 16 -13.56 -0.80 3.30
CA THR A 16 -12.62 -0.79 2.19
C THR A 16 -12.26 0.64 1.85
N ILE A 17 -11.36 0.81 0.90
CA ILE A 17 -10.93 2.15 0.50
C ILE A 17 -11.31 2.43 -0.94
N LYS A 18 -11.83 3.62 -1.18
CA LYS A 18 -12.14 4.02 -2.52
C LYS A 18 -10.84 4.32 -3.24
N VAL A 19 -10.41 3.38 -4.06
CA VAL A 19 -9.17 3.54 -4.79
C VAL A 19 -9.47 3.55 -6.28
N ILE A 20 -9.30 4.71 -6.88
CA ILE A 20 -9.54 4.87 -8.31
C ILE A 20 -8.23 4.82 -9.07
N TYR A 21 -8.20 3.94 -10.05
CA TYR A 21 -7.03 3.75 -10.86
C TYR A 21 -6.82 4.93 -11.81
N GLY A 22 -7.60 4.98 -12.90
CA GLY A 22 -7.49 6.08 -13.84
C GLY A 22 -8.31 7.29 -13.43
N ASP A 23 -9.63 7.10 -13.34
CA ASP A 23 -10.56 8.17 -12.98
C ASP A 23 -11.87 7.56 -12.51
N ASP A 24 -12.44 6.70 -13.35
CA ASP A 24 -13.70 6.05 -13.06
C ASP A 24 -13.47 4.62 -12.57
N LEU A 25 -12.49 3.93 -13.14
CA LEU A 25 -12.20 2.56 -12.75
C LEU A 25 -11.64 2.51 -11.33
N GLU A 26 -12.31 1.73 -10.52
CA GLU A 26 -11.98 1.55 -9.11
C GLU A 26 -11.49 0.13 -8.85
N VAL A 27 -10.48 -0.02 -8.02
CA VAL A 27 -9.98 -1.36 -7.72
C VAL A 27 -10.96 -2.09 -6.79
N LYS A 28 -11.64 -3.09 -7.33
CA LYS A 28 -12.63 -3.85 -6.59
C LYS A 28 -12.03 -5.02 -5.80
N GLN A 29 -11.51 -4.70 -4.62
CA GLN A 29 -10.94 -5.69 -3.70
C GLN A 29 -10.32 -6.93 -4.39
N GLY A 30 -9.23 -6.75 -5.13
CA GLY A 30 -8.57 -7.87 -5.78
C GLY A 30 -8.76 -7.87 -7.28
N ASN A 31 -9.80 -7.19 -7.71
CA ASN A 31 -10.13 -7.08 -9.12
C ASN A 31 -8.92 -6.72 -9.98
N GLU A 32 -8.91 -7.27 -11.20
CA GLU A 32 -7.85 -7.04 -12.17
C GLU A 32 -8.38 -6.21 -13.33
N LEU A 33 -7.61 -5.21 -13.78
CA LEU A 33 -8.01 -4.37 -14.90
C LEU A 33 -7.36 -4.84 -16.20
N THR A 34 -8.12 -4.75 -17.28
CA THR A 34 -7.64 -5.15 -18.61
C THR A 34 -8.34 -4.31 -19.68
N PRO A 35 -7.66 -3.99 -20.79
CA PRO A 35 -6.27 -4.38 -21.05
C PRO A 35 -5.26 -3.44 -20.40
N THR A 36 -4.48 -2.74 -21.22
CA THR A 36 -3.46 -1.81 -20.72
C THR A 36 -4.09 -0.55 -20.12
N GLN A 37 -5.10 -0.72 -19.27
CA GLN A 37 -5.75 0.43 -18.64
C GLN A 37 -5.20 0.62 -17.23
N VAL A 38 -4.28 -0.25 -16.86
CA VAL A 38 -3.65 -0.22 -15.54
C VAL A 38 -2.42 0.70 -15.54
N LYS A 39 -2.39 1.61 -16.51
CA LYS A 39 -1.26 2.53 -16.63
C LYS A 39 -1.24 3.56 -15.51
N ASP A 40 -2.41 3.96 -15.05
CA ASP A 40 -2.52 4.95 -13.99
C ASP A 40 -2.36 4.31 -12.61
N GLN A 41 -1.56 4.96 -11.75
CA GLN A 41 -1.34 4.46 -10.40
C GLN A 41 -2.63 4.59 -9.59
N PRO A 42 -2.83 3.73 -8.58
CA PRO A 42 -4.06 3.75 -7.77
C PRO A 42 -4.19 5.00 -6.91
N ILE A 43 -5.33 5.68 -7.04
CA ILE A 43 -5.61 6.87 -6.24
C ILE A 43 -6.46 6.46 -5.04
N VAL A 44 -5.83 6.48 -3.87
CA VAL A 44 -6.49 6.08 -2.62
C VAL A 44 -7.39 7.16 -2.04
N SER A 45 -8.54 6.75 -1.51
CA SER A 45 -9.48 7.67 -0.88
C SER A 45 -10.50 6.90 -0.05
N TRP A 46 -10.77 7.35 1.17
CA TRP A 46 -11.74 6.68 2.04
C TRP A 46 -12.94 7.59 2.28
N SER A 47 -13.28 8.34 1.25
CA SER A 47 -14.38 9.31 1.29
C SER A 47 -15.58 8.83 2.14
N GLY A 48 -15.63 9.30 3.39
CA GLY A 48 -16.73 8.95 4.28
C GLY A 48 -16.56 7.62 5.00
N LEU A 49 -15.64 6.79 4.54
CA LEU A 49 -15.42 5.49 5.18
C LEU A 49 -14.90 5.67 6.60
N GLU A 50 -14.36 6.85 6.89
CA GLU A 50 -13.85 7.15 8.22
C GLU A 50 -15.03 7.30 9.19
N GLY A 51 -15.86 8.29 8.89
CA GLY A 51 -17.03 8.56 9.71
C GLY A 51 -16.62 9.40 10.89
N LYS A 52 -15.79 8.82 11.73
CA LYS A 52 -15.28 9.53 12.88
C LYS A 52 -13.89 9.01 13.22
N SER A 53 -12.89 9.89 13.13
CA SER A 53 -11.53 9.50 13.42
C SER A 53 -10.65 10.69 13.81
N ASN A 54 -9.76 10.45 14.77
CA ASN A 54 -8.83 11.47 15.23
C ASN A 54 -7.62 11.52 14.31
N LEU A 55 -7.24 10.32 13.85
CA LEU A 55 -6.12 10.13 12.95
C LEU A 55 -6.31 8.80 12.23
N LEU A 56 -5.48 8.55 11.21
CA LEU A 56 -5.60 7.31 10.45
C LEU A 56 -4.23 6.76 10.07
N THR A 57 -4.20 5.46 9.76
CA THR A 57 -2.99 4.77 9.35
C THR A 57 -3.22 4.17 7.96
N LEU A 58 -2.26 4.36 7.07
CA LEU A 58 -2.36 3.84 5.71
C LEU A 58 -1.12 3.05 5.37
N LEU A 59 -1.29 1.86 4.81
CA LEU A 59 -0.16 1.02 4.47
C LEU A 59 -0.45 0.21 3.20
N MET A 60 0.47 0.27 2.26
CA MET A 60 0.37 -0.47 1.01
C MET A 60 1.30 -1.67 1.10
N VAL A 61 0.82 -2.84 0.69
CA VAL A 61 1.64 -4.04 0.77
C VAL A 61 1.35 -5.03 -0.36
N ASP A 62 2.41 -5.67 -0.80
CA ASP A 62 2.38 -6.68 -1.85
C ASP A 62 3.65 -7.49 -1.72
N PRO A 63 3.66 -8.47 -0.80
CA PRO A 63 4.85 -9.28 -0.56
C PRO A 63 5.19 -10.17 -1.74
N ASP A 64 5.90 -9.62 -2.70
CA ASP A 64 6.33 -10.33 -3.89
C ASP A 64 7.34 -9.51 -4.67
N ALA A 65 8.60 -9.61 -4.27
CA ALA A 65 9.69 -8.89 -4.90
C ALA A 65 10.98 -9.67 -4.70
N PRO A 66 11.83 -9.80 -5.72
CA PRO A 66 11.61 -9.23 -7.05
C PRO A 66 10.62 -10.04 -7.86
N THR A 67 10.38 -11.26 -7.41
CA THR A 67 9.49 -12.15 -8.10
C THR A 67 8.61 -12.92 -7.10
N ARG A 68 7.35 -13.08 -7.48
CA ARG A 68 6.35 -13.75 -6.67
C ARG A 68 6.89 -15.05 -6.09
N GLN A 69 7.85 -15.63 -6.79
CA GLN A 69 8.44 -16.90 -6.39
C GLN A 69 9.71 -16.77 -5.54
N ASP A 70 10.64 -15.90 -5.92
CA ASP A 70 11.89 -15.77 -5.17
C ASP A 70 12.03 -14.43 -4.45
N PRO A 71 11.42 -14.31 -3.25
CA PRO A 71 11.48 -13.09 -2.43
C PRO A 71 12.87 -12.89 -1.82
N LYS A 72 13.90 -12.94 -2.67
CA LYS A 72 15.28 -12.79 -2.21
C LYS A 72 15.46 -11.59 -1.30
N TYR A 73 14.70 -10.52 -1.55
CA TYR A 73 14.79 -9.34 -0.69
C TYR A 73 13.42 -8.75 -0.39
N ARG A 74 12.48 -9.62 -0.06
CA ARG A 74 11.14 -9.19 0.31
C ARG A 74 11.19 -8.57 1.71
N GLU A 75 10.49 -7.47 1.94
CA GLU A 75 9.66 -6.80 0.94
C GLU A 75 10.44 -5.74 0.20
N ILE A 76 9.75 -5.12 -0.74
CA ILE A 76 10.32 -4.05 -1.54
C ILE A 76 9.71 -2.72 -1.10
N LEU A 77 10.27 -1.61 -1.58
CA LEU A 77 9.78 -0.29 -1.24
C LEU A 77 8.24 -0.23 -1.34
N HIS A 78 7.58 0.17 -0.26
CA HIS A 78 6.12 0.26 -0.24
C HIS A 78 5.65 1.65 0.16
N TRP A 79 4.35 1.88 0.03
CA TRP A 79 3.72 3.16 0.34
C TRP A 79 3.07 3.11 1.73
N SER A 80 3.50 4.01 2.62
CA SER A 80 2.99 4.01 3.99
C SER A 80 2.77 5.42 4.53
N VAL A 81 1.66 5.63 5.22
CA VAL A 81 1.34 6.94 5.81
C VAL A 81 0.69 6.78 7.18
N VAL A 82 0.90 7.75 8.06
CA VAL A 82 0.35 7.72 9.40
C VAL A 82 -0.10 9.09 9.89
N ASN A 83 -1.03 9.11 10.83
CA ASN A 83 -1.55 10.36 11.41
C ASN A 83 -2.44 11.12 10.44
N ILE A 84 -3.25 10.41 9.65
CA ILE A 84 -4.15 11.11 8.72
C ILE A 84 -5.42 11.52 9.45
N PRO A 85 -5.68 12.83 9.59
CA PRO A 85 -6.88 13.31 10.27
C PRO A 85 -8.16 12.95 9.50
N GLY A 86 -9.10 12.31 10.19
CA GLY A 86 -10.35 11.92 9.58
C GLY A 86 -11.12 13.07 8.94
N SER A 87 -10.62 13.59 7.81
CA SER A 87 -11.29 14.68 7.10
C SER A 87 -10.52 15.04 5.82
N ASN A 88 -9.90 14.04 5.20
CA ASN A 88 -9.13 14.25 3.98
C ASN A 88 -9.43 13.17 2.94
N GLU A 89 -10.27 12.22 3.32
CA GLU A 89 -10.65 11.11 2.44
C GLU A 89 -9.46 10.57 1.64
N ASN A 90 -8.28 10.59 2.26
CA ASN A 90 -7.06 10.09 1.64
C ASN A 90 -5.85 10.35 2.53
N PRO A 91 -4.81 9.52 2.41
CA PRO A 91 -3.59 9.63 3.21
C PRO A 91 -2.68 10.77 2.74
N SER A 92 -3.19 12.00 2.81
CA SER A 92 -2.42 13.15 2.36
C SER A 92 -1.69 13.89 3.50
N GLY A 93 -2.45 14.30 4.51
CA GLY A 93 -1.86 15.06 5.62
C GLY A 93 -0.91 14.27 6.51
N GLY A 94 -1.25 13.03 6.80
CA GLY A 94 -0.41 12.21 7.67
C GLY A 94 1.01 12.04 7.18
N HIS A 95 1.91 11.71 8.11
CA HIS A 95 3.33 11.51 7.82
C HIS A 95 3.53 10.36 6.85
N SER A 96 4.23 10.64 5.75
CA SER A 96 4.54 9.61 4.77
C SER A 96 5.78 8.86 5.23
N LEU A 97 5.59 7.72 5.87
CA LEU A 97 6.72 6.93 6.36
C LEU A 97 7.67 6.68 5.19
N ALA A 98 7.07 6.22 4.08
CA ALA A 98 7.79 5.94 2.86
C ALA A 98 6.88 6.26 1.68
N ASP A 99 7.29 7.23 0.86
CA ASP A 99 6.51 7.68 -0.30
C ASP A 99 6.15 6.50 -1.21
N TYR A 100 5.05 6.64 -1.93
CA TYR A 100 4.59 5.59 -2.83
C TYR A 100 5.51 5.49 -4.04
N VAL A 101 5.97 4.28 -4.33
CA VAL A 101 6.87 4.05 -5.46
C VAL A 101 6.37 2.90 -6.34
N GLY A 102 5.98 3.24 -7.55
CA GLY A 102 5.46 2.24 -8.47
C GLY A 102 6.55 1.49 -9.22
N SER A 103 7.26 0.60 -8.52
CA SER A 103 8.31 -0.18 -9.18
C SER A 103 8.88 -1.31 -8.30
N GLY A 104 8.24 -1.61 -7.17
CA GLY A 104 8.72 -2.67 -6.33
C GLY A 104 8.87 -4.00 -7.06
N PRO A 105 7.78 -4.78 -7.20
CA PRO A 105 7.82 -6.05 -7.92
C PRO A 105 8.12 -5.84 -9.41
N PRO A 106 9.35 -6.16 -9.85
CA PRO A 106 9.74 -6.00 -11.26
C PRO A 106 8.85 -6.81 -12.20
N LYS A 107 8.86 -6.42 -13.46
CA LYS A 107 8.08 -7.07 -14.51
C LYS A 107 8.08 -8.59 -14.33
N ASP A 108 9.25 -9.12 -13.97
CA ASP A 108 9.45 -10.56 -13.79
C ASP A 108 8.40 -11.17 -12.86
N THR A 109 8.04 -10.45 -11.80
CA THR A 109 7.05 -10.95 -10.84
C THR A 109 5.65 -10.98 -11.45
N GLY A 110 5.52 -10.43 -12.64
CA GLY A 110 4.24 -10.39 -13.32
C GLY A 110 3.15 -9.62 -12.56
N LEU A 111 2.08 -10.34 -12.22
CA LEU A 111 0.92 -9.75 -11.55
C LEU A 111 1.24 -9.07 -10.21
N HIS A 112 0.95 -7.77 -10.14
CA HIS A 112 1.17 -6.99 -8.92
C HIS A 112 -0.06 -7.05 -8.00
N ARG A 113 -0.08 -8.01 -7.09
CA ARG A 113 -1.20 -8.12 -6.15
C ARG A 113 -1.08 -7.07 -5.06
N TYR A 114 -1.18 -5.80 -5.45
CA TYR A 114 -1.08 -4.69 -4.52
C TYR A 114 -2.26 -4.69 -3.55
N ILE A 115 -1.95 -4.57 -2.26
CA ILE A 115 -2.96 -4.57 -1.22
C ILE A 115 -2.84 -3.35 -0.31
N PHE A 116 -3.92 -2.57 -0.24
CA PHE A 116 -3.98 -1.38 0.61
C PHE A 116 -4.51 -1.75 1.99
N LEU A 117 -4.00 -1.07 3.01
CA LEU A 117 -4.44 -1.32 4.39
C LEU A 117 -4.69 0.00 5.09
N LEU A 118 -5.84 0.11 5.76
CA LEU A 118 -6.21 1.32 6.48
C LEU A 118 -6.56 0.98 7.93
N TYR A 119 -5.99 1.73 8.87
CA TYR A 119 -6.25 1.51 10.29
C TYR A 119 -6.59 2.83 10.98
N ARG A 120 -7.56 2.78 11.88
CA ARG A 120 -7.98 3.96 12.61
C ARG A 120 -6.93 4.37 13.65
N GLN A 121 -6.56 5.66 13.65
CA GLN A 121 -5.53 6.18 14.58
C GLN A 121 -6.14 7.20 15.54
N GLU A 122 -5.59 7.27 16.77
CA GLU A 122 -6.07 8.22 17.77
C GLU A 122 -4.93 8.67 18.67
N ASN A 123 -3.71 8.44 18.20
CA ASN A 123 -2.49 8.81 18.91
C ASN A 123 -1.46 9.25 17.88
N LYS A 124 -0.86 10.41 18.08
CA LYS A 124 0.14 10.88 17.12
C LYS A 124 1.46 10.14 17.31
N ILE A 125 1.79 9.33 16.31
CA ILE A 125 3.03 8.55 16.31
C ILE A 125 4.06 9.18 15.36
N GLU A 126 5.27 9.40 15.86
CA GLU A 126 6.34 9.99 15.05
C GLU A 126 6.59 9.18 13.79
N GLU A 127 6.90 7.90 14.00
CA GLU A 127 7.16 6.96 12.92
C GLU A 127 8.38 7.35 12.08
N THR A 128 9.37 7.98 12.73
CA THR A 128 10.62 8.40 12.08
C THR A 128 10.38 9.33 10.88
N PRO A 129 11.35 10.21 10.58
CA PRO A 129 11.26 11.17 9.48
C PRO A 129 10.75 10.56 8.17
N THR A 130 10.21 11.42 7.31
CA THR A 130 9.68 11.00 6.02
C THR A 130 10.74 10.37 5.12
N ILE A 131 10.42 9.21 4.55
CA ILE A 131 11.33 8.56 3.63
C ILE A 131 10.81 8.74 2.20
N SER A 132 11.60 9.40 1.36
CA SER A 132 11.18 9.67 -0.02
C SER A 132 11.15 8.39 -0.85
N ASN A 133 10.31 8.39 -1.88
CA ASN A 133 10.17 7.25 -2.78
C ASN A 133 11.53 6.87 -3.35
N THR A 134 12.40 7.85 -3.48
CA THR A 134 13.75 7.63 -4.00
C THR A 134 14.68 7.02 -2.93
N THR A 135 14.08 6.38 -1.93
CA THR A 135 14.85 5.76 -0.87
C THR A 135 15.73 4.64 -1.41
N ARG A 136 17.02 4.73 -1.10
CA ARG A 136 18.00 3.75 -1.55
C ARG A 136 18.12 2.60 -0.58
N THR A 137 18.89 1.58 -0.98
CA THR A 137 19.11 0.38 -0.18
C THR A 137 19.20 0.69 1.32
N GLY A 138 18.78 -0.28 2.14
CA GLY A 138 18.83 -0.12 3.58
C GLY A 138 17.45 -0.05 4.20
N ARG A 139 16.41 -0.21 3.40
CA ARG A 139 15.04 -0.17 3.90
C ARG A 139 14.06 -0.76 2.89
N LEU A 140 14.49 -1.82 2.21
CA LEU A 140 13.64 -2.51 1.26
C LEU A 140 12.76 -3.46 2.04
N ASN A 141 13.41 -4.44 2.67
CA ASN A 141 12.70 -5.39 3.50
C ASN A 141 12.20 -4.65 4.73
N PHE A 142 10.88 -4.61 4.89
CA PHE A 142 10.28 -3.90 6.01
C PHE A 142 8.78 -4.18 6.09
N ASN A 143 8.43 -5.33 6.68
CA ASN A 143 7.04 -5.74 6.83
C ASN A 143 6.26 -4.77 7.70
N ALA A 144 5.24 -4.13 7.13
CA ALA A 144 4.39 -3.20 7.86
C ALA A 144 3.80 -3.90 9.07
N ARG A 145 3.69 -5.23 8.98
CA ARG A 145 3.16 -6.04 10.06
C ARG A 145 3.82 -5.60 11.38
N ASP A 146 5.07 -5.16 11.29
CA ASP A 146 5.79 -4.68 12.47
C ASP A 146 5.06 -3.46 13.03
N PHE A 147 4.86 -2.45 12.19
CA PHE A 147 4.16 -1.24 12.58
C PHE A 147 2.77 -1.61 13.08
N ALA A 148 2.19 -2.63 12.46
CA ALA A 148 0.88 -3.10 12.86
C ALA A 148 0.95 -3.68 14.26
N ALA A 149 2.02 -4.42 14.52
CA ALA A 149 2.23 -5.03 15.83
C ALA A 149 2.47 -3.96 16.89
N LYS A 150 3.45 -3.11 16.66
CA LYS A 150 3.78 -2.04 17.61
C LYS A 150 2.58 -1.11 17.85
N HIS A 151 1.90 -0.69 16.77
CA HIS A 151 0.77 0.21 16.92
C HIS A 151 -0.55 -0.56 17.03
N GLY A 152 -0.46 -1.88 17.17
CA GLY A 152 -1.66 -2.70 17.31
C GLY A 152 -2.64 -2.52 16.16
N LEU A 153 -2.12 -2.22 14.97
CA LEU A 153 -2.94 -2.04 13.79
C LEU A 153 -3.50 -3.37 13.30
N GLY A 154 -3.45 -4.39 14.15
CA GLY A 154 -3.94 -5.71 13.78
C GLY A 154 -5.26 -5.70 13.01
N GLU A 155 -6.32 -5.23 13.67
CA GLU A 155 -7.65 -5.19 13.04
C GLU A 155 -7.74 -4.08 11.99
N PRO A 156 -7.87 -4.43 10.70
CA PRO A 156 -7.98 -3.44 9.63
C PRO A 156 -9.39 -2.86 9.51
N ILE A 157 -9.51 -1.55 9.60
CA ILE A 157 -10.81 -0.91 9.48
C ILE A 157 -11.27 -0.89 8.04
N ALA A 158 -10.31 -0.76 7.13
CA ALA A 158 -10.62 -0.74 5.71
C ALA A 158 -9.41 -1.15 4.88
N ALA A 159 -9.66 -1.94 3.84
CA ALA A 159 -8.59 -2.42 2.98
C ALA A 159 -9.08 -2.45 1.53
N ASN A 160 -8.15 -2.47 0.60
CA ASN A 160 -8.49 -2.50 -0.82
C ASN A 160 -7.28 -2.96 -1.60
N TYR A 161 -7.46 -4.02 -2.36
CA TYR A 161 -6.37 -4.61 -3.13
C TYR A 161 -6.70 -4.70 -4.60
N TYR A 162 -5.69 -5.01 -5.40
CA TYR A 162 -5.86 -5.10 -6.84
C TYR A 162 -4.68 -5.85 -7.45
N GLN A 163 -4.85 -6.35 -8.67
CA GLN A 163 -3.79 -7.08 -9.35
C GLN A 163 -3.63 -6.59 -10.78
N ALA A 164 -2.40 -6.26 -11.16
CA ALA A 164 -2.13 -5.76 -12.51
C ALA A 164 -0.68 -6.02 -12.92
N GLN A 165 -0.47 -6.39 -14.18
CA GLN A 165 0.88 -6.64 -14.68
C GLN A 165 1.36 -5.42 -15.46
N TYR A 166 2.58 -4.97 -15.20
CA TYR A 166 3.12 -3.81 -15.90
C TYR A 166 4.16 -4.25 -16.93
N ASP A 167 3.82 -4.03 -18.19
CA ASP A 167 4.67 -4.44 -19.31
C ASP A 167 6.10 -3.99 -19.16
N ASP A 168 6.32 -2.70 -18.91
CA ASP A 168 7.69 -2.19 -18.77
C ASP A 168 7.71 -0.77 -18.20
N TYR A 169 6.92 -0.56 -17.15
CA TYR A 169 6.83 0.75 -16.50
C TYR A 169 7.66 0.79 -15.21
N VAL A 170 7.60 -0.30 -14.46
CA VAL A 170 8.31 -0.38 -13.17
C VAL A 170 9.82 -0.05 -13.28
N PRO A 171 10.55 -0.61 -14.24
CA PRO A 171 12.00 -0.37 -14.37
C PRO A 171 12.35 1.12 -14.42
N ILE A 172 11.68 1.86 -15.30
CA ILE A 172 11.95 3.28 -15.43
C ILE A 172 12.05 3.96 -14.07
N ARG A 173 11.02 3.79 -13.26
CA ARG A 173 10.98 4.38 -11.93
C ARG A 173 12.19 3.90 -11.12
N ASN A 174 12.47 2.60 -11.19
CA ASN A 174 13.59 2.00 -10.46
C ASN A 174 14.88 2.76 -10.73
N LYS A 175 15.08 3.20 -11.96
CA LYS A 175 16.28 3.94 -12.33
C LYS A 175 16.47 5.16 -11.43
N THR A 176 15.36 5.71 -10.95
CA THR A 176 15.38 6.89 -10.10
C THR A 176 16.01 6.60 -8.73
N ILE A 177 15.87 5.36 -8.27
CA ILE A 177 16.40 4.96 -6.98
C ILE A 177 17.92 5.16 -6.93
N VAL A 178 18.34 6.23 -6.26
CA VAL A 178 19.78 6.53 -6.15
C VAL A 178 20.12 7.22 -4.83
N GLY A 179 19.13 7.41 -3.96
CA GLY A 179 19.38 8.08 -2.70
C GLY A 179 19.60 9.57 -2.87
N MET A 1 -4.45 -10.07 10.92
CA MET A 1 -4.00 -11.44 11.24
C MET A 1 -3.95 -12.29 9.98
N ASP A 2 -2.80 -12.90 9.72
CA ASP A 2 -2.59 -13.73 8.52
C ASP A 2 -3.55 -14.95 8.51
N ASP A 3 -4.85 -14.70 8.33
CA ASP A 3 -5.85 -15.78 8.32
C ASP A 3 -6.39 -16.07 6.92
N ILE A 4 -7.19 -15.17 6.36
CA ILE A 4 -7.78 -15.37 5.03
C ILE A 4 -6.79 -15.03 3.90
N VAL A 5 -5.55 -15.44 4.10
CA VAL A 5 -4.49 -15.18 3.13
C VAL A 5 -3.98 -16.49 2.50
N PRO A 6 -3.72 -16.50 1.17
CA PRO A 6 -3.90 -15.34 0.29
C PRO A 6 -5.27 -15.32 -0.39
N ASP A 7 -6.30 -15.70 0.35
CA ASP A 7 -7.66 -15.72 -0.17
C ASP A 7 -8.06 -14.34 -0.68
N VAL A 8 -7.74 -13.31 0.11
CA VAL A 8 -8.05 -11.93 -0.25
C VAL A 8 -7.30 -10.93 0.63
N LEU A 9 -7.13 -11.27 1.90
CA LEU A 9 -6.47 -10.40 2.86
C LEU A 9 -5.93 -11.22 4.01
N ASP A 10 -5.20 -10.59 4.91
CA ASP A 10 -4.73 -11.31 6.07
C ASP A 10 -5.94 -11.62 6.94
N ALA A 11 -6.73 -10.59 7.25
CA ALA A 11 -7.94 -10.74 8.04
C ALA A 11 -8.99 -9.72 7.63
N VAL A 12 -10.25 -10.18 7.54
CA VAL A 12 -11.36 -9.32 7.14
C VAL A 12 -11.54 -8.14 8.08
N PRO A 13 -11.61 -6.92 7.53
CA PRO A 13 -11.78 -5.70 8.31
C PRO A 13 -13.26 -5.38 8.54
N ALA A 14 -13.62 -4.10 8.43
CA ALA A 14 -14.99 -3.65 8.62
C ALA A 14 -15.60 -3.12 7.32
N GLY A 15 -14.74 -2.58 6.45
CA GLY A 15 -15.19 -2.05 5.18
C GLY A 15 -14.04 -1.93 4.18
N THR A 16 -14.31 -1.38 3.00
CA THR A 16 -13.28 -1.22 1.98
C THR A 16 -13.02 0.25 1.64
N ILE A 17 -11.89 0.48 1.00
CA ILE A 17 -11.49 1.82 0.59
C ILE A 17 -11.67 1.97 -0.90
N LYS A 18 -12.00 3.17 -1.35
CA LYS A 18 -12.19 3.43 -2.76
C LYS A 18 -10.85 3.68 -3.44
N VAL A 19 -10.33 2.70 -4.16
CA VAL A 19 -9.08 2.89 -4.87
C VAL A 19 -9.34 2.92 -6.37
N ILE A 20 -9.17 4.09 -6.96
CA ILE A 20 -9.41 4.28 -8.40
C ILE A 20 -8.10 4.16 -9.16
N TYR A 21 -8.08 3.36 -10.21
CA TYR A 21 -6.86 3.15 -10.99
C TYR A 21 -6.86 3.93 -12.30
N GLY A 22 -8.02 4.43 -12.72
CA GLY A 22 -8.12 5.14 -13.99
C GLY A 22 -8.74 6.53 -13.91
N ASP A 23 -9.07 6.98 -12.70
CA ASP A 23 -9.74 8.28 -12.52
C ASP A 23 -11.21 8.10 -12.91
N ASP A 24 -11.59 6.82 -12.87
CA ASP A 24 -12.93 6.33 -13.17
C ASP A 24 -12.94 4.83 -12.88
N LEU A 25 -11.88 4.16 -13.36
CA LEU A 25 -11.72 2.73 -13.12
C LEU A 25 -11.42 2.51 -11.65
N GLU A 26 -12.07 1.51 -11.07
CA GLU A 26 -11.92 1.22 -9.65
C GLU A 26 -11.54 -0.23 -9.37
N VAL A 27 -10.70 -0.42 -8.34
CA VAL A 27 -10.28 -1.75 -7.95
C VAL A 27 -11.28 -2.36 -6.97
N LYS A 28 -11.55 -3.66 -7.13
CA LYS A 28 -12.51 -4.34 -6.27
C LYS A 28 -11.96 -5.66 -5.72
N GLN A 29 -11.79 -5.72 -4.40
CA GLN A 29 -11.32 -6.93 -3.70
C GLN A 29 -10.48 -7.88 -4.57
N GLY A 30 -9.30 -7.43 -4.96
CA GLY A 30 -8.39 -8.27 -5.75
C GLY A 30 -8.72 -8.34 -7.22
N ASN A 31 -9.70 -7.55 -7.65
CA ASN A 31 -10.10 -7.54 -9.04
C ASN A 31 -8.91 -7.22 -9.94
N GLU A 32 -8.75 -8.04 -10.97
CA GLU A 32 -7.67 -7.84 -11.92
C GLU A 32 -8.15 -6.93 -13.05
N LEU A 33 -7.30 -5.99 -13.44
CA LEU A 33 -7.66 -5.05 -14.50
C LEU A 33 -7.18 -5.56 -15.86
N THR A 34 -8.03 -5.38 -16.87
CA THR A 34 -7.73 -5.81 -18.24
C THR A 34 -8.37 -4.87 -19.25
N PRO A 35 -7.82 -4.78 -20.48
CA PRO A 35 -6.64 -5.54 -20.89
C PRO A 35 -5.33 -4.80 -20.60
N THR A 36 -5.23 -3.55 -21.05
CA THR A 36 -4.02 -2.75 -20.85
C THR A 36 -4.36 -1.48 -20.08
N GLN A 37 -5.39 -1.58 -19.25
CA GLN A 37 -5.84 -0.46 -18.42
C GLN A 37 -4.97 -0.32 -17.17
N VAL A 38 -4.09 -1.29 -16.99
CA VAL A 38 -3.18 -1.33 -15.84
C VAL A 38 -2.05 -0.31 -15.98
N LYS A 39 -2.38 0.81 -16.63
CA LYS A 39 -1.39 1.84 -16.88
C LYS A 39 -1.41 2.98 -15.87
N ASP A 40 -2.59 3.39 -15.40
CA ASP A 40 -2.68 4.48 -14.44
C ASP A 40 -2.45 4.03 -13.00
N GLN A 41 -1.80 4.91 -12.25
CA GLN A 41 -1.48 4.68 -10.84
C GLN A 41 -2.73 4.56 -9.99
N PRO A 42 -2.64 3.82 -8.85
CA PRO A 42 -3.78 3.63 -7.95
C PRO A 42 -4.00 4.84 -7.03
N ILE A 43 -5.23 5.34 -7.03
CA ILE A 43 -5.61 6.47 -6.19
C ILE A 43 -6.52 5.99 -5.07
N VAL A 44 -6.06 6.16 -3.83
CA VAL A 44 -6.80 5.71 -2.65
C VAL A 44 -7.72 6.80 -2.08
N SER A 45 -8.91 6.38 -1.62
CA SER A 45 -9.87 7.28 -1.01
C SER A 45 -10.87 6.47 -0.19
N TRP A 46 -10.85 6.65 1.12
CA TRP A 46 -11.76 5.93 2.01
C TRP A 46 -13.02 6.74 2.27
N SER A 47 -13.45 7.47 1.26
CA SER A 47 -14.64 8.30 1.37
C SER A 47 -15.81 7.53 1.97
N GLY A 48 -16.29 8.01 3.11
CA GLY A 48 -17.42 7.37 3.77
C GLY A 48 -16.99 6.34 4.79
N LEU A 49 -15.71 5.99 4.78
CA LEU A 49 -15.17 5.00 5.71
C LEU A 49 -14.29 5.67 6.75
N GLU A 50 -14.32 7.00 6.78
CA GLU A 50 -13.53 7.76 7.73
C GLU A 50 -14.39 8.30 8.87
N GLY A 51 -15.35 9.16 8.52
CA GLY A 51 -16.23 9.74 9.50
C GLY A 51 -15.54 10.80 10.32
N LYS A 52 -15.11 10.43 11.51
CA LYS A 52 -14.39 11.35 12.37
C LYS A 52 -13.39 10.61 13.25
N SER A 53 -12.11 10.82 12.97
CA SER A 53 -11.05 10.19 13.74
C SER A 53 -9.85 11.13 13.86
N ASN A 54 -9.13 11.05 14.98
CA ASN A 54 -7.98 11.91 15.21
C ASN A 54 -6.92 11.64 14.18
N LEU A 55 -6.76 10.38 13.87
CA LEU A 55 -5.76 9.96 12.93
C LEU A 55 -6.15 8.64 12.25
N LEU A 56 -5.50 8.35 11.13
CA LEU A 56 -5.77 7.11 10.40
C LEU A 56 -4.45 6.44 10.02
N THR A 57 -4.47 5.12 9.93
CA THR A 57 -3.29 4.35 9.59
C THR A 57 -3.47 3.68 8.23
N LEU A 58 -2.54 3.95 7.32
CA LEU A 58 -2.60 3.38 5.98
C LEU A 58 -1.28 2.65 5.68
N LEU A 59 -1.38 1.40 5.22
CA LEU A 59 -0.19 0.60 4.92
C LEU A 59 -0.47 -0.44 3.83
N MET A 60 0.59 -1.06 3.33
CA MET A 60 0.48 -2.09 2.29
C MET A 60 0.45 -3.47 2.92
N VAL A 61 -0.50 -4.30 2.49
CA VAL A 61 -0.63 -5.66 3.04
C VAL A 61 -0.16 -6.70 2.03
N ASP A 62 0.14 -7.90 2.53
CA ASP A 62 0.60 -9.00 1.68
C ASP A 62 1.79 -8.54 0.85
N PRO A 63 2.86 -8.09 1.51
CA PRO A 63 4.06 -7.63 0.81
C PRO A 63 4.57 -8.71 -0.14
N ASP A 64 5.02 -8.31 -1.32
CA ASP A 64 5.50 -9.29 -2.29
C ASP A 64 6.29 -8.63 -3.43
N ALA A 65 7.56 -8.99 -3.52
CA ALA A 65 8.46 -8.49 -4.55
C ALA A 65 9.77 -9.27 -4.52
N PRO A 66 10.42 -9.54 -5.66
CA PRO A 66 9.96 -9.11 -6.99
C PRO A 66 8.93 -10.08 -7.56
N THR A 67 8.85 -11.24 -6.95
CA THR A 67 7.93 -12.28 -7.36
C THR A 67 7.80 -13.32 -6.26
N ARG A 68 6.67 -13.99 -6.24
CA ARG A 68 6.39 -15.01 -5.22
C ARG A 68 7.26 -16.25 -5.42
N GLN A 69 8.08 -16.25 -6.47
CA GLN A 69 8.95 -17.39 -6.78
C GLN A 69 10.28 -17.30 -6.02
N ASP A 70 10.87 -16.12 -6.03
CA ASP A 70 12.15 -15.88 -5.34
C ASP A 70 12.16 -14.47 -4.75
N PRO A 71 11.84 -14.34 -3.46
CA PRO A 71 11.79 -13.04 -2.79
C PRO A 71 13.19 -12.48 -2.48
N LYS A 72 14.02 -12.33 -3.52
CA LYS A 72 15.38 -11.81 -3.31
C LYS A 72 15.37 -10.47 -2.58
N TYR A 73 14.38 -9.61 -2.89
CA TYR A 73 14.25 -8.33 -2.21
C TYR A 73 12.77 -7.93 -2.13
N ARG A 74 12.08 -8.58 -1.20
CA ARG A 74 10.66 -8.36 -0.96
C ARG A 74 10.44 -7.40 0.21
N GLU A 75 9.97 -6.17 -0.01
CA GLU A 75 9.64 -5.61 -1.32
C GLU A 75 10.66 -4.58 -1.76
N ILE A 76 10.48 -4.02 -2.96
CA ILE A 76 11.37 -2.98 -3.47
C ILE A 76 11.03 -1.67 -2.78
N LEU A 77 9.77 -1.29 -2.93
CA LEU A 77 9.23 -0.08 -2.32
C LEU A 77 7.81 -0.39 -1.85
N HIS A 78 7.08 0.63 -1.43
CA HIS A 78 5.71 0.45 -0.94
C HIS A 78 5.14 1.78 -0.45
N TRP A 79 3.82 1.89 -0.42
CA TRP A 79 3.16 3.12 0.01
C TRP A 79 2.69 2.99 1.45
N SER A 80 3.33 3.74 2.34
CA SER A 80 3.01 3.70 3.75
C SER A 80 2.76 5.10 4.29
N VAL A 81 1.60 5.28 4.89
CA VAL A 81 1.21 6.56 5.46
C VAL A 81 0.34 6.35 6.68
N VAL A 82 0.75 6.94 7.79
CA VAL A 82 -0.01 6.82 9.02
C VAL A 82 -0.33 8.19 9.61
N ASN A 83 -1.12 8.16 10.68
CA ASN A 83 -1.56 9.36 11.38
C ASN A 83 -2.23 10.33 10.42
N ILE A 84 -3.02 9.78 9.49
CA ILE A 84 -3.75 10.60 8.54
C ILE A 84 -4.97 11.20 9.24
N PRO A 85 -5.09 12.53 9.25
CA PRO A 85 -6.23 13.20 9.89
C PRO A 85 -7.57 12.76 9.30
N GLY A 86 -8.50 12.32 10.17
CA GLY A 86 -9.83 11.91 9.75
C GLY A 86 -10.66 13.04 9.14
N SER A 87 -10.15 13.65 8.07
CA SER A 87 -10.82 14.75 7.39
C SER A 87 -10.12 15.03 6.04
N ASN A 88 -9.66 13.96 5.40
CA ASN A 88 -8.94 14.08 4.12
C ASN A 88 -9.41 13.06 3.09
N GLU A 89 -10.12 12.02 3.56
CA GLU A 89 -10.64 10.96 2.69
C GLU A 89 -9.50 10.06 2.19
N ASN A 90 -8.35 10.66 1.92
CA ASN A 90 -7.20 9.93 1.44
C ASN A 90 -5.97 10.27 2.27
N PRO A 91 -5.01 9.33 2.34
CA PRO A 91 -3.77 9.49 3.12
C PRO A 91 -2.80 10.50 2.53
N SER A 92 -3.27 11.70 2.25
CA SER A 92 -2.40 12.72 1.68
C SER A 92 -1.99 13.76 2.72
N GLY A 93 -2.51 13.61 3.94
CA GLY A 93 -2.20 14.55 5.01
C GLY A 93 -1.30 13.96 6.09
N GLY A 94 -1.57 12.72 6.48
CA GLY A 94 -0.77 12.07 7.51
C GLY A 94 0.68 11.87 7.11
N HIS A 95 1.51 11.42 8.05
CA HIS A 95 2.92 11.20 7.80
C HIS A 95 3.16 10.07 6.81
N SER A 96 3.99 10.34 5.82
CA SER A 96 4.33 9.32 4.83
C SER A 96 5.52 8.52 5.34
N LEU A 97 5.24 7.32 5.84
CA LEU A 97 6.30 6.47 6.37
C LEU A 97 7.28 6.12 5.26
N ALA A 98 6.73 5.92 4.07
CA ALA A 98 7.50 5.57 2.87
C ALA A 98 6.71 6.03 1.65
N ASP A 99 7.35 6.79 0.78
CA ASP A 99 6.69 7.33 -0.42
C ASP A 99 6.06 6.26 -1.31
N TYR A 100 5.01 6.65 -2.03
CA TYR A 100 4.26 5.75 -2.92
C TYR A 100 4.90 5.59 -4.29
N VAL A 101 4.85 4.37 -4.83
CA VAL A 101 5.38 4.09 -6.16
C VAL A 101 4.75 2.83 -6.76
N GLY A 102 3.98 3.00 -7.84
CA GLY A 102 3.33 1.87 -8.48
C GLY A 102 4.30 1.06 -9.32
N SER A 103 5.28 0.45 -8.66
CA SER A 103 6.28 -0.35 -9.37
C SER A 103 7.20 -1.10 -8.42
N GLY A 104 6.60 -1.79 -7.45
CA GLY A 104 7.38 -2.57 -6.52
C GLY A 104 7.98 -3.79 -7.21
N PRO A 105 7.17 -4.82 -7.48
CA PRO A 105 7.62 -6.03 -8.18
C PRO A 105 7.81 -5.76 -9.68
N PRO A 106 9.02 -6.01 -10.21
CA PRO A 106 9.32 -5.80 -11.64
C PRO A 106 8.42 -6.60 -12.57
N LYS A 107 8.33 -6.16 -13.83
CA LYS A 107 7.51 -6.81 -14.85
C LYS A 107 7.67 -8.33 -14.79
N ASP A 108 8.77 -8.78 -14.21
CA ASP A 108 9.05 -10.20 -14.11
C ASP A 108 7.85 -10.95 -13.55
N THR A 109 7.28 -10.42 -12.49
CA THR A 109 6.11 -11.02 -11.86
C THR A 109 4.84 -10.68 -12.62
N GLY A 110 4.95 -9.85 -13.65
CA GLY A 110 3.76 -9.46 -14.38
C GLY A 110 2.72 -8.90 -13.43
N LEU A 111 1.74 -9.71 -13.11
CA LEU A 111 0.69 -9.31 -12.19
C LEU A 111 1.27 -9.10 -10.79
N HIS A 112 1.29 -7.86 -10.33
CA HIS A 112 1.82 -7.55 -9.00
C HIS A 112 0.68 -7.14 -8.07
N ARG A 113 0.13 -8.12 -7.36
CA ARG A 113 -0.98 -7.89 -6.44
C ARG A 113 -0.57 -6.87 -5.36
N TYR A 114 -1.41 -5.87 -5.15
CA TYR A 114 -1.14 -4.86 -4.16
C TYR A 114 -2.34 -4.70 -3.23
N ILE A 115 -2.08 -4.77 -1.93
CA ILE A 115 -3.12 -4.67 -0.92
C ILE A 115 -2.94 -3.43 -0.05
N PHE A 116 -4.05 -2.80 0.31
CA PHE A 116 -4.04 -1.60 1.16
C PHE A 116 -4.76 -1.89 2.47
N LEU A 117 -4.22 -1.35 3.57
CA LEU A 117 -4.82 -1.53 4.89
C LEU A 117 -5.10 -0.18 5.54
N LEU A 118 -6.23 -0.09 6.22
CA LEU A 118 -6.65 1.13 6.90
C LEU A 118 -7.06 0.82 8.34
N TYR A 119 -6.59 1.64 9.28
CA TYR A 119 -6.91 1.47 10.70
C TYR A 119 -7.05 2.81 11.40
N ARG A 120 -8.05 2.91 12.28
CA ARG A 120 -8.29 4.13 13.04
C ARG A 120 -7.18 4.39 14.05
N GLN A 121 -6.72 5.64 14.13
CA GLN A 121 -5.70 6.02 15.10
C GLN A 121 -6.25 7.10 16.02
N GLU A 122 -6.14 6.86 17.32
CA GLU A 122 -6.64 7.78 18.32
C GLU A 122 -5.50 8.48 19.06
N ASN A 123 -4.28 8.05 18.81
CA ASN A 123 -3.09 8.63 19.47
C ASN A 123 -2.06 9.08 18.45
N LYS A 124 -1.32 10.14 18.79
CA LYS A 124 -0.26 10.67 17.93
C LYS A 124 0.98 9.77 18.00
N ILE A 125 1.73 9.68 16.90
CA ILE A 125 2.95 8.86 16.87
C ILE A 125 4.05 9.50 16.01
N GLU A 126 5.30 9.34 16.46
CA GLU A 126 6.47 9.88 15.77
C GLU A 126 6.90 9.01 14.60
N GLU A 127 6.39 7.78 14.62
CA GLU A 127 6.65 6.75 13.61
C GLU A 127 7.69 7.14 12.54
N THR A 128 8.90 7.41 12.99
CA THR A 128 10.06 7.73 12.13
C THR A 128 9.81 8.85 11.10
N PRO A 129 10.89 9.58 10.74
CA PRO A 129 10.84 10.67 9.76
C PRO A 129 10.37 10.20 8.38
N THR A 130 9.86 11.13 7.58
CA THR A 130 9.35 10.83 6.24
C THR A 130 10.44 10.20 5.36
N ILE A 131 10.04 9.21 4.54
CA ILE A 131 10.98 8.55 3.64
C ILE A 131 10.58 8.71 2.19
N SER A 132 11.53 9.15 1.38
CA SER A 132 11.31 9.36 -0.06
C SER A 132 11.56 8.08 -0.85
N ASN A 133 10.77 7.83 -1.89
CA ASN A 133 10.93 6.64 -2.71
C ASN A 133 12.39 6.51 -3.19
N THR A 134 13.01 7.63 -3.50
CA THR A 134 14.40 7.66 -3.97
C THR A 134 15.41 7.31 -2.87
N THR A 135 14.91 6.78 -1.75
CA THR A 135 15.80 6.40 -0.65
C THR A 135 16.65 5.20 -1.05
N ARG A 136 17.97 5.36 -0.95
CA ARG A 136 18.90 4.31 -1.30
C ARG A 136 18.72 3.08 -0.41
N THR A 137 19.30 1.97 -0.85
CA THR A 137 19.23 0.70 -0.13
C THR A 137 19.30 0.89 1.38
N GLY A 138 18.75 -0.08 2.10
CA GLY A 138 18.73 0.00 3.56
C GLY A 138 17.31 0.07 4.09
N ARG A 139 16.34 0.13 3.18
CA ARG A 139 14.94 0.19 3.57
C ARG A 139 14.03 -0.11 2.39
N LEU A 140 14.41 -1.10 1.60
CA LEU A 140 13.62 -1.54 0.46
C LEU A 140 12.63 -2.57 0.95
N ASN A 141 13.17 -3.69 1.41
CA ASN A 141 12.36 -4.77 1.95
C ASN A 141 11.82 -4.37 3.32
N PHE A 142 10.52 -4.24 3.41
CA PHE A 142 9.89 -3.87 4.68
C PHE A 142 8.51 -4.50 4.82
N ASN A 143 8.24 -5.03 6.01
CA ASN A 143 6.97 -5.67 6.28
C ASN A 143 6.06 -4.74 7.08
N ALA A 144 5.04 -4.20 6.43
CA ALA A 144 4.11 -3.29 7.09
C ALA A 144 3.61 -3.87 8.40
N ARG A 145 3.40 -5.19 8.42
CA ARG A 145 2.90 -5.88 9.61
C ARG A 145 3.71 -5.47 10.85
N ASP A 146 4.97 -5.07 10.65
CA ASP A 146 5.79 -4.62 11.76
C ASP A 146 5.03 -3.55 12.53
N PHE A 147 4.57 -2.54 11.78
CA PHE A 147 3.81 -1.45 12.37
C PHE A 147 2.52 -1.99 12.96
N ALA A 148 2.01 -3.06 12.38
CA ALA A 148 0.80 -3.68 12.88
C ALA A 148 1.04 -4.18 14.29
N ALA A 149 2.23 -4.68 14.54
CA ALA A 149 2.61 -5.19 15.85
C ALA A 149 2.73 -4.05 16.86
N LYS A 150 3.50 -3.02 16.51
CA LYS A 150 3.70 -1.88 17.41
C LYS A 150 2.41 -1.08 17.62
N HIS A 151 1.71 -0.72 16.55
CA HIS A 151 0.47 0.05 16.66
C HIS A 151 -0.74 -0.87 16.87
N GLY A 152 -0.49 -2.17 16.98
CA GLY A 152 -1.57 -3.12 17.20
C GLY A 152 -2.63 -3.10 16.11
N LEU A 153 -2.21 -2.84 14.90
CA LEU A 153 -3.11 -2.77 13.74
C LEU A 153 -3.70 -4.14 13.39
N GLY A 154 -3.62 -5.09 14.31
CA GLY A 154 -4.14 -6.43 14.04
C GLY A 154 -5.58 -6.40 13.57
N GLU A 155 -6.36 -5.46 14.08
CA GLU A 155 -7.77 -5.31 13.71
C GLU A 155 -7.97 -4.24 12.63
N PRO A 156 -7.69 -4.54 11.36
CA PRO A 156 -7.88 -3.56 10.28
C PRO A 156 -9.33 -3.13 10.16
N ILE A 157 -9.57 -1.82 10.11
CA ILE A 157 -10.94 -1.32 9.99
C ILE A 157 -11.39 -1.38 8.54
N ALA A 158 -10.46 -1.15 7.64
CA ALA A 158 -10.78 -1.17 6.21
C ALA A 158 -9.57 -1.59 5.38
N ALA A 159 -9.84 -2.02 4.15
CA ALA A 159 -8.79 -2.45 3.26
C ALA A 159 -9.27 -2.44 1.82
N ASN A 160 -8.36 -2.70 0.91
CA ASN A 160 -8.68 -2.73 -0.50
C ASN A 160 -7.48 -3.27 -1.27
N TYR A 161 -7.73 -4.17 -2.20
CA TYR A 161 -6.65 -4.79 -2.96
C TYR A 161 -6.99 -4.89 -4.43
N TYR A 162 -5.96 -4.82 -5.27
CA TYR A 162 -6.13 -4.86 -6.72
C TYR A 162 -5.00 -5.65 -7.38
N GLN A 163 -5.30 -6.24 -8.53
CA GLN A 163 -4.29 -6.97 -9.29
C GLN A 163 -4.01 -6.26 -10.61
N ALA A 164 -2.74 -5.95 -10.84
CA ALA A 164 -2.35 -5.25 -12.06
C ALA A 164 -0.89 -5.51 -12.42
N GLN A 165 -0.62 -5.52 -13.72
CA GLN A 165 0.74 -5.73 -14.23
C GLN A 165 1.20 -4.50 -14.98
N TYR A 166 2.44 -4.51 -15.46
CA TYR A 166 2.99 -3.37 -16.20
C TYR A 166 4.22 -3.80 -17.00
N ASP A 167 5.28 -3.00 -16.98
CA ASP A 167 6.49 -3.33 -17.74
C ASP A 167 7.74 -2.90 -16.99
N ASP A 168 8.88 -3.43 -17.43
CA ASP A 168 10.17 -3.11 -16.83
C ASP A 168 10.53 -1.65 -17.11
N TYR A 169 9.54 -0.91 -17.59
CA TYR A 169 9.72 0.51 -17.90
C TYR A 169 9.54 1.38 -16.67
N VAL A 170 8.48 1.14 -15.89
CA VAL A 170 8.22 1.94 -14.70
C VAL A 170 9.26 1.73 -13.60
N PRO A 171 9.84 0.52 -13.45
CA PRO A 171 10.85 0.25 -12.42
C PRO A 171 12.06 1.17 -12.59
N ILE A 172 12.25 1.67 -13.79
CA ILE A 172 13.38 2.56 -14.10
C ILE A 172 13.54 3.64 -13.03
N ARG A 173 12.42 4.06 -12.42
CA ARG A 173 12.47 5.08 -11.38
C ARG A 173 13.60 4.80 -10.38
N ASN A 174 13.87 3.53 -10.12
CA ASN A 174 14.92 3.15 -9.19
C ASN A 174 16.21 3.92 -9.48
N LYS A 175 16.47 4.17 -10.76
CA LYS A 175 17.66 4.89 -11.16
C LYS A 175 17.80 6.22 -10.41
N THR A 176 16.68 6.83 -10.06
CA THR A 176 16.70 8.10 -9.34
C THR A 176 16.95 7.90 -7.84
N ILE A 177 17.43 6.71 -7.48
CA ILE A 177 17.73 6.40 -6.09
C ILE A 177 19.00 7.12 -5.66
N VAL A 178 18.99 7.73 -4.47
CA VAL A 178 20.16 8.47 -3.99
C VAL A 178 20.32 8.44 -2.47
N GLY A 179 19.23 8.16 -1.75
CA GLY A 179 19.29 8.13 -0.30
C GLY A 179 19.71 9.47 0.28
#